data_9E4Z
#
_entry.id   9E4Z
#
_cell.length_a   1.00
_cell.length_b   1.00
_cell.length_c   1.00
_cell.angle_alpha   90.00
_cell.angle_beta   90.00
_cell.angle_gamma   90.00
#
_symmetry.space_group_name_H-M   'P 1'
#
loop_
_entity.id
_entity.type
_entity.pdbx_description
1 polymer 'Isoform Flip of Glutamate receptor 2'
2 polymer 'Voltage-dependent calcium channel gamma-2 subunit'
3 non-polymer 'GLUTAMIC ACID'
4 non-polymer CYCLOTHIAZIDE
#
loop_
_entity_poly.entity_id
_entity_poly.type
_entity_poly.pdbx_seq_one_letter_code
_entity_poly.pdbx_strand_id
1 'polypeptide(L)'
;NSIQIGGLFPRGADQEYSAFRVGMVQFSTSEFRLTPHIDNLEVANSFAVTNAFCSQFSRGVYAIFGFYDKKSVNTITSFC
GTLHVSFITPSFPTDGTHPFVIQMRPDLKGALLSLIEYYQWDKFAYLYDSDRGLSTLQAVLDSAAEKKWQVTAINVGNIN
NDKKDETYRSLFQDLELKKERRVILDCERDKVNDIVDQVITIGKHVKGYHYIIANLGFTDGDLLKIQFGGAEVSGFQIVD
YDDSLVSKFIERWSTLEEKEYPGAHTATIKYTSALTYDAVQVMTEAFRNLRKQRIEISRRGNAGDCLANPAVPWGQGVEI
ERALKQVQVEGLSGNIKFDQNGKRINYTINIMELKTNGPRKIGYWSEVDKMVLTEDDTSGLEQKTVVVTTILESPYVMMK
KNHEMLEGNERYEGYCVDLAAEIAKHCGFKYKLTIVGDGKYGARDADTKIWNGMVGELVYGKADIAIAPLTITLVREEVI
DFSKPFMSLGISIMIKKPQKSKPGVFSFLDPLAYEIWMCIVFAYIGVSVVLFLVSRFSPYEWHTEEFEDGRETQSSESTN
EFGIFNSLWFSLGAFMQQGCDISPRSLSGRIVGGVWWFFTLIIISSYTANLAAFLTVERMVSPIESAEDLSKQTEIAYGT
LDSGSTKEFFRRSKIAVFDKMWTYMRSAEPSVFVRTTAEGVARVRKSKGKYAYLLESTMNEYIEQRKPCDTMKVGGNLDS
KGYGIATPKGSSLGTPVNLAVLKLSEQGVLDKLKNKWWYDKGECGAKDSGSKEKTSALSLSNVAGVFYILVGGLGLAMLV
ALIEFCYKSRA
;
A,B,C,D
2 'polypeptide(L)'
;LFDRGVQMLLTTVGAFAAFSLMTIAVGTDYWLYSRGVCKTKSVSENETSKKNEEVMTHSGLWRTCCLEGNFKGLCKQIDH
FPEDADYEADTAEYFLRAVRASSIFPILSVILLFMGGLCIAASEFYKTRHNIILSAGIFFVSAGLSNIIGIIVYISANAG
DPSKSDSKKNSYSYGWSFYFGALSFIIAEMVGVLAVHMFIDRHKQLTG
;
E,F,G,H
#
# COMPACT_ATOMS: atom_id res chain seq x y z
N ASN A 1 37.84 -28.42 87.23
CA ASN A 1 36.42 -28.54 86.90
C ASN A 1 36.19 -29.57 85.81
N SER A 2 35.02 -30.21 85.84
CA SER A 2 34.60 -31.10 84.78
C SER A 2 33.23 -30.68 84.28
N ILE A 3 33.03 -30.77 82.97
CA ILE A 3 31.87 -30.18 82.31
C ILE A 3 31.30 -31.17 81.31
N GLN A 4 30.22 -31.86 81.69
CA GLN A 4 29.56 -32.75 80.75
C GLN A 4 28.89 -31.96 79.64
N ILE A 5 29.02 -32.45 78.41
CA ILE A 5 28.35 -31.88 77.25
C ILE A 5 27.58 -32.99 76.55
N GLY A 6 26.44 -32.62 75.97
CA GLY A 6 25.70 -33.56 75.15
C GLY A 6 26.29 -33.69 73.76
N GLY A 7 26.48 -34.93 73.32
CA GLY A 7 26.86 -35.21 71.95
C GLY A 7 25.77 -36.01 71.27
N LEU A 8 25.19 -35.46 70.20
CA LEU A 8 23.97 -36.02 69.60
C LEU A 8 24.23 -36.22 68.11
N PHE A 9 24.84 -37.35 67.78
CA PHE A 9 25.43 -37.50 66.46
C PHE A 9 24.60 -38.44 65.61
N PRO A 10 24.45 -38.13 64.32
CA PRO A 10 23.83 -39.08 63.40
C PRO A 10 24.68 -40.34 63.25
N ARG A 11 24.00 -41.46 63.02
CA ARG A 11 24.69 -42.67 62.61
C ARG A 11 25.33 -42.45 61.25
N GLY A 12 26.62 -42.78 61.15
CA GLY A 12 27.36 -42.56 59.92
C GLY A 12 28.06 -41.21 59.82
N ALA A 13 28.09 -40.43 60.91
CA ALA A 13 28.76 -39.14 60.95
C ALA A 13 30.22 -39.25 61.35
N ASP A 14 30.89 -40.35 60.97
CA ASP A 14 32.22 -40.64 61.49
C ASP A 14 33.21 -39.51 61.20
N GLN A 15 33.20 -38.99 59.98
CA GLN A 15 34.17 -37.96 59.61
C GLN A 15 33.92 -36.64 60.33
N GLU A 16 32.69 -36.40 60.80
CA GLU A 16 32.44 -35.28 61.69
C GLU A 16 32.69 -35.64 63.15
N TYR A 17 32.38 -36.89 63.53
CA TYR A 17 32.67 -37.34 64.88
C TYR A 17 34.17 -37.48 65.12
N SER A 18 34.91 -38.03 64.15
CA SER A 18 36.36 -38.02 64.24
C SER A 18 36.90 -36.61 64.38
N ALA A 19 36.31 -35.66 63.66
CA ALA A 19 36.74 -34.27 63.79
C ALA A 19 36.32 -33.70 65.14
N PHE A 20 35.23 -34.19 65.71
CA PHE A 20 34.87 -33.84 67.07
C PHE A 20 35.89 -34.39 68.06
N ARG A 21 36.27 -35.66 67.92
CA ARG A 21 37.26 -36.26 68.80
C ARG A 21 38.61 -35.57 68.68
N VAL A 22 39.09 -35.40 67.44
CA VAL A 22 40.35 -34.69 67.19
C VAL A 22 40.26 -33.26 67.71
N GLY A 23 39.11 -32.61 67.50
CA GLY A 23 38.92 -31.30 68.11
C GLY A 23 39.01 -31.35 69.62
N MET A 24 38.41 -32.37 70.24
CA MET A 24 38.48 -32.49 71.69
C MET A 24 39.90 -32.75 72.16
N VAL A 25 40.63 -33.61 71.46
CA VAL A 25 42.04 -33.84 71.79
C VAL A 25 42.87 -32.58 71.60
N GLN A 26 42.53 -31.74 70.62
CA GLN A 26 43.25 -30.48 70.45
C GLN A 26 42.93 -29.47 71.55
N PHE A 27 41.66 -29.07 71.66
CA PHE A 27 41.33 -27.89 72.46
C PHE A 27 41.15 -28.18 73.96
N SER A 28 40.84 -29.41 74.34
CA SER A 28 40.53 -29.68 75.74
C SER A 28 41.74 -29.46 76.64
N THR A 29 41.46 -29.15 77.91
CA THR A 29 42.48 -28.98 78.92
C THR A 29 41.94 -29.49 80.26
N SER A 30 42.87 -29.86 81.15
CA SER A 30 42.48 -30.45 82.42
C SER A 30 41.71 -29.48 83.31
N GLU A 31 41.79 -28.18 83.02
CA GLU A 31 41.16 -27.19 83.89
C GLU A 31 39.64 -27.32 83.86
N PHE A 32 39.05 -27.56 82.69
CA PHE A 32 37.60 -27.73 82.55
C PHE A 32 37.36 -28.80 81.49
N ARG A 33 37.23 -30.05 81.96
CA ARG A 33 37.24 -31.24 81.11
C ARG A 33 35.87 -31.45 80.50
N LEU A 34 35.68 -30.91 79.30
CA LEU A 34 34.49 -31.18 78.50
C LEU A 34 34.36 -32.69 78.23
N THR A 35 33.21 -33.25 78.62
CA THR A 35 33.04 -34.70 78.70
C THR A 35 31.79 -35.08 77.91
N PRO A 36 31.96 -35.54 76.67
CA PRO A 36 30.81 -35.81 75.79
C PRO A 36 29.96 -36.97 76.29
N HIS A 37 28.68 -36.70 76.52
CA HIS A 37 27.62 -37.70 76.47
C HIS A 37 27.23 -37.91 75.01
N ILE A 38 27.84 -38.89 74.37
CA ILE A 38 27.54 -39.20 72.98
C ILE A 38 26.27 -40.02 72.89
N ASP A 39 25.41 -39.69 71.93
CA ASP A 39 24.31 -40.56 71.52
C ASP A 39 24.28 -40.70 70.01
N ASN A 40 23.92 -41.89 69.54
CA ASN A 40 23.87 -42.21 68.11
C ASN A 40 22.49 -42.80 67.80
N LEU A 41 21.56 -41.94 67.41
CA LEU A 41 20.20 -42.37 67.07
C LEU A 41 19.77 -41.68 65.80
N GLU A 42 18.69 -42.22 65.19
CA GLU A 42 18.21 -41.74 63.91
C GLU A 42 17.81 -40.28 64.00
N VAL A 43 18.64 -39.39 63.46
CA VAL A 43 18.40 -37.97 63.62
C VAL A 43 17.15 -37.53 62.87
N ALA A 44 16.75 -38.24 61.82
CA ALA A 44 15.52 -37.92 61.12
C ALA A 44 14.27 -38.33 61.89
N ASN A 45 14.43 -39.07 62.99
CA ASN A 45 13.32 -39.56 63.78
C ASN A 45 13.17 -38.65 64.99
N SER A 46 12.04 -37.95 65.09
CA SER A 46 11.85 -36.98 66.15
C SER A 46 11.71 -37.65 67.52
N PHE A 47 11.13 -38.85 67.56
CA PHE A 47 10.99 -39.56 68.82
C PHE A 47 12.34 -39.87 69.45
N ALA A 48 13.23 -40.51 68.68
CA ALA A 48 14.56 -40.83 69.19
C ALA A 48 15.37 -39.59 69.54
N VAL A 49 15.33 -38.56 68.70
CA VAL A 49 16.00 -37.31 69.01
C VAL A 49 15.45 -36.68 70.30
N THR A 50 14.12 -36.66 70.44
CA THR A 50 13.55 -36.10 71.67
C THR A 50 13.87 -36.97 72.88
N ASN A 51 13.78 -38.28 72.74
CA ASN A 51 14.06 -39.19 73.85
C ASN A 51 15.50 -39.04 74.33
N ALA A 52 16.45 -39.02 73.40
CA ALA A 52 17.86 -38.81 73.76
C ALA A 52 18.09 -37.42 74.33
N PHE A 53 17.47 -36.39 73.74
CA PHE A 53 17.58 -35.04 74.26
C PHE A 53 17.10 -34.94 75.71
N CYS A 54 15.99 -35.59 76.03
CA CYS A 54 15.52 -35.63 77.41
C CYS A 54 16.51 -36.37 78.33
N SER A 55 17.08 -37.47 77.85
CA SER A 55 18.08 -38.18 78.65
C SER A 55 19.32 -37.33 78.90
N GLN A 56 19.80 -36.61 77.89
CA GLN A 56 20.95 -35.74 78.06
C GLN A 56 20.62 -34.53 78.92
N PHE A 57 19.36 -34.10 78.94
CA PHE A 57 18.92 -33.17 79.98
C PHE A 57 18.91 -33.84 81.35
N SER A 58 18.47 -35.10 81.42
CA SER A 58 18.34 -35.78 82.70
C SER A 58 19.66 -36.09 83.38
N ARG A 59 20.78 -35.99 82.67
CA ARG A 59 22.10 -36.07 83.30
C ARG A 59 22.73 -34.70 83.49
N GLY A 60 21.97 -33.63 83.28
CA GLY A 60 22.40 -32.29 83.65
C GLY A 60 23.63 -31.80 82.91
N VAL A 61 23.80 -32.18 81.66
CA VAL A 61 24.90 -31.63 80.87
C VAL A 61 24.69 -30.14 80.66
N TYR A 62 25.79 -29.40 80.63
CA TYR A 62 25.70 -27.95 80.56
C TYR A 62 25.42 -27.44 79.16
N ALA A 63 25.69 -28.25 78.13
CA ALA A 63 25.40 -27.89 76.76
C ALA A 63 25.23 -29.17 75.95
N ILE A 64 24.58 -29.03 74.80
CA ILE A 64 24.39 -30.15 73.89
C ILE A 64 24.92 -29.75 72.53
N PHE A 65 25.61 -30.68 71.86
CA PHE A 65 26.09 -30.49 70.50
C PHE A 65 25.66 -31.68 69.64
N GLY A 66 25.23 -31.39 68.42
CA GLY A 66 24.72 -32.44 67.55
C GLY A 66 24.18 -31.86 66.27
N PHE A 67 23.69 -32.77 65.44
CA PHE A 67 23.17 -32.43 64.12
C PHE A 67 21.68 -32.72 64.07
N TYR A 68 20.97 -32.02 63.19
CA TYR A 68 19.54 -32.23 63.01
C TYR A 68 19.17 -32.15 61.54
N ASP A 69 17.90 -32.43 61.27
CA ASP A 69 17.34 -32.56 59.93
C ASP A 69 16.05 -31.75 59.88
N LYS A 70 15.53 -31.54 58.67
CA LYS A 70 14.32 -30.74 58.49
C LYS A 70 13.13 -31.34 59.22
N LYS A 71 13.19 -32.62 59.57
CA LYS A 71 12.17 -33.22 60.43
C LYS A 71 12.37 -32.78 61.89
N SER A 72 13.56 -32.99 62.44
CA SER A 72 13.76 -32.85 63.87
C SER A 72 14.02 -31.42 64.33
N VAL A 73 14.40 -30.51 63.43
CA VAL A 73 14.74 -29.15 63.84
C VAL A 73 13.58 -28.44 64.55
N ASN A 74 12.35 -28.83 64.30
CA ASN A 74 11.24 -28.22 65.01
C ASN A 74 11.14 -28.68 66.46
N THR A 75 11.74 -29.83 66.79
CA THR A 75 11.90 -30.22 68.19
C THR A 75 13.05 -29.49 68.88
N ILE A 76 14.25 -29.55 68.29
CA ILE A 76 15.43 -29.00 68.95
C ILE A 76 15.26 -27.51 69.23
N THR A 77 14.89 -26.73 68.21
CA THR A 77 14.71 -25.30 68.41
C THR A 77 13.61 -24.97 69.40
N SER A 78 12.62 -25.86 69.56
CA SER A 78 11.57 -25.61 70.55
C SER A 78 11.94 -26.05 71.96
N PHE A 79 12.62 -27.20 72.10
CA PHE A 79 13.13 -27.60 73.40
C PHE A 79 14.17 -26.61 73.93
N CYS A 80 15.13 -26.25 73.08
CA CYS A 80 16.11 -25.24 73.48
C CYS A 80 15.47 -23.89 73.71
N GLY A 81 14.42 -23.56 72.96
CA GLY A 81 13.63 -22.38 73.27
C GLY A 81 12.85 -22.45 74.57
N THR A 82 12.81 -23.60 75.23
CA THR A 82 12.08 -23.77 76.48
C THR A 82 12.99 -24.03 77.66
N LEU A 83 13.73 -25.14 77.64
CA LEU A 83 14.65 -25.45 78.74
C LEU A 83 15.89 -24.58 78.74
N HIS A 84 16.03 -23.67 77.78
CA HIS A 84 17.18 -22.77 77.65
C HIS A 84 18.51 -23.51 77.47
N VAL A 85 18.47 -24.83 77.25
CA VAL A 85 19.67 -25.59 76.95
C VAL A 85 20.28 -25.09 75.64
N SER A 86 21.53 -24.67 75.69
CA SER A 86 22.21 -24.14 74.50
C SER A 86 22.66 -25.27 73.59
N PHE A 87 22.23 -25.23 72.34
CA PHE A 87 22.53 -26.24 71.34
C PHE A 87 23.41 -25.65 70.25
N ILE A 88 24.55 -26.30 70.00
CA ILE A 88 25.52 -25.85 69.00
C ILE A 88 25.51 -26.85 67.86
N THR A 89 25.39 -26.36 66.63
CA THR A 89 25.26 -27.25 65.49
C THR A 89 25.84 -26.61 64.23
N PRO A 90 26.41 -27.40 63.33
CA PRO A 90 26.74 -26.91 61.99
C PRO A 90 25.71 -27.24 60.91
N SER A 91 24.58 -27.87 61.27
CA SER A 91 23.56 -28.22 60.29
C SER A 91 22.89 -26.97 59.74
N PHE A 92 21.96 -27.19 58.81
CA PHE A 92 21.41 -26.11 58.00
C PHE A 92 20.85 -25.01 58.90
N PRO A 93 21.04 -23.74 58.54
CA PRO A 93 20.59 -22.65 59.41
C PRO A 93 19.08 -22.62 59.57
N THR A 94 18.64 -22.39 60.80
CA THR A 94 17.23 -22.18 61.08
C THR A 94 16.78 -20.81 60.56
N ASP A 95 15.58 -20.77 59.99
CA ASP A 95 15.07 -19.54 59.41
C ASP A 95 14.77 -18.50 60.48
N GLY A 96 14.09 -18.91 61.56
CA GLY A 96 13.75 -17.97 62.60
C GLY A 96 14.93 -17.58 63.45
N THR A 97 14.79 -16.43 64.12
CA THR A 97 15.83 -15.95 65.03
C THR A 97 15.70 -16.65 66.38
N HIS A 98 15.70 -17.97 66.36
CA HIS A 98 15.43 -18.74 67.57
C HIS A 98 16.56 -18.56 68.58
N PRO A 99 16.25 -18.21 69.82
CA PRO A 99 17.29 -18.17 70.86
C PRO A 99 17.83 -19.55 71.18
N PHE A 100 19.03 -19.56 71.77
CA PHE A 100 19.65 -20.75 72.36
C PHE A 100 19.94 -21.84 71.33
N VAL A 101 20.08 -21.48 70.06
CA VAL A 101 20.61 -22.39 69.05
C VAL A 101 21.73 -21.69 68.31
N ILE A 102 22.89 -22.33 68.24
CA ILE A 102 24.07 -21.77 67.59
C ILE A 102 24.35 -22.60 66.33
N GLN A 103 24.30 -21.95 65.17
CA GLN A 103 24.47 -22.63 63.89
C GLN A 103 25.73 -22.12 63.20
N MET A 104 26.69 -23.01 63.01
CA MET A 104 28.01 -22.63 62.50
C MET A 104 28.05 -22.50 60.99
N ARG A 105 27.08 -23.04 60.27
CA ARG A 105 27.08 -22.92 58.83
C ARG A 105 26.55 -21.56 58.42
N PRO A 106 27.27 -20.80 57.61
CA PRO A 106 26.82 -19.47 57.21
C PRO A 106 25.64 -19.54 56.25
N ASP A 107 25.00 -18.38 56.07
CA ASP A 107 23.89 -18.27 55.14
C ASP A 107 24.41 -18.28 53.70
N LEU A 108 23.98 -19.29 52.94
CA LEU A 108 24.40 -19.43 51.54
C LEU A 108 23.68 -18.46 50.61
N LYS A 109 22.45 -18.06 50.97
CA LYS A 109 21.53 -17.47 50.00
C LYS A 109 22.13 -16.26 49.29
N GLY A 110 22.67 -15.31 50.05
CA GLY A 110 23.23 -14.12 49.44
C GLY A 110 24.39 -14.40 48.49
N ALA A 111 25.24 -15.37 48.84
CA ALA A 111 26.39 -15.68 47.99
C ALA A 111 25.97 -16.34 46.69
N LEU A 112 25.06 -17.31 46.74
CA LEU A 112 24.55 -17.93 45.52
C LEU A 112 23.84 -16.91 44.63
N LEU A 113 22.93 -16.12 45.21
CA LEU A 113 22.20 -15.14 44.42
C LEU A 113 23.13 -14.06 43.85
N SER A 114 24.23 -13.77 44.53
CA SER A 114 25.23 -12.86 43.97
C SER A 114 25.94 -13.49 42.77
N LEU A 115 26.30 -14.78 42.87
CA LEU A 115 26.94 -15.47 41.77
C LEU A 115 26.06 -15.49 40.52
N ILE A 116 24.74 -15.66 40.70
CA ILE A 116 23.82 -15.58 39.56
C ILE A 116 23.90 -14.23 38.87
N GLU A 117 23.95 -13.14 39.65
CA GLU A 117 24.06 -11.82 39.03
C GLU A 117 25.44 -11.62 38.40
N TYR A 118 26.50 -12.13 39.02
CA TYR A 118 27.81 -12.04 38.39
C TYR A 118 27.84 -12.80 37.07
N TYR A 119 27.25 -14.00 37.05
CA TYR A 119 27.11 -14.74 35.80
C TYR A 119 26.08 -14.12 34.86
N GLN A 120 25.32 -13.11 35.33
CA GLN A 120 24.31 -12.44 34.51
C GLN A 120 23.27 -13.44 33.99
N TRP A 121 22.91 -14.40 34.84
CA TRP A 121 21.93 -15.40 34.44
C TRP A 121 20.53 -14.80 34.40
N ASP A 122 19.71 -15.36 33.51
CA ASP A 122 18.31 -14.94 33.39
C ASP A 122 17.33 -16.08 33.22
N LYS A 123 17.78 -17.30 32.92
CA LYS A 123 16.89 -18.45 32.80
C LYS A 123 17.69 -19.70 33.13
N PHE A 124 17.30 -20.39 34.20
CA PHE A 124 18.07 -21.53 34.69
C PHE A 124 17.16 -22.50 35.40
N ALA A 125 17.51 -23.78 35.35
CA ALA A 125 16.86 -24.77 36.20
C ALA A 125 17.34 -24.62 37.64
N TYR A 126 16.48 -25.03 38.60
CA TYR A 126 16.85 -25.01 40.02
C TYR A 126 16.42 -26.32 40.68
N LEU A 127 17.23 -27.36 40.53
CA LEU A 127 16.89 -28.65 41.11
C LEU A 127 17.30 -28.63 42.57
N TYR A 128 16.43 -29.12 43.45
CA TYR A 128 16.65 -28.97 44.87
C TYR A 128 16.08 -30.15 45.64
N ASP A 129 16.58 -30.32 46.86
CA ASP A 129 16.15 -31.38 47.77
C ASP A 129 15.65 -30.75 49.06
N SER A 130 14.55 -31.29 49.59
CA SER A 130 13.85 -30.65 50.70
C SER A 130 14.65 -30.70 52.00
N ASP A 131 15.55 -31.68 52.15
CA ASP A 131 16.03 -32.04 53.47
C ASP A 131 17.14 -31.15 53.98
N ARG A 132 17.19 -29.89 53.51
CA ARG A 132 18.03 -28.88 54.13
C ARG A 132 17.27 -27.57 54.32
N GLY A 133 15.94 -27.62 54.32
CA GLY A 133 15.12 -26.43 54.39
C GLY A 133 14.98 -25.77 53.05
N LEU A 134 13.75 -25.44 52.67
CA LEU A 134 13.49 -24.80 51.38
C LEU A 134 13.75 -23.31 51.40
N SER A 135 14.50 -22.81 52.38
CA SER A 135 14.86 -21.39 52.41
C SER A 135 15.60 -20.99 51.13
N THR A 136 16.46 -21.86 50.63
CA THR A 136 17.19 -21.57 49.40
C THR A 136 16.24 -21.44 48.21
N LEU A 137 15.30 -22.37 48.07
CA LEU A 137 14.33 -22.30 46.98
C LEU A 137 13.51 -21.03 47.06
N GLN A 138 13.00 -20.69 48.24
CA GLN A 138 12.18 -19.50 48.39
C GLN A 138 12.94 -18.24 47.97
N ALA A 139 14.23 -18.16 48.31
CA ALA A 139 15.01 -16.97 47.96
C ALA A 139 15.26 -16.84 46.46
N VAL A 140 15.49 -17.95 45.75
CA VAL A 140 15.61 -17.85 44.28
C VAL A 140 14.27 -17.57 43.64
N LEU A 141 13.18 -18.13 44.17
CA LEU A 141 11.86 -17.86 43.62
C LEU A 141 11.47 -16.40 43.81
N ASP A 142 11.67 -15.86 45.01
CA ASP A 142 11.36 -14.45 45.26
C ASP A 142 12.24 -13.53 44.42
N SER A 143 13.54 -13.81 44.34
CA SER A 143 14.42 -12.99 43.52
C SER A 143 14.08 -13.10 42.03
N ALA A 144 13.77 -14.31 41.55
CA ALA A 144 13.43 -14.48 40.15
C ALA A 144 12.17 -13.71 39.77
N ALA A 145 11.20 -13.64 40.68
CA ALA A 145 10.03 -12.81 40.44
C ALA A 145 10.38 -11.33 40.38
N GLU A 146 11.28 -10.87 41.26
CA GLU A 146 11.71 -9.48 41.22
C GLU A 146 12.59 -9.20 40.01
N LYS A 147 13.60 -10.04 39.79
CA LYS A 147 14.55 -9.85 38.71
C LYS A 147 14.06 -10.36 37.37
N LYS A 148 12.76 -10.70 37.26
CA LYS A 148 12.11 -11.20 36.05
C LYS A 148 12.89 -12.35 35.40
N TRP A 149 13.54 -13.18 36.21
CA TRP A 149 14.10 -14.42 35.70
C TRP A 149 13.01 -15.45 35.47
N GLN A 150 13.39 -16.56 34.85
CA GLN A 150 12.59 -17.78 34.83
C GLN A 150 13.34 -18.88 35.53
N VAL A 151 12.61 -19.74 36.25
CA VAL A 151 13.18 -20.87 36.96
C VAL A 151 12.35 -22.11 36.65
N THR A 152 13.03 -23.19 36.29
CA THR A 152 12.38 -24.50 36.13
C THR A 152 12.68 -25.37 37.35
N ALA A 153 12.03 -25.02 38.46
CA ALA A 153 12.28 -25.74 39.70
C ALA A 153 11.68 -27.13 39.64
N ILE A 154 12.42 -28.12 40.15
CA ILE A 154 11.95 -29.50 40.25
C ILE A 154 12.51 -30.10 41.52
N ASN A 155 11.66 -30.79 42.29
CA ASN A 155 12.10 -31.41 43.54
C ASN A 155 12.86 -32.68 43.18
N VAL A 156 14.17 -32.52 42.94
CA VAL A 156 15.05 -33.63 42.61
C VAL A 156 15.29 -34.51 43.83
N GLY A 157 14.70 -34.12 44.97
CA GLY A 157 14.79 -34.97 46.14
C GLY A 157 13.87 -36.16 46.14
N ASN A 158 12.76 -36.10 45.40
CA ASN A 158 11.82 -37.22 45.40
C ASN A 158 12.39 -38.43 44.67
N ILE A 159 13.26 -38.21 43.69
CA ILE A 159 13.84 -39.32 42.94
C ILE A 159 14.78 -40.11 43.85
N ASN A 160 14.56 -41.43 43.90
CA ASN A 160 15.23 -42.29 44.87
C ASN A 160 15.75 -43.54 44.17
N ASN A 161 16.41 -44.40 44.95
CA ASN A 161 17.10 -45.58 44.42
C ASN A 161 16.17 -46.54 43.71
N ASP A 162 14.85 -46.46 43.93
CA ASP A 162 13.93 -47.40 43.30
C ASP A 162 13.97 -47.29 41.77
N LYS A 163 14.05 -46.06 41.25
CA LYS A 163 14.07 -45.85 39.81
C LYS A 163 15.06 -44.73 39.48
N LYS A 164 16.25 -44.81 40.06
CA LYS A 164 17.24 -43.74 40.00
C LYS A 164 17.91 -43.61 38.63
N ASP A 165 17.43 -44.29 37.58
CA ASP A 165 18.09 -44.25 36.29
C ASP A 165 17.18 -43.66 35.21
N GLU A 166 15.98 -44.22 35.03
CA GLU A 166 15.07 -43.74 34.00
C GLU A 166 14.54 -42.35 34.33
N THR A 167 14.27 -42.09 35.60
CA THR A 167 13.68 -40.80 35.99
C THR A 167 14.58 -39.62 35.64
N TYR A 168 15.91 -39.77 35.79
CA TYR A 168 16.80 -38.67 35.45
C TYR A 168 16.85 -38.44 33.94
N ARG A 169 16.84 -39.51 33.14
CA ARG A 169 16.78 -39.32 31.69
C ARG A 169 15.51 -38.60 31.28
N SER A 170 14.37 -39.03 31.83
CA SER A 170 13.12 -38.31 31.61
C SER A 170 13.19 -36.88 32.13
N LEU A 171 13.67 -36.71 33.36
CA LEU A 171 13.79 -35.39 33.97
C LEU A 171 14.63 -34.45 33.12
N PHE A 172 15.83 -34.89 32.72
CA PHE A 172 16.72 -34.02 31.97
C PHE A 172 16.24 -33.79 30.54
N GLN A 173 15.53 -34.76 29.95
CA GLN A 173 14.85 -34.48 28.69
C GLN A 173 13.84 -33.36 28.86
N ASP A 174 13.15 -33.32 30.01
CA ASP A 174 12.25 -32.22 30.29
C ASP A 174 12.98 -30.89 30.49
N LEU A 175 14.29 -30.91 30.70
CA LEU A 175 15.06 -29.67 30.62
C LEU A 175 15.34 -29.25 29.19
N GLU A 176 15.45 -30.21 28.27
CA GLU A 176 15.65 -29.86 26.86
C GLU A 176 14.42 -29.20 26.26
N LEU A 177 13.23 -29.43 26.83
CA LEU A 177 12.01 -28.81 26.31
C LEU A 177 12.11 -27.30 26.37
N LYS A 178 12.62 -26.76 27.48
CA LYS A 178 12.87 -25.34 27.61
C LYS A 178 14.31 -24.98 27.26
N LYS A 179 15.09 -25.94 26.75
CA LYS A 179 16.48 -25.73 26.37
C LYS A 179 17.29 -25.18 27.54
N GLU A 180 17.03 -25.71 28.74
CA GLU A 180 17.81 -25.28 29.89
C GLU A 180 19.23 -25.79 29.79
N ARG A 181 20.19 -24.89 29.97
CA ARG A 181 21.60 -25.22 29.97
C ARG A 181 22.25 -24.82 31.28
N ARG A 182 21.89 -23.64 31.79
CA ARG A 182 22.27 -23.22 33.12
C ARG A 182 21.49 -24.05 34.14
N VAL A 183 22.16 -24.58 35.15
CA VAL A 183 21.50 -25.41 36.15
C VAL A 183 22.05 -25.05 37.52
N ILE A 184 21.19 -25.08 38.53
CA ILE A 184 21.59 -25.14 39.93
C ILE A 184 21.19 -26.49 40.50
N LEU A 185 22.12 -27.16 41.17
CA LEU A 185 21.84 -28.35 41.94
C LEU A 185 21.96 -28.04 43.42
N ASP A 186 20.88 -28.27 44.16
CA ASP A 186 20.75 -27.87 45.55
C ASP A 186 20.50 -29.16 46.33
N CYS A 187 21.58 -29.84 46.72
CA CYS A 187 21.48 -31.10 47.41
C CYS A 187 22.63 -31.23 48.40
N GLU A 188 22.49 -32.18 49.32
CA GLU A 188 23.60 -32.58 50.17
C GLU A 188 24.72 -33.17 49.32
N ARG A 189 25.96 -33.01 49.80
CA ARG A 189 27.14 -33.36 49.02
C ARG A 189 27.03 -34.78 48.45
N ASP A 190 26.64 -35.73 49.29
CA ASP A 190 26.52 -37.12 48.85
C ASP A 190 25.44 -37.30 47.79
N LYS A 191 24.50 -36.36 47.68
CA LYS A 191 23.48 -36.41 46.65
C LYS A 191 23.88 -35.69 45.37
N VAL A 192 24.91 -34.86 45.41
CA VAL A 192 25.47 -34.30 44.18
C VAL A 192 26.10 -35.41 43.33
N ASN A 193 26.76 -36.36 43.96
CA ASN A 193 27.29 -37.51 43.24
C ASN A 193 26.19 -38.21 42.44
N ASP A 194 25.11 -38.57 43.09
CA ASP A 194 24.02 -39.32 42.46
C ASP A 194 23.19 -38.50 41.49
N ILE A 195 23.61 -37.29 41.07
CA ILE A 195 23.06 -36.62 39.91
C ILE A 195 24.15 -36.33 38.88
N VAL A 196 25.29 -35.80 39.32
CA VAL A 196 26.41 -35.52 38.42
C VAL A 196 26.87 -36.79 37.73
N ASP A 197 26.83 -37.93 38.42
CA ASP A 197 27.15 -39.21 37.81
C ASP A 197 26.19 -39.56 36.68
N GLN A 198 24.93 -39.11 36.75
CA GLN A 198 24.00 -39.31 35.66
C GLN A 198 24.17 -38.26 34.56
N VAL A 199 24.39 -37.00 34.93
CA VAL A 199 24.61 -35.93 33.96
C VAL A 199 25.75 -36.28 33.00
N ILE A 200 26.86 -36.79 33.53
CA ILE A 200 27.96 -37.21 32.67
C ILE A 200 27.56 -38.42 31.81
N THR A 201 26.78 -39.34 32.36
CA THR A 201 26.37 -40.52 31.61
C THR A 201 25.47 -40.16 30.44
N ILE A 202 24.56 -39.19 30.62
CA ILE A 202 23.66 -38.78 29.54
C ILE A 202 24.29 -37.78 28.59
N GLY A 203 25.56 -37.42 28.78
CA GLY A 203 26.26 -36.60 27.82
C GLY A 203 25.99 -35.12 27.90
N LYS A 204 25.19 -34.66 28.87
CA LYS A 204 24.84 -33.25 28.99
C LYS A 204 25.92 -32.49 29.75
N HIS A 205 27.15 -32.99 29.69
CA HIS A 205 28.32 -32.32 30.25
C HIS A 205 29.22 -31.75 29.17
N VAL A 206 28.78 -31.78 27.91
CA VAL A 206 29.47 -31.14 26.81
C VAL A 206 29.41 -29.62 26.94
N LYS A 207 30.19 -28.92 26.12
CA LYS A 207 30.30 -27.47 26.20
C LYS A 207 28.94 -26.80 26.09
N GLY A 208 28.75 -25.76 26.90
CA GLY A 208 27.51 -24.99 26.90
C GLY A 208 26.76 -25.05 28.21
N TYR A 209 26.66 -26.24 28.80
CA TYR A 209 26.02 -26.40 30.10
C TYR A 209 26.80 -25.67 31.17
N HIS A 210 26.10 -25.25 32.22
CA HIS A 210 26.75 -24.50 33.30
C HIS A 210 26.02 -24.80 34.60
N TYR A 211 26.65 -25.62 35.45
CA TYR A 211 26.05 -26.09 36.70
C TYR A 211 26.60 -25.29 37.86
N ILE A 212 25.74 -24.56 38.56
CA ILE A 212 26.06 -24.07 39.89
C ILE A 212 25.74 -25.16 40.90
N ILE A 213 26.69 -25.46 41.78
CA ILE A 213 26.46 -26.38 42.90
C ILE A 213 26.15 -25.53 44.13
N ALA A 214 24.97 -25.73 44.70
CA ALA A 214 24.45 -24.88 45.76
C ALA A 214 24.76 -25.40 47.15
N ASN A 215 26.03 -25.70 47.42
CA ASN A 215 26.44 -26.07 48.77
C ASN A 215 27.91 -25.71 48.97
N LEU A 216 28.32 -25.69 50.23
CA LEU A 216 29.68 -25.29 50.58
C LEU A 216 30.70 -26.40 50.36
N GLY A 217 30.27 -27.62 50.06
CA GLY A 217 31.18 -28.74 49.90
C GLY A 217 31.67 -28.89 48.49
N PHE A 218 31.90 -27.76 47.81
CA PHE A 218 32.18 -27.75 46.38
C PHE A 218 33.29 -28.71 46.02
N THR A 219 34.46 -28.57 46.66
CA THR A 219 35.60 -29.42 46.37
C THR A 219 35.51 -30.80 47.01
N ASP A 220 34.47 -31.09 47.78
CA ASP A 220 34.41 -32.35 48.51
C ASP A 220 33.75 -33.48 47.74
N GLY A 221 32.99 -33.16 46.70
CA GLY A 221 32.45 -34.19 45.83
C GLY A 221 33.46 -34.72 44.83
N ASP A 222 33.09 -35.84 44.20
CA ASP A 222 33.93 -36.47 43.19
C ASP A 222 33.75 -35.75 41.85
N LEU A 223 34.24 -34.50 41.82
CA LEU A 223 34.12 -33.65 40.65
C LEU A 223 35.08 -34.02 39.53
N LEU A 224 35.99 -34.97 39.78
CA LEU A 224 37.02 -35.31 38.79
C LEU A 224 36.43 -35.79 37.47
N LYS A 225 35.22 -36.35 37.48
CA LYS A 225 34.70 -36.95 36.25
C LYS A 225 34.16 -35.90 35.29
N ILE A 226 33.39 -34.92 35.78
CA ILE A 226 32.96 -33.83 34.93
C ILE A 226 34.02 -32.76 34.75
N GLN A 227 35.13 -32.85 35.50
CA GLN A 227 36.25 -31.95 35.29
C GLN A 227 36.77 -32.02 33.85
N PHE A 228 36.63 -33.17 33.20
CA PHE A 228 37.05 -33.35 31.82
C PHE A 228 35.89 -33.25 30.83
N GLY A 229 34.77 -32.65 31.24
CA GLY A 229 33.61 -32.57 30.37
C GLY A 229 33.62 -31.39 29.43
N GLY A 230 33.99 -30.20 29.95
CA GLY A 230 33.95 -28.98 29.20
C GLY A 230 32.77 -28.09 29.49
N ALA A 231 31.70 -28.65 30.06
CA ALA A 231 30.64 -27.83 30.64
C ALA A 231 31.15 -27.12 31.88
N GLU A 232 30.77 -25.86 32.05
CA GLU A 232 31.18 -25.12 33.23
C GLU A 232 30.51 -25.69 34.47
N VAL A 233 31.27 -25.80 35.55
CA VAL A 233 30.76 -26.19 36.87
C VAL A 233 31.29 -25.18 37.88
N SER A 234 30.46 -24.80 38.84
CA SER A 234 30.90 -23.83 39.83
C SER A 234 30.10 -24.01 41.11
N GLY A 235 30.52 -23.28 42.14
CA GLY A 235 29.98 -23.49 43.48
C GLY A 235 30.75 -22.65 44.48
N PHE A 236 30.62 -23.00 45.75
CA PHE A 236 31.23 -22.23 46.81
C PHE A 236 32.04 -23.15 47.73
N GLN A 237 33.15 -22.62 48.23
CA GLN A 237 33.93 -23.27 49.27
C GLN A 237 33.91 -22.41 50.53
N ILE A 238 33.86 -23.05 51.68
CA ILE A 238 34.04 -22.37 52.96
C ILE A 238 35.32 -22.79 53.68
N VAL A 239 35.84 -23.98 53.43
CA VAL A 239 37.07 -24.45 54.07
C VAL A 239 38.19 -24.22 53.06
N ASP A 240 38.80 -23.04 53.14
CA ASP A 240 39.89 -22.68 52.24
C ASP A 240 41.17 -23.40 52.68
N TYR A 241 41.61 -24.37 51.87
CA TYR A 241 42.76 -25.20 52.18
C TYR A 241 44.09 -24.44 52.10
N ASP A 242 44.10 -23.24 51.54
CA ASP A 242 45.34 -22.48 51.41
C ASP A 242 45.77 -21.78 52.68
N ASP A 243 44.90 -21.69 53.69
CA ASP A 243 45.30 -21.14 54.98
C ASP A 243 46.31 -22.06 55.66
N SER A 244 47.32 -21.44 56.27
CA SER A 244 48.30 -22.22 57.02
C SER A 244 47.65 -22.99 58.16
N LEU A 245 46.63 -22.41 58.78
CA LEU A 245 45.90 -23.10 59.83
C LEU A 245 45.24 -24.36 59.29
N VAL A 246 44.53 -24.24 58.17
CA VAL A 246 43.90 -25.41 57.56
C VAL A 246 44.97 -26.39 57.06
N SER A 247 46.03 -25.86 56.44
CA SER A 247 47.11 -26.72 55.95
C SER A 247 47.73 -27.53 57.08
N LYS A 248 48.06 -26.88 58.19
CA LYS A 248 48.57 -27.60 59.35
C LYS A 248 47.54 -28.57 59.90
N PHE A 249 46.26 -28.18 59.91
CA PHE A 249 45.20 -29.11 60.28
C PHE A 249 45.17 -30.31 59.34
N ILE A 250 45.30 -30.08 58.04
CA ILE A 250 45.29 -31.18 57.09
C ILE A 250 46.52 -32.06 57.25
N GLU A 251 47.68 -31.45 57.54
CA GLU A 251 48.86 -32.24 57.84
C GLU A 251 48.62 -33.15 59.04
N ARG A 252 48.08 -32.59 60.13
CA ARG A 252 47.68 -33.40 61.27
C ARG A 252 46.61 -34.42 60.89
N TRP A 253 45.52 -33.95 60.27
CA TRP A 253 44.37 -34.79 59.99
C TRP A 253 44.74 -35.96 59.07
N SER A 254 45.35 -35.66 57.91
CA SER A 254 45.59 -36.65 56.88
C SER A 254 46.57 -37.75 57.28
N THR A 255 47.23 -37.63 58.44
CA THR A 255 48.21 -38.63 58.86
C THR A 255 47.72 -39.51 59.99
N LEU A 256 46.50 -39.31 60.49
CA LEU A 256 45.96 -40.18 61.52
C LEU A 256 45.66 -41.58 60.99
N GLU A 257 45.68 -42.54 61.90
CA GLU A 257 45.29 -43.90 61.57
C GLU A 257 43.78 -43.98 61.39
N GLU A 258 43.34 -44.45 60.22
CA GLU A 258 41.90 -44.54 59.96
C GLU A 258 41.21 -45.52 60.90
N LYS A 259 41.92 -46.56 61.34
CA LYS A 259 41.32 -47.54 62.25
C LYS A 259 40.87 -46.91 63.56
N GLU A 260 41.56 -45.86 64.01
CA GLU A 260 41.15 -45.15 65.20
C GLU A 260 40.25 -43.95 64.89
N TYR A 261 40.56 -43.20 63.83
CA TYR A 261 39.78 -42.04 63.42
C TYR A 261 39.24 -42.30 62.02
N PRO A 262 38.08 -42.95 61.91
CA PRO A 262 37.58 -43.34 60.59
C PRO A 262 37.34 -42.14 59.69
N GLY A 263 37.67 -42.30 58.40
CA GLY A 263 37.50 -41.26 57.42
C GLY A 263 38.54 -40.15 57.48
N ALA A 264 39.49 -40.20 58.40
CA ALA A 264 40.40 -39.07 58.59
C ALA A 264 41.56 -39.08 57.61
N HIS A 265 41.99 -40.25 57.16
CA HIS A 265 43.24 -40.36 56.41
C HIS A 265 43.03 -40.05 54.93
N THR A 266 42.59 -38.82 54.67
CA THR A 266 42.34 -38.35 53.31
C THR A 266 42.83 -36.91 53.18
N ALA A 267 43.17 -36.53 51.95
CA ALA A 267 43.68 -35.19 51.68
C ALA A 267 42.61 -34.11 51.84
N THR A 268 41.34 -34.48 51.84
CA THR A 268 40.24 -33.52 51.91
C THR A 268 39.28 -33.92 53.02
N ILE A 269 38.49 -32.94 53.47
CA ILE A 269 37.57 -33.13 54.58
C ILE A 269 36.28 -32.38 54.30
N LYS A 270 35.17 -32.92 54.80
CA LYS A 270 33.87 -32.29 54.63
C LYS A 270 33.83 -30.94 55.33
N TYR A 271 33.12 -29.99 54.71
CA TYR A 271 32.86 -28.71 55.36
C TYR A 271 32.11 -28.86 56.68
N THR A 272 31.22 -29.85 56.78
CA THR A 272 30.53 -30.11 58.04
C THR A 272 31.50 -30.52 59.15
N SER A 273 32.50 -31.33 58.82
CA SER A 273 33.52 -31.67 59.81
C SER A 273 34.32 -30.46 60.26
N ALA A 274 34.70 -29.59 59.31
CA ALA A 274 35.45 -28.40 59.68
C ALA A 274 34.65 -27.48 60.60
N LEU A 275 33.34 -27.35 60.37
CA LEU A 275 32.51 -26.57 61.28
C LEU A 275 32.22 -27.28 62.58
N THR A 276 32.31 -28.61 62.62
CA THR A 276 32.29 -29.32 63.89
C THR A 276 33.55 -29.04 64.69
N TYR A 277 34.71 -29.06 64.04
CA TYR A 277 35.96 -28.69 64.69
C TYR A 277 35.90 -27.26 65.23
N ASP A 278 35.46 -26.31 64.41
CA ASP A 278 35.30 -24.93 64.87
C ASP A 278 34.27 -24.80 65.99
N ALA A 279 33.28 -25.69 66.04
CA ALA A 279 32.34 -25.69 67.16
C ALA A 279 33.03 -26.08 68.46
N VAL A 280 33.82 -27.16 68.43
CA VAL A 280 34.54 -27.60 69.63
C VAL A 280 35.53 -26.54 70.10
N GLN A 281 36.09 -25.76 69.17
CA GLN A 281 36.85 -24.57 69.55
C GLN A 281 35.99 -23.56 70.30
N VAL A 282 34.78 -23.29 69.80
CA VAL A 282 33.90 -22.33 70.45
C VAL A 282 33.50 -22.81 71.85
N MET A 283 33.13 -24.08 71.98
CA MET A 283 32.76 -24.61 73.30
C MET A 283 33.89 -24.47 74.31
N THR A 284 35.12 -24.75 73.89
CA THR A 284 36.27 -24.54 74.76
C THR A 284 36.41 -23.08 75.18
N GLU A 285 36.37 -22.17 74.19
CA GLU A 285 36.54 -20.75 74.47
C GLU A 285 35.42 -20.17 75.33
N ALA A 286 34.20 -20.70 75.22
CA ALA A 286 33.09 -20.17 76.00
C ALA A 286 33.27 -20.42 77.50
N PHE A 287 33.52 -21.67 77.89
CA PHE A 287 33.74 -21.98 79.30
C PHE A 287 35.04 -21.38 79.83
N ARG A 288 36.05 -21.20 78.98
CA ARG A 288 37.21 -20.42 79.37
C ARG A 288 36.84 -18.97 79.69
N ASN A 289 36.02 -18.36 78.84
CA ASN A 289 35.57 -16.99 79.11
C ASN A 289 34.72 -16.91 80.37
N LEU A 290 33.89 -17.91 80.63
CA LEU A 290 33.18 -17.98 81.90
C LEU A 290 34.14 -17.94 83.08
N ARG A 291 35.21 -18.73 83.01
CA ARG A 291 36.22 -18.71 84.07
C ARG A 291 36.95 -17.38 84.11
N LYS A 292 37.31 -16.85 82.94
CA LYS A 292 37.90 -15.51 82.88
C LYS A 292 36.96 -14.46 83.43
N GLN A 293 35.66 -14.60 83.19
CA GLN A 293 34.67 -13.67 83.73
C GLN A 293 34.25 -14.04 85.15
N ARG A 294 34.77 -15.12 85.71
CA ARG A 294 34.48 -15.54 87.08
C ARG A 294 32.98 -15.74 87.31
N ILE A 295 32.31 -16.36 86.34
CA ILE A 295 30.89 -16.67 86.44
C ILE A 295 30.76 -18.17 86.72
N GLU A 296 29.93 -18.51 87.69
CA GLU A 296 29.87 -19.88 88.19
C GLU A 296 28.96 -20.75 87.33
N ILE A 297 29.35 -22.01 87.18
CA ILE A 297 28.52 -23.02 86.54
C ILE A 297 27.79 -23.86 87.59
N SER A 298 27.59 -23.32 88.78
CA SER A 298 27.12 -24.08 89.95
C SER A 298 25.65 -24.43 89.80
N ARG A 299 25.39 -25.51 89.06
CA ARG A 299 24.11 -26.20 89.16
C ARG A 299 24.34 -27.69 89.22
N ARG A 300 23.55 -28.37 90.05
CA ARG A 300 23.67 -29.81 90.22
C ARG A 300 23.29 -30.54 88.93
N GLY A 301 23.77 -31.78 88.83
CA GLY A 301 23.48 -32.60 87.65
C GLY A 301 22.04 -33.07 87.59
N ASN A 302 21.35 -33.15 88.73
CA ASN A 302 19.94 -33.54 88.77
C ASN A 302 19.08 -32.36 88.31
N ALA A 303 19.15 -32.10 87.00
CA ALA A 303 18.47 -30.95 86.41
C ALA A 303 16.95 -31.11 86.40
N GLY A 304 16.43 -32.30 86.69
CA GLY A 304 15.00 -32.52 86.70
C GLY A 304 14.48 -33.07 85.39
N ASP A 305 13.15 -33.18 85.34
CA ASP A 305 12.48 -33.72 84.17
C ASP A 305 12.48 -32.71 83.03
N CYS A 306 12.81 -33.18 81.83
CA CYS A 306 12.69 -32.32 80.65
C CYS A 306 11.24 -31.88 80.44
N LEU A 307 10.29 -32.77 80.74
CA LEU A 307 8.87 -32.50 80.57
C LEU A 307 8.23 -31.92 81.82
N ALA A 308 9.02 -31.47 82.79
CA ALA A 308 8.49 -30.82 83.97
C ALA A 308 7.62 -29.63 83.58
N ASN A 309 6.39 -29.62 84.10
CA ASN A 309 5.41 -28.61 83.72
C ASN A 309 5.00 -27.81 84.96
N PRO A 310 5.21 -26.50 84.98
CA PRO A 310 5.91 -25.67 83.99
C PRO A 310 7.42 -25.93 83.94
N ALA A 311 8.07 -25.63 82.82
CA ALA A 311 9.51 -25.74 82.74
C ALA A 311 10.18 -24.67 83.60
N VAL A 312 11.46 -24.90 83.92
CA VAL A 312 12.19 -24.00 84.80
C VAL A 312 13.53 -23.62 84.18
N PRO A 313 13.59 -22.47 83.50
CA PRO A 313 14.88 -21.96 83.03
C PRO A 313 15.82 -21.67 84.20
N TRP A 314 17.11 -21.68 83.91
CA TRP A 314 18.14 -21.38 84.90
C TRP A 314 19.16 -20.40 84.31
N GLY A 315 19.58 -19.44 85.14
CA GLY A 315 20.29 -18.29 84.63
C GLY A 315 21.69 -18.57 84.11
N GLN A 316 22.35 -19.60 84.63
CA GLN A 316 23.70 -19.91 84.17
C GLN A 316 23.68 -20.37 82.71
N GLY A 317 22.67 -21.12 82.30
CA GLY A 317 22.54 -21.48 80.90
C GLY A 317 22.31 -20.27 80.01
N VAL A 318 21.52 -19.31 80.50
CA VAL A 318 21.30 -18.06 79.77
C VAL A 318 22.61 -17.31 79.55
N GLU A 319 23.45 -17.22 80.58
CA GLU A 319 24.74 -16.56 80.43
C GLU A 319 25.70 -17.34 79.56
N ILE A 320 25.63 -18.68 79.60
CA ILE A 320 26.44 -19.49 78.69
C ILE A 320 26.10 -19.18 77.24
N GLU A 321 24.80 -19.04 76.94
CA GLU A 321 24.37 -18.67 75.60
C GLU A 321 24.89 -17.30 75.19
N ARG A 322 24.85 -16.34 76.12
CA ARG A 322 25.41 -15.01 75.88
C ARG A 322 26.89 -15.09 75.55
N ALA A 323 27.63 -15.92 76.29
CA ALA A 323 29.04 -16.15 75.99
C ALA A 323 29.23 -16.79 74.62
N LEU A 324 28.49 -17.85 74.33
CA LEU A 324 28.60 -18.54 73.04
C LEU A 324 28.37 -17.58 71.87
N LYS A 325 27.43 -16.65 72.00
CA LYS A 325 27.24 -15.68 70.91
C LYS A 325 28.37 -14.65 70.89
N GLN A 326 28.99 -14.38 72.02
CA GLN A 326 30.13 -13.48 72.06
C GLN A 326 31.45 -14.16 71.76
N VAL A 327 31.48 -15.50 71.74
CA VAL A 327 32.73 -16.21 71.43
C VAL A 327 33.14 -15.91 69.99
N GLN A 328 34.43 -15.65 69.80
CA GLN A 328 35.00 -15.46 68.47
C GLN A 328 36.33 -16.19 68.43
N VAL A 329 36.56 -16.96 67.37
CA VAL A 329 37.78 -17.74 67.24
C VAL A 329 38.24 -17.71 65.79
N GLU A 330 39.55 -17.85 65.59
CA GLU A 330 40.12 -18.06 64.27
C GLU A 330 39.89 -19.52 63.89
N GLY A 331 38.81 -19.77 63.14
CA GLY A 331 38.43 -21.11 62.79
C GLY A 331 38.92 -21.53 61.42
N LEU A 332 38.56 -22.76 61.05
CA LEU A 332 38.80 -23.23 59.69
C LEU A 332 38.00 -22.41 58.68
N SER A 333 36.79 -22.02 59.05
CA SER A 333 35.88 -21.29 58.16
C SER A 333 36.07 -19.78 58.25
N GLY A 334 37.30 -19.33 58.49
CA GLY A 334 37.57 -17.93 58.72
C GLY A 334 37.32 -17.55 60.17
N ASN A 335 37.33 -16.23 60.41
CA ASN A 335 36.95 -15.70 61.70
C ASN A 335 35.42 -15.71 61.85
N ILE A 336 34.94 -16.35 62.91
CA ILE A 336 33.52 -16.67 63.05
C ILE A 336 32.96 -15.86 64.21
N LYS A 337 31.83 -15.20 63.96
CA LYS A 337 31.13 -14.42 64.97
C LYS A 337 29.63 -14.63 64.78
N PHE A 338 28.87 -14.38 65.85
CA PHE A 338 27.43 -14.52 65.80
C PHE A 338 26.76 -13.22 66.23
N ASP A 339 25.61 -12.94 65.63
CA ASP A 339 24.78 -11.80 66.00
C ASP A 339 24.02 -12.10 67.29
N GLN A 340 23.09 -11.21 67.65
CA GLN A 340 22.26 -11.41 68.83
C GLN A 340 21.41 -12.67 68.74
N ASN A 341 21.16 -13.17 67.53
CA ASN A 341 20.38 -14.39 67.33
C ASN A 341 21.26 -15.63 67.22
N GLY A 342 22.57 -15.49 67.29
CA GLY A 342 23.48 -16.61 67.15
C GLY A 342 23.78 -17.04 65.73
N LYS A 343 23.28 -16.32 64.72
CA LYS A 343 23.61 -16.61 63.34
C LYS A 343 24.91 -15.90 62.96
N ARG A 344 25.69 -16.57 62.10
CA ARG A 344 27.03 -16.08 61.81
C ARG A 344 26.99 -14.78 61.01
N ILE A 345 28.01 -13.95 61.23
CA ILE A 345 28.22 -12.72 60.48
C ILE A 345 29.70 -12.59 60.21
N ASN A 346 30.03 -11.72 59.25
CA ASN A 346 31.41 -11.46 58.85
C ASN A 346 32.12 -12.73 58.38
N TYR A 347 31.35 -13.70 57.90
CA TYR A 347 31.92 -14.91 57.34
C TYR A 347 32.41 -14.67 55.92
N THR A 348 33.43 -15.41 55.52
CA THR A 348 34.10 -15.21 54.25
C THR A 348 33.91 -16.46 53.38
N ILE A 349 32.79 -16.50 52.67
CA ILE A 349 32.56 -17.55 51.68
C ILE A 349 33.38 -17.20 50.44
N ASN A 350 34.10 -18.19 49.92
CA ASN A 350 34.86 -18.02 48.68
C ASN A 350 34.06 -18.56 47.51
N ILE A 351 33.89 -17.73 46.48
CA ILE A 351 33.24 -18.14 45.24
C ILE A 351 34.25 -18.94 44.42
N MET A 352 33.84 -20.11 43.96
CA MET A 352 34.76 -21.03 43.31
C MET A 352 34.19 -21.47 41.97
N GLU A 353 35.09 -21.87 41.08
CA GLU A 353 34.74 -22.30 39.73
C GLU A 353 35.68 -23.43 39.35
N LEU A 354 35.17 -24.35 38.53
CA LEU A 354 35.97 -25.48 38.08
C LEU A 354 36.63 -25.16 36.74
N LYS A 355 37.92 -25.47 36.65
CA LYS A 355 38.68 -25.50 35.41
C LYS A 355 39.25 -26.90 35.21
N THR A 356 39.57 -27.22 33.95
CA THR A 356 40.00 -28.57 33.62
C THR A 356 41.25 -28.98 34.38
N ASN A 357 42.15 -28.03 34.64
CA ASN A 357 43.32 -28.30 35.47
C ASN A 357 42.99 -28.40 36.95
N GLY A 358 41.82 -27.93 37.36
CA GLY A 358 41.39 -28.04 38.74
C GLY A 358 40.46 -26.93 39.16
N PRO A 359 39.87 -27.08 40.35
CA PRO A 359 39.01 -26.02 40.88
C PRO A 359 39.83 -24.82 41.34
N ARG A 360 39.27 -23.62 41.14
CA ARG A 360 39.99 -22.41 41.52
C ARG A 360 39.02 -21.35 41.99
N LYS A 361 39.51 -20.49 42.87
CA LYS A 361 38.77 -19.34 43.34
C LYS A 361 38.59 -18.30 42.25
N ILE A 362 37.44 -17.61 42.28
CA ILE A 362 37.24 -16.40 41.50
C ILE A 362 36.84 -15.21 42.37
N GLY A 363 36.54 -15.42 43.65
CA GLY A 363 36.39 -14.32 44.57
C GLY A 363 36.07 -14.85 45.95
N TYR A 364 35.86 -13.91 46.88
CA TYR A 364 35.35 -14.23 48.20
C TYR A 364 34.18 -13.31 48.54
N TRP A 365 33.29 -13.82 49.40
CA TRP A 365 31.98 -13.21 49.61
C TRP A 365 31.68 -13.08 51.10
N SER A 366 31.12 -11.95 51.47
CA SER A 366 30.57 -11.74 52.80
C SER A 366 29.28 -10.93 52.64
N GLU A 367 28.58 -10.74 53.76
CA GLU A 367 27.37 -9.93 53.72
C GLU A 367 27.67 -8.49 53.26
N VAL A 368 28.88 -8.00 53.51
CA VAL A 368 29.27 -6.69 53.02
C VAL A 368 30.26 -6.76 51.86
N ASP A 369 31.18 -7.72 51.85
CA ASP A 369 32.15 -7.87 50.76
C ASP A 369 31.46 -8.63 49.63
N LYS A 370 30.61 -7.92 48.88
CA LYS A 370 29.73 -8.53 47.89
C LYS A 370 30.57 -8.94 46.68
N MET A 371 31.15 -10.14 46.80
CA MET A 371 31.99 -10.77 45.77
C MET A 371 33.16 -9.86 45.39
N VAL A 372 34.08 -9.73 46.34
CA VAL A 372 35.38 -9.13 46.04
C VAL A 372 36.13 -10.12 45.16
N LEU A 373 36.27 -9.80 43.88
CA LEU A 373 36.80 -10.75 42.91
C LEU A 373 38.32 -10.90 43.07
N THR A 374 38.80 -12.09 42.71
CA THR A 374 40.21 -12.46 42.81
C THR A 374 40.61 -13.17 41.52
N GLU A 375 40.27 -12.56 40.38
CA GLU A 375 40.40 -13.18 39.07
C GLU A 375 41.80 -13.00 38.47
N ASP A 376 42.82 -12.86 39.30
CA ASP A 376 44.19 -12.70 38.84
C ASP A 376 44.74 -13.95 38.18
N ASP A 377 44.07 -15.10 38.37
CA ASP A 377 44.49 -16.37 37.76
C ASP A 377 44.08 -16.40 36.29
N THR A 378 44.62 -15.45 35.53
CA THR A 378 44.24 -15.20 34.14
C THR A 378 44.77 -16.26 33.18
N SER A 379 45.44 -17.30 33.67
CA SER A 379 46.13 -18.26 32.82
C SER A 379 45.10 -19.21 32.19
N GLY A 380 45.58 -20.29 31.59
CA GLY A 380 44.74 -21.11 30.75
C GLY A 380 44.70 -20.66 29.30
N LEU A 381 45.76 -20.03 28.81
CA LEU A 381 45.86 -19.39 27.51
C LEU A 381 44.81 -18.30 27.29
N GLU A 382 44.07 -17.93 28.34
CA GLU A 382 43.31 -16.69 28.47
C GLU A 382 42.26 -16.49 27.39
N GLN A 383 42.11 -17.43 26.46
CA GLN A 383 41.35 -17.13 25.25
C GLN A 383 40.35 -18.21 24.90
N LYS A 384 40.63 -19.47 25.28
CA LYS A 384 39.81 -20.62 24.92
C LYS A 384 39.88 -20.90 23.42
N THR A 385 39.70 -22.15 23.02
CA THR A 385 39.48 -22.45 21.61
C THR A 385 38.10 -21.95 21.19
N VAL A 386 38.06 -20.84 20.48
CA VAL A 386 36.80 -20.16 20.16
C VAL A 386 36.18 -20.85 18.95
N VAL A 387 35.14 -21.65 19.18
CA VAL A 387 34.55 -22.46 18.12
C VAL A 387 33.64 -21.58 17.26
N VAL A 388 33.88 -21.58 15.95
CA VAL A 388 33.20 -20.68 15.02
C VAL A 388 32.22 -21.51 14.21
N THR A 389 30.93 -21.22 14.36
CA THR A 389 29.91 -21.90 13.57
C THR A 389 29.74 -21.23 12.22
N THR A 390 29.57 -22.06 11.19
CA THR A 390 29.36 -21.59 9.83
C THR A 390 28.61 -22.66 9.04
N ILE A 391 28.13 -22.29 7.85
CA ILE A 391 27.27 -23.15 7.06
C ILE A 391 27.93 -23.41 5.71
N LEU A 392 27.80 -24.65 5.22
CA LEU A 392 28.34 -25.06 3.93
C LEU A 392 27.43 -24.56 2.82
N GLU A 393 27.63 -23.30 2.43
CA GLU A 393 26.97 -22.71 1.28
C GLU A 393 27.99 -22.00 0.42
N SER A 394 27.95 -22.25 -0.88
CA SER A 394 28.90 -21.67 -1.83
C SER A 394 28.48 -20.24 -2.18
N PRO A 395 29.42 -19.32 -2.33
CA PRO A 395 30.87 -19.45 -2.15
C PRO A 395 31.30 -19.05 -0.74
N TYR A 396 30.39 -19.13 0.24
CA TYR A 396 30.70 -18.59 1.55
C TYR A 396 31.60 -19.54 2.35
N VAL A 397 31.17 -20.79 2.50
CA VAL A 397 32.05 -21.85 3.00
C VAL A 397 31.80 -23.10 2.15
N MET A 398 32.88 -23.72 1.70
CA MET A 398 32.80 -24.94 0.90
C MET A 398 33.88 -25.91 1.36
N MET A 399 33.61 -27.20 1.18
CA MET A 399 34.62 -28.21 1.42
C MET A 399 35.66 -28.17 0.30
N LYS A 400 36.89 -27.83 0.65
CA LYS A 400 37.98 -27.93 -0.30
C LYS A 400 38.24 -29.39 -0.61
N LYS A 401 38.61 -29.67 -1.87
CA LYS A 401 38.71 -31.04 -2.36
C LYS A 401 39.91 -31.78 -1.78
N ASN A 402 40.48 -31.25 -0.70
CA ASN A 402 41.51 -31.96 0.06
C ASN A 402 41.10 -32.19 1.51
N HIS A 403 39.84 -31.93 1.86
CA HIS A 403 39.37 -32.25 3.21
C HIS A 403 39.42 -33.75 3.48
N GLU A 404 39.34 -34.58 2.43
CA GLU A 404 39.56 -36.02 2.58
C GLU A 404 40.97 -36.35 3.03
N MET A 405 41.88 -35.37 3.04
CA MET A 405 43.27 -35.60 3.41
C MET A 405 43.78 -34.58 4.42
N LEU A 406 42.88 -33.77 5.00
CA LEU A 406 43.26 -32.68 5.87
C LEU A 406 42.26 -32.58 7.00
N GLU A 407 42.70 -31.98 8.11
CA GLU A 407 41.82 -31.72 9.24
C GLU A 407 42.21 -30.40 9.89
N GLY A 408 41.21 -29.68 10.41
CA GLY A 408 41.43 -28.37 10.98
C GLY A 408 40.53 -27.31 10.41
N ASN A 409 41.05 -26.10 10.27
CA ASN A 409 40.35 -25.04 9.56
C ASN A 409 40.65 -25.06 8.06
N GLU A 410 41.66 -25.80 7.63
CA GLU A 410 42.05 -25.85 6.23
C GLU A 410 41.11 -26.69 5.38
N ARG A 411 40.28 -27.54 6.00
CA ARG A 411 39.29 -28.30 5.24
C ARG A 411 38.31 -27.39 4.51
N TYR A 412 38.18 -26.13 4.93
CA TYR A 412 37.16 -25.23 4.41
C TYR A 412 37.81 -24.12 3.59
N GLU A 413 37.04 -23.57 2.67
CA GLU A 413 37.45 -22.40 1.92
C GLU A 413 36.21 -21.63 1.52
N GLY A 414 36.35 -20.32 1.38
CA GLY A 414 35.23 -19.48 1.02
C GLY A 414 35.36 -18.10 1.63
N TYR A 415 34.41 -17.25 1.26
CA TYR A 415 34.43 -15.86 1.71
C TYR A 415 34.41 -15.76 3.22
N CYS A 416 33.56 -16.55 3.88
CA CYS A 416 33.48 -16.46 5.33
C CYS A 416 34.69 -17.08 6.00
N VAL A 417 35.34 -18.04 5.35
CA VAL A 417 36.56 -18.60 5.94
C VAL A 417 37.69 -17.58 5.88
N ASP A 418 37.83 -16.90 4.74
CA ASP A 418 38.75 -15.75 4.66
C ASP A 418 38.43 -14.73 5.75
N LEU A 419 37.16 -14.32 5.84
CA LEU A 419 36.81 -13.23 6.74
C LEU A 419 37.04 -13.63 8.21
N ALA A 420 36.69 -14.88 8.55
CA ALA A 420 36.99 -15.38 9.88
C ALA A 420 38.47 -15.37 10.17
N ALA A 421 39.28 -15.85 9.23
CA ALA A 421 40.72 -15.86 9.44
C ALA A 421 41.29 -14.45 9.61
N GLU A 422 40.72 -13.48 8.90
CA GLU A 422 41.18 -12.09 9.05
C GLU A 422 40.78 -11.50 10.39
N ILE A 423 39.52 -11.69 10.80
CA ILE A 423 39.07 -11.21 12.10
C ILE A 423 39.89 -11.86 13.21
N ALA A 424 40.15 -13.17 13.10
CA ALA A 424 40.96 -13.87 14.10
C ALA A 424 42.38 -13.34 14.13
N LYS A 425 43.01 -13.15 12.97
CA LYS A 425 44.38 -12.65 12.95
C LYS A 425 44.47 -11.23 13.49
N HIS A 426 43.40 -10.43 13.35
CA HIS A 426 43.38 -9.11 13.96
C HIS A 426 43.14 -9.16 15.48
N CYS A 427 42.28 -10.06 15.96
CA CYS A 427 41.96 -10.08 17.39
C CYS A 427 42.87 -10.97 18.22
N GLY A 428 43.68 -11.82 17.59
CA GLY A 428 44.67 -12.60 18.32
C GLY A 428 44.15 -13.78 19.11
N PHE A 429 43.10 -14.46 18.63
CA PHE A 429 42.56 -15.61 19.33
C PHE A 429 42.43 -16.81 18.39
N LYS A 430 42.62 -18.00 18.95
CA LYS A 430 42.46 -19.24 18.20
C LYS A 430 41.00 -19.49 17.87
N TYR A 431 40.76 -20.10 16.70
CA TYR A 431 39.40 -20.39 16.28
C TYR A 431 39.35 -21.72 15.55
N LYS A 432 38.18 -22.37 15.62
CA LYS A 432 37.93 -23.69 15.04
C LYS A 432 36.56 -23.68 14.40
N LEU A 433 36.53 -23.83 13.08
CA LEU A 433 35.28 -23.81 12.33
C LEU A 433 34.51 -25.12 12.47
N THR A 434 33.26 -25.03 12.94
CA THR A 434 32.30 -26.12 12.87
C THR A 434 31.20 -25.77 11.87
N ILE A 435 30.96 -26.67 10.93
CA ILE A 435 29.77 -26.58 10.09
C ILE A 435 28.53 -26.84 10.94
N VAL A 436 27.51 -26.00 10.76
CA VAL A 436 26.23 -26.15 11.44
C VAL A 436 25.68 -27.55 11.19
N GLY A 437 25.43 -28.29 12.27
CA GLY A 437 25.21 -29.72 12.14
C GLY A 437 23.91 -30.12 11.48
N ASP A 438 22.89 -29.27 11.55
CA ASP A 438 21.58 -29.61 11.01
C ASP A 438 21.31 -29.04 9.63
N GLY A 439 22.27 -28.34 9.03
CA GLY A 439 22.15 -27.92 7.65
C GLY A 439 21.31 -26.69 7.40
N LYS A 440 20.82 -26.01 8.43
CA LYS A 440 19.88 -24.91 8.25
C LYS A 440 20.41 -23.64 8.89
N TYR A 441 19.97 -22.50 8.34
CA TYR A 441 20.48 -21.20 8.78
C TYR A 441 20.00 -20.86 10.18
N GLY A 442 18.73 -21.13 10.47
CA GLY A 442 18.22 -20.95 11.82
C GLY A 442 17.06 -19.99 11.94
N ALA A 443 15.88 -20.55 12.18
CA ALA A 443 14.68 -19.79 12.53
C ALA A 443 13.94 -20.58 13.60
N ARG A 444 13.43 -19.86 14.61
CA ARG A 444 12.82 -20.54 15.74
C ARG A 444 11.53 -21.25 15.34
N ASP A 445 11.00 -22.04 16.27
CA ASP A 445 9.80 -22.83 16.05
C ASP A 445 8.57 -21.93 16.13
N ALA A 446 7.38 -22.52 16.28
CA ALA A 446 6.13 -21.76 16.30
C ALA A 446 6.01 -20.92 17.56
N ASP A 447 6.89 -19.93 17.68
CA ASP A 447 7.01 -19.07 18.87
C ASP A 447 7.07 -19.84 20.18
N THR A 448 7.49 -21.11 20.12
CA THR A 448 7.94 -21.80 21.33
C THR A 448 9.32 -21.36 21.77
N LYS A 449 9.99 -20.51 20.97
CA LYS A 449 11.35 -20.06 21.19
C LYS A 449 12.37 -21.19 21.10
N ILE A 450 11.97 -22.36 20.60
CA ILE A 450 12.93 -23.41 20.25
C ILE A 450 13.60 -23.01 18.94
N TRP A 451 14.94 -22.89 18.96
CA TRP A 451 15.70 -22.50 17.80
C TRP A 451 16.31 -23.72 17.12
N ASN A 452 16.83 -23.50 15.92
CA ASN A 452 17.51 -24.55 15.15
C ASN A 452 18.69 -23.92 14.43
N GLY A 453 19.54 -24.78 13.87
CA GLY A 453 20.64 -24.34 13.05
C GLY A 453 21.66 -23.50 13.79
N MET A 454 22.23 -22.53 13.06
CA MET A 454 23.32 -21.73 13.60
C MET A 454 22.89 -20.94 14.83
N VAL A 455 21.65 -20.46 14.83
CA VAL A 455 21.12 -19.79 16.01
C VAL A 455 20.92 -20.79 17.14
N GLY A 456 20.50 -22.01 16.80
CA GLY A 456 20.47 -23.12 17.74
C GLY A 456 21.82 -23.63 18.20
N GLU A 457 22.91 -23.09 17.66
CA GLU A 457 24.24 -23.27 18.22
C GLU A 457 24.72 -22.08 19.04
N LEU A 458 24.49 -20.85 18.54
CA LEU A 458 24.93 -19.68 19.29
C LEU A 458 24.18 -19.54 20.61
N VAL A 459 22.85 -19.56 20.57
CA VAL A 459 22.10 -19.15 21.75
C VAL A 459 22.20 -20.19 22.86
N TYR A 460 22.31 -21.47 22.52
CA TYR A 460 22.40 -22.51 23.54
C TYR A 460 23.85 -22.94 23.76
N GLY A 461 24.80 -22.02 23.57
CA GLY A 461 26.17 -22.18 23.99
C GLY A 461 27.01 -23.20 23.24
N LYS A 462 26.47 -23.80 22.17
CA LYS A 462 27.26 -24.79 21.44
C LYS A 462 28.38 -24.15 20.62
N ALA A 463 28.22 -22.89 20.22
CA ALA A 463 29.20 -22.21 19.37
C ALA A 463 29.46 -20.81 19.91
N ASP A 464 30.74 -20.43 19.95
CA ASP A 464 31.13 -19.16 20.56
C ASP A 464 30.93 -17.95 19.65
N ILE A 465 30.87 -18.15 18.32
CA ILE A 465 30.70 -17.03 17.39
C ILE A 465 30.21 -17.59 16.07
N ALA A 466 29.42 -16.79 15.35
CA ALA A 466 28.95 -17.13 14.01
C ALA A 466 29.56 -16.18 12.99
N ILE A 467 30.22 -16.75 12.00
CA ILE A 467 30.74 -16.01 10.85
C ILE A 467 30.24 -16.75 9.63
N ALA A 468 29.16 -16.27 9.03
CA ALA A 468 28.46 -16.95 7.95
C ALA A 468 27.48 -15.97 7.30
N PRO A 469 26.83 -16.34 6.19
CA PRO A 469 25.73 -15.49 5.71
C PRO A 469 24.51 -15.54 6.61
N LEU A 470 24.65 -14.97 7.80
CA LEU A 470 23.57 -14.91 8.80
C LEU A 470 22.90 -13.55 8.69
N THR A 471 21.65 -13.54 8.25
CA THR A 471 20.96 -12.28 8.00
C THR A 471 20.59 -11.60 9.31
N ILE A 472 20.92 -10.31 9.42
CA ILE A 472 20.53 -9.54 10.58
C ILE A 472 19.02 -9.31 10.54
N THR A 473 18.33 -9.72 11.60
CA THR A 473 16.88 -9.53 11.73
C THR A 473 16.56 -9.16 13.16
N LEU A 474 15.39 -8.54 13.33
CA LEU A 474 14.87 -8.26 14.67
C LEU A 474 14.75 -9.55 15.49
N VAL A 475 14.13 -10.58 14.92
CA VAL A 475 13.87 -11.81 15.65
C VAL A 475 15.15 -12.56 16.00
N ARG A 476 16.27 -12.23 15.37
CA ARG A 476 17.56 -12.80 15.75
C ARG A 476 18.37 -11.91 16.70
N GLU A 477 18.34 -10.59 16.52
CA GLU A 477 19.02 -9.73 17.51
C GLU A 477 18.40 -9.86 18.90
N GLU A 478 17.19 -10.41 19.01
CA GLU A 478 16.61 -10.70 20.32
C GLU A 478 17.54 -11.55 21.17
N VAL A 479 18.30 -12.44 20.55
CA VAL A 479 19.01 -13.50 21.27
C VAL A 479 20.51 -13.49 21.01
N ILE A 480 20.98 -12.78 19.98
CA ILE A 480 22.40 -12.68 19.66
C ILE A 480 22.69 -11.25 19.25
N ASP A 481 23.97 -10.87 19.32
CA ASP A 481 24.42 -9.52 18.98
C ASP A 481 25.10 -9.54 17.63
N PHE A 482 24.55 -8.80 16.67
CA PHE A 482 25.15 -8.67 15.36
C PHE A 482 26.07 -7.46 15.31
N SER A 483 27.24 -7.65 14.69
CA SER A 483 28.11 -6.54 14.35
C SER A 483 27.45 -5.67 13.29
N LYS A 484 28.11 -4.57 12.95
CA LYS A 484 27.72 -3.80 11.78
C LYS A 484 27.88 -4.69 10.54
N PRO A 485 26.96 -4.60 9.58
CA PRO A 485 27.01 -5.51 8.42
C PRO A 485 28.31 -5.37 7.65
N PHE A 486 28.80 -6.50 7.13
CA PHE A 486 29.98 -6.50 6.29
C PHE A 486 29.68 -6.58 4.80
N MET A 487 28.46 -6.96 4.42
CA MET A 487 28.13 -7.10 3.01
C MET A 487 26.64 -6.87 2.82
N SER A 488 26.30 -5.97 1.91
CA SER A 488 24.90 -5.67 1.62
C SER A 488 24.32 -6.74 0.70
N LEU A 489 22.99 -6.84 0.72
CA LEU A 489 22.30 -7.75 -0.19
C LEU A 489 20.85 -7.32 -0.30
N GLY A 490 20.08 -8.12 -1.03
CA GLY A 490 18.63 -8.02 -1.01
C GLY A 490 18.03 -9.29 -1.55
N ILE A 491 16.74 -9.47 -1.26
CA ILE A 491 16.02 -10.60 -1.81
C ILE A 491 15.74 -10.35 -3.29
N SER A 492 15.76 -11.43 -4.07
CA SER A 492 15.64 -11.30 -5.52
C SER A 492 15.17 -12.63 -6.09
N ILE A 493 14.71 -12.58 -7.34
CA ILE A 493 14.08 -13.71 -8.01
C ILE A 493 15.10 -14.34 -8.95
N MET A 494 15.10 -15.67 -9.00
CA MET A 494 15.93 -16.40 -9.95
C MET A 494 15.09 -17.32 -10.81
N ILE A 495 15.40 -17.34 -12.10
CA ILE A 495 14.69 -18.16 -13.08
C ILE A 495 15.72 -18.71 -14.07
N LYS A 496 15.27 -19.65 -14.89
CA LYS A 496 16.10 -20.09 -16.02
C LYS A 496 16.30 -18.94 -17.01
N LYS A 497 17.52 -18.84 -17.53
CA LYS A 497 17.89 -17.77 -18.45
C LYS A 497 17.05 -17.88 -19.72
N PRO A 498 16.24 -16.88 -20.04
CA PRO A 498 15.19 -17.05 -21.08
C PRO A 498 15.71 -16.87 -22.50
N GLN A 499 16.60 -17.77 -22.91
CA GLN A 499 17.05 -17.91 -24.30
C GLN A 499 17.61 -16.60 -24.87
N LYS A 500 18.74 -16.18 -24.30
CA LYS A 500 19.53 -15.15 -24.96
C LYS A 500 20.01 -15.66 -26.31
N SER A 501 19.41 -15.18 -27.39
CA SER A 501 19.40 -15.90 -28.65
C SER A 501 20.60 -15.51 -29.52
N LYS A 502 20.73 -16.21 -30.65
CA LYS A 502 21.80 -15.96 -31.62
C LYS A 502 21.19 -15.96 -33.02
N PRO A 503 21.44 -14.93 -33.82
CA PRO A 503 21.04 -14.98 -35.22
C PRO A 503 21.87 -15.98 -36.01
N GLY A 504 21.28 -16.44 -37.12
CA GLY A 504 22.00 -17.24 -38.08
C GLY A 504 22.80 -16.41 -39.06
N VAL A 505 23.71 -17.09 -39.76
CA VAL A 505 24.52 -16.41 -40.77
C VAL A 505 23.67 -15.96 -41.93
N PHE A 506 22.54 -16.64 -42.19
CA PHE A 506 21.61 -16.24 -43.23
C PHE A 506 20.34 -15.61 -42.65
N SER A 507 20.50 -14.86 -41.56
CA SER A 507 19.35 -14.21 -40.91
C SER A 507 18.66 -13.20 -41.80
N PHE A 508 19.31 -12.72 -42.85
CA PHE A 508 18.65 -11.83 -43.80
C PHE A 508 17.52 -12.50 -44.58
N LEU A 509 17.35 -13.81 -44.47
CA LEU A 509 16.18 -14.50 -45.00
C LEU A 509 15.05 -14.66 -43.97
N ASP A 510 15.31 -14.35 -42.71
CA ASP A 510 14.31 -14.57 -41.67
C ASP A 510 12.96 -13.88 -41.90
N PRO A 511 12.87 -12.65 -42.42
CA PRO A 511 11.54 -12.02 -42.52
C PRO A 511 10.63 -12.62 -43.59
N LEU A 512 11.06 -13.61 -44.35
CA LEU A 512 10.20 -14.32 -45.29
C LEU A 512 10.41 -15.82 -45.12
N ALA A 513 9.30 -16.57 -45.14
CA ALA A 513 9.33 -18.00 -44.86
C ALA A 513 9.81 -18.79 -46.08
N TYR A 514 10.18 -20.05 -45.80
CA TYR A 514 10.77 -20.92 -46.82
C TYR A 514 9.81 -21.14 -47.98
N GLU A 515 8.51 -21.30 -47.70
CA GLU A 515 7.57 -21.50 -48.80
C GLU A 515 7.35 -20.23 -49.60
N ILE A 516 7.58 -19.05 -49.00
CA ILE A 516 7.54 -17.81 -49.77
C ILE A 516 8.74 -17.73 -50.71
N TRP A 517 9.93 -18.06 -50.23
CA TRP A 517 11.08 -18.09 -51.14
C TRP A 517 10.91 -19.13 -52.24
N MET A 518 10.38 -20.30 -51.90
CA MET A 518 10.08 -21.32 -52.91
C MET A 518 9.11 -20.80 -53.96
N CYS A 519 7.99 -20.23 -53.53
CA CYS A 519 7.00 -19.77 -54.49
C CYS A 519 7.50 -18.55 -55.27
N ILE A 520 8.37 -17.73 -54.68
CA ILE A 520 9.01 -16.67 -55.45
C ILE A 520 9.87 -17.24 -56.57
N VAL A 521 10.62 -18.31 -56.30
CA VAL A 521 11.42 -18.91 -57.36
C VAL A 521 10.56 -19.58 -58.42
N PHE A 522 9.44 -20.17 -58.02
CA PHE A 522 8.48 -20.67 -59.00
C PHE A 522 7.80 -19.55 -59.79
N ALA A 523 7.58 -18.40 -59.16
CA ALA A 523 7.02 -17.25 -59.88
C ALA A 523 8.02 -16.70 -60.90
N TYR A 524 9.29 -16.63 -60.51
CA TYR A 524 10.32 -16.19 -61.45
C TYR A 524 10.44 -17.14 -62.65
N ILE A 525 10.40 -18.45 -62.40
CA ILE A 525 10.38 -19.42 -63.50
C ILE A 525 9.15 -19.24 -64.38
N GLY A 526 7.97 -19.21 -63.76
CA GLY A 526 6.74 -19.11 -64.53
C GLY A 526 6.64 -17.84 -65.36
N VAL A 527 6.96 -16.70 -64.76
CA VAL A 527 7.00 -15.45 -65.50
C VAL A 527 7.97 -15.52 -66.66
N SER A 528 9.18 -16.03 -66.41
CA SER A 528 10.16 -16.07 -67.50
C SER A 528 9.70 -16.96 -68.65
N VAL A 529 9.16 -18.13 -68.34
CA VAL A 529 8.73 -19.05 -69.40
C VAL A 529 7.52 -18.51 -70.15
N VAL A 530 6.58 -17.89 -69.44
CA VAL A 530 5.42 -17.33 -70.12
C VAL A 530 5.81 -16.15 -70.99
N LEU A 531 6.68 -15.27 -70.49
CA LEU A 531 7.14 -14.15 -71.29
C LEU A 531 7.87 -14.62 -72.55
N PHE A 532 8.65 -15.70 -72.43
CA PHE A 532 9.25 -16.29 -73.62
C PHE A 532 8.20 -16.80 -74.59
N LEU A 533 7.35 -17.71 -74.13
CA LEU A 533 6.37 -18.34 -75.02
C LEU A 533 5.53 -17.28 -75.73
N VAL A 534 5.00 -16.33 -74.97
CA VAL A 534 4.16 -15.25 -75.50
C VAL A 534 4.96 -14.17 -76.22
N SER A 535 6.29 -14.28 -76.28
CA SER A 535 7.05 -13.37 -77.13
C SER A 535 7.84 -14.10 -78.22
N ARG A 536 7.59 -15.38 -78.43
CA ARG A 536 8.28 -16.15 -79.47
C ARG A 536 7.28 -17.01 -80.25
N PHE A 537 6.20 -16.39 -80.70
CA PHE A 537 5.42 -16.91 -81.81
C PHE A 537 5.91 -16.41 -83.16
N SER A 538 7.11 -15.79 -83.20
CA SER A 538 7.60 -15.02 -84.34
C SER A 538 6.66 -13.88 -84.67
N PRO A 539 6.99 -13.01 -85.62
CA PRO A 539 5.97 -12.08 -86.13
C PRO A 539 4.74 -12.80 -86.68
N TYR A 540 4.91 -14.02 -87.18
CA TYR A 540 3.80 -14.93 -87.42
C TYR A 540 3.05 -15.23 -86.13
N SER A 556 13.62 -11.86 -89.69
CA SER A 556 13.13 -10.71 -88.94
C SER A 556 13.00 -11.03 -87.47
N GLU A 557 13.34 -12.27 -87.10
CA GLU A 557 13.17 -12.74 -85.73
C GLU A 557 14.02 -11.95 -84.74
N SER A 558 15.13 -11.35 -85.21
CA SER A 558 16.02 -10.57 -84.36
C SER A 558 15.39 -9.27 -83.86
N THR A 559 14.23 -8.88 -84.37
CA THR A 559 13.55 -7.66 -83.94
C THR A 559 12.81 -7.86 -82.60
N ASN A 560 13.17 -8.89 -81.85
CA ASN A 560 12.51 -9.21 -80.59
C ASN A 560 13.50 -9.99 -79.75
N GLU A 561 14.05 -9.35 -78.72
CA GLU A 561 15.20 -9.89 -78.01
C GLU A 561 14.83 -10.98 -77.00
N PHE A 562 13.56 -11.07 -76.61
CA PHE A 562 13.17 -11.87 -75.45
C PHE A 562 13.09 -13.36 -75.76
N GLY A 563 14.16 -13.92 -76.28
CA GLY A 563 14.41 -15.33 -76.15
C GLY A 563 14.65 -15.71 -74.69
N ILE A 564 14.67 -17.02 -74.43
CA ILE A 564 14.55 -17.51 -73.06
C ILE A 564 15.56 -16.83 -72.15
N PHE A 565 16.82 -16.84 -72.55
CA PHE A 565 17.90 -16.31 -71.71
C PHE A 565 17.91 -14.78 -71.62
N ASN A 566 17.07 -14.08 -72.39
CA ASN A 566 16.81 -12.67 -72.10
C ASN A 566 15.59 -12.46 -71.22
N SER A 567 14.54 -13.25 -71.43
CA SER A 567 13.38 -13.19 -70.54
C SER A 567 13.79 -13.47 -69.11
N LEU A 568 14.61 -14.51 -68.93
CA LEU A 568 15.06 -14.97 -67.63
C LEU A 568 15.99 -13.99 -66.95
N TRP A 569 16.50 -13.00 -67.68
CA TRP A 569 17.35 -11.94 -67.13
C TRP A 569 16.59 -10.66 -66.86
N PHE A 570 15.75 -10.23 -67.80
CA PHE A 570 14.80 -9.15 -67.53
C PHE A 570 13.98 -9.44 -66.27
N SER A 571 13.37 -10.63 -66.21
CA SER A 571 12.52 -11.00 -65.07
C SER A 571 13.29 -11.16 -63.76
N LEU A 572 14.62 -11.09 -63.78
CA LEU A 572 15.38 -10.98 -62.54
C LEU A 572 15.81 -9.55 -62.23
N GLY A 573 16.29 -8.81 -63.23
CA GLY A 573 16.65 -7.43 -63.03
C GLY A 573 15.47 -6.54 -62.70
N ALA A 574 14.26 -7.00 -63.01
CA ALA A 574 13.05 -6.33 -62.55
C ALA A 574 12.72 -6.67 -61.10
N PHE A 575 12.95 -7.92 -60.70
CA PHE A 575 12.78 -8.29 -59.30
C PHE A 575 13.74 -7.51 -58.40
N MET A 576 15.02 -7.46 -58.76
CA MET A 576 15.99 -6.77 -57.93
C MET A 576 15.94 -5.25 -58.05
N GLN A 577 14.94 -4.70 -58.69
CA GLN A 577 14.78 -3.23 -58.73
C GLN A 577 16.12 -2.61 -59.12
N GLN A 578 16.69 -3.05 -60.25
CA GLN A 578 17.91 -2.45 -60.77
C GLN A 578 17.80 -2.13 -62.25
N GLY A 579 16.60 -1.85 -62.73
CA GLY A 579 16.41 -1.58 -64.13
C GLY A 579 16.60 -2.85 -64.96
N CYS A 580 16.52 -2.67 -66.28
CA CYS A 580 16.57 -3.80 -67.19
C CYS A 580 17.11 -3.31 -68.52
N ASP A 581 17.65 -4.24 -69.30
CA ASP A 581 18.29 -3.86 -70.56
C ASP A 581 17.29 -3.19 -71.49
N ILE A 582 16.08 -3.75 -71.59
CA ILE A 582 15.06 -3.25 -72.49
C ILE A 582 13.69 -3.65 -71.95
N SER A 583 12.68 -2.84 -72.27
CA SER A 583 11.31 -3.21 -71.98
C SER A 583 10.83 -4.25 -72.98
N PRO A 584 9.88 -5.09 -72.60
CA PRO A 584 9.15 -5.88 -73.60
C PRO A 584 8.29 -4.96 -74.46
N ARG A 585 8.22 -5.26 -75.76
CA ARG A 585 7.42 -4.45 -76.65
C ARG A 585 6.12 -5.11 -77.07
N SER A 586 6.04 -6.44 -77.00
CA SER A 586 4.77 -7.11 -77.26
C SER A 586 3.70 -6.64 -76.30
N LEU A 587 2.47 -6.51 -76.80
CA LEU A 587 1.37 -6.08 -75.94
C LEU A 587 1.23 -6.99 -74.72
N SER A 588 1.19 -8.30 -74.96
CA SER A 588 1.12 -9.23 -73.84
C SER A 588 2.42 -9.25 -73.06
N GLY A 589 3.55 -9.08 -73.73
CA GLY A 589 4.79 -8.92 -73.01
C GLY A 589 4.74 -7.79 -72.00
N ARG A 590 3.94 -6.75 -72.28
CA ARG A 590 3.74 -5.69 -71.30
C ARG A 590 2.68 -6.04 -70.26
N ILE A 591 1.77 -6.95 -70.56
CA ILE A 591 0.94 -7.49 -69.48
C ILE A 591 1.80 -8.25 -68.48
N VAL A 592 2.61 -9.19 -68.96
CA VAL A 592 3.46 -9.94 -68.04
C VAL A 592 4.53 -9.07 -67.40
N GLY A 593 4.91 -7.96 -68.05
CA GLY A 593 5.81 -7.02 -67.41
C GLY A 593 5.17 -6.28 -66.25
N GLY A 594 3.96 -5.76 -66.45
CA GLY A 594 3.31 -5.07 -65.35
C GLY A 594 2.89 -5.98 -64.22
N VAL A 595 2.49 -7.22 -64.54
CA VAL A 595 2.22 -8.20 -63.50
C VAL A 595 3.45 -8.51 -62.67
N TRP A 596 4.61 -8.68 -63.31
CA TRP A 596 5.84 -8.93 -62.57
C TRP A 596 6.29 -7.72 -61.77
N TRP A 597 6.23 -6.52 -62.36
CA TRP A 597 6.59 -5.32 -61.60
C TRP A 597 5.70 -5.10 -60.40
N PHE A 598 4.43 -5.52 -60.46
CA PHE A 598 3.60 -5.38 -59.27
C PHE A 598 3.94 -6.44 -58.24
N PHE A 599 4.06 -7.70 -58.67
CA PHE A 599 4.42 -8.77 -57.75
C PHE A 599 5.71 -8.46 -57.01
N THR A 600 6.73 -8.00 -57.73
CA THR A 600 7.98 -7.62 -57.05
C THR A 600 7.78 -6.43 -56.11
N LEU A 601 7.05 -5.39 -56.54
CA LEU A 601 6.88 -4.26 -55.63
C LEU A 601 6.23 -4.68 -54.33
N ILE A 602 5.32 -5.64 -54.39
CA ILE A 602 4.75 -6.19 -53.15
C ILE A 602 5.79 -6.97 -52.37
N ILE A 603 6.45 -7.94 -53.01
CA ILE A 603 7.28 -8.87 -52.26
C ILE A 603 8.47 -8.15 -51.61
N ILE A 604 9.23 -7.41 -52.40
CA ILE A 604 10.37 -6.66 -51.85
C ILE A 604 9.99 -5.28 -51.33
N SER A 605 8.70 -5.02 -51.14
CA SER A 605 8.35 -4.04 -50.11
C SER A 605 8.04 -4.69 -48.78
N SER A 606 7.38 -5.84 -48.82
CA SER A 606 7.04 -6.55 -47.58
C SER A 606 8.29 -7.03 -46.86
N TYR A 607 9.24 -7.59 -47.62
CA TYR A 607 10.54 -7.97 -47.05
C TYR A 607 11.27 -6.77 -46.45
N THR A 608 11.38 -5.67 -47.18
CA THR A 608 12.17 -4.55 -46.69
C THR A 608 11.51 -3.81 -45.53
N ALA A 609 10.18 -3.83 -45.46
CA ALA A 609 9.50 -3.30 -44.28
C ALA A 609 9.63 -4.23 -43.08
N ASN A 610 9.45 -5.53 -43.28
CA ASN A 610 9.53 -6.46 -42.16
C ASN A 610 10.94 -6.57 -41.59
N LEU A 611 11.96 -6.62 -42.44
CA LEU A 611 13.35 -6.63 -41.98
C LEU A 611 13.67 -5.46 -41.05
N ALA A 612 13.02 -4.32 -41.27
CA ALA A 612 13.25 -3.16 -40.41
C ALA A 612 12.72 -3.36 -38.99
N ALA A 613 11.80 -4.32 -38.79
CA ALA A 613 11.46 -4.71 -37.44
C ALA A 613 12.56 -5.55 -36.80
N PHE A 614 13.11 -6.51 -37.54
CA PHE A 614 14.14 -7.39 -36.97
C PHE A 614 15.40 -6.62 -36.63
N LEU A 615 15.84 -5.73 -37.52
CA LEU A 615 17.14 -5.08 -37.38
C LEU A 615 17.09 -3.87 -36.44
N THR A 616 16.63 -4.10 -35.20
CA THR A 616 16.72 -3.06 -34.18
C THR A 616 17.60 -3.51 -33.01
N VAL A 617 17.18 -4.52 -32.24
CA VAL A 617 18.00 -5.09 -31.17
C VAL A 617 17.29 -6.34 -30.67
N GLU A 618 18.04 -7.25 -30.08
CA GLU A 618 17.45 -8.41 -29.41
C GLU A 618 17.63 -8.25 -27.92
N ARG A 619 16.51 -8.22 -27.19
CA ARG A 619 16.49 -8.40 -25.75
C ARG A 619 15.19 -9.13 -25.38
N MET A 620 15.23 -9.86 -24.28
CA MET A 620 14.18 -10.81 -23.95
C MET A 620 13.26 -10.20 -22.88
N VAL A 621 11.96 -10.22 -23.15
CA VAL A 621 11.00 -9.66 -22.20
C VAL A 621 11.02 -10.42 -20.89
N SER A 622 11.36 -11.71 -20.92
CA SER A 622 11.52 -12.58 -19.76
C SER A 622 10.20 -12.82 -19.05
N PRO A 623 10.12 -13.80 -18.16
CA PRO A 623 8.95 -13.92 -17.29
C PRO A 623 8.80 -12.70 -16.39
N ILE A 624 7.56 -12.41 -16.01
CA ILE A 624 7.24 -11.16 -15.32
C ILE A 624 8.04 -11.05 -14.04
N GLU A 625 8.73 -9.93 -13.88
CA GLU A 625 9.52 -9.64 -12.69
C GLU A 625 8.65 -8.94 -11.65
N SER A 626 9.31 -8.41 -10.60
CA SER A 626 8.67 -7.62 -9.54
C SER A 626 7.62 -8.41 -8.77
N ALA A 627 7.45 -9.69 -9.11
CA ALA A 627 6.41 -10.56 -8.56
C ALA A 627 5.01 -10.01 -8.79
N GLU A 628 4.87 -9.07 -9.72
CA GLU A 628 3.57 -8.50 -10.07
C GLU A 628 2.61 -9.62 -10.49
N ASP A 629 2.90 -10.28 -11.60
CA ASP A 629 2.07 -11.37 -12.09
C ASP A 629 2.27 -12.66 -11.30
N LEU A 630 3.44 -12.83 -10.67
CA LEU A 630 3.64 -14.01 -9.81
C LEU A 630 2.67 -14.02 -8.65
N SER A 631 2.38 -12.86 -8.07
CA SER A 631 1.38 -12.78 -7.01
C SER A 631 -0.05 -12.91 -7.52
N LYS A 632 -0.27 -13.19 -8.80
CA LYS A 632 -1.62 -13.10 -9.35
C LYS A 632 -2.02 -14.31 -10.18
N GLN A 633 -1.06 -15.04 -10.76
CA GLN A 633 -1.40 -16.22 -11.54
C GLN A 633 -0.64 -17.45 -11.06
N THR A 634 -1.29 -18.60 -11.17
CA THR A 634 -0.71 -19.90 -10.83
C THR A 634 0.23 -20.45 -11.89
N GLU A 635 0.40 -19.77 -13.02
CA GLU A 635 1.11 -20.37 -14.14
C GLU A 635 2.62 -20.29 -13.98
N ILE A 636 3.12 -19.45 -13.08
CA ILE A 636 4.51 -19.47 -12.66
C ILE A 636 4.54 -19.68 -11.17
N ALA A 637 5.05 -20.84 -10.74
CA ALA A 637 5.24 -21.12 -9.34
C ALA A 637 6.52 -20.45 -8.83
N TYR A 638 6.56 -20.24 -7.51
CA TYR A 638 7.75 -19.68 -6.88
C TYR A 638 7.72 -20.05 -5.41
N GLY A 639 8.86 -19.88 -4.76
CA GLY A 639 8.97 -20.17 -3.34
C GLY A 639 10.28 -19.68 -2.78
N THR A 640 10.58 -20.12 -1.56
CA THR A 640 11.60 -19.49 -0.74
C THR A 640 12.30 -20.56 0.09
N LEU A 641 13.44 -20.19 0.65
CA LEU A 641 14.19 -21.11 1.48
C LEU A 641 13.48 -21.35 2.81
N ASP A 642 13.31 -22.62 3.17
CA ASP A 642 12.73 -22.96 4.45
C ASP A 642 13.74 -22.71 5.57
N SER A 643 13.23 -22.34 6.74
CA SER A 643 14.02 -21.93 7.89
C SER A 643 14.90 -20.71 7.60
N GLY A 644 14.55 -19.94 6.56
CA GLY A 644 15.39 -18.82 6.17
C GLY A 644 14.85 -17.46 6.52
N SER A 645 15.74 -16.47 6.54
CA SER A 645 15.33 -15.09 6.79
C SER A 645 14.34 -14.59 5.74
N THR A 646 14.48 -15.03 4.50
CA THR A 646 13.55 -14.63 3.45
C THR A 646 12.13 -15.13 3.73
N LYS A 647 12.01 -16.42 4.07
CA LYS A 647 10.72 -16.95 4.49
C LYS A 647 10.17 -16.25 5.71
N GLU A 648 11.03 -15.95 6.69
CA GLU A 648 10.57 -15.18 7.86
C GLU A 648 10.13 -13.77 7.48
N PHE A 649 10.78 -13.18 6.48
CA PHE A 649 10.38 -11.86 6.01
C PHE A 649 9.00 -11.90 5.38
N PHE A 650 8.72 -12.91 4.56
CA PHE A 650 7.34 -13.07 4.08
C PHE A 650 6.38 -13.36 5.22
N ARG A 651 6.79 -14.22 6.16
CA ARG A 651 6.05 -14.50 7.40
C ARG A 651 5.68 -13.25 8.20
N ARG A 652 6.38 -12.14 8.02
CA ARG A 652 6.12 -10.97 8.87
C ARG A 652 5.74 -9.70 8.12
N SER A 653 6.14 -9.56 6.86
CA SER A 653 5.95 -8.29 6.15
C SER A 653 4.48 -7.98 5.97
N LYS A 654 4.14 -6.69 6.09
CA LYS A 654 2.79 -6.22 5.81
C LYS A 654 2.67 -5.53 4.45
N ILE A 655 3.73 -5.52 3.65
CA ILE A 655 3.63 -5.06 2.28
C ILE A 655 2.67 -5.98 1.53
N ALA A 656 1.62 -5.41 0.95
CA ALA A 656 0.47 -6.20 0.52
C ALA A 656 0.83 -7.26 -0.51
N VAL A 657 1.66 -6.90 -1.49
CA VAL A 657 2.14 -7.87 -2.48
C VAL A 657 2.94 -8.98 -1.80
N PHE A 658 3.76 -8.64 -0.80
CA PHE A 658 4.55 -9.65 -0.12
C PHE A 658 3.68 -10.58 0.74
N ASP A 659 2.68 -10.03 1.42
CA ASP A 659 1.75 -10.87 2.16
C ASP A 659 0.89 -11.73 1.25
N LYS A 660 0.55 -11.26 0.05
CA LYS A 660 -0.15 -12.10 -0.91
C LYS A 660 0.73 -13.24 -1.41
N MET A 661 2.00 -12.94 -1.71
CA MET A 661 2.96 -13.99 -2.04
C MET A 661 3.12 -14.99 -0.91
N TRP A 662 3.22 -14.50 0.33
CA TRP A 662 3.31 -15.40 1.48
C TRP A 662 2.06 -16.27 1.61
N THR A 663 0.89 -15.70 1.38
CA THR A 663 -0.37 -16.44 1.44
C THR A 663 -0.40 -17.56 0.42
N TYR A 664 0.00 -17.26 -0.81
CA TYR A 664 0.20 -18.30 -1.82
C TYR A 664 1.20 -19.35 -1.35
N MET A 665 2.37 -18.92 -0.87
CA MET A 665 3.41 -19.89 -0.52
C MET A 665 2.98 -20.82 0.61
N ARG A 666 2.14 -20.34 1.53
CA ARG A 666 1.69 -21.18 2.64
C ARG A 666 0.34 -21.86 2.37
N SER A 667 -0.32 -21.55 1.26
CA SER A 667 -1.54 -22.27 0.91
C SER A 667 -1.39 -23.18 -0.31
N ALA A 668 -0.30 -23.08 -1.04
CA ALA A 668 -0.10 -23.90 -2.23
C ALA A 668 0.35 -25.31 -1.83
N GLU A 669 0.01 -26.28 -2.69
CA GLU A 669 0.43 -27.65 -2.53
C GLU A 669 0.98 -28.18 -3.84
N PRO A 670 2.07 -28.95 -3.82
CA PRO A 670 2.92 -29.28 -2.67
C PRO A 670 3.76 -28.09 -2.20
N SER A 671 4.58 -28.30 -1.17
CA SER A 671 5.36 -27.22 -0.57
C SER A 671 6.19 -26.50 -1.61
N VAL A 672 6.08 -25.17 -1.64
CA VAL A 672 6.93 -24.36 -2.51
C VAL A 672 8.35 -24.22 -1.97
N PHE A 673 8.57 -24.52 -0.69
CA PHE A 673 9.81 -24.15 -0.03
C PHE A 673 10.93 -25.11 -0.39
N VAL A 674 12.16 -24.66 -0.16
CA VAL A 674 13.37 -25.41 -0.47
C VAL A 674 14.26 -25.44 0.75
N ARG A 675 15.13 -26.45 0.80
CA ARG A 675 15.89 -26.77 2.01
C ARG A 675 17.30 -26.18 2.00
N THR A 676 17.94 -26.10 0.84
CA THR A 676 19.21 -25.39 0.72
C THR A 676 19.18 -24.55 -0.55
N THR A 677 20.04 -23.54 -0.59
CA THR A 677 20.13 -22.68 -1.76
C THR A 677 20.58 -23.46 -2.99
N ALA A 678 21.52 -24.39 -2.81
CA ALA A 678 21.91 -25.28 -3.89
C ALA A 678 20.73 -26.10 -4.41
N GLU A 679 19.90 -26.60 -3.50
CA GLU A 679 18.73 -27.38 -3.94
C GLU A 679 17.69 -26.51 -4.62
N GLY A 680 17.53 -25.24 -4.21
CA GLY A 680 16.61 -24.37 -4.93
C GLY A 680 17.12 -23.96 -6.31
N VAL A 681 18.42 -23.67 -6.41
CA VAL A 681 19.07 -23.45 -7.69
C VAL A 681 18.95 -24.67 -8.60
N ALA A 682 18.94 -25.88 -8.04
CA ALA A 682 18.61 -27.05 -8.85
C ALA A 682 17.11 -27.20 -9.12
N ARG A 683 16.25 -26.69 -8.23
CA ARG A 683 14.82 -26.75 -8.47
C ARG A 683 14.41 -25.86 -9.64
N VAL A 684 15.12 -24.74 -9.82
CA VAL A 684 14.90 -23.92 -11.01
C VAL A 684 15.13 -24.73 -12.28
N ARG A 685 16.17 -25.57 -12.30
CA ARG A 685 16.44 -26.39 -13.47
C ARG A 685 15.44 -27.55 -13.59
N LYS A 686 15.15 -28.23 -12.48
CA LYS A 686 14.12 -29.26 -12.46
C LYS A 686 12.81 -28.77 -13.07
N SER A 687 12.33 -27.60 -12.64
CA SER A 687 11.09 -27.07 -13.15
C SER A 687 11.26 -26.28 -14.44
N LYS A 688 12.49 -26.14 -14.94
CA LYS A 688 12.75 -25.57 -16.26
C LYS A 688 12.22 -24.14 -16.37
N GLY A 689 12.21 -23.40 -15.26
CA GLY A 689 11.71 -22.05 -15.25
C GLY A 689 10.27 -21.90 -14.84
N LYS A 690 9.53 -23.00 -14.67
CA LYS A 690 8.19 -22.90 -14.11
C LYS A 690 8.21 -22.65 -12.61
N TYR A 691 9.34 -22.85 -11.94
CA TYR A 691 9.51 -22.50 -10.54
C TYR A 691 10.60 -21.44 -10.45
N ALA A 692 10.28 -20.29 -9.86
CA ALA A 692 11.28 -19.32 -9.48
C ALA A 692 11.67 -19.49 -8.01
N TYR A 693 12.94 -19.20 -7.71
CA TYR A 693 13.46 -19.23 -6.36
C TYR A 693 13.73 -17.79 -5.93
N LEU A 694 13.18 -17.40 -4.78
CA LEU A 694 13.51 -16.14 -4.12
C LEU A 694 14.69 -16.34 -3.19
N LEU A 695 15.79 -15.64 -3.46
CA LEU A 695 17.02 -15.85 -2.71
C LEU A 695 17.81 -14.54 -2.66
N GLU A 696 18.78 -14.52 -1.76
CA GLU A 696 19.59 -13.32 -1.53
C GLU A 696 20.46 -13.00 -2.74
N SER A 697 20.49 -11.72 -3.11
CA SER A 697 21.00 -11.29 -4.41
C SER A 697 22.46 -11.64 -4.62
N THR A 698 23.28 -11.63 -3.56
CA THR A 698 24.67 -12.05 -3.73
C THR A 698 24.79 -13.51 -4.17
N MET A 699 23.86 -14.35 -3.76
CA MET A 699 23.82 -15.74 -4.18
C MET A 699 22.89 -15.94 -5.37
N ASN A 700 22.41 -14.86 -5.97
CA ASN A 700 21.89 -14.86 -7.33
C ASN A 700 23.02 -14.52 -8.30
N GLU A 701 23.72 -13.42 -8.04
CA GLU A 701 24.78 -13.02 -8.94
C GLU A 701 25.93 -14.02 -8.94
N TYR A 702 26.20 -14.69 -7.80
CA TYR A 702 27.19 -15.76 -7.88
C TYR A 702 26.71 -16.97 -8.67
N ILE A 703 25.42 -17.06 -8.99
CA ILE A 703 24.88 -18.24 -9.65
C ILE A 703 24.53 -17.96 -11.11
N GLU A 704 24.53 -16.70 -11.51
CA GLU A 704 24.76 -16.38 -12.92
C GLU A 704 26.24 -16.19 -13.27
N GLN A 705 27.07 -15.78 -12.32
CA GLN A 705 28.51 -15.59 -12.58
C GLN A 705 29.31 -16.90 -12.56
N ARG A 706 28.65 -18.05 -12.55
CA ARG A 706 29.36 -19.34 -12.53
C ARG A 706 28.70 -20.33 -13.48
N LYS A 707 29.52 -20.93 -14.33
CA LYS A 707 29.04 -21.96 -15.25
C LYS A 707 28.45 -23.11 -14.43
N PRO A 708 27.33 -23.72 -14.89
CA PRO A 708 26.69 -23.61 -16.21
C PRO A 708 26.01 -22.28 -16.47
N CYS A 709 25.75 -21.48 -15.43
CA CYS A 709 25.21 -20.12 -15.57
C CYS A 709 24.04 -20.01 -16.55
N ASP A 710 23.24 -21.08 -16.64
CA ASP A 710 22.03 -21.09 -17.45
C ASP A 710 20.81 -20.47 -16.74
N THR A 711 21.03 -19.65 -15.72
CA THR A 711 19.98 -19.02 -14.94
C THR A 711 20.28 -17.54 -14.78
N MET A 712 19.24 -16.74 -14.60
CA MET A 712 19.39 -15.29 -14.68
C MET A 712 18.50 -14.60 -13.65
N LYS A 713 18.98 -13.45 -13.19
CA LYS A 713 18.22 -12.55 -12.33
C LYS A 713 17.16 -11.80 -13.13
N VAL A 714 16.07 -11.46 -12.43
CA VAL A 714 15.16 -10.41 -12.88
C VAL A 714 14.92 -9.44 -11.74
N GLY A 715 14.45 -8.25 -12.09
CA GLY A 715 14.17 -7.21 -11.13
C GLY A 715 15.43 -6.77 -10.38
N GLY A 716 15.21 -5.92 -9.38
CA GLY A 716 16.23 -5.50 -8.46
C GLY A 716 16.16 -6.24 -7.15
N ASN A 717 16.53 -5.54 -6.08
CA ASN A 717 16.28 -6.05 -4.74
C ASN A 717 14.82 -5.86 -4.36
N LEU A 718 14.30 -6.77 -3.56
CA LEU A 718 12.97 -6.59 -2.98
C LEU A 718 13.01 -5.67 -1.75
N ASP A 719 14.12 -5.68 -1.02
CA ASP A 719 14.19 -5.06 0.30
C ASP A 719 15.66 -4.93 0.69
N SER A 720 15.88 -4.44 1.90
CA SER A 720 17.21 -4.40 2.50
C SER A 720 17.38 -5.54 3.50
N LYS A 721 18.47 -6.28 3.37
CA LYS A 721 18.93 -7.18 4.43
C LYS A 721 20.45 -7.05 4.53
N GLY A 722 21.03 -7.72 5.52
CA GLY A 722 22.47 -7.67 5.69
C GLY A 722 23.02 -8.87 6.41
N TYR A 723 24.30 -9.13 6.17
CA TYR A 723 25.07 -10.08 6.96
C TYR A 723 25.92 -9.34 8.00
N GLY A 724 25.77 -9.73 9.26
CA GLY A 724 26.63 -9.22 10.30
C GLY A 724 27.32 -10.35 11.03
N ILE A 725 28.48 -10.07 11.63
CA ILE A 725 29.08 -11.04 12.53
C ILE A 725 28.27 -11.10 13.81
N ALA A 726 27.90 -12.29 14.24
CA ALA A 726 27.00 -12.47 15.36
C ALA A 726 27.69 -13.24 16.49
N THR A 727 27.70 -12.64 17.68
CA THR A 727 28.18 -13.22 18.91
C THR A 727 27.02 -13.51 19.84
N PRO A 728 27.10 -14.57 20.65
CA PRO A 728 26.12 -14.74 21.73
C PRO A 728 26.06 -13.51 22.62
N LYS A 729 24.85 -13.21 23.10
CA LYS A 729 24.56 -11.93 23.73
C LYS A 729 25.46 -11.71 24.95
N GLY A 730 26.10 -10.54 24.99
CA GLY A 730 26.99 -10.17 26.07
C GLY A 730 28.38 -10.73 26.01
N SER A 731 28.74 -11.42 24.94
CA SER A 731 30.10 -11.96 24.82
C SER A 731 31.13 -10.83 24.80
N SER A 732 32.31 -11.12 25.35
CA SER A 732 33.43 -10.20 25.25
C SER A 732 34.00 -10.12 23.84
N LEU A 733 33.54 -10.98 22.93
CA LEU A 733 33.89 -10.85 21.51
C LEU A 733 33.21 -9.66 20.86
N GLY A 734 32.09 -9.21 21.40
CA GLY A 734 31.21 -8.31 20.66
C GLY A 734 31.84 -6.96 20.34
N THR A 735 32.75 -6.48 21.17
CA THR A 735 33.39 -5.21 20.83
C THR A 735 34.64 -5.37 19.96
N PRO A 736 35.55 -6.31 20.22
CA PRO A 736 36.69 -6.49 19.30
C PRO A 736 36.27 -6.93 17.91
N VAL A 737 35.22 -7.75 17.78
CA VAL A 737 34.70 -8.08 16.47
C VAL A 737 34.29 -6.83 15.69
N ASN A 738 33.60 -5.90 16.33
CA ASN A 738 33.20 -4.67 15.65
C ASN A 738 34.39 -3.76 15.36
N LEU A 739 35.32 -3.62 16.30
CA LEU A 739 36.55 -2.88 16.02
C LEU A 739 37.47 -3.56 15.02
N ALA A 740 37.18 -4.81 14.67
CA ALA A 740 37.85 -5.48 13.56
C ALA A 740 37.13 -5.21 12.24
N VAL A 741 35.83 -5.52 12.19
CA VAL A 741 35.05 -5.35 10.97
C VAL A 741 35.11 -3.92 10.47
N LEU A 742 34.95 -2.94 11.37
CA LEU A 742 35.00 -1.56 10.92
C LEU A 742 36.40 -1.14 10.46
N LYS A 743 37.45 -1.78 10.98
CA LYS A 743 38.80 -1.54 10.45
C LYS A 743 39.01 -2.22 9.09
N LEU A 744 38.34 -3.34 8.85
CA LEU A 744 38.37 -3.95 7.52
C LEU A 744 37.62 -3.10 6.51
N SER A 745 36.51 -2.51 6.90
CA SER A 745 35.78 -1.63 5.99
C SER A 745 36.59 -0.36 5.72
N GLU A 746 37.11 0.27 6.77
CA GLU A 746 37.88 1.49 6.59
C GLU A 746 39.26 1.25 5.98
N GLN A 747 39.68 -0.02 5.82
CA GLN A 747 40.91 -0.30 5.11
C GLN A 747 40.69 -1.07 3.81
N GLY A 748 39.44 -1.25 3.39
CA GLY A 748 39.16 -1.84 2.09
C GLY A 748 39.43 -3.32 1.94
N VAL A 749 39.48 -4.07 3.03
CA VAL A 749 39.82 -5.49 2.93
C VAL A 749 38.59 -6.32 2.55
N LEU A 750 37.41 -5.92 3.05
CA LEU A 750 36.19 -6.64 2.71
C LEU A 750 35.93 -6.61 1.21
N ASP A 751 36.38 -5.56 0.52
CA ASP A 751 35.94 -5.39 -0.85
C ASP A 751 36.70 -6.32 -1.77
N LYS A 752 38.02 -6.46 -1.54
CA LYS A 752 38.77 -7.50 -2.23
C LYS A 752 38.45 -8.91 -1.76
N LEU A 753 37.97 -9.11 -0.53
CA LEU A 753 37.38 -10.40 -0.20
C LEU A 753 36.13 -10.71 -1.01
N LYS A 754 35.33 -9.69 -1.35
CA LYS A 754 34.20 -9.91 -2.25
C LYS A 754 34.66 -10.16 -3.68
N ASN A 755 35.54 -9.31 -4.18
CA ASN A 755 36.04 -9.40 -5.55
C ASN A 755 36.66 -10.78 -5.82
N LYS A 756 37.56 -11.22 -4.92
CA LYS A 756 38.28 -12.47 -5.07
C LYS A 756 37.36 -13.68 -5.22
N TRP A 757 36.08 -13.54 -4.88
CA TRP A 757 35.17 -14.67 -4.96
C TRP A 757 34.04 -14.50 -5.96
N TRP A 758 33.54 -13.28 -6.13
CA TRP A 758 32.48 -13.04 -7.12
C TRP A 758 33.00 -12.74 -8.52
N TYR A 759 34.13 -12.06 -8.67
CA TYR A 759 34.49 -11.53 -9.97
C TYR A 759 35.76 -12.12 -10.55
N ASP A 760 36.81 -12.32 -9.74
CA ASP A 760 37.96 -13.07 -10.20
C ASP A 760 37.57 -14.50 -10.55
N LYS A 761 36.90 -15.20 -9.64
CA LYS A 761 36.38 -16.54 -9.89
C LYS A 761 35.05 -16.54 -10.64
N GLY A 762 34.70 -15.46 -11.32
CA GLY A 762 33.49 -15.38 -12.12
C GLY A 762 33.61 -16.10 -13.45
N GLU A 763 33.66 -17.44 -13.41
CA GLU A 763 34.00 -18.25 -14.58
C GLU A 763 32.72 -18.66 -15.33
N CYS A 764 32.20 -17.70 -16.10
CA CYS A 764 31.15 -17.91 -17.08
C CYS A 764 31.33 -16.96 -18.26
N GLY A 765 30.67 -17.31 -19.36
CA GLY A 765 30.45 -16.41 -20.46
C GLY A 765 29.44 -15.38 -20.02
N ALA A 766 29.83 -14.51 -19.10
CA ALA A 766 28.89 -13.62 -18.43
C ALA A 766 29.59 -12.30 -18.15
N LYS A 767 29.06 -11.56 -17.17
CA LYS A 767 29.42 -10.16 -16.92
C LYS A 767 28.85 -9.27 -18.04
N ASP A 768 27.66 -9.60 -18.49
CA ASP A 768 26.96 -8.81 -19.48
C ASP A 768 26.66 -7.43 -18.92
N SER A 769 26.94 -6.40 -19.73
CA SER A 769 26.75 -5.03 -19.29
C SER A 769 25.28 -4.64 -19.21
N GLY A 770 24.36 -5.48 -19.69
CA GLY A 770 22.95 -5.15 -19.66
C GLY A 770 22.56 -4.03 -20.59
N SER A 771 23.36 -3.77 -21.62
CA SER A 771 23.12 -2.66 -22.53
C SER A 771 21.70 -2.69 -23.09
N LYS A 772 21.13 -1.50 -23.28
CA LYS A 772 19.80 -1.33 -23.83
C LYS A 772 19.81 -0.48 -25.09
N GLU A 773 20.99 -0.19 -25.64
CA GLU A 773 21.17 0.73 -26.75
C GLU A 773 20.57 0.12 -28.02
N LYS A 774 19.33 0.51 -28.32
CA LYS A 774 18.63 -0.02 -29.49
C LYS A 774 19.17 0.55 -30.80
N THR A 775 20.09 1.51 -30.73
CA THR A 775 20.81 2.00 -31.91
C THR A 775 22.22 1.42 -31.99
N SER A 776 22.37 0.15 -31.62
CA SER A 776 23.64 -0.53 -31.81
C SER A 776 23.91 -0.77 -33.29
N ALA A 777 25.16 -0.61 -33.69
CA ALA A 777 25.56 -0.78 -35.08
C ALA A 777 25.37 -2.23 -35.52
N LEU A 778 25.21 -2.40 -36.83
CA LEU A 778 25.04 -3.73 -37.40
C LEU A 778 26.34 -4.52 -37.36
N SER A 779 26.20 -5.84 -37.22
CA SER A 779 27.32 -6.73 -36.98
C SER A 779 27.69 -7.45 -38.27
N LEU A 780 28.97 -7.37 -38.64
CA LEU A 780 29.43 -8.00 -39.87
C LEU A 780 29.27 -9.51 -39.83
N SER A 781 29.30 -10.11 -38.64
CA SER A 781 29.07 -11.55 -38.52
C SER A 781 27.70 -11.95 -39.01
N ASN A 782 26.71 -11.08 -38.88
CA ASN A 782 25.36 -11.38 -39.37
C ASN A 782 25.25 -11.16 -40.88
N VAL A 783 25.80 -10.06 -41.38
CA VAL A 783 25.75 -9.73 -42.80
C VAL A 783 26.67 -10.61 -43.63
N ALA A 784 27.68 -11.23 -43.02
CA ALA A 784 28.71 -11.96 -43.76
C ALA A 784 28.14 -12.95 -44.78
N GLY A 785 27.02 -13.60 -44.46
CA GLY A 785 26.47 -14.59 -45.38
C GLY A 785 26.13 -14.02 -46.74
N VAL A 786 25.86 -12.71 -46.82
CA VAL A 786 25.71 -12.07 -48.11
C VAL A 786 27.02 -12.06 -48.88
N PHE A 787 28.12 -11.73 -48.20
CA PHE A 787 29.43 -11.79 -48.86
C PHE A 787 29.79 -13.23 -49.27
N TYR A 788 29.38 -14.20 -48.46
CA TYR A 788 29.60 -15.60 -48.85
C TYR A 788 28.85 -15.96 -50.12
N ILE A 789 27.61 -15.49 -50.25
CA ILE A 789 26.86 -15.72 -51.49
C ILE A 789 27.51 -14.97 -52.65
N LEU A 790 27.94 -13.74 -52.42
CA LEU A 790 28.60 -12.96 -53.47
C LEU A 790 29.84 -13.68 -53.99
N VAL A 791 30.70 -14.13 -53.09
CA VAL A 791 31.93 -14.80 -53.49
C VAL A 791 31.65 -16.12 -54.21
N GLY A 792 30.68 -16.90 -53.73
CA GLY A 792 30.25 -18.07 -54.49
C GLY A 792 29.71 -17.75 -55.86
N GLY A 793 29.01 -16.61 -55.98
CA GLY A 793 28.58 -16.15 -57.30
C GLY A 793 29.75 -15.84 -58.22
N LEU A 794 30.69 -15.03 -57.74
CA LEU A 794 31.83 -14.65 -58.59
C LEU A 794 32.63 -15.88 -59.00
N GLY A 795 32.85 -16.81 -58.08
CA GLY A 795 33.53 -18.05 -58.41
C GLY A 795 32.82 -18.86 -59.48
N LEU A 796 31.53 -19.13 -59.26
CA LEU A 796 30.76 -19.88 -60.25
C LEU A 796 30.73 -19.17 -61.60
N ALA A 797 30.64 -17.84 -61.60
CA ALA A 797 30.63 -17.10 -62.86
C ALA A 797 31.96 -17.18 -63.60
N MET A 798 33.09 -17.08 -62.88
CA MET A 798 34.38 -17.23 -63.53
C MET A 798 34.59 -18.65 -64.06
N LEU A 799 34.09 -19.65 -63.34
CA LEU A 799 34.05 -21.01 -63.87
C LEU A 799 33.25 -21.09 -65.16
N VAL A 800 32.03 -20.53 -65.17
CA VAL A 800 31.20 -20.57 -66.37
C VAL A 800 31.87 -19.85 -67.53
N ALA A 801 32.57 -18.75 -67.24
CA ALA A 801 33.32 -18.06 -68.29
C ALA A 801 34.41 -18.94 -68.88
N LEU A 802 35.11 -19.68 -68.04
CA LEU A 802 36.20 -20.52 -68.56
C LEU A 802 35.66 -21.71 -69.36
N ILE A 803 34.55 -22.30 -68.91
CA ILE A 803 33.98 -23.43 -69.64
C ILE A 803 33.37 -22.97 -70.96
N GLU A 804 32.74 -21.79 -70.99
CA GLU A 804 32.25 -21.27 -72.26
C GLU A 804 33.38 -20.89 -73.20
N PHE A 805 34.49 -20.36 -72.68
CA PHE A 805 35.64 -20.15 -73.55
C PHE A 805 36.25 -21.44 -74.07
N CYS A 806 36.22 -22.52 -73.29
CA CYS A 806 36.70 -23.79 -73.82
C CYS A 806 35.77 -24.33 -74.91
N TYR A 807 34.46 -24.19 -74.71
CA TYR A 807 33.53 -24.54 -75.79
C TYR A 807 33.76 -23.70 -77.04
N LYS A 808 33.93 -22.38 -76.87
CA LYS A 808 34.21 -21.51 -78.02
C LYS A 808 35.53 -21.86 -78.70
N SER A 809 36.57 -22.20 -77.94
CA SER A 809 37.83 -22.62 -78.53
C SER A 809 37.73 -23.97 -79.21
N ARG A 810 36.74 -24.78 -78.87
CA ARG A 810 36.44 -25.96 -79.67
C ARG A 810 35.70 -25.58 -80.95
N ALA A 811 34.70 -24.71 -80.84
CA ALA A 811 33.97 -24.23 -82.00
C ALA A 811 34.81 -23.23 -82.81
N ASN B 1 -19.79 -48.75 78.36
CA ASN B 1 -18.36 -48.49 78.26
C ASN B 1 -18.07 -47.01 78.14
N SER B 2 -16.89 -46.59 78.58
CA SER B 2 -16.41 -45.22 78.41
C SER B 2 -15.01 -45.26 77.83
N ILE B 3 -14.74 -44.36 76.89
CA ILE B 3 -13.51 -44.38 76.11
C ILE B 3 -12.81 -43.05 76.32
N GLN B 4 -11.59 -43.11 76.88
CA GLN B 4 -10.77 -41.92 77.08
C GLN B 4 -10.09 -41.56 75.77
N ILE B 5 -10.27 -40.31 75.32
CA ILE B 5 -9.68 -39.83 74.08
C ILE B 5 -8.92 -38.54 74.36
N GLY B 6 -7.82 -38.35 73.66
CA GLY B 6 -7.02 -37.16 73.82
C GLY B 6 -7.47 -36.00 72.94
N GLY B 7 -7.04 -34.80 73.32
CA GLY B 7 -7.39 -33.60 72.58
C GLY B 7 -6.39 -32.48 72.75
N LEU B 8 -5.70 -32.12 71.67
CA LEU B 8 -4.92 -30.89 71.60
C LEU B 8 -5.62 -29.91 70.67
N PHE B 9 -5.94 -28.73 71.17
CA PHE B 9 -6.61 -27.76 70.32
C PHE B 9 -5.83 -26.45 70.30
N PRO B 10 -5.66 -25.85 69.12
CA PRO B 10 -5.00 -24.55 69.03
C PRO B 10 -5.75 -23.49 69.82
N ARG B 11 -4.99 -22.54 70.36
CA ARG B 11 -5.59 -21.39 71.04
C ARG B 11 -6.36 -20.55 70.03
N GLY B 12 -7.67 -20.44 70.22
CA GLY B 12 -8.54 -19.75 69.29
C GLY B 12 -9.32 -20.65 68.36
N ALA B 13 -9.24 -21.97 68.53
CA ALA B 13 -10.02 -22.90 67.72
C ALA B 13 -11.45 -23.02 68.24
N ASP B 14 -12.11 -21.87 68.45
CA ASP B 14 -13.38 -21.85 69.16
C ASP B 14 -14.48 -22.58 68.38
N GLN B 15 -14.55 -22.36 67.07
CA GLN B 15 -15.56 -23.04 66.26
C GLN B 15 -15.24 -24.52 66.06
N GLU B 16 -13.96 -24.89 66.03
CA GLU B 16 -13.61 -26.31 65.95
C GLU B 16 -13.95 -27.03 67.25
N TYR B 17 -13.62 -26.42 68.39
CA TYR B 17 -13.97 -27.04 69.67
C TYR B 17 -15.48 -27.11 69.85
N SER B 18 -16.20 -26.06 69.44
CA SER B 18 -17.65 -26.12 69.43
C SER B 18 -18.16 -27.28 68.57
N ALA B 19 -17.60 -27.43 67.36
CA ALA B 19 -18.00 -28.52 66.48
C ALA B 19 -17.66 -29.89 67.07
N PHE B 20 -16.54 -29.97 67.78
CA PHE B 20 -16.19 -31.21 68.49
C PHE B 20 -17.23 -31.56 69.55
N ARG B 21 -17.63 -30.56 70.35
CA ARG B 21 -18.66 -30.79 71.35
C ARG B 21 -20.01 -31.13 70.73
N VAL B 22 -20.36 -30.47 69.64
CA VAL B 22 -21.58 -30.82 68.91
C VAL B 22 -21.52 -32.24 68.38
N GLY B 23 -20.37 -32.64 67.83
CA GLY B 23 -20.21 -34.02 67.40
C GLY B 23 -20.42 -35.01 68.54
N MET B 24 -19.86 -34.72 69.71
CA MET B 24 -20.10 -35.55 70.87
C MET B 24 -21.58 -35.61 71.24
N VAL B 25 -22.25 -34.46 71.23
CA VAL B 25 -23.69 -34.42 71.51
C VAL B 25 -24.47 -35.23 70.48
N GLN B 26 -24.06 -35.16 69.21
CA GLN B 26 -24.76 -35.89 68.16
C GLN B 26 -24.43 -37.38 68.16
N PHE B 27 -23.16 -37.74 68.24
CA PHE B 27 -22.72 -39.09 67.97
C PHE B 27 -22.42 -39.90 69.23
N SER B 28 -22.70 -39.37 70.41
CA SER B 28 -22.60 -40.19 71.61
C SER B 28 -23.65 -41.30 71.60
N THR B 29 -23.37 -42.35 72.38
CA THR B 29 -24.28 -43.46 72.53
C THR B 29 -24.09 -44.07 73.91
N SER B 30 -25.15 -44.74 74.38
CA SER B 30 -25.11 -45.33 75.73
C SER B 30 -24.12 -46.49 75.81
N GLU B 31 -23.86 -47.17 74.70
CA GLU B 31 -23.04 -48.38 74.75
C GLU B 31 -21.58 -48.06 75.05
N PHE B 32 -21.02 -47.08 74.32
CA PHE B 32 -19.65 -46.65 74.55
C PHE B 32 -19.61 -45.13 74.54
N ARG B 33 -18.91 -44.55 75.51
CA ARG B 33 -19.03 -43.14 75.86
C ARG B 33 -17.68 -42.46 75.69
N LEU B 34 -17.47 -41.83 74.54
CA LEU B 34 -16.25 -41.06 74.28
C LEU B 34 -16.12 -39.90 75.25
N THR B 35 -15.03 -39.87 75.99
CA THR B 35 -14.87 -38.96 77.13
C THR B 35 -13.64 -38.11 76.86
N PRO B 36 -13.80 -36.91 76.31
CA PRO B 36 -12.65 -36.07 75.97
C PRO B 36 -11.83 -35.67 77.19
N HIS B 37 -10.52 -35.54 76.96
CA HIS B 37 -9.66 -34.68 77.76
C HIS B 37 -9.04 -33.65 76.82
N ILE B 38 -9.14 -32.37 77.18
CA ILE B 38 -8.81 -31.28 76.28
C ILE B 38 -7.64 -30.48 76.86
N ASP B 39 -6.65 -30.21 76.03
CA ASP B 39 -5.56 -29.31 76.36
C ASP B 39 -5.47 -28.21 75.31
N ASN B 40 -5.23 -26.99 75.75
CA ASN B 40 -5.24 -25.80 74.89
C ASN B 40 -3.89 -25.09 75.00
N LEU B 41 -2.96 -25.47 74.13
CA LEU B 41 -1.65 -24.85 74.07
C LEU B 41 -1.30 -24.52 72.63
N GLU B 42 -0.34 -23.61 72.46
CA GLU B 42 0.12 -23.17 71.15
C GLU B 42 0.55 -24.35 70.30
N VAL B 43 -0.19 -24.62 69.21
CA VAL B 43 0.14 -25.73 68.32
C VAL B 43 1.44 -25.48 67.55
N ALA B 44 1.84 -24.21 67.37
CA ALA B 44 3.07 -23.90 66.67
C ALA B 44 4.32 -24.08 67.52
N ASN B 45 4.17 -24.33 68.83
CA ASN B 45 5.30 -24.50 69.73
C ASN B 45 5.46 -25.99 70.01
N SER B 46 6.45 -26.60 69.38
CA SER B 46 6.57 -28.06 69.39
C SER B 46 6.79 -28.61 70.79
N PHE B 47 7.47 -27.86 71.65
CA PHE B 47 7.58 -28.28 73.06
C PHE B 47 6.21 -28.42 73.69
N ALA B 48 5.36 -27.40 73.54
CA ALA B 48 4.03 -27.45 74.13
C ALA B 48 3.24 -28.62 73.54
N VAL B 49 3.32 -28.82 72.23
CA VAL B 49 2.67 -29.97 71.60
C VAL B 49 3.27 -31.27 72.14
N THR B 50 4.58 -31.30 72.34
CA THR B 50 5.22 -32.50 72.88
C THR B 50 4.77 -32.76 74.32
N ASN B 51 4.78 -31.72 75.15
CA ASN B 51 4.44 -31.89 76.56
C ASN B 51 2.98 -32.31 76.73
N ALA B 52 2.06 -31.61 76.04
CA ALA B 52 0.65 -31.97 76.10
C ALA B 52 0.41 -33.37 75.56
N PHE B 53 1.07 -33.74 74.47
CA PHE B 53 0.99 -35.12 73.97
C PHE B 53 1.39 -36.11 75.05
N CYS B 54 2.58 -35.94 75.63
CA CYS B 54 3.05 -36.87 76.65
C CYS B 54 2.19 -36.88 77.90
N SER B 55 1.58 -35.73 78.25
CA SER B 55 0.63 -35.72 79.35
C SER B 55 -0.58 -36.58 79.02
N GLN B 56 -1.19 -36.36 77.86
CA GLN B 56 -2.34 -37.16 77.45
C GLN B 56 -1.95 -38.59 77.14
N PHE B 57 -0.71 -38.82 76.70
CA PHE B 57 -0.20 -40.17 76.57
C PHE B 57 -0.07 -40.85 77.93
N SER B 58 0.39 -40.12 78.94
CA SER B 58 0.48 -40.68 80.28
C SER B 58 -0.91 -40.99 80.85
N ARG B 59 -1.93 -40.23 80.43
CA ARG B 59 -3.31 -40.55 80.78
C ARG B 59 -3.79 -41.85 80.15
N GLY B 60 -3.07 -42.38 79.17
CA GLY B 60 -3.45 -43.65 78.57
C GLY B 60 -4.61 -43.58 77.60
N VAL B 61 -4.79 -42.43 76.93
CA VAL B 61 -5.89 -42.30 75.98
C VAL B 61 -5.67 -43.23 74.80
N TYR B 62 -6.77 -43.84 74.33
CA TYR B 62 -6.67 -44.84 73.28
C TYR B 62 -6.47 -44.23 71.91
N ALA B 63 -6.86 -42.97 71.72
CA ALA B 63 -6.51 -42.20 70.54
C ALA B 63 -6.55 -40.73 70.89
N ILE B 64 -5.83 -39.93 70.11
CA ILE B 64 -5.77 -38.48 70.30
C ILE B 64 -6.43 -37.81 69.10
N PHE B 65 -7.35 -36.90 69.37
CA PHE B 65 -7.76 -35.92 68.39
C PHE B 65 -6.91 -34.66 68.54
N GLY B 66 -6.67 -33.98 67.43
CA GLY B 66 -6.15 -32.63 67.52
C GLY B 66 -5.73 -32.09 66.17
N PHE B 67 -4.85 -31.09 66.22
CA PHE B 67 -4.36 -30.39 65.05
C PHE B 67 -2.84 -30.30 65.14
N TYR B 68 -2.19 -30.13 63.99
CA TYR B 68 -0.76 -29.85 63.99
C TYR B 68 -0.43 -28.85 62.89
N ASP B 69 0.75 -28.27 63.00
CA ASP B 69 1.24 -27.22 62.12
C ASP B 69 2.63 -27.63 61.64
N LYS B 70 3.13 -26.91 60.62
CA LYS B 70 4.32 -27.34 59.92
C LYS B 70 5.51 -27.54 60.84
N LYS B 71 5.52 -26.89 62.00
CA LYS B 71 6.58 -27.14 62.97
C LYS B 71 6.32 -28.40 63.77
N SER B 72 5.20 -28.46 64.48
CA SER B 72 4.93 -29.59 65.37
C SER B 72 4.54 -30.86 64.64
N VAL B 73 4.20 -30.78 63.35
CA VAL B 73 3.76 -31.97 62.62
C VAL B 73 4.81 -33.07 62.68
N ASN B 74 6.09 -32.71 62.63
CA ASN B 74 7.15 -33.72 62.71
C ASN B 74 7.24 -34.37 64.08
N THR B 75 6.73 -33.73 65.13
CA THR B 75 6.59 -34.41 66.41
C THR B 75 5.42 -35.37 66.38
N ILE B 76 4.22 -34.87 66.06
CA ILE B 76 3.01 -35.70 66.12
C ILE B 76 3.12 -36.89 65.18
N THR B 77 3.57 -36.66 63.94
CA THR B 77 3.72 -37.76 63.00
C THR B 77 4.75 -38.79 63.49
N SER B 78 5.87 -38.33 64.04
CA SER B 78 6.92 -39.26 64.43
C SER B 78 6.62 -39.96 65.74
N PHE B 79 6.13 -39.23 66.74
CA PHE B 79 5.71 -39.87 67.99
C PHE B 79 4.64 -40.91 67.74
N CYS B 80 3.55 -40.52 67.06
CA CYS B 80 2.49 -41.47 66.79
C CYS B 80 2.96 -42.59 65.86
N GLY B 81 3.76 -42.24 64.86
CA GLY B 81 4.38 -43.26 64.04
C GLY B 81 5.18 -44.27 64.83
N THR B 82 5.70 -43.87 65.99
CA THR B 82 6.45 -44.78 66.85
C THR B 82 5.58 -45.42 67.92
N LEU B 83 4.74 -44.64 68.59
CA LEU B 83 4.00 -45.09 69.75
C LEU B 83 2.69 -45.78 69.39
N HIS B 84 2.35 -45.86 68.10
CA HIS B 84 1.18 -46.57 67.61
C HIS B 84 -0.13 -45.96 68.10
N VAL B 85 -0.05 -44.85 68.82
CA VAL B 85 -1.25 -44.11 69.20
C VAL B 85 -1.79 -43.38 67.96
N SER B 86 -2.98 -43.77 67.51
CA SER B 86 -3.57 -43.15 66.34
C SER B 86 -3.86 -41.67 66.61
N PHE B 87 -3.50 -40.82 65.66
CA PHE B 87 -3.79 -39.40 65.75
C PHE B 87 -4.74 -38.99 64.62
N ILE B 88 -5.86 -38.37 64.98
CA ILE B 88 -6.90 -37.99 64.04
C ILE B 88 -6.91 -36.47 63.95
N THR B 89 -6.95 -35.94 62.73
CA THR B 89 -6.79 -34.51 62.54
C THR B 89 -7.50 -34.05 61.28
N PRO B 90 -7.96 -32.79 61.24
CA PRO B 90 -8.35 -32.16 59.98
C PRO B 90 -7.24 -31.37 59.30
N SER B 91 -6.04 -31.34 59.87
CA SER B 91 -4.94 -30.57 59.30
C SER B 91 -4.55 -31.10 57.93
N PHE B 92 -3.64 -30.37 57.28
CA PHE B 92 -3.25 -30.68 55.91
C PHE B 92 -2.64 -32.09 55.84
N PRO B 93 -2.80 -32.77 54.69
CA PRO B 93 -2.20 -34.10 54.54
C PRO B 93 -0.70 -34.09 54.77
N THR B 94 -0.22 -35.09 55.51
CA THR B 94 1.21 -35.36 55.59
C THR B 94 1.75 -35.73 54.21
N ASP B 95 2.97 -35.29 53.93
CA ASP B 95 3.62 -35.67 52.68
C ASP B 95 3.85 -37.18 52.62
N GLY B 96 4.32 -37.77 53.71
CA GLY B 96 4.58 -39.19 53.75
C GLY B 96 3.36 -40.03 54.08
N THR B 97 3.47 -41.32 53.78
CA THR B 97 2.41 -42.28 54.07
C THR B 97 2.47 -42.74 55.52
N HIS B 98 2.55 -41.79 56.45
CA HIS B 98 2.81 -42.13 57.85
C HIS B 98 1.69 -42.98 58.42
N PRO B 99 2.00 -44.13 58.99
CA PRO B 99 0.99 -44.87 59.76
C PRO B 99 0.55 -44.10 61.00
N PHE B 100 -0.64 -44.43 61.48
CA PHE B 100 -1.21 -43.88 62.72
C PHE B 100 -1.49 -42.38 62.62
N VAL B 101 -1.64 -41.85 61.42
CA VAL B 101 -2.11 -40.48 61.23
C VAL B 101 -3.39 -40.53 60.40
N ILE B 102 -4.49 -40.09 60.99
CA ILE B 102 -5.80 -40.13 60.36
C ILE B 102 -6.16 -38.70 59.97
N GLN B 103 -5.92 -38.33 58.72
CA GLN B 103 -5.95 -36.95 58.28
C GLN B 103 -7.11 -36.74 57.33
N MET B 104 -8.03 -35.84 57.71
CA MET B 104 -9.30 -35.71 57.01
C MET B 104 -9.20 -34.84 55.77
N ARG B 105 -8.44 -33.74 55.85
CA ARG B 105 -8.44 -32.73 54.80
C ARG B 105 -7.98 -33.33 53.48
N PRO B 106 -8.87 -33.49 52.50
CA PRO B 106 -8.54 -34.27 51.31
C PRO B 106 -7.47 -33.60 50.46
N ASP B 107 -6.96 -34.39 49.52
CA ASP B 107 -5.98 -33.92 48.52
C ASP B 107 -6.55 -32.75 47.74
N LEU B 108 -5.96 -31.57 47.91
CA LEU B 108 -6.30 -30.41 47.09
C LEU B 108 -5.42 -30.27 45.86
N LYS B 109 -4.18 -30.76 45.92
CA LYS B 109 -3.21 -30.52 44.86
C LYS B 109 -3.70 -31.06 43.52
N GLY B 110 -4.33 -32.23 43.52
CA GLY B 110 -4.86 -32.76 42.27
C GLY B 110 -5.97 -31.92 41.69
N ALA B 111 -6.92 -31.50 42.53
CA ALA B 111 -8.00 -30.63 42.07
C ALA B 111 -7.46 -29.28 41.60
N LEU B 112 -6.47 -28.75 42.31
CA LEU B 112 -5.89 -27.46 41.93
C LEU B 112 -5.27 -27.51 40.54
N LEU B 113 -4.47 -28.54 40.26
CA LEU B 113 -3.88 -28.68 38.93
C LEU B 113 -4.94 -28.82 37.85
N SER B 114 -6.00 -29.57 38.14
CA SER B 114 -7.05 -29.78 37.12
C SER B 114 -7.79 -28.50 36.82
N LEU B 115 -8.08 -27.68 37.83
CA LEU B 115 -8.73 -26.40 37.59
C LEU B 115 -7.83 -25.43 36.82
N ILE B 116 -6.54 -25.39 37.14
CA ILE B 116 -5.62 -24.53 36.40
C ILE B 116 -5.56 -24.94 34.93
N GLU B 117 -5.61 -26.25 34.67
CA GLU B 117 -5.81 -26.71 33.30
C GLU B 117 -7.13 -26.21 32.73
N TYR B 118 -8.21 -26.32 33.51
CA TYR B 118 -9.54 -25.99 33.01
C TYR B 118 -9.62 -24.54 32.54
N TYR B 119 -8.91 -23.64 33.20
CA TYR B 119 -8.86 -22.25 32.77
C TYR B 119 -7.81 -21.98 31.70
N GLN B 120 -7.05 -22.99 31.28
CA GLN B 120 -6.05 -22.85 30.21
C GLN B 120 -4.95 -21.88 30.60
N TRP B 121 -4.61 -21.81 31.89
CA TRP B 121 -3.57 -20.89 32.33
C TRP B 121 -2.19 -21.37 31.89
N ASP B 122 -1.33 -20.41 31.57
CA ASP B 122 0.07 -20.68 31.27
C ASP B 122 1.02 -19.77 32.03
N LYS B 123 0.69 -18.50 32.17
CA LYS B 123 1.46 -17.55 32.97
C LYS B 123 0.57 -16.96 34.05
N PHE B 124 1.01 -17.08 35.31
CA PHE B 124 0.21 -16.59 36.43
C PHE B 124 1.11 -16.46 37.65
N ALA B 125 0.63 -15.71 38.63
CA ALA B 125 1.25 -15.64 39.94
C ALA B 125 0.68 -16.70 40.87
N TYR B 126 1.46 -17.11 41.85
CA TYR B 126 1.02 -18.09 42.84
C TYR B 126 1.52 -17.63 44.21
N LEU B 127 0.62 -17.15 45.05
CA LEU B 127 0.99 -16.60 46.35
C LEU B 127 0.72 -17.63 47.42
N TYR B 128 1.75 -18.01 48.17
CA TYR B 128 1.64 -19.05 49.19
C TYR B 128 2.03 -18.49 50.55
N ASP B 129 1.30 -18.92 51.58
CA ASP B 129 1.72 -18.72 52.95
C ASP B 129 2.68 -19.86 53.32
N SER B 130 3.89 -19.49 53.74
CA SER B 130 4.91 -20.50 54.02
C SER B 130 4.48 -21.46 55.12
N ASP B 131 3.71 -20.99 56.10
CA ASP B 131 3.57 -21.72 57.35
C ASP B 131 2.62 -22.91 57.25
N ARG B 132 1.83 -23.02 56.18
CA ARG B 132 0.98 -24.19 55.98
C ARG B 132 1.74 -25.36 55.36
N GLY B 133 3.01 -25.19 55.03
CA GLY B 133 3.76 -26.21 54.32
C GLY B 133 3.67 -26.06 52.81
N LEU B 134 4.76 -26.36 52.11
CA LEU B 134 4.91 -26.06 50.69
C LEU B 134 4.55 -27.24 49.80
N SER B 135 3.79 -28.21 50.33
CA SER B 135 3.42 -29.38 49.54
C SER B 135 2.65 -29.00 48.28
N THR B 136 1.82 -27.95 48.36
CA THR B 136 1.11 -27.47 47.18
C THR B 136 2.00 -26.69 46.22
N LEU B 137 2.99 -25.96 46.73
CA LEU B 137 3.94 -25.31 45.85
C LEU B 137 4.78 -26.33 45.07
N GLN B 138 5.13 -27.44 45.71
CA GLN B 138 5.83 -28.51 45.01
C GLN B 138 4.99 -29.07 43.85
N ALA B 139 3.75 -29.48 44.14
CA ALA B 139 2.95 -30.19 43.15
C ALA B 139 2.60 -29.33 41.94
N VAL B 140 2.44 -28.02 42.11
CA VAL B 140 2.24 -27.16 40.95
C VAL B 140 3.54 -26.93 40.18
N LEU B 141 4.67 -26.76 40.89
CA LEU B 141 5.95 -26.57 40.20
C LEU B 141 6.41 -27.83 39.47
N ASP B 142 6.16 -29.01 40.05
CA ASP B 142 6.47 -30.23 39.34
C ASP B 142 5.75 -30.32 38.00
N SER B 143 4.46 -29.97 37.98
CA SER B 143 3.73 -30.01 36.72
C SER B 143 4.06 -28.83 35.82
N ALA B 144 4.46 -27.70 36.39
CA ALA B 144 4.75 -26.51 35.59
C ALA B 144 5.85 -26.77 34.57
N ALA B 145 6.77 -27.69 34.87
CA ALA B 145 7.73 -28.14 33.86
C ALA B 145 7.03 -28.87 32.73
N GLU B 146 6.35 -29.98 33.05
CA GLU B 146 5.69 -30.78 32.02
C GLU B 146 4.62 -29.98 31.28
N LYS B 147 3.84 -29.18 32.00
CA LYS B 147 2.80 -28.38 31.38
C LYS B 147 3.32 -27.05 30.85
N LYS B 148 4.62 -26.80 30.94
CA LYS B 148 5.29 -25.60 30.41
C LYS B 148 4.58 -24.30 30.86
N TRP B 149 4.18 -24.27 32.12
CA TRP B 149 3.65 -23.04 32.71
C TRP B 149 4.78 -22.09 33.09
N GLN B 150 4.42 -20.91 33.58
CA GLN B 150 5.36 -19.88 34.01
C GLN B 150 5.02 -19.40 35.41
N VAL B 151 4.90 -20.34 36.35
CA VAL B 151 4.45 -20.02 37.70
C VAL B 151 5.38 -19.01 38.34
N THR B 152 4.85 -17.83 38.63
CA THR B 152 5.58 -16.79 39.38
C THR B 152 5.25 -16.95 40.86
N ALA B 153 5.89 -17.93 41.49
CA ALA B 153 5.63 -18.21 42.90
C ALA B 153 6.22 -17.10 43.77
N ILE B 154 5.48 -16.69 44.79
CA ILE B 154 5.93 -15.67 45.74
C ILE B 154 5.52 -16.07 47.15
N ASN B 155 6.46 -15.96 48.09
CA ASN B 155 6.13 -16.09 49.51
C ASN B 155 5.42 -14.84 49.98
N VAL B 156 4.29 -15.02 50.66
CA VAL B 156 3.53 -13.90 51.21
C VAL B 156 3.29 -14.11 52.70
N GLY B 157 3.89 -15.16 53.25
CA GLY B 157 3.58 -15.52 54.63
C GLY B 157 4.23 -14.65 55.69
N ASN B 158 5.55 -14.47 55.61
CA ASN B 158 6.31 -13.85 56.68
C ASN B 158 6.13 -12.34 56.75
N ILE B 159 5.19 -11.76 56.01
CA ILE B 159 4.86 -10.35 56.13
C ILE B 159 4.20 -10.12 57.48
N ASN B 160 4.88 -9.36 58.35
CA ASN B 160 4.41 -9.16 59.71
C ASN B 160 3.24 -8.18 59.77
N ASN B 161 2.37 -8.40 60.75
CA ASN B 161 1.18 -7.57 60.91
C ASN B 161 1.51 -6.09 61.09
N ASP B 162 2.69 -5.78 61.64
CA ASP B 162 3.07 -4.39 61.87
C ASP B 162 3.23 -3.61 60.57
N LYS B 163 3.49 -4.29 59.45
CA LYS B 163 3.74 -3.58 58.19
C LYS B 163 2.99 -4.25 57.04
N LYS B 164 1.86 -4.90 57.33
CA LYS B 164 1.10 -5.58 56.30
C LYS B 164 0.21 -4.59 55.55
N ASP B 165 0.76 -3.45 55.16
CA ASP B 165 0.04 -2.49 54.34
C ASP B 165 0.83 -2.17 53.08
N GLU B 166 2.06 -1.67 53.28
CA GLU B 166 2.95 -1.35 52.17
C GLU B 166 3.42 -2.60 51.44
N THR B 167 3.54 -3.71 52.16
CA THR B 167 4.09 -4.93 51.57
C THR B 167 3.14 -5.57 50.57
N TYR B 168 1.84 -5.63 50.89
CA TYR B 168 0.90 -6.17 49.90
C TYR B 168 0.77 -5.24 48.70
N ARG B 169 0.79 -3.92 48.92
CA ARG B 169 0.92 -2.98 47.82
C ARG B 169 2.15 -3.26 46.99
N SER B 170 3.32 -3.29 47.64
CA SER B 170 4.58 -3.57 46.96
C SER B 170 4.53 -4.92 46.24
N LEU B 171 3.97 -5.94 46.89
CA LEU B 171 3.89 -7.27 46.29
C LEU B 171 3.14 -7.24 44.95
N PHE B 172 1.97 -6.62 44.92
CA PHE B 172 1.21 -6.55 43.67
C PHE B 172 1.82 -5.57 42.68
N GLN B 173 2.47 -4.51 43.16
CA GLN B 173 3.15 -3.60 42.25
C GLN B 173 4.34 -4.26 41.55
N ASP B 174 5.05 -5.15 42.24
CA ASP B 174 6.07 -5.95 41.59
C ASP B 174 5.48 -6.91 40.55
N LEU B 175 4.32 -7.50 40.86
CA LEU B 175 3.62 -8.29 39.85
C LEU B 175 3.17 -7.45 38.67
N GLU B 176 2.85 -6.18 38.90
CA GLU B 176 2.50 -5.28 37.80
C GLU B 176 3.70 -4.88 36.94
N LEU B 177 4.92 -5.26 37.32
CA LEU B 177 6.04 -5.15 36.39
C LEU B 177 5.91 -6.17 35.27
N LYS B 178 5.58 -7.42 35.61
CA LYS B 178 5.21 -8.40 34.61
C LYS B 178 3.80 -8.20 34.09
N LYS B 179 3.00 -7.36 34.74
CA LYS B 179 1.58 -7.18 34.44
C LYS B 179 0.82 -8.50 34.54
N GLU B 180 1.08 -9.23 35.63
CA GLU B 180 0.34 -10.44 35.89
C GLU B 180 -1.11 -10.11 36.21
N ARG B 181 -1.99 -11.00 35.82
CA ARG B 181 -3.42 -10.83 36.04
C ARG B 181 -4.04 -12.03 36.74
N ARG B 182 -3.68 -13.24 36.32
CA ARG B 182 -4.14 -14.45 36.97
C ARG B 182 -3.33 -14.68 38.23
N VAL B 183 -4.02 -14.92 39.35
CA VAL B 183 -3.39 -15.06 40.65
C VAL B 183 -4.03 -16.22 41.39
N ILE B 184 -3.20 -17.05 42.00
CA ILE B 184 -3.67 -18.07 42.94
C ILE B 184 -3.34 -17.59 44.35
N LEU B 185 -4.32 -17.63 45.23
CA LEU B 185 -4.11 -17.36 46.65
C LEU B 185 -4.16 -18.69 47.39
N ASP B 186 -3.07 -19.03 48.07
CA ASP B 186 -2.94 -20.32 48.75
C ASP B 186 -2.65 -20.00 50.21
N CYS B 187 -3.70 -19.68 50.96
CA CYS B 187 -3.54 -19.20 52.31
C CYS B 187 -4.72 -19.65 53.14
N GLU B 188 -4.55 -19.59 54.46
CA GLU B 188 -5.68 -19.71 55.36
C GLU B 188 -6.60 -18.49 55.22
N ARG B 189 -7.88 -18.68 55.51
CA ARG B 189 -8.86 -17.65 55.22
C ARG B 189 -8.58 -16.38 56.02
N ASP B 190 -7.95 -16.49 57.18
CA ASP B 190 -7.50 -15.31 57.91
C ASP B 190 -6.47 -14.51 57.14
N LYS B 191 -5.76 -15.13 56.20
CA LYS B 191 -4.88 -14.41 55.29
C LYS B 191 -5.50 -14.12 53.93
N VAL B 192 -6.44 -14.96 53.47
CA VAL B 192 -7.15 -14.63 52.24
C VAL B 192 -7.98 -13.36 52.42
N ASN B 193 -8.63 -13.21 53.58
CA ASN B 193 -9.34 -11.98 53.89
C ASN B 193 -8.42 -10.76 53.76
N ASP B 194 -7.29 -10.79 54.46
CA ASP B 194 -6.39 -9.65 54.48
C ASP B 194 -5.87 -9.30 53.10
N ILE B 195 -5.50 -10.30 52.31
CA ILE B 195 -4.97 -10.00 50.98
C ILE B 195 -6.06 -9.53 50.04
N VAL B 196 -7.28 -10.06 50.15
CA VAL B 196 -8.38 -9.56 49.34
C VAL B 196 -8.75 -8.14 49.75
N ASP B 197 -8.69 -7.85 51.05
CA ASP B 197 -8.95 -6.49 51.52
C ASP B 197 -7.94 -5.50 50.96
N GLN B 198 -6.67 -5.90 50.87
CA GLN B 198 -5.69 -5.08 50.17
C GLN B 198 -5.90 -5.08 48.66
N VAL B 199 -6.32 -6.21 48.09
CA VAL B 199 -6.55 -6.27 46.64
C VAL B 199 -7.61 -5.26 46.21
N ILE B 200 -8.68 -5.12 46.99
CA ILE B 200 -9.66 -4.06 46.68
C ILE B 200 -9.05 -2.68 46.91
N THR B 201 -8.23 -2.53 47.95
CA THR B 201 -7.72 -1.20 48.28
C THR B 201 -6.75 -0.69 47.21
N ILE B 202 -5.96 -1.59 46.61
CA ILE B 202 -5.11 -1.21 45.49
C ILE B 202 -5.85 -1.18 44.18
N GLY B 203 -7.13 -1.53 44.16
CA GLY B 203 -7.96 -1.43 42.97
C GLY B 203 -7.89 -2.61 42.03
N LYS B 204 -7.14 -3.66 42.37
CA LYS B 204 -6.87 -4.73 41.41
C LYS B 204 -7.91 -5.85 41.50
N HIS B 205 -9.19 -5.48 41.43
CA HIS B 205 -10.27 -6.45 41.31
C HIS B 205 -11.23 -6.06 40.18
N VAL B 206 -10.81 -5.19 39.29
CA VAL B 206 -11.53 -4.87 38.07
C VAL B 206 -11.46 -6.04 37.10
N LYS B 207 -12.22 -5.96 36.01
CA LYS B 207 -12.16 -6.95 34.94
C LYS B 207 -10.72 -7.20 34.51
N GLY B 208 -10.41 -8.47 34.30
CA GLY B 208 -9.08 -8.88 33.87
C GLY B 208 -8.36 -9.74 34.90
N TYR B 209 -8.41 -9.34 36.16
CA TYR B 209 -7.86 -10.16 37.24
C TYR B 209 -8.74 -11.38 37.47
N HIS B 210 -8.11 -12.47 37.93
CA HIS B 210 -8.84 -13.69 38.23
C HIS B 210 -8.10 -14.46 39.32
N TYR B 211 -8.74 -14.60 40.47
CA TYR B 211 -8.14 -15.18 41.65
C TYR B 211 -8.69 -16.58 41.88
N ILE B 212 -7.80 -17.53 42.19
CA ILE B 212 -8.21 -18.87 42.62
C ILE B 212 -7.86 -19.03 44.09
N ILE B 213 -8.87 -19.29 44.91
CA ILE B 213 -8.69 -19.46 46.36
C ILE B 213 -8.41 -20.95 46.58
N ALA B 214 -7.13 -21.30 46.62
CA ALA B 214 -6.71 -22.69 46.74
C ALA B 214 -6.84 -23.20 48.18
N ASN B 215 -8.07 -23.16 48.68
CA ASN B 215 -8.39 -23.78 49.96
C ASN B 215 -9.81 -24.30 49.91
N LEU B 216 -10.15 -25.16 50.87
CA LEU B 216 -11.45 -25.80 50.92
C LEU B 216 -12.52 -24.93 51.57
N GLY B 217 -12.32 -23.61 51.61
CA GLY B 217 -13.20 -22.71 52.32
C GLY B 217 -13.60 -21.50 51.50
N PHE B 218 -13.90 -21.73 50.21
CA PHE B 218 -14.19 -20.62 49.30
C PHE B 218 -15.28 -19.71 49.83
N THR B 219 -16.31 -20.27 50.46
CA THR B 219 -17.39 -19.47 51.03
C THR B 219 -17.09 -18.96 52.43
N ASP B 220 -16.06 -19.49 53.10
CA ASP B 220 -15.84 -19.19 54.51
C ASP B 220 -15.14 -17.86 54.74
N GLY B 221 -14.52 -17.29 53.71
CA GLY B 221 -13.96 -15.97 53.83
C GLY B 221 -14.98 -14.86 53.67
N ASP B 222 -14.51 -13.63 53.89
CA ASP B 222 -15.32 -12.44 53.65
C ASP B 222 -15.38 -12.18 52.14
N LEU B 223 -16.10 -13.06 51.45
CA LEU B 223 -16.07 -13.08 50.00
C LEU B 223 -16.80 -11.88 49.40
N LEU B 224 -17.82 -11.36 50.09
CA LEU B 224 -18.80 -10.47 49.47
C LEU B 224 -18.17 -9.30 48.74
N LYS B 225 -17.14 -8.69 49.31
CA LYS B 225 -16.66 -7.41 48.81
C LYS B 225 -15.93 -7.49 47.47
N ILE B 226 -15.54 -8.68 46.99
CA ILE B 226 -15.05 -8.82 45.63
C ILE B 226 -16.09 -9.40 44.68
N GLN B 227 -17.32 -9.65 45.16
CA GLN B 227 -18.34 -10.23 44.30
C GLN B 227 -18.69 -9.31 43.13
N PHE B 228 -18.60 -8.00 43.32
CA PHE B 228 -19.10 -7.03 42.36
C PHE B 228 -17.98 -6.26 41.65
N GLY B 229 -16.71 -6.63 41.86
CA GLY B 229 -15.63 -5.86 41.29
C GLY B 229 -15.56 -5.91 39.78
N GLY B 230 -16.08 -6.97 39.18
CA GLY B 230 -15.97 -7.19 37.76
C GLY B 230 -14.89 -8.17 37.36
N ALA B 231 -13.92 -8.42 38.25
CA ALA B 231 -13.06 -9.58 38.11
C ALA B 231 -13.88 -10.86 38.32
N GLU B 232 -13.22 -12.00 38.17
CA GLU B 232 -13.82 -13.28 38.47
C GLU B 232 -13.01 -13.96 39.57
N VAL B 233 -13.71 -14.77 40.37
CA VAL B 233 -13.12 -15.44 41.52
C VAL B 233 -13.64 -16.87 41.53
N SER B 234 -12.76 -17.82 41.85
CA SER B 234 -13.18 -19.22 41.86
C SER B 234 -12.25 -20.01 42.77
N GLY B 235 -12.66 -21.25 43.06
CA GLY B 235 -12.00 -22.01 44.10
C GLY B 235 -12.77 -23.28 44.40
N PHE B 236 -12.71 -23.71 45.65
CA PHE B 236 -13.15 -25.04 46.02
C PHE B 236 -13.81 -24.99 47.39
N GLN B 237 -14.80 -25.84 47.59
CA GLN B 237 -15.38 -26.07 48.90
C GLN B 237 -15.66 -27.56 49.08
N ILE B 238 -15.31 -28.08 50.24
CA ILE B 238 -15.56 -29.49 50.53
C ILE B 238 -16.97 -29.73 51.07
N VAL B 239 -17.49 -28.79 51.85
CA VAL B 239 -18.87 -28.87 52.30
C VAL B 239 -19.79 -28.40 51.19
N ASP B 240 -20.91 -29.10 51.01
CA ASP B 240 -21.92 -28.73 50.04
C ASP B 240 -23.24 -28.55 50.78
N TYR B 241 -23.74 -27.30 50.83
CA TYR B 241 -24.97 -27.00 51.55
C TYR B 241 -26.22 -27.54 50.86
N ASP B 242 -26.09 -28.10 49.66
CA ASP B 242 -27.25 -28.72 49.02
C ASP B 242 -27.68 -30.01 49.71
N ASP B 243 -26.79 -30.65 50.45
CA ASP B 243 -27.12 -31.92 51.09
C ASP B 243 -28.14 -31.70 52.21
N SER B 244 -29.11 -32.60 52.29
CA SER B 244 -30.12 -32.52 53.35
C SER B 244 -29.51 -32.68 54.73
N LEU B 245 -28.57 -33.63 54.89
CA LEU B 245 -27.90 -33.81 56.16
C LEU B 245 -27.13 -32.55 56.57
N VAL B 246 -26.46 -31.91 55.61
CA VAL B 246 -25.77 -30.66 55.90
C VAL B 246 -26.76 -29.57 56.29
N SER B 247 -27.84 -29.43 55.52
CA SER B 247 -28.85 -28.42 55.83
C SER B 247 -29.47 -28.65 57.20
N LYS B 248 -29.83 -29.90 57.49
CA LYS B 248 -30.37 -30.24 58.81
C LYS B 248 -29.35 -29.96 59.91
N PHE B 249 -28.08 -30.26 59.66
CA PHE B 249 -27.02 -29.88 60.60
C PHE B 249 -26.94 -28.37 60.75
N ILE B 250 -26.91 -27.64 59.62
CA ILE B 250 -26.72 -26.19 59.67
C ILE B 250 -27.82 -25.53 60.48
N GLU B 251 -29.06 -26.01 60.37
CA GLU B 251 -30.12 -25.52 61.23
C GLU B 251 -29.82 -25.85 62.70
N ARG B 252 -29.50 -27.11 62.98
CA ARG B 252 -29.14 -27.51 64.33
C ARG B 252 -27.91 -26.79 64.83
N TRP B 253 -27.01 -26.42 63.91
CA TRP B 253 -25.77 -25.72 64.25
C TRP B 253 -26.02 -24.24 64.51
N SER B 254 -26.62 -23.54 63.54
CA SER B 254 -26.82 -22.11 63.65
C SER B 254 -27.71 -21.73 64.83
N THR B 255 -28.59 -22.63 65.27
CA THR B 255 -29.53 -22.31 66.33
C THR B 255 -28.93 -22.43 67.73
N LEU B 256 -27.67 -22.84 67.84
CA LEU B 256 -27.05 -22.96 69.15
C LEU B 256 -26.78 -21.59 69.76
N GLU B 257 -26.67 -21.57 71.09
CA GLU B 257 -26.33 -20.35 71.81
C GLU B 257 -24.84 -20.07 71.68
N GLU B 258 -24.51 -18.84 71.30
CA GLU B 258 -23.11 -18.47 71.09
C GLU B 258 -22.31 -18.39 72.38
N LYS B 259 -22.98 -18.36 73.53
CA LYS B 259 -22.26 -18.44 74.80
C LYS B 259 -21.68 -19.83 75.02
N GLU B 260 -22.42 -20.88 74.65
CA GLU B 260 -21.98 -22.24 74.88
C GLU B 260 -21.14 -22.78 73.73
N TYR B 261 -21.48 -22.40 72.49
CA TYR B 261 -20.75 -22.82 71.29
C TYR B 261 -20.38 -21.57 70.51
N PRO B 262 -19.32 -20.87 70.91
CA PRO B 262 -18.98 -19.60 70.25
C PRO B 262 -18.68 -19.79 68.77
N GLY B 263 -19.19 -18.87 67.97
CA GLY B 263 -19.05 -18.92 66.52
C GLY B 263 -19.95 -19.92 65.83
N ALA B 264 -20.81 -20.63 66.55
CA ALA B 264 -21.72 -21.60 65.96
C ALA B 264 -23.03 -20.98 65.50
N HIS B 265 -23.35 -19.77 65.95
CA HIS B 265 -24.66 -19.19 65.68
C HIS B 265 -24.71 -18.57 64.28
N THR B 266 -24.29 -19.33 63.27
CA THR B 266 -24.25 -18.84 61.90
C THR B 266 -24.66 -19.97 60.95
N ALA B 267 -25.23 -19.58 59.81
CA ALA B 267 -25.66 -20.54 58.80
C ALA B 267 -24.50 -21.09 57.98
N THR B 268 -23.26 -20.88 58.41
CA THR B 268 -22.07 -21.35 57.71
C THR B 268 -21.09 -21.89 58.72
N ILE B 269 -20.23 -22.80 58.27
CA ILE B 269 -19.29 -23.48 59.16
C ILE B 269 -17.97 -23.65 58.43
N LYS B 270 -16.87 -23.39 59.14
CA LYS B 270 -15.55 -23.61 58.59
C LYS B 270 -15.34 -25.07 58.25
N TYR B 271 -14.67 -25.33 57.12
CA TYR B 271 -14.36 -26.69 56.73
C TYR B 271 -13.55 -27.41 57.81
N THR B 272 -12.67 -26.69 58.50
CA THR B 272 -11.96 -27.28 59.63
C THR B 272 -12.91 -27.75 60.71
N SER B 273 -13.93 -26.94 61.02
CA SER B 273 -14.95 -27.37 61.98
C SER B 273 -15.80 -28.51 61.44
N ALA B 274 -16.14 -28.46 60.14
CA ALA B 274 -16.92 -29.55 59.55
C ALA B 274 -16.15 -30.86 59.58
N LEU B 275 -14.87 -30.83 59.19
CA LEU B 275 -14.04 -32.02 59.31
C LEU B 275 -13.89 -32.46 60.76
N THR B 276 -13.88 -31.51 61.71
CA THR B 276 -13.88 -31.86 63.12
C THR B 276 -15.15 -32.61 63.50
N TYR B 277 -16.31 -32.07 63.12
CA TYR B 277 -17.57 -32.74 63.39
C TYR B 277 -17.61 -34.11 62.74
N ASP B 278 -17.18 -34.21 61.48
CA ASP B 278 -17.07 -35.50 60.82
C ASP B 278 -16.08 -36.41 61.54
N ALA B 279 -15.01 -35.84 62.12
CA ALA B 279 -14.03 -36.64 62.85
C ALA B 279 -14.65 -37.33 64.06
N VAL B 280 -15.52 -36.63 64.80
CA VAL B 280 -16.15 -37.25 65.96
C VAL B 280 -17.05 -38.40 65.53
N GLN B 281 -17.75 -38.24 64.41
CA GLN B 281 -18.51 -39.35 63.84
C GLN B 281 -17.60 -40.54 63.53
N VAL B 282 -16.47 -40.28 62.86
CA VAL B 282 -15.57 -41.36 62.46
C VAL B 282 -15.00 -42.08 63.67
N MET B 283 -14.60 -41.32 64.70
CA MET B 283 -14.07 -41.95 65.91
C MET B 283 -15.10 -42.83 66.60
N THR B 284 -16.34 -42.33 66.72
CA THR B 284 -17.43 -43.19 67.19
C THR B 284 -17.58 -44.43 66.32
N GLU B 285 -17.62 -44.24 65.00
CA GLU B 285 -17.88 -45.35 64.09
C GLU B 285 -16.79 -46.41 64.14
N ALA B 286 -15.54 -46.00 64.34
CA ALA B 286 -14.47 -46.99 64.51
C ALA B 286 -14.66 -47.82 65.76
N PHE B 287 -14.87 -47.17 66.91
CA PHE B 287 -15.10 -47.90 68.15
C PHE B 287 -16.40 -48.69 68.09
N ARG B 288 -17.41 -48.19 67.39
CA ARG B 288 -18.59 -48.98 67.08
C ARG B 288 -18.21 -50.25 66.32
N ASN B 289 -17.36 -50.12 65.30
CA ASN B 289 -16.91 -51.30 64.54
C ASN B 289 -16.12 -52.27 65.41
N LEU B 290 -15.31 -51.76 66.34
CA LEU B 290 -14.66 -52.65 67.30
C LEU B 290 -15.69 -53.43 68.11
N ARG B 291 -16.71 -52.75 68.62
CA ARG B 291 -17.73 -53.43 69.41
C ARG B 291 -18.59 -54.34 68.53
N LYS B 292 -18.82 -53.96 67.28
CA LYS B 292 -19.40 -54.87 66.31
C LYS B 292 -18.53 -56.10 66.13
N GLN B 293 -17.22 -55.91 66.03
CA GLN B 293 -16.26 -57.00 65.84
C GLN B 293 -15.77 -57.59 67.16
N ARG B 294 -16.29 -57.11 68.29
CA ARG B 294 -15.95 -57.63 69.62
C ARG B 294 -14.45 -57.50 69.91
N ILE B 295 -13.83 -56.46 69.38
CA ILE B 295 -12.42 -56.19 69.66
C ILE B 295 -12.29 -55.57 71.05
N GLU B 296 -11.22 -55.91 71.76
CA GLU B 296 -11.00 -55.43 73.11
C GLU B 296 -10.01 -54.28 73.09
N ILE B 297 -10.44 -53.13 73.64
CA ILE B 297 -9.58 -51.95 73.74
C ILE B 297 -8.76 -51.95 75.02
N SER B 298 -8.81 -53.01 75.81
CA SER B 298 -8.48 -52.93 77.23
C SER B 298 -6.98 -52.76 77.49
N ARG B 299 -6.39 -51.68 76.96
CA ARG B 299 -5.09 -51.24 77.46
C ARG B 299 -5.25 -50.73 78.89
N ARG B 300 -4.33 -51.14 79.76
CA ARG B 300 -4.42 -50.76 81.16
C ARG B 300 -4.29 -49.24 81.31
N GLY B 301 -4.90 -48.72 82.38
CA GLY B 301 -4.78 -47.31 82.67
C GLY B 301 -3.36 -46.89 82.99
N ASN B 302 -2.59 -47.78 83.62
CA ASN B 302 -1.16 -47.57 83.85
C ASN B 302 -0.36 -47.82 82.57
N ALA B 303 -0.67 -47.01 81.55
CA ALA B 303 -0.15 -47.25 80.20
C ALA B 303 1.36 -47.03 80.10
N GLY B 304 1.97 -46.40 81.10
CA GLY B 304 3.41 -46.16 81.05
C GLY B 304 3.78 -44.71 80.77
N ASP B 305 4.92 -44.51 80.12
CA ASP B 305 5.47 -43.18 79.88
C ASP B 305 5.84 -43.06 78.41
N CYS B 306 5.58 -41.88 77.84
CA CYS B 306 5.95 -41.64 76.45
C CYS B 306 7.45 -41.77 76.23
N LEU B 307 8.25 -41.43 77.23
CA LEU B 307 9.70 -41.50 77.14
C LEU B 307 10.26 -42.88 77.50
N ALA B 308 9.40 -43.86 77.74
CA ALA B 308 9.85 -45.18 78.17
C ALA B 308 10.81 -45.78 77.14
N ASN B 309 11.94 -46.30 77.61
CA ASN B 309 12.97 -46.85 76.76
C ASN B 309 13.34 -48.23 77.30
N PRO B 310 13.31 -49.28 76.46
CA PRO B 310 12.91 -49.36 75.05
C PRO B 310 11.47 -48.94 74.77
N ALA B 311 11.19 -48.55 73.53
CA ALA B 311 9.85 -48.10 73.16
C ALA B 311 8.82 -49.19 73.40
N VAL B 312 7.61 -48.77 73.75
CA VAL B 312 6.55 -49.70 74.13
C VAL B 312 5.30 -49.46 73.28
N PRO B 313 5.26 -50.01 72.06
CA PRO B 313 4.00 -50.04 71.31
C PRO B 313 2.92 -50.80 72.06
N TRP B 314 1.70 -50.72 71.52
CA TRP B 314 0.56 -51.44 72.07
C TRP B 314 -0.28 -52.03 70.95
N GLY B 315 -0.77 -53.25 71.18
CA GLY B 315 -1.45 -53.99 70.13
C GLY B 315 -2.76 -53.36 69.69
N GLN B 316 -3.55 -52.87 70.64
CA GLN B 316 -4.90 -52.41 70.32
C GLN B 316 -4.90 -51.18 69.42
N GLY B 317 -3.86 -50.35 69.51
CA GLY B 317 -3.74 -49.22 68.59
C GLY B 317 -3.66 -49.63 67.13
N VAL B 318 -3.05 -50.78 66.86
CA VAL B 318 -3.03 -51.32 65.49
C VAL B 318 -4.44 -51.65 65.04
N GLU B 319 -5.23 -52.30 65.90
CA GLU B 319 -6.61 -52.60 65.57
C GLU B 319 -7.43 -51.33 65.44
N ILE B 320 -7.14 -50.32 66.27
CA ILE B 320 -7.80 -49.03 66.14
C ILE B 320 -7.47 -48.40 64.79
N GLU B 321 -6.20 -48.43 64.39
CA GLU B 321 -5.82 -47.91 63.08
C GLU B 321 -6.47 -48.68 61.95
N ARG B 322 -6.50 -50.01 62.05
CA ARG B 322 -7.19 -50.82 61.05
C ARG B 322 -8.65 -50.41 60.89
N ALA B 323 -9.37 -50.30 62.01
CA ALA B 323 -10.77 -49.89 61.95
C ALA B 323 -10.92 -48.47 61.42
N LEU B 324 -10.14 -47.52 61.96
CA LEU B 324 -10.23 -46.13 61.52
C LEU B 324 -10.06 -45.99 60.01
N LYS B 325 -9.06 -46.66 59.45
CA LYS B 325 -8.82 -46.61 58.01
C LYS B 325 -9.79 -47.45 57.20
N GLN B 326 -10.73 -48.15 57.83
CA GLN B 326 -11.72 -48.93 57.10
C GLN B 326 -13.14 -48.42 57.28
N VAL B 327 -13.37 -47.45 58.16
CA VAL B 327 -14.70 -46.86 58.31
C VAL B 327 -15.11 -46.17 57.03
N GLN B 328 -16.39 -46.31 56.66
CA GLN B 328 -16.99 -45.48 55.63
C GLN B 328 -18.32 -44.94 56.14
N VAL B 329 -18.49 -43.62 56.04
CA VAL B 329 -19.72 -42.95 56.44
C VAL B 329 -19.92 -41.75 55.52
N GLU B 330 -21.16 -41.28 55.45
CA GLU B 330 -21.43 -39.92 55.01
C GLU B 330 -21.19 -38.93 56.13
N GLY B 331 -20.84 -37.70 55.76
CA GLY B 331 -20.70 -36.62 56.68
C GLY B 331 -20.89 -35.29 55.98
N LEU B 332 -20.51 -34.21 56.68
CA LEU B 332 -20.59 -32.89 56.09
C LEU B 332 -19.69 -32.79 54.85
N SER B 333 -18.54 -33.47 54.88
CA SER B 333 -17.61 -33.47 53.76
C SER B 333 -17.94 -34.55 52.73
N GLY B 334 -19.18 -34.99 52.66
CA GLY B 334 -19.58 -36.00 51.69
C GLY B 334 -19.13 -37.39 52.09
N ASN B 335 -19.09 -38.27 51.09
CA ASN B 335 -18.65 -39.64 51.31
C ASN B 335 -17.18 -39.66 51.68
N ILE B 336 -16.83 -40.52 52.63
CA ILE B 336 -15.45 -40.70 53.06
C ILE B 336 -15.02 -42.15 52.85
N LYS B 337 -13.77 -42.34 52.42
CA LYS B 337 -13.05 -43.59 52.55
C LYS B 337 -11.60 -43.26 52.83
N PHE B 338 -10.89 -44.21 53.44
CA PHE B 338 -9.47 -44.05 53.72
C PHE B 338 -8.66 -45.12 53.00
N ASP B 339 -7.45 -44.75 52.61
CA ASP B 339 -6.44 -45.71 52.21
C ASP B 339 -5.69 -46.24 53.43
N GLN B 340 -4.76 -47.17 53.18
CA GLN B 340 -3.93 -47.68 54.26
C GLN B 340 -3.01 -46.60 54.84
N ASN B 341 -2.84 -45.48 54.13
CA ASN B 341 -2.07 -44.36 54.64
C ASN B 341 -2.91 -43.37 55.43
N GLY B 342 -4.21 -43.62 55.58
CA GLY B 342 -5.08 -42.70 56.28
C GLY B 342 -5.45 -41.45 55.52
N LYS B 343 -5.12 -41.37 54.23
CA LYS B 343 -5.59 -40.30 53.38
C LYS B 343 -6.91 -40.68 52.74
N ARG B 344 -7.72 -39.67 52.44
CA ARG B 344 -9.06 -39.96 51.94
C ARG B 344 -9.05 -40.32 50.45
N ILE B 345 -9.96 -41.22 50.08
CA ILE B 345 -10.14 -41.66 48.70
C ILE B 345 -11.63 -41.82 48.45
N ASN B 346 -12.00 -41.86 47.17
CA ASN B 346 -13.39 -41.99 46.74
C ASN B 346 -14.26 -40.85 47.25
N TYR B 347 -13.66 -39.67 47.41
CA TYR B 347 -14.37 -38.48 47.86
C TYR B 347 -14.70 -37.60 46.65
N THR B 348 -15.20 -36.41 46.91
CA THR B 348 -15.43 -35.43 45.86
C THR B 348 -15.33 -34.04 46.47
N ILE B 349 -14.79 -33.09 45.69
CA ILE B 349 -14.72 -31.69 46.09
C ILE B 349 -15.68 -30.90 45.19
N ASN B 350 -16.43 -29.98 45.79
CA ASN B 350 -17.34 -29.13 45.05
C ASN B 350 -16.56 -27.91 44.56
N ILE B 351 -16.41 -27.78 43.24
CA ILE B 351 -15.75 -26.61 42.68
C ILE B 351 -16.74 -25.45 42.66
N MET B 352 -16.37 -24.36 43.32
CA MET B 352 -17.24 -23.21 43.48
C MET B 352 -16.69 -22.05 42.66
N GLU B 353 -17.56 -21.11 42.33
CA GLU B 353 -17.17 -19.96 41.54
C GLU B 353 -18.09 -18.80 41.89
N LEU B 354 -17.58 -17.59 41.77
CA LEU B 354 -18.28 -16.40 42.23
C LEU B 354 -18.82 -15.62 41.04
N LYS B 355 -20.02 -15.97 40.61
CA LYS B 355 -20.79 -15.12 39.73
C LYS B 355 -21.49 -14.05 40.57
N THR B 356 -21.98 -13.00 39.87
CA THR B 356 -22.46 -11.82 40.57
C THR B 356 -23.60 -12.14 41.53
N ASN B 357 -24.37 -13.19 41.23
CA ASN B 357 -25.47 -13.59 42.12
C ASN B 357 -25.01 -14.31 43.37
N GLY B 358 -23.75 -14.71 43.46
CA GLY B 358 -23.22 -15.37 44.62
C GLY B 358 -22.44 -16.62 44.30
N PRO B 359 -21.77 -17.18 45.30
CA PRO B 359 -20.92 -18.36 45.07
C PRO B 359 -21.77 -19.58 44.69
N ARG B 360 -21.47 -20.16 43.53
CA ARG B 360 -22.23 -21.27 43.00
C ARG B 360 -21.29 -22.42 42.64
N LYS B 361 -21.83 -23.64 42.65
CA LYS B 361 -21.11 -24.77 42.06
C LYS B 361 -21.03 -24.64 40.55
N ILE B 362 -19.89 -25.05 39.98
CA ILE B 362 -19.75 -25.22 38.54
C ILE B 362 -19.16 -26.56 38.16
N GLY B 363 -18.86 -27.43 39.12
CA GLY B 363 -18.44 -28.78 38.77
C GLY B 363 -18.13 -29.57 40.01
N TYR B 364 -17.59 -30.77 39.79
CA TYR B 364 -17.13 -31.66 40.85
C TYR B 364 -15.82 -32.29 40.41
N TRP B 365 -15.06 -32.78 41.38
CA TRP B 365 -13.77 -33.40 41.08
C TRP B 365 -13.52 -34.54 42.04
N SER B 366 -12.84 -35.57 41.54
CA SER B 366 -12.39 -36.69 42.37
C SER B 366 -11.07 -37.21 41.79
N GLU B 367 -10.61 -38.34 42.31
CA GLU B 367 -9.42 -38.97 41.75
C GLU B 367 -9.77 -39.84 40.55
N VAL B 368 -10.91 -40.52 40.60
CA VAL B 368 -11.30 -41.39 39.49
C VAL B 368 -11.90 -40.58 38.35
N ASP B 369 -12.61 -39.49 38.66
CA ASP B 369 -13.19 -38.62 37.65
C ASP B 369 -12.49 -37.27 37.68
N LYS B 370 -11.94 -36.86 36.55
CA LYS B 370 -11.37 -35.53 36.39
C LYS B 370 -12.45 -34.46 36.52
N MET B 371 -12.03 -33.19 36.46
CA MET B 371 -12.97 -32.08 36.59
C MET B 371 -14.06 -32.12 35.52
N VAL B 372 -15.30 -32.26 35.97
CA VAL B 372 -16.45 -32.36 35.08
C VAL B 372 -17.46 -31.32 35.52
N LEU B 373 -17.95 -30.52 34.59
CA LEU B 373 -18.91 -29.47 34.90
C LEU B 373 -20.27 -30.07 35.22
N THR B 374 -21.16 -29.22 35.74
CA THR B 374 -22.52 -29.63 36.06
C THR B 374 -23.45 -29.58 34.85
N GLU B 375 -22.91 -29.25 33.67
CA GLU B 375 -23.67 -29.21 32.42
C GLU B 375 -24.82 -28.20 32.47
N ASP B 376 -24.62 -27.12 33.20
CA ASP B 376 -25.59 -26.03 33.21
C ASP B 376 -25.50 -25.22 31.91
N ASP B 377 -26.43 -24.27 31.76
CA ASP B 377 -26.37 -23.32 30.66
C ASP B 377 -25.12 -22.44 30.72
N THR B 378 -24.45 -22.39 31.86
CA THR B 378 -23.15 -21.72 31.96
C THR B 378 -22.12 -22.31 31.02
N SER B 379 -22.30 -23.55 30.55
CA SER B 379 -21.39 -24.11 29.56
C SER B 379 -21.20 -23.16 28.38
N GLY B 380 -22.28 -22.55 27.91
CA GLY B 380 -22.19 -21.42 27.01
C GLY B 380 -23.53 -20.95 26.50
N LEU B 381 -23.81 -19.65 26.64
CA LEU B 381 -25.01 -19.07 26.04
C LEU B 381 -24.78 -17.57 25.93
N GLU B 382 -24.36 -17.12 24.74
CA GLU B 382 -24.17 -15.71 24.42
C GLU B 382 -23.66 -15.58 22.98
N GLN B 383 -23.87 -14.39 22.42
CA GLN B 383 -23.37 -13.98 21.10
C GLN B 383 -23.39 -15.11 20.08
N LYS B 384 -24.60 -15.57 19.76
CA LYS B 384 -24.75 -16.60 18.75
C LYS B 384 -24.24 -16.09 17.40
N THR B 385 -23.90 -17.03 16.53
CA THR B 385 -23.61 -16.69 15.14
C THR B 385 -24.90 -16.30 14.41
N VAL B 386 -24.86 -15.17 13.71
CA VAL B 386 -25.88 -14.90 12.71
C VAL B 386 -25.77 -15.95 11.61
N VAL B 387 -26.93 -16.45 11.16
CA VAL B 387 -26.98 -17.37 10.04
C VAL B 387 -26.86 -16.57 8.75
N VAL B 388 -25.84 -16.85 7.95
CA VAL B 388 -25.63 -16.19 6.67
C VAL B 388 -26.05 -17.16 5.59
N THR B 389 -27.11 -16.83 4.87
CA THR B 389 -27.51 -17.57 3.67
C THR B 389 -26.77 -17.05 2.46
N THR B 390 -26.38 -17.97 1.58
CA THR B 390 -25.71 -17.61 0.34
C THR B 390 -25.98 -18.71 -0.69
N ILE B 391 -25.45 -18.51 -1.90
CA ILE B 391 -25.53 -19.50 -2.96
C ILE B 391 -24.14 -19.65 -3.57
N LEU B 392 -23.81 -20.89 -3.94
CA LEU B 392 -22.50 -21.19 -4.51
C LEU B 392 -22.39 -20.58 -5.89
N GLU B 393 -21.48 -19.61 -6.05
CA GLU B 393 -21.30 -18.94 -7.33
C GLU B 393 -19.89 -18.37 -7.39
N SER B 394 -19.35 -18.33 -8.60
CA SER B 394 -17.95 -17.95 -8.81
C SER B 394 -17.87 -16.49 -9.23
N PRO B 395 -16.96 -15.70 -8.65
CA PRO B 395 -16.00 -16.05 -7.60
C PRO B 395 -16.48 -15.64 -6.22
N TYR B 396 -17.79 -15.62 -5.99
CA TYR B 396 -18.32 -15.12 -4.73
C TYR B 396 -18.23 -16.15 -3.63
N VAL B 397 -18.67 -17.37 -3.89
CA VAL B 397 -18.59 -18.48 -2.94
C VAL B 397 -18.27 -19.75 -3.71
N MET B 398 -17.12 -20.34 -3.44
CA MET B 398 -16.67 -21.55 -4.12
C MET B 398 -16.09 -22.51 -3.09
N MET B 399 -16.16 -23.81 -3.42
CA MET B 399 -15.63 -24.83 -2.53
C MET B 399 -14.11 -24.89 -2.64
N LYS B 400 -13.42 -24.63 -1.54
CA LYS B 400 -11.99 -24.85 -1.49
C LYS B 400 -11.69 -26.34 -1.49
N LYS B 401 -10.56 -26.72 -2.10
CA LYS B 401 -10.24 -28.14 -2.24
C LYS B 401 -9.83 -28.79 -0.92
N ASN B 402 -10.09 -28.13 0.21
CA ASN B 402 -9.91 -28.71 1.55
C ASN B 402 -11.19 -28.66 2.36
N HIS B 403 -12.32 -28.30 1.74
CA HIS B 403 -13.59 -28.22 2.47
C HIS B 403 -14.04 -29.56 3.03
N GLU B 404 -13.56 -30.67 2.45
CA GLU B 404 -13.89 -31.99 2.96
C GLU B 404 -13.52 -32.19 4.43
N MET B 405 -12.69 -31.32 4.99
CA MET B 405 -12.22 -31.48 6.37
C MET B 405 -12.67 -30.34 7.28
N LEU B 406 -13.57 -29.48 6.83
CA LEU B 406 -13.90 -28.25 7.55
C LEU B 406 -15.41 -28.07 7.53
N GLU B 407 -15.91 -27.30 8.50
CA GLU B 407 -17.35 -27.08 8.60
C GLU B 407 -17.72 -25.60 8.56
N GLY B 408 -17.17 -24.78 9.47
CA GLY B 408 -17.78 -23.50 9.79
C GLY B 408 -17.78 -22.44 8.72
N ASN B 409 -16.61 -21.85 8.44
CA ASN B 409 -16.47 -20.89 7.36
C ASN B 409 -15.29 -21.16 6.44
N GLU B 410 -14.31 -21.94 6.87
CA GLU B 410 -13.11 -22.16 6.07
C GLU B 410 -13.39 -23.00 4.83
N ARG B 411 -14.56 -23.62 4.74
CA ARG B 411 -14.91 -24.41 3.56
C ARG B 411 -15.01 -23.53 2.33
N TYR B 412 -15.38 -22.27 2.48
CA TYR B 412 -15.79 -21.43 1.37
C TYR B 412 -14.82 -20.27 1.23
N GLU B 413 -14.43 -19.98 -0.02
CA GLU B 413 -13.56 -18.87 -0.33
C GLU B 413 -14.16 -18.05 -1.46
N GLY B 414 -14.07 -16.73 -1.35
CA GLY B 414 -14.63 -15.87 -2.38
C GLY B 414 -14.85 -14.47 -1.87
N TYR B 415 -15.23 -13.61 -2.82
CA TYR B 415 -15.46 -12.19 -2.53
C TYR B 415 -16.49 -12.05 -1.41
N CYS B 416 -17.57 -12.82 -1.48
CA CYS B 416 -18.59 -12.72 -0.45
C CYS B 416 -18.10 -13.25 0.89
N VAL B 417 -17.13 -14.16 0.88
CA VAL B 417 -16.59 -14.65 2.16
C VAL B 417 -15.70 -13.59 2.79
N ASP B 418 -14.88 -12.91 1.99
CA ASP B 418 -14.10 -11.78 2.50
C ASP B 418 -15.01 -10.67 3.01
N LEU B 419 -16.04 -10.33 2.24
CA LEU B 419 -16.94 -9.26 2.66
C LEU B 419 -17.76 -9.65 3.88
N ALA B 420 -18.13 -10.93 4.00
CA ALA B 420 -18.76 -11.42 5.22
C ALA B 420 -17.83 -11.25 6.43
N ALA B 421 -16.54 -11.55 6.25
CA ALA B 421 -15.60 -11.38 7.34
C ALA B 421 -15.45 -9.91 7.73
N GLU B 422 -15.40 -9.02 6.73
CA GLU B 422 -15.34 -7.59 7.02
C GLU B 422 -16.60 -7.08 7.70
N ILE B 423 -17.77 -7.50 7.23
CA ILE B 423 -19.04 -7.11 7.86
C ILE B 423 -19.07 -7.58 9.31
N ALA B 424 -18.75 -8.86 9.54
CA ALA B 424 -18.72 -9.40 10.90
C ALA B 424 -17.75 -8.65 11.79
N LYS B 425 -16.55 -8.34 11.28
CA LYS B 425 -15.59 -7.57 12.07
C LYS B 425 -16.12 -6.18 12.42
N HIS B 426 -16.64 -5.44 11.44
CA HIS B 426 -17.02 -4.07 11.71
C HIS B 426 -18.35 -3.93 12.45
N CYS B 427 -19.20 -4.95 12.43
CA CYS B 427 -20.39 -4.95 13.28
C CYS B 427 -20.20 -5.73 14.57
N GLY B 428 -19.04 -6.35 14.78
CA GLY B 428 -18.75 -7.01 16.04
C GLY B 428 -19.55 -8.26 16.34
N PHE B 429 -20.01 -8.99 15.32
CA PHE B 429 -20.80 -10.18 15.54
C PHE B 429 -20.13 -11.41 14.94
N LYS B 430 -20.44 -12.57 15.51
CA LYS B 430 -20.08 -13.85 14.92
C LYS B 430 -21.06 -14.20 13.81
N TYR B 431 -20.59 -15.02 12.86
CA TYR B 431 -21.40 -15.37 11.71
C TYR B 431 -21.12 -16.81 11.29
N LYS B 432 -22.13 -17.43 10.68
CA LYS B 432 -22.03 -18.79 10.16
C LYS B 432 -22.53 -18.78 8.72
N LEU B 433 -21.65 -19.13 7.78
CA LEU B 433 -22.06 -19.28 6.39
C LEU B 433 -22.90 -20.54 6.22
N THR B 434 -23.95 -20.42 5.40
CA THR B 434 -24.88 -21.52 5.14
C THR B 434 -25.34 -21.41 3.69
N ILE B 435 -25.70 -22.56 3.11
CA ILE B 435 -26.01 -22.66 1.69
C ILE B 435 -27.52 -22.78 1.54
N VAL B 436 -28.08 -22.00 0.61
CA VAL B 436 -29.50 -22.05 0.33
C VAL B 436 -29.89 -23.48 -0.09
N GLY B 437 -31.00 -23.95 0.45
CA GLY B 437 -31.33 -25.36 0.30
C GLY B 437 -31.82 -25.74 -1.08
N ASP B 438 -32.51 -24.83 -1.77
CA ASP B 438 -33.04 -25.14 -3.09
C ASP B 438 -32.08 -24.77 -4.22
N GLY B 439 -30.93 -24.17 -3.91
CA GLY B 439 -29.95 -23.84 -4.93
C GLY B 439 -30.38 -22.76 -5.90
N LYS B 440 -31.26 -21.85 -5.48
CA LYS B 440 -31.76 -20.80 -6.33
C LYS B 440 -31.52 -19.44 -5.70
N TYR B 441 -31.38 -18.42 -6.55
CA TYR B 441 -31.14 -17.06 -6.05
C TYR B 441 -32.41 -16.48 -5.44
N GLY B 442 -33.54 -16.61 -6.12
CA GLY B 442 -34.81 -16.36 -5.47
C GLY B 442 -35.78 -15.44 -6.19
N ALA B 443 -37.01 -15.91 -6.35
CA ALA B 443 -38.08 -15.11 -6.92
C ALA B 443 -39.41 -15.60 -6.33
N ARG B 444 -40.43 -14.75 -6.43
CA ARG B 444 -41.75 -15.13 -5.94
C ARG B 444 -42.50 -15.92 -7.01
N ASP B 445 -43.24 -16.92 -6.55
CA ASP B 445 -43.96 -17.80 -7.46
C ASP B 445 -45.11 -17.05 -8.14
N ALA B 446 -45.50 -17.54 -9.32
CA ALA B 446 -46.65 -16.98 -10.01
C ALA B 446 -47.95 -17.30 -9.27
N ASP B 447 -48.13 -18.54 -8.86
CA ASP B 447 -49.42 -19.02 -8.36
C ASP B 447 -49.43 -19.17 -6.84
N THR B 448 -48.51 -19.97 -6.29
CA THR B 448 -48.44 -20.12 -4.84
C THR B 448 -47.90 -18.88 -4.14
N LYS B 449 -47.31 -17.94 -4.89
CA LYS B 449 -46.70 -16.71 -4.38
C LYS B 449 -45.54 -16.99 -3.44
N ILE B 450 -45.13 -18.25 -3.31
CA ILE B 450 -43.97 -18.59 -2.49
C ILE B 450 -42.73 -17.92 -3.05
N TRP B 451 -42.03 -17.16 -2.22
CA TRP B 451 -40.68 -16.75 -2.54
C TRP B 451 -39.76 -17.97 -2.42
N ASN B 452 -39.10 -18.32 -3.51
CA ASN B 452 -38.10 -19.38 -3.49
C ASN B 452 -36.71 -18.78 -3.28
N GLY B 453 -35.71 -19.65 -3.26
CA GLY B 453 -34.33 -19.22 -3.13
C GLY B 453 -34.03 -18.53 -1.80
N MET B 454 -32.92 -17.80 -1.81
CA MET B 454 -32.45 -17.12 -0.61
C MET B 454 -33.45 -16.10 -0.09
N VAL B 455 -34.21 -15.46 -0.98
CA VAL B 455 -35.28 -14.57 -0.54
C VAL B 455 -36.35 -15.34 0.21
N GLY B 456 -36.66 -16.56 -0.25
CA GLY B 456 -37.47 -17.46 0.55
C GLY B 456 -36.90 -17.69 1.93
N GLU B 457 -35.62 -18.07 2.00
CA GLU B 457 -35.00 -18.35 3.30
C GLU B 457 -35.05 -17.14 4.22
N LEU B 458 -34.91 -15.94 3.66
CA LEU B 458 -35.01 -14.72 4.45
C LEU B 458 -36.43 -14.47 4.93
N VAL B 459 -37.43 -14.66 4.07
CA VAL B 459 -38.81 -14.44 4.47
C VAL B 459 -39.24 -15.46 5.53
N TYR B 460 -38.78 -16.69 5.41
CA TYR B 460 -39.10 -17.73 6.37
C TYR B 460 -38.11 -17.82 7.51
N GLY B 461 -37.37 -16.74 7.78
CA GLY B 461 -36.58 -16.65 8.99
C GLY B 461 -35.42 -17.62 9.08
N LYS B 462 -34.97 -18.17 7.96
CA LYS B 462 -33.89 -19.15 8.00
C LYS B 462 -32.54 -18.50 8.30
N ALA B 463 -32.38 -17.22 7.97
CA ALA B 463 -31.07 -16.58 8.09
C ALA B 463 -31.26 -15.11 8.43
N ASP B 464 -30.39 -14.61 9.31
CA ASP B 464 -30.42 -13.21 9.71
C ASP B 464 -29.95 -12.26 8.61
N ILE B 465 -29.14 -12.74 7.67
CA ILE B 465 -28.50 -11.88 6.68
C ILE B 465 -28.17 -12.73 5.47
N ALA B 466 -28.02 -12.08 4.32
CA ALA B 466 -27.70 -12.75 3.07
C ALA B 466 -26.53 -12.05 2.41
N ILE B 467 -25.52 -12.82 1.99
CA ILE B 467 -24.32 -12.29 1.37
C ILE B 467 -24.03 -13.16 0.15
N ALA B 468 -24.41 -12.69 -1.03
CA ALA B 468 -24.39 -13.47 -2.25
C ALA B 468 -24.54 -12.54 -3.45
N PRO B 469 -24.37 -13.03 -4.68
CA PRO B 469 -24.76 -12.19 -5.84
C PRO B 469 -26.26 -12.05 -5.96
N LEU B 470 -26.87 -11.36 -5.02
CA LEU B 470 -28.31 -11.07 -5.02
C LEU B 470 -28.51 -9.63 -5.46
N THR B 471 -29.14 -9.44 -6.61
CA THR B 471 -29.32 -8.12 -7.18
C THR B 471 -30.47 -7.39 -6.50
N ILE B 472 -30.25 -6.11 -6.20
CA ILE B 472 -31.32 -5.28 -5.65
C ILE B 472 -32.39 -5.08 -6.72
N THR B 473 -33.63 -5.44 -6.40
CA THR B 473 -34.75 -5.20 -7.28
C THR B 473 -35.94 -4.70 -6.45
N LEU B 474 -36.80 -3.93 -7.12
CA LEU B 474 -37.96 -3.34 -6.46
C LEU B 474 -38.90 -4.40 -5.91
N VAL B 475 -39.15 -5.47 -6.68
CA VAL B 475 -40.03 -6.54 -6.24
C VAL B 475 -39.46 -7.31 -5.05
N ARG B 476 -38.15 -7.21 -4.80
CA ARG B 476 -37.59 -7.77 -3.58
C ARG B 476 -37.73 -6.81 -2.40
N GLU B 477 -37.64 -5.50 -2.63
CA GLU B 477 -37.92 -4.54 -1.57
C GLU B 477 -39.35 -4.64 -1.03
N GLU B 478 -40.24 -5.36 -1.71
CA GLU B 478 -41.55 -5.61 -1.13
C GLU B 478 -41.45 -6.40 0.17
N VAL B 479 -40.51 -7.34 0.27
CA VAL B 479 -40.47 -8.24 1.40
C VAL B 479 -39.16 -8.23 2.17
N ILE B 480 -38.07 -7.70 1.62
CA ILE B 480 -36.79 -7.66 2.33
C ILE B 480 -36.11 -6.32 2.08
N ASP B 481 -35.13 -6.02 2.93
CA ASP B 481 -34.32 -4.81 2.85
C ASP B 481 -32.95 -5.14 2.29
N PHE B 482 -32.42 -4.25 1.45
CA PHE B 482 -31.08 -4.39 0.89
C PHE B 482 -30.19 -3.26 1.36
N SER B 483 -28.89 -3.57 1.52
CA SER B 483 -27.90 -2.57 1.83
C SER B 483 -27.61 -1.71 0.60
N LYS B 484 -26.82 -0.66 0.81
CA LYS B 484 -26.21 0.07 -0.29
C LYS B 484 -25.38 -0.90 -1.14
N PRO B 485 -25.26 -0.64 -2.44
CA PRO B 485 -24.55 -1.58 -3.31
C PRO B 485 -23.08 -1.68 -2.93
N PHE B 486 -22.59 -2.92 -2.83
CA PHE B 486 -21.17 -3.16 -2.62
C PHE B 486 -20.43 -3.43 -3.93
N MET B 487 -21.13 -3.88 -4.97
CA MET B 487 -20.54 -4.01 -6.30
C MET B 487 -21.62 -3.78 -7.35
N SER B 488 -21.29 -3.02 -8.38
CA SER B 488 -22.24 -2.64 -9.42
C SER B 488 -22.04 -3.52 -10.65
N LEU B 489 -22.98 -3.43 -11.58
CA LEU B 489 -22.99 -4.35 -12.72
C LEU B 489 -24.02 -3.88 -13.74
N GLY B 490 -24.23 -4.74 -14.74
CA GLY B 490 -25.35 -4.62 -15.65
C GLY B 490 -25.51 -5.93 -16.41
N ILE B 491 -26.71 -6.15 -16.92
CA ILE B 491 -26.94 -7.32 -17.76
C ILE B 491 -26.14 -7.16 -19.05
N SER B 492 -25.59 -8.27 -19.54
CA SER B 492 -24.76 -8.27 -20.74
C SER B 492 -24.90 -9.62 -21.43
N ILE B 493 -24.02 -9.88 -22.39
CA ILE B 493 -24.17 -10.98 -23.34
C ILE B 493 -22.89 -11.79 -23.33
N MET B 494 -23.02 -13.12 -23.24
CA MET B 494 -21.87 -14.02 -23.36
C MET B 494 -22.00 -14.90 -24.59
N ILE B 495 -20.93 -14.96 -25.38
CA ILE B 495 -20.82 -15.85 -26.52
C ILE B 495 -19.44 -16.49 -26.46
N LYS B 496 -19.28 -17.58 -27.20
CA LYS B 496 -17.93 -18.05 -27.51
C LYS B 496 -17.20 -16.98 -28.32
N LYS B 497 -15.96 -16.68 -27.93
CA LYS B 497 -15.23 -15.64 -28.64
C LYS B 497 -14.98 -16.06 -30.07
N PRO B 498 -15.15 -15.15 -31.03
CA PRO B 498 -14.66 -15.42 -32.38
C PRO B 498 -13.15 -15.32 -32.44
N GLN B 499 -12.47 -16.46 -32.62
CA GLN B 499 -11.05 -16.44 -32.89
C GLN B 499 -10.77 -15.62 -34.14
N LYS B 500 -9.84 -14.69 -34.03
CA LYS B 500 -9.59 -13.73 -35.11
C LYS B 500 -9.14 -14.44 -36.38
N SER B 501 -9.82 -14.15 -37.48
CA SER B 501 -9.64 -14.85 -38.73
C SER B 501 -8.30 -14.49 -39.37
N LYS B 502 -7.88 -15.33 -40.31
CA LYS B 502 -6.65 -15.10 -41.02
C LYS B 502 -6.73 -13.80 -41.83
N PRO B 503 -5.60 -13.13 -42.06
CA PRO B 503 -5.60 -11.94 -42.90
C PRO B 503 -6.16 -12.19 -44.29
N GLY B 504 -6.88 -11.19 -44.80
CA GLY B 504 -7.56 -11.35 -46.07
C GLY B 504 -6.60 -11.57 -47.23
N VAL B 505 -7.14 -12.24 -48.26
CA VAL B 505 -6.35 -12.53 -49.46
C VAL B 505 -5.78 -11.25 -50.07
N PHE B 506 -6.57 -10.19 -50.11
CA PHE B 506 -6.15 -8.91 -50.67
C PHE B 506 -5.59 -7.95 -49.63
N SER B 507 -5.00 -8.49 -48.55
CA SER B 507 -4.42 -7.62 -47.52
C SER B 507 -3.26 -6.77 -48.03
N PHE B 508 -2.59 -7.18 -49.10
CA PHE B 508 -1.44 -6.43 -49.60
C PHE B 508 -1.79 -5.02 -50.05
N LEU B 509 -3.07 -4.72 -50.27
CA LEU B 509 -3.51 -3.37 -50.59
C LEU B 509 -4.15 -2.65 -49.41
N ASP B 510 -4.16 -3.28 -48.22
CA ASP B 510 -4.78 -2.64 -47.06
C ASP B 510 -4.18 -1.31 -46.65
N PRO B 511 -2.85 -1.08 -46.71
CA PRO B 511 -2.31 0.16 -46.13
C PRO B 511 -2.84 1.44 -46.77
N LEU B 512 -3.37 1.37 -47.99
CA LEU B 512 -3.84 2.56 -48.69
C LEU B 512 -5.36 2.51 -48.84
N ALA B 513 -6.02 3.59 -48.44
CA ALA B 513 -7.47 3.71 -48.57
C ALA B 513 -7.92 3.51 -50.01
N TYR B 514 -9.09 2.90 -50.16
CA TYR B 514 -9.54 2.51 -51.50
C TYR B 514 -9.76 3.74 -52.37
N GLU B 515 -10.02 4.90 -51.76
CA GLU B 515 -10.03 6.14 -52.53
C GLU B 515 -8.62 6.53 -52.96
N ILE B 516 -7.60 6.10 -52.21
CA ILE B 516 -6.23 6.36 -52.62
C ILE B 516 -5.90 5.53 -53.85
N TRP B 517 -6.22 4.24 -53.81
CA TRP B 517 -5.98 3.39 -54.97
C TRP B 517 -6.76 3.87 -56.20
N MET B 518 -7.99 4.35 -56.01
CA MET B 518 -8.74 4.97 -57.09
C MET B 518 -8.01 6.18 -57.67
N CYS B 519 -7.64 7.14 -56.81
CA CYS B 519 -6.99 8.34 -57.32
C CYS B 519 -5.62 8.05 -57.91
N ILE B 520 -4.93 7.00 -57.43
CA ILE B 520 -3.70 6.55 -58.05
C ILE B 520 -3.94 6.07 -59.48
N VAL B 521 -4.98 5.25 -59.68
CA VAL B 521 -5.27 4.77 -61.03
C VAL B 521 -5.64 5.93 -61.95
N PHE B 522 -6.44 6.88 -61.46
CA PHE B 522 -6.77 8.01 -62.32
C PHE B 522 -5.60 8.95 -62.55
N ALA B 523 -4.68 9.08 -61.59
CA ALA B 523 -3.50 9.92 -61.81
C ALA B 523 -2.55 9.26 -62.80
N TYR B 524 -2.41 7.94 -62.72
CA TYR B 524 -1.69 7.20 -63.75
C TYR B 524 -2.26 7.46 -65.14
N ILE B 525 -3.59 7.37 -65.29
CA ILE B 525 -4.22 7.66 -66.58
C ILE B 525 -3.97 9.10 -67.01
N GLY B 526 -4.15 10.06 -66.10
CA GLY B 526 -3.96 11.48 -66.35
C GLY B 526 -2.53 11.91 -66.56
N VAL B 527 -1.55 11.08 -66.23
CA VAL B 527 -0.18 11.31 -66.68
C VAL B 527 0.06 10.67 -68.04
N SER B 528 -0.33 9.41 -68.18
CA SER B 528 -0.12 8.69 -69.44
C SER B 528 -0.63 9.50 -70.63
N VAL B 529 -1.90 9.92 -70.57
CA VAL B 529 -2.47 10.65 -71.70
C VAL B 529 -1.85 12.03 -71.88
N VAL B 530 -1.35 12.65 -70.81
CA VAL B 530 -0.71 13.95 -71.01
C VAL B 530 0.68 13.81 -71.62
N LEU B 531 1.39 12.71 -71.33
CA LEU B 531 2.63 12.46 -72.06
C LEU B 531 2.36 12.12 -73.52
N PHE B 532 1.28 11.41 -73.80
CA PHE B 532 0.95 11.13 -75.18
C PHE B 532 0.55 12.41 -75.93
N LEU B 533 -0.13 13.33 -75.25
CA LEU B 533 -0.43 14.63 -75.83
C LEU B 533 0.82 15.48 -76.06
N VAL B 534 1.70 15.55 -75.07
CA VAL B 534 2.81 16.50 -75.15
C VAL B 534 3.92 15.97 -76.05
N SER B 535 4.20 14.67 -75.99
CA SER B 535 4.94 14.03 -77.06
C SER B 535 4.02 13.81 -78.25
N ARG B 536 4.62 13.39 -79.37
CA ARG B 536 3.85 13.04 -80.57
C ARG B 536 3.01 14.23 -81.03
N PHE B 537 3.51 15.44 -80.74
CA PHE B 537 2.77 16.68 -80.93
C PHE B 537 3.11 17.35 -82.25
N SER B 538 3.47 16.57 -83.26
CA SER B 538 4.05 17.08 -84.50
C SER B 538 5.23 18.04 -84.25
N PRO B 539 6.31 17.56 -83.60
CA PRO B 539 7.51 18.43 -83.47
C PRO B 539 8.29 18.52 -84.77
N TYR B 540 7.68 19.16 -85.78
CA TYR B 540 8.29 19.28 -87.11
C TYR B 540 9.65 19.97 -87.03
N SER B 556 10.12 13.97 -92.41
CA SER B 556 8.84 13.65 -91.80
C SER B 556 8.94 13.68 -90.28
N GLU B 557 7.81 13.95 -89.63
CA GLU B 557 7.76 14.00 -88.16
C GLU B 557 7.69 12.58 -87.62
N SER B 558 8.76 12.15 -86.94
CA SER B 558 8.77 10.92 -86.16
C SER B 558 9.59 11.06 -84.90
N THR B 559 9.64 12.27 -84.32
CA THR B 559 10.68 12.62 -83.39
C THR B 559 10.45 12.09 -81.98
N ASN B 560 9.24 11.65 -81.65
CA ASN B 560 8.94 11.17 -80.30
C ASN B 560 8.36 9.76 -80.39
N GLU B 561 8.92 8.87 -79.57
CA GLU B 561 8.48 7.48 -79.51
C GLU B 561 7.27 7.28 -78.60
N PHE B 562 6.90 8.31 -77.84
CA PHE B 562 5.87 8.22 -76.81
C PHE B 562 4.45 8.21 -77.37
N GLY B 563 4.19 7.27 -78.27
CA GLY B 563 2.81 6.92 -78.58
C GLY B 563 2.07 6.49 -77.34
N ILE B 564 0.73 6.47 -77.42
CA ILE B 564 -0.08 6.33 -76.21
C ILE B 564 0.23 5.03 -75.46
N PHE B 565 0.38 3.92 -76.17
CA PHE B 565 0.70 2.66 -75.50
C PHE B 565 2.09 2.67 -74.88
N ASN B 566 3.02 3.43 -75.46
CA ASN B 566 4.33 3.59 -74.85
C ASN B 566 4.29 4.51 -73.63
N SER B 567 3.54 5.60 -73.69
CA SER B 567 3.44 6.47 -72.53
C SER B 567 2.71 5.76 -71.39
N LEU B 568 1.68 4.98 -71.73
CA LEU B 568 0.95 4.19 -70.75
C LEU B 568 1.83 3.10 -70.14
N TRP B 569 2.87 2.68 -70.84
CA TRP B 569 3.84 1.74 -70.28
C TRP B 569 4.91 2.43 -69.44
N PHE B 570 5.53 3.47 -69.99
CA PHE B 570 6.44 4.32 -69.24
C PHE B 570 5.88 4.74 -67.88
N SER B 571 4.67 5.29 -67.84
CA SER B 571 4.18 5.81 -66.56
C SER B 571 3.88 4.71 -65.56
N LEU B 572 3.60 3.50 -66.04
CA LEU B 572 3.52 2.36 -65.14
C LEU B 572 4.89 2.04 -64.57
N GLY B 573 5.90 1.97 -65.42
CA GLY B 573 7.23 1.65 -64.94
C GLY B 573 7.77 2.70 -63.99
N ALA B 574 7.53 3.96 -64.29
CA ALA B 574 7.87 5.03 -63.36
C ALA B 574 7.15 4.89 -62.03
N PHE B 575 5.86 4.55 -62.06
CA PHE B 575 5.16 4.29 -60.80
C PHE B 575 5.80 3.14 -60.04
N MET B 576 6.29 2.11 -60.73
CA MET B 576 6.86 0.95 -60.08
C MET B 576 8.36 1.07 -59.87
N GLN B 577 8.92 2.26 -60.11
CA GLN B 577 10.36 2.51 -60.04
C GLN B 577 11.15 1.40 -60.70
N GLN B 578 10.85 1.19 -61.98
CA GLN B 578 11.51 0.18 -62.78
C GLN B 578 12.03 0.84 -64.05
N GLY B 579 13.29 0.59 -64.36
CA GLY B 579 13.95 1.16 -65.52
C GLY B 579 13.08 1.20 -66.75
N CYS B 580 13.06 2.33 -67.44
CA CYS B 580 12.28 2.49 -68.66
C CYS B 580 13.19 3.05 -69.74
N ASP B 581 13.28 2.32 -70.85
CA ASP B 581 14.22 2.70 -71.90
C ASP B 581 13.88 4.08 -72.47
N ILE B 582 12.59 4.37 -72.63
CA ILE B 582 12.17 5.61 -73.27
C ILE B 582 12.16 6.73 -72.23
N SER B 583 12.54 7.92 -72.67
CA SER B 583 12.54 9.10 -71.82
C SER B 583 12.21 10.30 -72.70
N PRO B 584 11.53 11.32 -72.16
CA PRO B 584 10.94 12.34 -73.03
C PRO B 584 11.98 13.13 -73.82
N ARG B 585 12.94 13.73 -73.13
CA ARG B 585 13.98 14.58 -73.72
C ARG B 585 13.42 15.86 -74.32
N SER B 586 12.10 15.99 -74.36
CA SER B 586 11.50 17.22 -74.84
C SER B 586 11.24 18.15 -73.66
N LEU B 587 11.04 19.42 -73.96
CA LEU B 587 10.44 20.29 -72.97
C LEU B 587 9.03 19.82 -72.66
N SER B 588 8.55 20.12 -71.45
CA SER B 588 7.14 19.96 -71.12
C SER B 588 6.67 18.51 -71.09
N GLY B 589 7.51 17.58 -71.52
CA GLY B 589 7.24 16.17 -71.36
C GLY B 589 8.18 15.66 -70.29
N ARG B 590 9.37 16.26 -70.30
CA ARG B 590 10.34 16.02 -69.25
C ARG B 590 9.92 16.61 -67.91
N ILE B 591 9.04 17.62 -67.91
CA ILE B 591 8.44 18.07 -66.66
C ILE B 591 7.35 17.11 -66.18
N VAL B 592 6.55 16.57 -67.11
CA VAL B 592 5.60 15.52 -66.74
C VAL B 592 6.31 14.35 -66.10
N GLY B 593 7.42 13.91 -66.71
CA GLY B 593 8.24 12.89 -66.07
C GLY B 593 8.72 13.31 -64.70
N GLY B 594 9.29 14.51 -64.59
CA GLY B 594 9.87 14.92 -63.32
C GLY B 594 8.86 14.90 -62.18
N VAL B 595 7.64 15.39 -62.45
CA VAL B 595 6.64 15.44 -61.40
C VAL B 595 5.88 14.13 -61.22
N TRP B 596 5.84 13.25 -62.22
CA TRP B 596 5.36 11.90 -61.95
C TRP B 596 6.35 11.08 -61.12
N TRP B 597 7.64 11.31 -61.29
CA TRP B 597 8.62 10.72 -60.37
C TRP B 597 8.47 11.27 -58.97
N PHE B 598 8.43 12.60 -58.82
CA PHE B 598 8.24 13.17 -57.50
C PHE B 598 6.98 12.64 -56.83
N PHE B 599 5.87 12.55 -57.56
CA PHE B 599 4.65 11.93 -57.03
C PHE B 599 4.94 10.51 -56.56
N THR B 600 5.43 9.66 -57.46
CA THR B 600 5.41 8.23 -57.17
C THR B 600 6.42 7.85 -56.10
N LEU B 601 7.55 8.56 -56.04
CA LEU B 601 8.48 8.38 -54.92
C LEU B 601 7.77 8.49 -53.60
N ILE B 602 7.00 9.56 -53.40
CA ILE B 602 6.38 9.80 -52.10
C ILE B 602 5.20 8.87 -51.87
N ILE B 603 4.50 8.46 -52.92
CA ILE B 603 3.37 7.54 -52.73
C ILE B 603 3.84 6.14 -52.34
N ILE B 604 4.75 5.54 -53.12
CA ILE B 604 5.25 4.24 -52.67
C ILE B 604 6.15 4.33 -51.44
N SER B 605 6.82 5.47 -51.23
CA SER B 605 7.60 5.60 -49.97
C SER B 605 6.65 5.39 -48.79
N SER B 606 5.47 6.01 -48.84
CA SER B 606 4.47 5.87 -47.75
C SER B 606 3.89 4.45 -47.77
N TYR B 607 3.41 3.99 -48.92
CA TYR B 607 2.77 2.66 -49.02
C TYR B 607 3.71 1.59 -48.47
N THR B 608 4.94 1.52 -49.00
CA THR B 608 5.90 0.49 -48.56
C THR B 608 6.02 0.52 -47.05
N ALA B 609 6.14 1.71 -46.46
CA ALA B 609 6.34 1.84 -45.00
C ALA B 609 5.30 1.03 -44.22
N ASN B 610 4.06 0.94 -44.73
CA ASN B 610 2.98 0.27 -43.94
C ASN B 610 2.60 -1.09 -44.56
N LEU B 611 3.23 -1.47 -45.68
CA LEU B 611 2.82 -2.73 -46.37
C LEU B 611 2.91 -3.92 -45.40
N ALA B 612 4.12 -4.35 -45.05
CA ALA B 612 4.29 -5.54 -44.19
C ALA B 612 3.44 -5.41 -42.92
N ALA B 613 3.41 -4.21 -42.33
CA ALA B 613 2.65 -3.99 -41.08
C ALA B 613 1.19 -4.43 -41.26
N PHE B 614 0.55 -4.01 -42.34
CA PHE B 614 -0.89 -4.32 -42.53
C PHE B 614 -1.11 -5.76 -42.97
N LEU B 615 -0.16 -6.67 -42.70
CA LEU B 615 -0.43 -8.03 -43.15
C LEU B 615 -0.83 -8.96 -42.01
N THR B 616 -0.14 -8.91 -40.88
CA THR B 616 -0.39 -9.81 -39.76
C THR B 616 -1.45 -9.26 -38.81
N VAL B 617 -2.63 -8.92 -39.31
CA VAL B 617 -3.61 -8.19 -38.49
C VAL B 617 -4.54 -9.14 -37.73
N GLU B 618 -4.98 -10.23 -38.34
CA GLU B 618 -6.02 -11.09 -37.76
C GLU B 618 -7.25 -10.30 -37.31
N ARG B 619 -7.97 -9.79 -38.31
CA ARG B 619 -9.10 -8.91 -38.05
C ARG B 619 -10.21 -9.62 -37.27
N MET B 620 -10.82 -8.87 -36.36
CA MET B 620 -11.89 -9.41 -35.51
C MET B 620 -13.18 -9.59 -36.32
N VAL B 621 -13.91 -10.66 -35.99
CA VAL B 621 -15.12 -11.05 -36.73
C VAL B 621 -16.32 -11.24 -35.82
N SER B 622 -16.41 -10.43 -34.76
CA SER B 622 -17.53 -10.53 -33.81
C SER B 622 -18.86 -10.34 -34.53
N PRO B 623 -19.78 -11.31 -34.45
CA PRO B 623 -21.03 -11.22 -35.23
C PRO B 623 -22.05 -10.23 -34.71
N ILE B 624 -21.95 -9.77 -33.46
CA ILE B 624 -22.96 -8.90 -32.88
C ILE B 624 -22.28 -7.88 -31.97
N GLU B 625 -22.84 -6.68 -31.95
CA GLU B 625 -22.21 -5.60 -31.20
C GLU B 625 -23.18 -4.81 -30.33
N SER B 626 -24.40 -4.56 -30.79
CA SER B 626 -25.29 -3.56 -30.18
C SER B 626 -26.12 -4.10 -29.04
N ALA B 627 -26.06 -5.41 -28.77
CA ALA B 627 -26.96 -6.08 -27.82
C ALA B 627 -28.41 -6.03 -28.30
N GLU B 628 -28.65 -5.41 -29.45
CA GLU B 628 -29.94 -5.36 -30.09
C GLU B 628 -30.02 -6.17 -31.36
N ASP B 629 -28.88 -6.44 -32.00
CA ASP B 629 -28.81 -7.35 -33.13
C ASP B 629 -29.32 -8.75 -32.79
N LEU B 630 -29.30 -9.12 -31.51
CA LEU B 630 -29.93 -10.37 -31.08
C LEU B 630 -31.43 -10.36 -31.34
N SER B 631 -32.06 -9.19 -31.29
CA SER B 631 -33.50 -9.08 -31.39
C SER B 631 -33.96 -8.87 -32.84
N LYS B 632 -33.25 -9.47 -33.80
CA LYS B 632 -33.54 -9.30 -35.22
C LYS B 632 -33.53 -10.62 -35.96
N GLN B 633 -33.41 -11.74 -35.27
CA GLN B 633 -32.97 -12.98 -35.89
C GLN B 633 -33.45 -14.16 -35.06
N THR B 634 -33.37 -15.35 -35.66
CA THR B 634 -33.77 -16.59 -34.99
C THR B 634 -32.75 -17.69 -35.26
N GLU B 635 -31.47 -17.34 -35.31
CA GLU B 635 -30.42 -18.35 -35.44
C GLU B 635 -29.42 -18.30 -34.30
N ILE B 636 -29.09 -17.12 -33.79
CA ILE B 636 -28.41 -16.99 -32.51
C ILE B 636 -29.49 -17.03 -31.43
N ALA B 637 -29.61 -18.16 -30.74
CA ALA B 637 -30.55 -18.26 -29.63
C ALA B 637 -29.99 -17.56 -28.40
N TYR B 638 -30.90 -17.14 -27.52
CA TYR B 638 -30.50 -16.51 -26.27
C TYR B 638 -31.59 -16.69 -25.24
N GLY B 639 -31.22 -16.47 -23.98
CA GLY B 639 -32.14 -16.67 -22.88
C GLY B 639 -31.50 -16.25 -21.58
N THR B 640 -32.19 -16.57 -20.48
CA THR B 640 -31.83 -16.02 -19.18
C THR B 640 -31.88 -17.11 -18.13
N LEU B 641 -31.22 -16.83 -17.00
CA LEU B 641 -31.22 -17.75 -15.88
C LEU B 641 -32.61 -17.83 -15.26
N ASP B 642 -33.02 -19.04 -14.88
CA ASP B 642 -34.32 -19.24 -14.26
C ASP B 642 -34.28 -18.90 -12.78
N SER B 643 -35.31 -18.17 -12.33
CA SER B 643 -35.45 -17.78 -10.93
C SER B 643 -34.33 -16.82 -10.49
N GLY B 644 -34.16 -15.74 -11.25
CA GLY B 644 -33.16 -14.75 -10.90
C GLY B 644 -33.49 -13.39 -11.48
N SER B 645 -32.68 -12.41 -11.07
CA SER B 645 -32.85 -11.04 -11.56
C SER B 645 -32.67 -10.96 -13.07
N THR B 646 -31.83 -11.84 -13.64
CA THR B 646 -31.63 -11.89 -15.08
C THR B 646 -32.90 -12.28 -15.82
N LYS B 647 -33.88 -12.83 -15.11
CA LYS B 647 -35.21 -13.05 -15.66
C LYS B 647 -36.22 -12.01 -15.21
N GLU B 648 -36.18 -11.62 -13.93
CA GLU B 648 -37.11 -10.62 -13.42
C GLU B 648 -36.99 -9.28 -14.17
N PHE B 649 -35.79 -8.91 -14.62
CA PHE B 649 -35.65 -7.65 -15.34
C PHE B 649 -36.44 -7.66 -16.65
N PHE B 650 -36.40 -8.78 -17.38
CA PHE B 650 -37.24 -8.87 -18.58
C PHE B 650 -38.69 -9.10 -18.23
N ARG B 651 -38.97 -9.71 -17.08
CA ARG B 651 -40.33 -9.86 -16.56
C ARG B 651 -40.96 -8.52 -16.21
N ARG B 652 -40.16 -7.47 -16.05
CA ARG B 652 -40.69 -6.16 -15.68
C ARG B 652 -40.50 -5.10 -16.76
N SER B 653 -39.40 -5.13 -17.51
CA SER B 653 -38.91 -3.96 -18.23
C SER B 653 -39.72 -3.78 -19.51
N LYS B 654 -40.51 -2.72 -19.56
CA LYS B 654 -41.42 -2.44 -20.67
C LYS B 654 -40.75 -1.74 -21.85
N ILE B 655 -39.42 -1.73 -21.92
CA ILE B 655 -38.74 -1.18 -23.08
C ILE B 655 -38.93 -2.15 -24.25
N ALA B 656 -39.60 -1.67 -25.30
CA ALA B 656 -40.21 -2.57 -26.29
C ALA B 656 -39.21 -3.54 -26.92
N VAL B 657 -37.95 -3.12 -27.07
CA VAL B 657 -36.93 -4.07 -27.52
C VAL B 657 -36.79 -5.21 -26.53
N PHE B 658 -36.74 -4.89 -25.23
CA PHE B 658 -36.68 -5.95 -24.23
C PHE B 658 -37.97 -6.73 -24.13
N ASP B 659 -39.11 -6.10 -24.44
CA ASP B 659 -40.37 -6.83 -24.49
C ASP B 659 -40.40 -7.87 -25.61
N LYS B 660 -39.96 -7.49 -26.82
CA LYS B 660 -39.86 -8.48 -27.90
C LYS B 660 -38.83 -9.55 -27.60
N MET B 661 -37.72 -9.18 -26.94
CA MET B 661 -36.76 -10.18 -26.50
C MET B 661 -37.42 -11.17 -25.55
N TRP B 662 -38.08 -10.67 -24.50
CA TRP B 662 -38.73 -11.54 -23.52
C TRP B 662 -39.81 -12.41 -24.17
N THR B 663 -40.57 -11.83 -25.10
CA THR B 663 -41.56 -12.58 -25.85
C THR B 663 -40.95 -13.76 -26.60
N TYR B 664 -39.79 -13.55 -27.22
CA TYR B 664 -39.08 -14.67 -27.82
C TYR B 664 -38.58 -15.66 -26.77
N MET B 665 -37.92 -15.16 -25.73
CA MET B 665 -37.33 -16.04 -24.73
C MET B 665 -38.38 -16.90 -24.01
N ARG B 666 -39.62 -16.43 -23.94
CA ARG B 666 -40.68 -17.18 -23.28
C ARG B 666 -41.48 -18.04 -24.26
N SER B 667 -41.05 -18.13 -25.52
CA SER B 667 -41.76 -18.93 -26.51
C SER B 667 -40.87 -19.81 -27.36
N ALA B 668 -39.55 -19.65 -27.31
CA ALA B 668 -38.65 -20.42 -28.16
C ALA B 668 -38.36 -21.76 -27.49
N GLU B 669 -38.82 -22.85 -28.12
CA GLU B 669 -38.38 -24.18 -27.74
C GLU B 669 -37.06 -24.54 -28.42
N PRO B 670 -36.20 -25.33 -27.75
CA PRO B 670 -36.30 -25.81 -26.37
C PRO B 670 -36.05 -24.69 -25.38
N SER B 671 -36.55 -24.82 -24.15
CA SER B 671 -36.56 -23.72 -23.19
C SER B 671 -35.19 -23.07 -23.05
N VAL B 672 -35.08 -21.80 -23.47
CA VAL B 672 -33.78 -21.14 -23.54
C VAL B 672 -33.24 -20.78 -22.17
N PHE B 673 -34.05 -20.95 -21.12
CA PHE B 673 -33.55 -20.75 -19.77
C PHE B 673 -32.57 -21.85 -19.38
N VAL B 674 -31.89 -21.62 -18.26
CA VAL B 674 -30.96 -22.58 -17.68
C VAL B 674 -31.09 -22.50 -16.17
N ARG B 675 -30.77 -23.60 -15.49
CA ARG B 675 -30.93 -23.67 -14.05
C ARG B 675 -29.87 -22.86 -13.31
N THR B 676 -28.67 -22.74 -13.88
CA THR B 676 -27.57 -22.06 -13.20
C THR B 676 -26.72 -21.30 -14.22
N THR B 677 -25.97 -20.33 -13.68
CA THR B 677 -24.99 -19.62 -14.50
C THR B 677 -23.97 -20.59 -15.07
N ALA B 678 -23.55 -21.58 -14.28
CA ALA B 678 -22.67 -22.62 -14.78
C ALA B 678 -23.32 -23.41 -15.92
N GLU B 679 -24.63 -23.62 -15.84
CA GLU B 679 -25.32 -24.28 -16.95
C GLU B 679 -25.35 -23.40 -18.20
N GLY B 680 -25.51 -22.09 -18.04
CA GLY B 680 -25.43 -21.21 -19.21
C GLY B 680 -24.06 -21.16 -19.84
N VAL B 681 -23.03 -21.03 -19.00
CA VAL B 681 -21.63 -21.14 -19.41
C VAL B 681 -21.35 -22.47 -20.10
N ALA B 682 -22.01 -23.54 -19.69
CA ALA B 682 -21.93 -24.79 -20.43
C ALA B 682 -22.65 -24.70 -21.77
N ARG B 683 -23.86 -24.14 -21.77
CA ARG B 683 -24.69 -24.15 -22.97
C ARG B 683 -24.06 -23.37 -24.10
N VAL B 684 -23.28 -22.33 -23.77
CA VAL B 684 -22.49 -21.64 -24.79
C VAL B 684 -21.59 -22.61 -25.54
N ARG B 685 -20.91 -23.50 -24.80
CA ARG B 685 -20.06 -24.49 -25.46
C ARG B 685 -20.90 -25.59 -26.10
N LYS B 686 -22.04 -25.94 -25.49
CA LYS B 686 -23.02 -26.82 -26.10
C LYS B 686 -23.56 -26.29 -27.43
N SER B 687 -23.30 -25.02 -27.75
CA SER B 687 -23.94 -24.45 -28.93
C SER B 687 -23.04 -23.47 -29.67
N LYS B 688 -21.71 -23.60 -29.53
CA LYS B 688 -20.73 -22.93 -30.38
C LYS B 688 -20.88 -21.42 -30.42
N GLY B 689 -21.52 -20.83 -29.41
CA GLY B 689 -21.87 -19.43 -29.48
C GLY B 689 -23.07 -19.10 -30.34
N LYS B 690 -23.66 -20.08 -31.01
CA LYS B 690 -24.98 -19.88 -31.59
C LYS B 690 -26.07 -19.81 -30.54
N TYR B 691 -25.76 -20.14 -29.29
CA TYR B 691 -26.54 -19.72 -28.13
C TYR B 691 -25.74 -18.63 -27.43
N ALA B 692 -26.36 -17.46 -27.26
CA ALA B 692 -25.82 -16.43 -26.40
C ALA B 692 -26.47 -16.53 -25.03
N TYR B 693 -25.64 -16.64 -24.00
CA TYR B 693 -26.13 -16.58 -22.63
C TYR B 693 -26.18 -15.13 -22.18
N LEU B 694 -27.22 -14.79 -21.44
CA LEU B 694 -27.33 -13.47 -20.82
C LEU B 694 -26.97 -13.59 -19.35
N LEU B 695 -26.11 -12.69 -18.87
CA LEU B 695 -25.72 -12.72 -17.48
C LEU B 695 -25.21 -11.34 -17.09
N GLU B 696 -25.21 -11.09 -15.79
CA GLU B 696 -24.71 -9.83 -15.26
C GLU B 696 -23.23 -9.64 -15.58
N SER B 697 -22.85 -8.37 -15.78
CA SER B 697 -21.52 -8.05 -16.28
C SER B 697 -20.41 -8.60 -15.39
N THR B 698 -20.59 -8.53 -14.07
CA THR B 698 -19.56 -9.05 -13.17
C THR B 698 -19.39 -10.56 -13.29
N MET B 699 -20.39 -11.30 -13.73
CA MET B 699 -20.18 -12.69 -14.10
C MET B 699 -19.40 -12.83 -15.40
N ASN B 700 -19.80 -12.06 -16.43
CA ASN B 700 -19.19 -12.20 -17.74
C ASN B 700 -17.71 -11.82 -17.74
N GLU B 701 -17.38 -10.64 -17.24
CA GLU B 701 -16.00 -10.17 -17.24
C GLU B 701 -15.12 -10.89 -16.22
N TYR B 702 -15.70 -11.76 -15.39
CA TYR B 702 -14.92 -12.79 -14.71
C TYR B 702 -14.72 -14.01 -15.62
N ILE B 703 -15.81 -14.64 -16.04
CA ILE B 703 -15.75 -15.94 -16.70
C ILE B 703 -14.94 -15.86 -17.99
N GLU B 704 -15.01 -14.71 -18.68
CA GLU B 704 -14.18 -14.49 -19.86
C GLU B 704 -12.70 -14.62 -19.54
N GLN B 705 -12.29 -14.35 -18.30
CA GLN B 705 -10.89 -14.29 -17.93
C GLN B 705 -10.39 -15.62 -17.34
N ARG B 706 -11.22 -16.65 -17.36
CA ARG B 706 -10.88 -17.94 -16.77
C ARG B 706 -10.59 -18.96 -17.85
N LYS B 707 -9.57 -19.79 -17.60
CA LYS B 707 -9.17 -20.82 -18.55
C LYS B 707 -10.37 -21.67 -18.97
N PRO B 708 -10.57 -21.90 -20.26
CA PRO B 708 -9.68 -21.56 -21.39
C PRO B 708 -10.02 -20.24 -22.06
N CYS B 709 -10.91 -19.44 -21.47
CA CYS B 709 -11.29 -18.13 -22.02
C CYS B 709 -11.94 -18.24 -23.39
N ASP B 710 -12.66 -19.33 -23.65
CA ASP B 710 -13.30 -19.50 -24.95
C ASP B 710 -14.50 -18.59 -25.13
N THR B 711 -15.07 -18.07 -24.05
CA THR B 711 -16.18 -17.12 -24.13
C THR B 711 -15.66 -15.68 -24.18
N MET B 712 -16.56 -14.77 -24.55
CA MET B 712 -16.20 -13.35 -24.65
C MET B 712 -17.45 -12.50 -24.46
N LYS B 713 -17.23 -11.29 -23.95
CA LYS B 713 -18.25 -10.25 -23.89
C LYS B 713 -18.47 -9.63 -25.26
N VAL B 714 -19.67 -9.08 -25.47
CA VAL B 714 -19.92 -8.10 -26.52
C VAL B 714 -20.62 -6.90 -25.94
N GLY B 715 -20.50 -5.78 -26.65
CA GLY B 715 -21.31 -4.60 -26.42
C GLY B 715 -21.21 -3.99 -25.03
N GLY B 716 -22.13 -3.06 -24.78
CA GLY B 716 -22.29 -2.45 -23.47
C GLY B 716 -23.09 -3.31 -22.53
N ASN B 717 -23.83 -2.65 -21.64
CA ASN B 717 -24.70 -3.33 -20.68
C ASN B 717 -26.13 -2.83 -20.85
N LEU B 718 -27.09 -3.73 -20.67
CA LEU B 718 -28.48 -3.39 -20.91
C LEU B 718 -29.05 -2.50 -19.81
N ASP B 719 -28.47 -2.51 -18.61
CA ASP B 719 -28.92 -1.69 -17.50
C ASP B 719 -27.74 -1.51 -16.54
N SER B 720 -28.02 -1.00 -15.35
CA SER B 720 -26.96 -0.64 -14.41
C SER B 720 -27.27 -1.13 -12.99
N LYS B 721 -27.90 -2.30 -12.85
CA LYS B 721 -28.24 -2.81 -11.51
C LYS B 721 -26.99 -3.12 -10.68
N GLY B 722 -27.20 -3.51 -9.42
CA GLY B 722 -26.10 -3.85 -8.54
C GLY B 722 -26.52 -4.84 -7.46
N TYR B 723 -25.51 -5.41 -6.80
CA TYR B 723 -25.74 -6.32 -5.69
C TYR B 723 -25.94 -5.57 -4.37
N GLY B 724 -26.77 -6.15 -3.51
CA GLY B 724 -26.95 -5.62 -2.18
C GLY B 724 -27.04 -6.70 -1.12
N ILE B 725 -26.43 -6.45 0.05
CA ILE B 725 -26.61 -7.34 1.19
C ILE B 725 -28.05 -7.23 1.69
N ALA B 726 -28.68 -8.39 1.89
CA ALA B 726 -30.10 -8.43 2.20
C ALA B 726 -30.33 -9.07 3.56
N THR B 727 -31.41 -8.66 4.21
CA THR B 727 -31.83 -9.15 5.51
C THR B 727 -33.33 -9.36 5.48
N PRO B 728 -33.87 -10.16 6.40
CA PRO B 728 -35.31 -10.09 6.68
C PRO B 728 -35.69 -8.67 7.08
N LYS B 729 -36.89 -8.26 6.68
CA LYS B 729 -37.33 -6.88 6.90
C LYS B 729 -37.38 -6.56 8.39
N GLY B 730 -36.74 -5.45 8.75
CA GLY B 730 -36.67 -5.02 10.14
C GLY B 730 -35.63 -5.73 10.97
N SER B 731 -34.79 -6.57 10.38
CA SER B 731 -33.68 -7.17 11.11
C SER B 731 -32.74 -6.09 11.63
N SER B 732 -32.27 -6.27 12.86
CA SER B 732 -31.42 -5.27 13.51
C SER B 732 -30.09 -5.06 12.79
N LEU B 733 -29.69 -5.99 11.92
CA LEU B 733 -28.46 -5.84 11.16
C LEU B 733 -28.54 -4.77 10.07
N GLY B 734 -29.74 -4.37 9.64
CA GLY B 734 -29.85 -3.57 8.43
C GLY B 734 -29.04 -2.28 8.46
N THR B 735 -29.15 -1.53 9.55
CA THR B 735 -28.41 -0.27 9.62
C THR B 735 -26.91 -0.45 9.89
N PRO B 736 -26.46 -1.30 10.82
CA PRO B 736 -25.01 -1.43 10.98
C PRO B 736 -24.36 -2.04 9.75
N VAL B 737 -25.07 -2.93 9.05
CA VAL B 737 -24.55 -3.48 7.80
C VAL B 737 -24.41 -2.40 6.74
N ASN B 738 -25.42 -1.52 6.61
CA ASN B 738 -25.30 -0.40 5.70
C ASN B 738 -24.11 0.50 6.04
N LEU B 739 -23.96 0.84 7.32
CA LEU B 739 -22.85 1.67 7.75
C LEU B 739 -21.50 0.99 7.53
N ALA B 740 -21.44 -0.33 7.68
CA ALA B 740 -20.21 -1.07 7.39
C ALA B 740 -19.88 -1.05 5.91
N VAL B 741 -20.87 -1.30 5.06
CA VAL B 741 -20.65 -1.25 3.61
C VAL B 741 -20.17 0.13 3.19
N LEU B 742 -20.76 1.18 3.75
CA LEU B 742 -20.28 2.53 3.43
C LEU B 742 -18.87 2.78 3.94
N LYS B 743 -18.54 2.35 5.15
CA LYS B 743 -17.17 2.54 5.63
C LYS B 743 -16.15 1.72 4.83
N LEU B 744 -16.53 0.52 4.39
CA LEU B 744 -15.66 -0.28 3.52
C LEU B 744 -15.50 0.32 2.13
N SER B 745 -16.49 1.07 1.65
CA SER B 745 -16.28 1.78 0.40
C SER B 745 -15.44 3.04 0.59
N GLU B 746 -15.64 3.76 1.69
CA GLU B 746 -14.87 4.97 1.94
C GLU B 746 -13.42 4.66 2.26
N GLN B 747 -13.13 3.50 2.86
CA GLN B 747 -11.76 3.06 3.06
C GLN B 747 -11.11 2.51 1.81
N GLY B 748 -11.87 2.28 0.75
CA GLY B 748 -11.33 1.68 -0.45
C GLY B 748 -10.93 0.24 -0.24
N VAL B 749 -11.84 -0.55 0.30
CA VAL B 749 -11.63 -1.98 0.52
C VAL B 749 -12.33 -2.81 -0.54
N LEU B 750 -13.52 -2.38 -0.97
CA LEU B 750 -14.33 -3.19 -1.88
C LEU B 750 -13.69 -3.31 -3.25
N ASP B 751 -12.95 -2.28 -3.68
CA ASP B 751 -12.24 -2.39 -4.95
C ASP B 751 -11.10 -3.39 -4.87
N LYS B 752 -10.34 -3.39 -3.77
CA LYS B 752 -9.22 -4.31 -3.68
C LYS B 752 -9.70 -5.75 -3.46
N LEU B 753 -10.81 -5.92 -2.74
CA LEU B 753 -11.49 -7.22 -2.72
C LEU B 753 -11.96 -7.65 -4.10
N LYS B 754 -12.39 -6.71 -4.94
CA LYS B 754 -12.77 -7.08 -6.30
C LYS B 754 -11.55 -7.49 -7.12
N ASN B 755 -10.46 -6.73 -7.02
CA ASN B 755 -9.22 -7.08 -7.69
C ASN B 755 -8.74 -8.46 -7.29
N LYS B 756 -8.89 -8.80 -6.00
CA LYS B 756 -8.42 -10.08 -5.50
C LYS B 756 -9.09 -11.28 -6.17
N TRP B 757 -10.25 -11.07 -6.81
CA TRP B 757 -11.00 -12.22 -7.30
C TRP B 757 -11.32 -12.15 -8.78
N TRP B 758 -11.40 -10.93 -9.34
CA TRP B 758 -11.66 -10.77 -10.78
C TRP B 758 -10.37 -10.53 -11.57
N TYR B 759 -9.68 -9.42 -11.28
CA TYR B 759 -8.68 -8.89 -12.19
C TYR B 759 -7.30 -9.48 -11.94
N ASP B 760 -6.96 -9.77 -10.68
CA ASP B 760 -5.69 -10.44 -10.40
C ASP B 760 -5.70 -11.86 -10.95
N LYS B 761 -6.83 -12.56 -10.83
CA LYS B 761 -6.98 -13.92 -11.32
C LYS B 761 -7.26 -13.99 -12.81
N GLY B 762 -6.87 -12.97 -13.57
CA GLY B 762 -6.82 -13.07 -15.02
C GLY B 762 -5.67 -13.95 -15.45
N GLU B 763 -5.74 -15.23 -15.10
CA GLU B 763 -4.66 -16.19 -15.27
C GLU B 763 -4.65 -16.83 -16.65
N CYS B 764 -5.13 -16.13 -17.68
CA CYS B 764 -5.57 -16.78 -18.89
C CYS B 764 -5.42 -15.82 -20.08
N GLY B 765 -5.59 -16.40 -21.26
CA GLY B 765 -5.43 -15.75 -22.56
C GLY B 765 -5.99 -14.36 -22.79
N ALA B 766 -7.00 -13.93 -22.05
CA ALA B 766 -7.51 -12.57 -22.21
C ALA B 766 -6.56 -11.53 -21.61
N LYS B 767 -6.26 -11.65 -20.31
CA LYS B 767 -5.22 -10.81 -19.70
C LYS B 767 -3.88 -10.99 -20.38
N ASP B 768 -3.54 -12.22 -20.78
CA ASP B 768 -2.28 -12.48 -21.45
C ASP B 768 -2.20 -11.73 -22.79
N SER B 769 -3.22 -11.91 -23.64
CA SER B 769 -3.26 -11.17 -24.90
C SER B 769 -3.38 -9.68 -24.69
N GLY B 770 -3.82 -9.24 -23.50
CA GLY B 770 -3.74 -7.82 -23.18
C GLY B 770 -2.34 -7.33 -22.86
N SER B 771 -1.38 -8.25 -22.76
CA SER B 771 -0.01 -7.92 -22.37
C SER B 771 1.05 -8.64 -23.19
N LYS B 772 0.68 -9.62 -24.01
CA LYS B 772 1.63 -10.49 -24.70
C LYS B 772 1.15 -10.65 -26.14
N GLU B 773 2.09 -10.70 -27.08
CA GLU B 773 1.74 -10.61 -28.49
C GLU B 773 2.57 -11.62 -29.27
N LYS B 774 2.22 -11.77 -30.56
CA LYS B 774 2.78 -12.79 -31.43
C LYS B 774 4.26 -12.54 -31.71
N THR B 775 4.95 -13.61 -32.11
CA THR B 775 6.28 -13.52 -32.69
C THR B 775 6.21 -12.96 -34.12
N SER B 776 7.40 -12.73 -34.69
CA SER B 776 7.56 -12.10 -35.99
C SER B 776 7.55 -13.15 -37.10
N ALA B 777 8.07 -12.77 -38.28
CA ALA B 777 8.08 -13.51 -39.55
C ALA B 777 6.76 -13.36 -40.32
N LEU B 778 6.69 -13.99 -41.49
CA LEU B 778 5.62 -13.72 -42.45
C LEU B 778 5.24 -15.01 -43.16
N SER B 779 4.02 -15.47 -42.92
CA SER B 779 3.52 -16.72 -43.49
C SER B 779 2.90 -16.49 -44.86
N LEU B 780 2.74 -17.60 -45.60
CA LEU B 780 2.37 -17.52 -47.02
C LEU B 780 0.98 -16.93 -47.22
N SER B 781 0.03 -17.26 -46.34
CA SER B 781 -1.34 -16.79 -46.53
C SER B 781 -1.45 -15.28 -46.42
N ASN B 782 -0.49 -14.62 -45.77
CA ASN B 782 -0.42 -13.16 -45.84
C ASN B 782 -0.20 -12.64 -47.27
N VAL B 783 0.31 -13.48 -48.18
CA VAL B 783 0.84 -12.99 -49.44
C VAL B 783 0.26 -13.75 -50.62
N ALA B 784 -0.50 -14.81 -50.34
CA ALA B 784 -0.97 -15.72 -51.39
C ALA B 784 -1.77 -15.00 -52.47
N GLY B 785 -2.44 -13.90 -52.11
CA GLY B 785 -3.17 -13.13 -53.11
C GLY B 785 -2.30 -12.59 -54.24
N VAL B 786 -1.04 -12.26 -53.93
CA VAL B 786 -0.16 -11.77 -54.99
C VAL B 786 0.16 -12.87 -55.98
N PHE B 787 0.41 -14.09 -55.49
CA PHE B 787 0.67 -15.20 -56.39
C PHE B 787 -0.57 -15.60 -57.17
N TYR B 788 -1.76 -15.46 -56.57
CA TYR B 788 -2.98 -15.73 -57.31
C TYR B 788 -3.17 -14.74 -58.47
N ILE B 789 -3.08 -13.44 -58.18
CA ILE B 789 -3.27 -12.48 -59.26
C ILE B 789 -2.14 -12.56 -60.27
N LEU B 790 -0.95 -13.00 -59.85
CA LEU B 790 0.13 -13.29 -60.79
C LEU B 790 -0.24 -14.40 -61.77
N VAL B 791 -0.60 -15.58 -61.25
CA VAL B 791 -0.92 -16.70 -62.12
C VAL B 791 -2.11 -16.35 -63.03
N GLY B 792 -3.09 -15.64 -62.47
CA GLY B 792 -4.17 -15.12 -63.31
C GLY B 792 -3.68 -14.20 -64.42
N GLY B 793 -2.80 -13.26 -64.07
CA GLY B 793 -2.22 -12.38 -65.08
C GLY B 793 -1.48 -13.11 -66.17
N LEU B 794 -0.82 -14.22 -65.84
CA LEU B 794 -0.13 -14.98 -66.89
C LEU B 794 -1.08 -15.80 -67.75
N GLY B 795 -2.14 -16.36 -67.15
CA GLY B 795 -3.20 -16.93 -67.96
C GLY B 795 -3.83 -15.93 -68.90
N LEU B 796 -4.06 -14.71 -68.41
CA LEU B 796 -4.63 -13.65 -69.22
C LEU B 796 -3.70 -13.26 -70.36
N ALA B 797 -2.41 -13.04 -70.04
CA ALA B 797 -1.44 -12.71 -71.06
C ALA B 797 -1.40 -13.76 -72.15
N MET B 798 -1.36 -15.04 -71.76
CA MET B 798 -1.33 -16.11 -72.76
C MET B 798 -2.58 -16.07 -73.64
N LEU B 799 -3.76 -15.97 -73.03
CA LEU B 799 -5.00 -15.95 -73.81
C LEU B 799 -5.06 -14.74 -74.74
N VAL B 800 -4.68 -13.56 -74.25
CA VAL B 800 -4.72 -12.32 -75.01
C VAL B 800 -3.65 -12.26 -76.11
N ALA B 801 -2.62 -13.10 -76.05
CA ALA B 801 -1.81 -13.28 -77.25
C ALA B 801 -2.29 -14.41 -78.15
N LEU B 802 -2.87 -15.48 -77.60
CA LEU B 802 -3.37 -16.56 -78.44
C LEU B 802 -4.54 -16.12 -79.31
N ILE B 803 -5.42 -15.25 -78.80
CA ILE B 803 -6.49 -14.70 -79.64
C ILE B 803 -5.91 -13.88 -80.78
N GLU B 804 -4.87 -13.08 -80.51
CA GLU B 804 -4.27 -12.28 -81.57
C GLU B 804 -3.59 -13.16 -82.61
N PHE B 805 -2.89 -14.21 -82.15
CA PHE B 805 -2.25 -15.17 -83.05
C PHE B 805 -3.27 -15.85 -83.96
N CYS B 806 -4.37 -16.35 -83.38
CA CYS B 806 -5.38 -17.02 -84.20
C CYS B 806 -6.14 -16.04 -85.07
N TYR B 807 -6.26 -14.78 -84.63
CA TYR B 807 -6.75 -13.73 -85.52
C TYR B 807 -5.90 -13.62 -86.78
N LYS B 808 -4.56 -13.52 -86.61
CA LYS B 808 -3.72 -13.52 -87.80
C LYS B 808 -3.76 -14.85 -88.54
N SER B 809 -4.01 -15.95 -87.83
CA SER B 809 -4.11 -17.25 -88.48
C SER B 809 -5.36 -17.39 -89.33
N ARG B 810 -6.31 -16.45 -89.25
CA ARG B 810 -7.53 -16.52 -90.05
C ARG B 810 -8.08 -15.13 -90.32
N ASN C 1 -76.40 23.52 58.48
CA ASN C 1 -75.01 23.62 58.93
C ASN C 1 -74.27 24.72 58.21
N SER C 2 -73.25 25.27 58.86
CA SER C 2 -72.38 26.27 58.26
C SER C 2 -70.93 25.89 58.54
N ILE C 3 -70.06 26.13 57.56
CA ILE C 3 -68.72 25.56 57.55
C ILE C 3 -67.73 26.60 57.05
N GLN C 4 -67.01 27.23 57.96
CA GLN C 4 -65.99 28.19 57.56
C GLN C 4 -64.84 27.48 56.87
N ILE C 5 -64.38 28.07 55.76
CA ILE C 5 -63.21 27.59 55.04
C ILE C 5 -62.24 28.74 54.86
N GLY C 6 -60.95 28.44 54.90
CA GLY C 6 -59.94 29.44 54.61
C GLY C 6 -59.73 29.61 53.12
N GLY C 7 -59.67 30.87 52.69
CA GLY C 7 -59.29 31.20 51.33
C GLY C 7 -58.05 32.07 51.30
N LEU C 8 -56.99 31.60 50.64
CA LEU C 8 -55.67 32.20 50.76
C LEU C 8 -55.15 32.46 49.35
N PHE C 9 -55.49 33.62 48.80
CA PHE C 9 -55.38 33.83 47.37
C PHE C 9 -54.23 34.77 47.04
N PRO C 10 -53.46 34.49 46.00
CA PRO C 10 -52.47 35.45 45.53
C PRO C 10 -53.14 36.73 45.04
N ARG C 11 -52.45 37.84 45.22
CA ARG C 11 -52.89 39.10 44.63
C ARG C 11 -52.83 39.00 43.12
N GLY C 12 -53.93 39.35 42.45
CA GLY C 12 -54.03 39.20 41.02
C GLY C 12 -54.55 37.88 40.53
N ALA C 13 -55.09 37.04 41.42
CA ALA C 13 -55.66 35.75 41.05
C ALA C 13 -57.13 35.87 40.64
N ASP C 14 -57.53 37.02 40.11
CA ASP C 14 -58.94 37.32 39.88
C ASP C 14 -59.64 36.24 39.07
N GLN C 15 -59.00 35.75 38.01
CA GLN C 15 -59.66 34.76 37.17
C GLN C 15 -59.75 33.39 37.82
N GLU C 16 -58.90 33.11 38.82
CA GLU C 16 -59.10 31.93 39.65
C GLU C 16 -60.01 32.21 40.84
N TYR C 17 -59.96 33.44 41.37
CA TYR C 17 -60.88 33.83 42.44
C TYR C 17 -62.31 33.95 41.93
N SER C 18 -62.52 34.58 40.76
CA SER C 18 -63.84 34.57 40.15
C SER C 18 -64.32 33.16 39.88
N ALA C 19 -63.42 32.27 39.48
CA ALA C 19 -63.82 30.88 39.29
C ALA C 19 -64.13 30.21 40.62
N PHE C 20 -63.47 30.65 41.70
CA PHE C 20 -63.87 30.24 43.04
C PHE C 20 -65.26 30.75 43.40
N ARG C 21 -65.52 32.04 43.12
CA ARG C 21 -66.83 32.61 43.40
C ARG C 21 -67.93 31.99 42.54
N VAL C 22 -67.69 31.90 41.23
CA VAL C 22 -68.64 31.24 40.34
C VAL C 22 -68.79 29.77 40.71
N GLY C 23 -67.69 29.09 41.01
CA GLY C 23 -67.78 27.76 41.57
C GLY C 23 -68.59 27.72 42.86
N MET C 24 -68.41 28.73 43.71
CA MET C 24 -69.19 28.82 44.94
C MET C 24 -70.67 28.97 44.63
N VAL C 25 -71.01 29.87 43.71
CA VAL C 25 -72.41 30.07 43.32
C VAL C 25 -73.00 28.81 42.71
N GLN C 26 -72.17 27.98 42.07
CA GLN C 26 -72.67 26.71 41.54
C GLN C 26 -72.84 25.65 42.63
N PHE C 27 -71.78 25.34 43.38
CA PHE C 27 -71.79 24.15 44.21
C PHE C 27 -72.23 24.39 45.64
N SER C 28 -72.37 25.64 46.08
CA SER C 28 -72.81 25.87 47.45
C SER C 28 -74.30 25.57 47.61
N THR C 29 -74.68 25.21 48.83
CA THR C 29 -76.07 24.91 49.14
C THR C 29 -76.34 25.28 50.59
N SER C 30 -77.61 25.53 50.89
CA SER C 30 -78.01 25.96 52.23
C SER C 30 -77.80 24.88 53.28
N GLU C 31 -77.70 23.62 52.88
CA GLU C 31 -77.60 22.53 53.85
C GLU C 31 -76.30 22.61 54.64
N PHE C 32 -75.18 22.92 53.98
CA PHE C 32 -73.88 23.07 54.63
C PHE C 32 -73.16 24.23 53.94
N ARG C 33 -73.32 25.42 54.52
CA ARG C 33 -72.92 26.68 53.89
C ARG C 33 -71.42 26.91 54.10
N LEU C 34 -70.63 26.44 53.15
CA LEU C 34 -69.21 26.77 53.10
C LEU C 34 -69.02 28.29 53.01
N THR C 35 -68.28 28.85 53.97
CA THR C 35 -68.20 30.29 54.17
C THR C 35 -66.74 30.72 54.10
N PRO C 36 -66.29 31.25 52.96
CA PRO C 36 -64.86 31.58 52.80
C PRO C 36 -64.43 32.71 53.72
N HIS C 37 -63.30 32.50 54.40
CA HIS C 37 -62.55 33.57 55.05
C HIS C 37 -61.33 33.85 54.18
N ILE C 38 -61.27 35.04 53.60
CA ILE C 38 -60.39 35.34 52.48
C ILE C 38 -59.26 36.25 52.94
N ASP C 39 -58.04 35.90 52.55
CA ASP C 39 -56.88 36.78 52.72
C ASP C 39 -56.15 36.91 51.39
N ASN C 40 -55.56 38.08 51.17
CA ASN C 40 -54.81 38.38 49.94
C ASN C 40 -53.46 39.00 50.33
N LEU C 41 -52.45 38.16 50.50
CA LEU C 41 -51.09 38.63 50.81
C LEU C 41 -50.10 37.88 49.92
N GLU C 42 -48.90 38.46 49.81
CA GLU C 42 -47.88 37.98 48.89
C GLU C 42 -47.57 36.50 49.15
N VAL C 43 -47.96 35.64 48.23
CA VAL C 43 -47.75 34.20 48.42
C VAL C 43 -46.27 33.85 48.35
N ALA C 44 -45.49 34.59 47.57
CA ALA C 44 -44.04 34.35 47.51
C ALA C 44 -43.32 34.80 48.77
N ASN C 45 -44.04 35.22 49.80
CA ASN C 45 -43.47 35.69 51.05
C ASN C 45 -43.93 34.74 52.14
N SER C 46 -42.97 34.04 52.77
CA SER C 46 -43.35 33.01 53.75
C SER C 46 -43.84 33.62 55.05
N PHE C 47 -43.43 34.84 55.37
CA PHE C 47 -43.94 35.51 56.58
C PHE C 47 -45.42 35.78 56.46
N ALA C 48 -45.83 36.51 55.42
CA ALA C 48 -47.23 36.88 55.24
C ALA C 48 -48.12 35.67 55.06
N VAL C 49 -47.65 34.64 54.34
CA VAL C 49 -48.40 33.39 54.24
C VAL C 49 -48.57 32.74 55.60
N THR C 50 -47.48 32.62 56.37
CA THR C 50 -47.59 32.02 57.69
C THR C 50 -48.47 32.85 58.62
N ASN C 51 -48.30 34.17 58.59
CA ASN C 51 -49.11 35.05 59.44
C ASN C 51 -50.59 34.89 59.16
N ALA C 52 -50.99 35.00 57.89
CA ALA C 52 -52.39 34.82 57.51
C ALA C 52 -52.88 33.39 57.78
N PHE C 53 -52.04 32.39 57.52
CA PHE C 53 -52.40 31.01 57.81
C PHE C 53 -52.73 30.82 59.28
N CYS C 54 -51.91 31.38 60.18
CA CYS C 54 -52.21 31.28 61.60
C CYS C 54 -53.49 32.02 61.99
N SER C 55 -53.74 33.18 61.38
CA SER C 55 -54.99 33.89 61.61
C SER C 55 -56.20 33.06 61.18
N GLN C 56 -56.13 32.45 60.01
CA GLN C 56 -57.23 31.60 59.55
C GLN C 56 -57.37 30.33 60.38
N PHE C 57 -56.27 29.85 60.98
CA PHE C 57 -56.40 28.83 62.02
C PHE C 57 -57.09 29.38 63.27
N SER C 58 -56.82 30.64 63.61
CA SER C 58 -57.42 31.23 64.80
C SER C 58 -58.92 31.47 64.66
N ARG C 59 -59.44 31.50 63.43
CA ARG C 59 -60.89 31.54 63.24
C ARG C 59 -61.54 30.16 63.35
N GLY C 60 -60.73 29.10 63.47
CA GLY C 60 -61.27 27.76 63.60
C GLY C 60 -61.91 27.23 62.35
N VAL C 61 -61.44 27.67 61.17
CA VAL C 61 -61.99 27.17 59.92
C VAL C 61 -61.64 25.70 59.76
N TYR C 62 -62.53 24.96 59.10
CA TYR C 62 -62.37 23.51 58.99
C TYR C 62 -61.39 23.10 57.90
N ALA C 63 -61.20 23.96 56.89
CA ALA C 63 -60.27 23.68 55.81
C ALA C 63 -59.75 25.00 55.26
N ILE C 64 -58.63 24.93 54.56
CA ILE C 64 -58.06 26.10 53.89
C ILE C 64 -57.84 25.75 52.43
N PHE C 65 -58.11 26.71 51.55
CA PHE C 65 -57.83 26.60 50.12
C PHE C 65 -57.03 27.81 49.67
N GLY C 66 -56.07 27.58 48.78
CA GLY C 66 -55.20 28.65 48.34
C GLY C 66 -54.10 28.15 47.44
N PHE C 67 -53.14 29.03 47.20
CA PHE C 67 -52.05 28.79 46.26
C PHE C 67 -50.73 29.09 46.94
N TYR C 68 -49.68 28.37 46.53
CA TYR C 68 -48.36 28.55 47.10
C TYR C 68 -47.31 28.54 46.00
N ASP C 69 -46.10 28.93 46.41
CA ASP C 69 -44.96 29.14 45.52
C ASP C 69 -43.76 28.44 46.15
N LYS C 70 -42.71 28.23 45.34
CA LYS C 70 -41.52 27.55 45.84
C LYS C 70 -40.87 28.28 47.00
N LYS C 71 -41.19 29.56 47.21
CA LYS C 71 -40.75 30.28 48.39
C LYS C 71 -41.64 30.04 49.61
N SER C 72 -42.73 29.28 49.47
CA SER C 72 -43.65 29.08 50.59
C SER C 72 -44.16 27.66 50.71
N VAL C 73 -43.99 26.80 49.71
CA VAL C 73 -44.55 25.45 49.74
C VAL C 73 -44.02 24.65 50.92
N ASN C 74 -42.79 24.92 51.35
CA ASN C 74 -42.24 24.23 52.51
C ASN C 74 -42.77 24.75 53.84
N THR C 75 -43.51 25.86 53.84
CA THR C 75 -44.26 26.27 55.01
C THR C 75 -45.64 25.62 55.08
N ILE C 76 -46.41 25.68 53.99
CA ILE C 76 -47.76 25.14 54.00
C ILE C 76 -47.73 23.64 54.27
N THR C 77 -46.93 22.89 53.50
CA THR C 77 -46.85 21.44 53.71
C THR C 77 -46.34 21.05 55.09
N SER C 78 -45.64 21.95 55.78
CA SER C 78 -45.18 21.65 57.13
C SER C 78 -46.18 22.02 58.23
N PHE C 79 -46.88 23.14 58.09
CA PHE C 79 -47.98 23.45 59.01
C PHE C 79 -49.11 22.45 58.88
N CYS C 80 -49.51 22.14 57.65
CA CYS C 80 -50.53 21.12 57.44
C CYS C 80 -50.05 19.75 57.88
N GLY C 81 -48.76 19.46 57.73
CA GLY C 81 -48.22 18.25 58.30
C GLY C 81 -48.22 18.22 59.82
N THR C 82 -48.37 19.37 60.47
CA THR C 82 -48.41 19.44 61.93
C THR C 82 -49.83 19.56 62.47
N LEU C 83 -50.52 20.65 62.15
CA LEU C 83 -51.86 20.89 62.68
C LEU C 83 -52.93 20.03 62.00
N HIS C 84 -52.56 19.20 61.04
CA HIS C 84 -53.48 18.34 60.31
C HIS C 84 -54.56 19.10 59.55
N VAL C 85 -54.42 20.43 59.45
CA VAL C 85 -55.36 21.22 58.65
C VAL C 85 -55.22 20.84 57.19
N SER C 86 -56.33 20.43 56.58
CA SER C 86 -56.31 20.00 55.18
C SER C 86 -56.28 21.23 54.27
N PHE C 87 -55.28 21.26 53.38
CA PHE C 87 -55.07 22.36 52.46
C PHE C 87 -55.27 21.85 51.04
N ILE C 88 -56.20 22.46 50.31
CA ILE C 88 -56.52 22.07 48.94
C ILE C 88 -55.96 23.13 48.00
N THR C 89 -55.24 22.68 46.97
CA THR C 89 -54.52 23.63 46.12
C THR C 89 -54.40 23.19 44.67
N PRO C 90 -54.45 24.13 43.73
CA PRO C 90 -54.13 23.83 42.33
C PRO C 90 -52.68 24.07 41.94
N SER C 91 -51.85 24.62 42.83
CA SER C 91 -50.48 24.99 42.48
C SER C 91 -49.62 23.74 42.25
N PHE C 92 -48.36 23.99 41.92
CA PHE C 92 -47.48 22.95 41.40
C PHE C 92 -47.41 21.77 42.36
N PRO C 93 -47.42 20.54 41.85
CA PRO C 93 -47.36 19.37 42.74
C PRO C 93 -46.05 19.30 43.53
N THR C 94 -46.17 18.82 44.77
CA THR C 94 -45.02 18.63 45.67
C THR C 94 -44.40 17.25 45.44
N ASP C 95 -43.09 17.18 45.66
CA ASP C 95 -42.36 15.95 45.35
C ASP C 95 -42.60 14.86 46.38
N GLY C 96 -42.83 15.23 47.65
CA GLY C 96 -43.04 14.24 48.68
C GLY C 96 -44.47 13.72 48.73
N THR C 97 -44.65 12.68 49.53
CA THR C 97 -45.97 12.13 49.83
C THR C 97 -46.61 12.82 51.04
N HIS C 98 -46.66 14.15 50.98
CA HIS C 98 -47.04 14.94 52.15
C HIS C 98 -48.50 14.71 52.51
N PRO C 99 -48.80 14.33 53.74
CA PRO C 99 -50.20 14.21 54.18
C PRO C 99 -50.87 15.57 54.25
N PHE C 100 -52.21 15.54 54.16
CA PHE C 100 -53.07 16.69 54.42
C PHE C 100 -52.83 17.82 53.44
N VAL C 101 -52.33 17.51 52.25
CA VAL C 101 -52.31 18.45 51.13
C VAL C 101 -53.00 17.79 49.95
N ILE C 102 -54.03 18.43 49.42
CA ILE C 102 -54.83 17.95 48.31
C ILE C 102 -54.43 18.76 47.09
N GLN C 103 -53.78 18.11 46.12
CA GLN C 103 -53.11 18.81 45.02
C GLN C 103 -53.80 18.48 43.71
N MET C 104 -54.42 19.50 43.09
CA MET C 104 -55.34 19.26 42.00
C MET C 104 -54.68 19.26 40.63
N ARG C 105 -53.49 19.80 40.51
CA ARG C 105 -52.80 19.78 39.22
C ARG C 105 -52.14 18.44 39.00
N PRO C 106 -52.36 17.79 37.86
CA PRO C 106 -51.78 16.46 37.64
C PRO C 106 -50.28 16.53 37.39
N ASP C 107 -49.64 15.38 37.49
CA ASP C 107 -48.21 15.28 37.23
C ASP C 107 -47.93 15.39 35.73
N LEU C 108 -47.19 16.43 35.35
CA LEU C 108 -46.86 16.66 33.94
C LEU C 108 -45.74 15.78 33.44
N LYS C 109 -44.85 15.32 34.32
CA LYS C 109 -43.57 14.75 33.92
C LYS C 109 -43.72 13.61 32.92
N GLY C 110 -44.59 12.65 33.22
CA GLY C 110 -44.77 11.51 32.33
C GLY C 110 -45.26 11.88 30.95
N ALA C 111 -46.22 12.81 30.87
CA ALA C 111 -46.78 13.19 29.57
C ALA C 111 -45.76 13.92 28.70
N LEU C 112 -45.01 14.87 29.28
CA LEU C 112 -43.99 15.56 28.51
C LEU C 112 -42.90 14.60 28.04
N LEU C 113 -42.39 13.75 28.94
CA LEU C 113 -41.37 12.79 28.54
C LEU C 113 -41.91 11.79 27.52
N SER C 114 -43.20 11.46 27.58
CA SER C 114 -43.80 10.61 26.56
C SER C 114 -43.84 11.32 25.21
N LEU C 115 -44.20 12.60 25.19
CA LEU C 115 -44.22 13.35 23.95
C LEU C 115 -42.84 13.43 23.29
N ILE C 116 -41.79 13.57 24.10
CA ILE C 116 -40.43 13.55 23.57
C ILE C 116 -40.13 12.22 22.86
N GLU C 117 -40.56 11.10 23.44
CA GLU C 117 -40.37 9.82 22.76
C GLU C 117 -41.26 9.69 21.54
N TYR C 118 -42.48 10.19 21.59
CA TYR C 118 -43.31 10.20 20.39
C TYR C 118 -42.67 11.02 19.28
N TYR C 119 -42.13 12.19 19.62
CA TYR C 119 -41.39 12.98 18.64
C TYR C 119 -40.02 12.39 18.33
N GLN C 120 -39.61 11.33 19.02
CA GLN C 120 -38.33 10.67 18.78
C GLN C 120 -37.16 11.65 18.94
N TRP C 121 -37.28 12.56 19.90
CA TRP C 121 -36.25 13.57 20.08
C TRP C 121 -35.01 12.96 20.71
N ASP C 122 -33.86 13.53 20.37
CA ASP C 122 -32.59 13.16 20.98
C ASP C 122 -31.67 14.34 21.25
N LYS C 123 -32.06 15.55 20.88
CA LYS C 123 -31.20 16.73 21.08
C LYS C 123 -32.10 17.95 21.11
N PHE C 124 -32.21 18.58 22.27
CA PHE C 124 -33.12 19.70 22.44
C PHE C 124 -32.61 20.63 23.54
N ALA C 125 -33.02 21.88 23.47
CA ALA C 125 -32.90 22.79 24.60
C ALA C 125 -34.00 22.52 25.62
N TYR C 126 -33.72 22.87 26.89
CA TYR C 126 -34.73 22.80 27.95
C TYR C 126 -34.66 24.07 28.80
N LEU C 127 -35.32 25.12 28.34
CA LEU C 127 -35.34 26.37 29.09
C LEU C 127 -36.39 26.25 30.18
N TYR C 128 -36.04 26.64 31.41
CA TYR C 128 -36.94 26.45 32.54
C TYR C 128 -36.84 27.61 33.51
N ASP C 129 -37.86 27.72 34.36
CA ASP C 129 -37.93 28.73 35.40
C ASP C 129 -38.15 28.04 36.73
N SER C 130 -37.49 28.55 37.77
CA SER C 130 -37.42 27.83 39.04
C SER C 130 -38.76 27.83 39.77
N ASP C 131 -39.63 28.80 39.53
CA ASP C 131 -40.70 29.11 40.46
C ASP C 131 -41.92 28.20 40.29
N ARG C 132 -41.72 26.99 39.78
CA ARG C 132 -42.75 25.95 39.83
C ARG C 132 -42.18 24.63 40.31
N GLY C 133 -41.00 24.64 40.91
CA GLY C 133 -40.36 23.41 41.33
C GLY C 133 -39.54 22.78 40.22
N LEU C 134 -38.26 22.52 40.47
CA LEU C 134 -37.39 21.97 39.45
C LEU C 134 -37.58 20.47 39.26
N SER C 135 -38.68 19.91 39.75
CA SER C 135 -38.99 18.51 39.50
C SER C 135 -39.00 18.19 38.01
N THR C 136 -39.53 19.11 37.20
CA THR C 136 -39.57 18.90 35.76
C THR C 136 -38.16 18.81 35.17
N LEU C 137 -37.30 19.77 35.54
CA LEU C 137 -35.92 19.74 35.07
C LEU C 137 -35.22 18.45 35.45
N GLN C 138 -35.38 18.02 36.70
CA GLN C 138 -34.72 16.79 37.14
C GLN C 138 -35.19 15.58 36.34
N ALA C 139 -36.48 15.51 36.02
CA ALA C 139 -36.99 14.38 35.25
C ALA C 139 -36.44 14.32 33.83
N VAL C 140 -36.27 15.47 33.17
CA VAL C 140 -35.65 15.43 31.84
C VAL C 140 -34.16 15.17 31.91
N LEU C 141 -33.48 15.68 32.94
CA LEU C 141 -32.06 15.40 33.10
C LEU C 141 -31.80 13.92 33.38
N ASP C 142 -32.58 13.33 34.29
CA ASP C 142 -32.45 11.90 34.56
C ASP C 142 -32.78 11.05 33.34
N SER C 143 -33.87 11.37 32.63
CA SER C 143 -34.20 10.63 31.42
C SER C 143 -33.13 10.81 30.34
N ALA C 144 -32.64 12.04 30.16
CA ALA C 144 -31.60 12.28 29.16
C ALA C 144 -30.31 11.52 29.45
N ALA C 145 -29.98 11.37 30.74
CA ALA C 145 -28.81 10.56 31.09
C ALA C 145 -29.03 9.09 30.75
N GLU C 146 -30.25 8.60 30.90
CA GLU C 146 -30.56 7.21 30.53
C GLU C 146 -30.70 7.06 29.02
N LYS C 147 -31.50 7.91 28.39
CA LYS C 147 -31.78 7.82 26.96
C LYS C 147 -30.73 8.49 26.10
N LYS C 148 -29.57 8.82 26.68
CA LYS C 148 -28.41 9.41 25.98
C LYS C 148 -28.78 10.64 25.15
N TRP C 149 -29.80 11.39 25.58
CA TRP C 149 -30.11 12.66 24.95
C TRP C 149 -29.11 13.72 25.38
N GLN C 150 -28.92 14.71 24.51
CA GLN C 150 -28.32 15.97 24.90
C GLN C 150 -29.41 16.94 25.35
N VAL C 151 -29.13 17.68 26.41
CA VAL C 151 -29.98 18.78 26.85
C VAL C 151 -29.11 20.00 27.09
N THR C 152 -29.49 21.13 26.48
CA THR C 152 -28.90 22.43 26.80
C THR C 152 -29.85 23.15 27.76
N ALA C 153 -29.79 22.77 29.03
CA ALA C 153 -30.64 23.38 30.02
C ALA C 153 -30.10 24.77 30.36
N ILE C 154 -31.00 25.73 30.47
CA ILE C 154 -30.66 27.11 30.82
C ILE C 154 -31.77 27.68 31.67
N ASN C 155 -31.42 28.29 32.81
CA ASN C 155 -32.42 28.90 33.66
C ASN C 155 -32.90 30.20 33.02
N VAL C 156 -33.93 30.10 32.19
CA VAL C 156 -34.53 31.26 31.52
C VAL C 156 -35.35 32.07 32.52
N GLY C 157 -35.39 31.62 33.78
CA GLY C 157 -36.08 32.39 34.80
C GLY C 157 -35.31 33.57 35.34
N ASN C 158 -33.97 33.55 35.23
CA ASN C 158 -33.18 34.65 35.78
C ASN C 158 -33.34 35.92 34.97
N ILE C 159 -33.65 35.80 33.69
CA ILE C 159 -33.79 36.98 32.83
C ILE C 159 -35.04 37.75 33.25
N ASN C 160 -34.89 39.06 33.44
CA ASN C 160 -35.94 39.90 34.01
C ASN C 160 -36.07 41.18 33.20
N ASN C 161 -37.06 41.99 33.60
CA ASN C 161 -37.43 43.20 32.86
C ASN C 161 -36.28 44.19 32.73
N ASP C 162 -35.29 44.15 33.61
CA ASP C 162 -34.18 45.11 33.55
C ASP C 162 -33.44 45.03 32.22
N LYS C 163 -33.34 43.83 31.63
CA LYS C 163 -32.58 43.66 30.40
C LYS C 163 -33.23 42.57 29.55
N LYS C 164 -34.55 42.61 29.44
CA LYS C 164 -35.36 41.56 28.83
C LYS C 164 -35.25 41.53 27.31
N ASP C 165 -34.34 42.25 26.68
CA ASP C 165 -34.28 42.31 25.22
C ASP C 165 -32.95 41.82 24.67
N GLU C 166 -31.84 42.35 25.16
CA GLU C 166 -30.52 41.92 24.70
C GLU C 166 -30.20 40.51 25.17
N THR C 167 -30.60 40.18 26.40
CA THR C 167 -30.28 38.88 26.98
C THR C 167 -30.85 37.73 26.17
N TYR C 168 -32.06 37.88 25.64
CA TYR C 168 -32.63 36.82 24.81
C TYR C 168 -31.90 36.68 23.48
N ARG C 169 -31.51 37.78 22.86
CA ARG C 169 -30.72 37.68 21.64
C ARG C 169 -29.39 36.98 21.92
N SER C 170 -28.71 37.39 22.99
CA SER C 170 -27.50 36.69 23.41
C SER C 170 -27.78 35.23 23.74
N LEU C 171 -28.81 34.99 24.56
CA LEU C 171 -29.18 33.63 24.95
C LEU C 171 -29.45 32.75 23.73
N PHE C 172 -30.28 33.23 22.80
CA PHE C 172 -30.61 32.41 21.65
C PHE C 172 -29.46 32.29 20.66
N GLN C 173 -28.57 33.28 20.61
CA GLN C 173 -27.30 33.08 19.92
C GLN C 173 -26.52 31.94 20.56
N ASP C 174 -26.53 31.87 21.89
CA ASP C 174 -25.88 30.77 22.60
C ASP C 174 -26.57 29.43 22.37
N LEU C 175 -27.80 29.41 21.84
CA LEU C 175 -28.36 28.17 21.33
C LEU C 175 -27.79 27.83 19.96
N GLU C 176 -27.56 28.83 19.11
CA GLU C 176 -26.94 28.57 17.82
C GLU C 176 -25.51 28.06 17.97
N LEU C 177 -24.81 28.48 19.03
CA LEU C 177 -23.48 27.93 19.27
C LEU C 177 -23.52 26.42 19.41
N LYS C 178 -24.60 25.90 20.00
CA LYS C 178 -24.86 24.47 20.05
C LYS C 178 -25.84 24.04 18.97
N LYS C 179 -26.40 25.01 18.23
CA LYS C 179 -27.28 24.76 17.09
C LYS C 179 -28.48 23.90 17.46
N GLU C 180 -29.05 24.17 18.63
CA GLU C 180 -30.31 23.53 18.98
C GLU C 180 -31.44 24.09 18.12
N ARG C 181 -32.39 23.22 17.78
CA ARG C 181 -33.60 23.62 17.07
C ARG C 181 -34.84 23.16 17.81
N ARG C 182 -34.82 21.96 18.36
CA ARG C 182 -35.86 21.49 19.26
C ARG C 182 -35.71 22.20 20.60
N VAL C 183 -36.81 22.75 21.12
CA VAL C 183 -36.76 23.54 22.33
C VAL C 183 -37.94 23.17 23.21
N ILE C 184 -37.72 23.14 24.52
CA ILE C 184 -38.78 23.11 25.53
C ILE C 184 -38.75 24.41 26.31
N LEU C 185 -39.90 25.05 26.46
CA LEU C 185 -40.05 26.18 27.35
C LEU C 185 -40.88 25.74 28.56
N ASP C 186 -40.31 25.92 29.74
CA ASP C 186 -40.88 25.43 31.00
C ASP C 186 -41.09 26.63 31.90
N CYS C 187 -42.24 27.30 31.73
CA CYS C 187 -42.53 28.52 32.47
C CYS C 187 -44.03 28.61 32.70
N GLU C 188 -44.41 29.52 33.59
CA GLU C 188 -45.82 29.87 33.75
C GLU C 188 -46.34 30.54 32.48
N ARG C 189 -47.65 30.39 32.25
CA ARG C 189 -48.26 30.85 31.01
C ARG C 189 -47.89 32.30 30.70
N ASP C 190 -47.99 33.17 31.69
CA ASP C 190 -47.68 34.59 31.49
C ASP C 190 -46.20 34.83 31.22
N LYS C 191 -45.34 33.84 31.49
CA LYS C 191 -43.94 33.93 31.11
C LYS C 191 -43.65 33.33 29.73
N VAL C 192 -44.54 32.49 29.20
CA VAL C 192 -44.40 32.02 27.83
C VAL C 192 -44.54 33.18 26.85
N ASN C 193 -45.44 34.12 27.14
CA ASN C 193 -45.57 35.33 26.33
C ASN C 193 -44.23 36.04 26.20
N ASP C 194 -43.61 36.37 27.33
CA ASP C 194 -42.37 37.14 27.35
C ASP C 194 -41.13 36.37 26.89
N ILE C 195 -41.32 35.22 26.25
CA ILE C 195 -40.28 34.58 25.46
C ILE C 195 -40.71 34.37 24.02
N VAL C 196 -41.93 33.84 23.81
CA VAL C 196 -42.45 33.64 22.46
C VAL C 196 -42.51 34.96 21.70
N ASP C 197 -42.83 36.05 22.39
CA ASP C 197 -42.83 37.37 21.77
C ASP C 197 -41.43 37.78 21.33
N GLN C 198 -40.38 37.28 21.99
CA GLN C 198 -39.02 37.52 21.54
C GLN C 198 -38.60 36.55 20.44
N VAL C 199 -38.96 35.27 20.57
CA VAL C 199 -38.64 34.27 19.56
C VAL C 199 -39.14 34.69 18.18
N ILE C 200 -40.36 35.22 18.10
CA ILE C 200 -40.87 35.71 16.83
C ILE C 200 -40.07 36.92 16.34
N THR C 201 -39.63 37.78 17.26
CA THR C 201 -38.89 38.97 16.85
C THR C 201 -37.52 38.62 16.29
N ILE C 202 -36.84 37.61 16.85
CA ILE C 202 -35.53 37.21 16.35
C ILE C 202 -35.61 36.29 15.15
N GLY C 203 -36.80 36.01 14.63
CA GLY C 203 -36.93 35.27 13.40
C GLY C 203 -36.75 33.78 13.50
N LYS C 204 -36.59 33.24 14.71
CA LYS C 204 -36.37 31.81 14.89
C LYS C 204 -37.67 31.02 14.97
N HIS C 205 -38.72 31.52 14.32
CA HIS C 205 -40.00 30.84 14.20
C HIS C 205 -40.27 30.36 12.77
N VAL C 206 -39.26 30.42 11.90
CA VAL C 206 -39.32 29.85 10.56
C VAL C 206 -39.32 28.33 10.64
N LYS C 207 -39.57 27.67 9.51
CA LYS C 207 -39.68 26.22 9.46
C LYS C 207 -38.44 25.55 10.03
N GLY C 208 -38.66 24.42 10.72
CA GLY C 208 -37.58 23.65 11.29
C GLY C 208 -37.53 23.70 12.81
N TYR C 209 -37.75 24.88 13.38
CA TYR C 209 -37.84 25.00 14.82
C TYR C 209 -39.06 24.24 15.35
N HIS C 210 -38.93 23.69 16.56
CA HIS C 210 -40.00 22.89 17.13
C HIS C 210 -40.00 23.10 18.64
N TYR C 211 -41.00 23.81 19.15
CA TYR C 211 -41.11 24.15 20.56
C TYR C 211 -42.13 23.24 21.22
N ILE C 212 -41.70 22.55 22.26
CA ILE C 212 -42.65 22.04 23.25
C ILE C 212 -42.92 23.15 24.26
N ILE C 213 -44.15 23.22 24.75
CA ILE C 213 -44.51 24.09 25.87
C ILE C 213 -44.86 23.21 27.06
N ALA C 214 -44.12 23.37 28.15
CA ALA C 214 -44.20 22.47 29.29
C ALA C 214 -45.18 22.96 30.36
N ASN C 215 -46.40 23.28 29.96
CA ASN C 215 -47.44 23.61 30.92
C ASN C 215 -48.80 23.24 30.34
N LEU C 216 -49.80 23.17 31.22
CA LEU C 216 -51.14 22.76 30.84
C LEU C 216 -51.94 23.88 30.17
N GLY C 217 -51.44 25.11 30.18
CA GLY C 217 -52.19 26.23 29.65
C GLY C 217 -51.92 26.48 28.19
N PHE C 218 -51.67 25.39 27.46
CA PHE C 218 -51.25 25.46 26.06
C PHE C 218 -52.09 26.44 25.24
N THR C 219 -53.40 26.20 25.19
CA THR C 219 -54.30 27.05 24.42
C THR C 219 -54.60 28.39 25.08
N ASP C 220 -54.11 28.64 26.30
CA ASP C 220 -54.44 29.86 27.01
C ASP C 220 -53.45 31.00 26.75
N GLY C 221 -52.24 30.69 26.31
CA GLY C 221 -51.32 31.72 25.90
C GLY C 221 -51.69 32.33 24.56
N ASP C 222 -51.09 33.48 24.28
CA ASP C 222 -51.34 34.21 23.03
C ASP C 222 -50.51 33.57 21.91
N LEU C 223 -50.90 32.35 21.54
CA LEU C 223 -50.18 31.58 20.53
C LEU C 223 -50.44 32.06 19.12
N LEU C 224 -51.38 33.00 18.93
CA LEU C 224 -51.76 33.42 17.58
C LEU C 224 -50.59 33.99 16.79
N LYS C 225 -49.61 34.60 17.45
CA LYS C 225 -48.57 35.31 16.71
C LYS C 225 -47.59 34.35 16.05
N ILE C 226 -47.21 33.28 16.76
CA ILE C 226 -46.35 32.25 16.15
C ILE C 226 -47.14 31.20 15.39
N GLN C 227 -48.47 31.28 15.41
CA GLN C 227 -49.28 30.36 14.61
C GLN C 227 -48.99 30.50 13.12
N PHE C 228 -48.67 31.71 12.66
CA PHE C 228 -48.37 31.97 11.26
C PHE C 228 -46.88 31.94 10.96
N GLY C 229 -46.07 31.32 11.82
CA GLY C 229 -44.64 31.29 11.62
C GLY C 229 -44.15 30.15 10.75
N GLY C 230 -44.72 28.96 10.96
CA GLY C 230 -44.29 27.76 10.27
C GLY C 230 -43.41 26.85 11.09
N ALA C 231 -42.79 27.36 12.15
CA ALA C 231 -42.17 26.50 13.14
C ALA C 231 -43.22 25.72 13.90
N GLU C 232 -42.92 24.48 14.24
CA GLU C 232 -43.84 23.69 15.03
C GLU C 232 -43.90 24.22 16.46
N VAL C 233 -45.09 24.19 17.04
CA VAL C 233 -45.30 24.44 18.46
C VAL C 233 -46.25 23.39 18.98
N SER C 234 -45.97 22.87 20.17
CA SER C 234 -46.86 21.86 20.74
C SER C 234 -46.75 21.86 22.25
N GLY C 235 -47.77 21.29 22.88
CA GLY C 235 -47.89 21.37 24.32
C GLY C 235 -49.01 20.47 24.79
N PHE C 236 -49.47 20.72 26.02
CA PHE C 236 -50.50 19.89 26.61
C PHE C 236 -51.68 20.75 27.05
N GLN C 237 -52.88 20.20 26.93
CA GLN C 237 -54.09 20.81 27.46
C GLN C 237 -54.67 19.90 28.53
N ILE C 238 -55.24 20.51 29.57
CA ILE C 238 -56.01 19.79 30.57
C ILE C 238 -57.50 20.12 30.54
N VAL C 239 -57.87 21.34 30.19
CA VAL C 239 -59.29 21.74 30.13
C VAL C 239 -59.72 21.55 28.67
N ASP C 240 -60.21 20.36 28.36
CA ASP C 240 -60.68 20.06 27.01
C ASP C 240 -62.01 20.78 26.77
N TYR C 241 -61.98 21.81 25.92
CA TYR C 241 -63.14 22.65 25.67
C TYR C 241 -64.25 21.93 24.91
N ASP C 242 -63.97 20.78 24.30
CA ASP C 242 -64.97 20.08 23.51
C ASP C 242 -65.95 19.28 24.35
N ASP C 243 -65.70 19.13 25.65
CA ASP C 243 -66.68 18.50 26.52
C ASP C 243 -67.92 19.37 26.67
N SER C 244 -69.08 18.74 26.69
CA SER C 244 -70.33 19.48 26.86
C SER C 244 -70.35 20.23 28.19
N LEU C 245 -69.82 19.60 29.25
CA LEU C 245 -69.76 20.26 30.55
C LEU C 245 -68.89 21.51 30.48
N VAL C 246 -67.70 21.39 29.88
CA VAL C 246 -66.84 22.56 29.73
C VAL C 246 -67.47 23.60 28.83
N SER C 247 -68.04 23.17 27.69
CA SER C 247 -68.70 24.09 26.78
C SER C 247 -69.82 24.85 27.47
N LYS C 248 -70.69 24.13 28.20
CA LYS C 248 -71.74 24.79 28.96
C LYS C 248 -71.17 25.71 30.02
N PHE C 249 -70.10 25.29 30.69
CA PHE C 249 -69.42 26.16 31.65
C PHE C 249 -68.90 27.42 30.97
N ILE C 250 -68.28 27.28 29.80
CA ILE C 250 -67.78 28.44 29.08
C ILE C 250 -68.92 29.33 28.61
N GLU C 251 -70.05 28.74 28.24
CA GLU C 251 -71.23 29.54 27.92
C GLU C 251 -71.69 30.33 29.14
N ARG C 252 -71.83 29.66 30.28
CA ARG C 252 -72.14 30.35 31.53
C ARG C 252 -71.07 31.38 31.88
N TRP C 253 -69.80 30.96 31.83
CA TRP C 253 -68.69 31.81 32.25
C TRP C 253 -68.57 33.05 31.38
N SER C 254 -68.43 32.87 30.07
CA SER C 254 -68.12 33.98 29.17
C SER C 254 -69.22 35.05 29.13
N THR C 255 -70.42 34.74 29.59
CA THR C 255 -71.52 35.69 29.55
C THR C 255 -71.60 36.58 30.78
N LEU C 256 -70.76 36.34 31.79
CA LEU C 256 -70.79 37.16 33.00
C LEU C 256 -70.25 38.56 32.74
N GLU C 257 -70.68 39.50 33.56
CA GLU C 257 -70.16 40.86 33.54
C GLU C 257 -68.80 40.91 34.22
N GLU C 258 -67.80 41.45 33.51
CA GLU C 258 -66.46 41.53 34.08
C GLU C 258 -66.41 42.46 35.29
N LYS C 259 -67.28 43.47 35.33
CA LYS C 259 -67.30 44.39 36.46
C LYS C 259 -67.57 43.67 37.78
N GLU C 260 -68.31 42.56 37.74
CA GLU C 260 -68.56 41.76 38.93
C GLU C 260 -67.63 40.57 39.06
N TYR C 261 -67.33 39.88 37.95
CA TYR C 261 -66.45 38.72 37.94
C TYR C 261 -65.28 39.05 37.02
N PRO C 262 -64.22 39.69 37.54
CA PRO C 262 -63.13 40.15 36.68
C PRO C 262 -62.46 39.01 35.93
N GLY C 263 -62.13 39.26 34.67
CA GLY C 263 -61.49 38.28 33.82
C GLY C 263 -62.40 37.21 33.26
N ALA C 264 -63.68 37.23 33.59
CA ALA C 264 -64.56 36.12 33.21
C ALA C 264 -65.08 36.24 31.79
N HIS C 265 -65.20 37.46 31.26
CA HIS C 265 -65.89 37.68 29.99
C HIS C 265 -64.96 37.42 28.80
N THR C 266 -64.45 36.19 28.74
CA THR C 266 -63.56 35.76 27.67
C THR C 266 -63.93 34.36 27.24
N ALA C 267 -63.64 34.05 25.97
CA ALA C 267 -63.94 32.74 25.42
C ALA C 267 -63.06 31.63 25.97
N THR C 268 -61.97 31.97 26.67
CA THR C 268 -61.05 30.98 27.20
C THR C 268 -60.82 31.26 28.68
N ILE C 269 -60.37 30.24 29.40
CA ILE C 269 -60.11 30.35 30.84
C ILE C 269 -58.81 29.62 31.16
N LYS C 270 -58.13 30.10 32.21
CA LYS C 270 -56.91 29.47 32.67
C LYS C 270 -57.20 28.07 33.21
N TYR C 271 -56.23 27.16 33.01
CA TYR C 271 -56.31 25.83 33.60
C TYR C 271 -56.32 25.90 35.13
N THR C 272 -55.58 26.84 35.71
CA THR C 272 -55.60 26.99 37.17
C THR C 272 -56.98 27.40 37.67
N SER C 273 -57.69 28.24 36.91
CA SER C 273 -59.06 28.57 37.27
C SER C 273 -59.97 27.35 37.23
N ALA C 274 -59.85 26.52 36.19
CA ALA C 274 -60.68 25.33 36.09
C ALA C 274 -60.40 24.35 37.23
N LEU C 275 -59.13 24.24 37.65
CA LEU C 275 -58.83 23.42 38.82
C LEU C 275 -59.28 24.07 40.13
N THR C 276 -59.42 25.39 40.17
CA THR C 276 -60.06 26.03 41.32
C THR C 276 -61.55 25.74 41.35
N TYR C 277 -62.21 25.81 40.20
CA TYR C 277 -63.61 25.40 40.11
C TYR C 277 -63.82 23.96 40.55
N ASP C 278 -62.99 23.04 40.04
CA ASP C 278 -63.05 21.65 40.49
C ASP C 278 -62.72 21.48 41.96
N ALA C 279 -61.85 22.32 42.51
CA ALA C 279 -61.57 22.26 43.95
C ALA C 279 -62.80 22.60 44.78
N VAL C 280 -63.54 23.64 44.39
CA VAL C 280 -64.77 23.98 45.11
C VAL C 280 -65.79 22.85 44.99
N GLN C 281 -65.84 22.19 43.84
CA GLN C 281 -66.65 20.99 43.69
C GLN C 281 -66.22 19.88 44.66
N VAL C 282 -64.91 19.69 44.82
CA VAL C 282 -64.42 18.67 45.75
C VAL C 282 -64.80 19.00 47.20
N MET C 283 -64.64 20.27 47.59
CA MET C 283 -64.98 20.67 48.96
C MET C 283 -66.46 20.46 49.26
N THR C 284 -67.33 20.83 48.33
CA THR C 284 -68.76 20.55 48.47
C THR C 284 -69.03 19.06 48.65
N GLU C 285 -68.46 18.23 47.78
CA GLU C 285 -68.73 16.79 47.83
C GLU C 285 -68.16 16.14 49.08
N ALA C 286 -67.04 16.64 49.60
CA ALA C 286 -66.47 16.06 50.82
C ALA C 286 -67.38 16.23 52.03
N PHE C 287 -67.81 17.47 52.30
CA PHE C 287 -68.70 17.71 53.44
C PHE C 287 -70.08 17.11 53.24
N ARG C 288 -70.54 16.99 52.01
CA ARG C 288 -71.72 16.19 51.74
C ARG C 288 -71.52 14.74 52.17
N ASN C 289 -70.34 14.18 51.89
CA ASN C 289 -70.06 12.83 52.35
C ASN C 289 -69.94 12.71 53.86
N LEU C 290 -69.36 13.72 54.53
CA LEU C 290 -69.33 13.69 55.99
C LEU C 290 -70.74 13.69 56.58
N ARG C 291 -71.66 14.43 55.96
CA ARG C 291 -73.05 14.36 56.38
C ARG C 291 -73.64 12.98 56.10
N LYS C 292 -73.40 12.46 54.88
CA LYS C 292 -73.84 11.10 54.56
C LYS C 292 -73.20 10.07 55.49
N GLN C 293 -71.98 10.31 55.96
CA GLN C 293 -71.27 9.37 56.79
C GLN C 293 -71.29 9.75 58.28
N ARG C 294 -72.01 10.80 58.64
CA ARG C 294 -72.36 11.10 60.03
C ARG C 294 -71.13 11.30 60.93
N ILE C 295 -70.21 12.16 60.49
CA ILE C 295 -69.06 12.54 61.31
C ILE C 295 -69.29 13.95 61.80
N GLU C 296 -69.07 14.18 63.09
CA GLU C 296 -69.33 15.48 63.70
C GLU C 296 -68.27 16.49 63.31
N ILE C 297 -68.68 17.75 63.22
CA ILE C 297 -67.78 18.87 63.02
C ILE C 297 -67.52 19.61 64.34
N SER C 298 -67.68 18.94 65.46
CA SER C 298 -67.67 19.58 66.78
C SER C 298 -66.24 19.97 67.18
N ARG C 299 -65.99 21.26 67.29
CA ARG C 299 -64.81 21.77 67.98
C ARG C 299 -65.12 23.14 68.57
N ARG C 300 -64.40 23.48 69.63
CA ARG C 300 -64.50 24.79 70.24
C ARG C 300 -64.23 25.89 69.22
N GLY C 301 -64.91 27.03 69.41
CA GLY C 301 -64.83 28.10 68.42
C GLY C 301 -63.43 28.66 68.26
N ASN C 302 -62.75 28.90 69.37
CA ASN C 302 -61.34 29.29 69.36
C ASN C 302 -60.49 28.04 69.35
N ALA C 303 -60.08 27.60 68.15
CA ALA C 303 -59.44 26.31 68.00
C ALA C 303 -58.14 26.22 68.79
N GLY C 304 -57.46 27.34 68.99
CA GLY C 304 -56.20 27.37 69.71
C GLY C 304 -55.11 28.04 68.90
N ASP C 305 -53.96 28.19 69.55
CA ASP C 305 -52.80 28.79 68.89
C ASP C 305 -52.22 27.83 67.85
N CYS C 306 -51.95 28.36 66.66
CA CYS C 306 -51.28 27.58 65.63
C CYS C 306 -49.90 27.13 66.10
N LEU C 307 -49.24 27.93 66.93
CA LEU C 307 -47.91 27.63 67.45
C LEU C 307 -47.96 26.97 68.81
N ALA C 308 -49.13 26.52 69.26
CA ALA C 308 -49.25 25.82 70.53
C ALA C 308 -48.31 24.62 70.56
N ASN C 309 -47.50 24.54 71.63
CA ASN C 309 -46.44 23.55 71.73
C ASN C 309 -46.69 22.68 72.96
N PRO C 310 -46.81 21.35 72.81
CA PRO C 310 -46.91 20.59 71.54
C PRO C 310 -48.22 20.84 70.81
N ALA C 311 -48.22 20.67 69.48
CA ALA C 311 -49.44 20.82 68.71
C ALA C 311 -50.38 19.65 68.98
N VAL C 312 -51.65 19.85 68.66
CA VAL C 312 -52.69 18.87 68.97
C VAL C 312 -53.54 18.59 67.73
N PRO C 313 -53.31 17.47 67.05
CA PRO C 313 -54.19 17.09 65.93
C PRO C 313 -55.60 16.83 66.42
N TRP C 314 -56.53 16.77 65.46
CA TRP C 314 -57.91 16.45 65.77
C TRP C 314 -58.47 15.52 64.69
N GLY C 315 -59.27 14.54 65.14
CA GLY C 315 -59.75 13.46 64.28
C GLY C 315 -60.75 13.86 63.22
N GLN C 316 -61.48 14.96 63.39
CA GLN C 316 -62.44 15.36 62.37
C GLN C 316 -61.73 15.85 61.11
N GLY C 317 -60.67 16.63 61.27
CA GLY C 317 -59.85 17.00 60.13
C GLY C 317 -59.21 15.81 59.45
N VAL C 318 -58.75 14.83 60.25
CA VAL C 318 -58.21 13.60 59.68
C VAL C 318 -59.25 12.92 58.81
N GLU C 319 -60.48 12.80 59.32
CA GLU C 319 -61.53 12.20 58.51
C GLU C 319 -61.88 13.05 57.30
N ILE C 320 -61.84 14.38 57.45
CA ILE C 320 -62.03 15.27 56.31
C ILE C 320 -60.98 14.99 55.23
N GLU C 321 -59.73 14.81 55.63
CA GLU C 321 -58.67 14.49 54.67
C GLU C 321 -58.94 13.14 54.00
N ARG C 322 -59.37 12.14 54.78
CA ARG C 322 -59.72 10.84 54.20
C ARG C 322 -60.83 10.98 53.17
N ALA C 323 -61.84 11.79 53.48
CA ALA C 323 -62.92 12.05 52.53
C ALA C 323 -62.42 12.77 51.28
N LEU C 324 -61.63 13.84 51.48
CA LEU C 324 -61.09 14.58 50.34
C LEU C 324 -60.30 13.68 49.40
N LYS C 325 -59.55 12.71 49.93
CA LYS C 325 -58.84 11.78 49.06
C LYS C 325 -59.79 10.79 48.42
N GLN C 326 -60.91 10.50 49.06
CA GLN C 326 -61.92 9.62 48.47
C GLN C 326 -62.91 10.38 47.59
N VAL C 327 -62.89 11.70 47.60
CA VAL C 327 -63.82 12.46 46.76
C VAL C 327 -63.49 12.20 45.29
N GLN C 328 -64.54 11.98 44.50
CA GLN C 328 -64.41 11.84 43.06
C GLN C 328 -65.56 12.59 42.43
N VAL C 329 -65.26 13.45 41.45
CA VAL C 329 -66.27 14.26 40.80
C VAL C 329 -65.95 14.35 39.31
N GLU C 330 -67.00 14.55 38.51
CA GLU C 330 -66.85 14.83 37.09
C GLU C 330 -66.45 16.29 36.95
N GLY C 331 -65.15 16.54 37.01
CA GLY C 331 -64.64 17.89 36.96
C GLY C 331 -64.39 18.38 35.55
N LEU C 332 -63.93 19.62 35.45
CA LEU C 332 -63.49 20.14 34.17
C LEU C 332 -62.29 19.39 33.64
N SER C 333 -61.33 19.08 34.51
CA SER C 333 -60.12 18.38 34.08
C SER C 333 -60.34 16.87 34.05
N GLY C 334 -61.42 16.44 33.42
CA GLY C 334 -61.76 15.04 33.45
C GLY C 334 -62.29 14.61 34.82
N ASN C 335 -62.40 13.30 34.98
CA ASN C 335 -62.71 12.72 36.27
C ASN C 335 -61.49 12.78 37.17
N ILE C 336 -61.65 13.33 38.37
CA ILE C 336 -60.52 13.61 39.25
C ILE C 336 -60.68 12.78 40.52
N LYS C 337 -59.61 12.05 40.87
CA LYS C 337 -59.56 11.28 42.11
C LYS C 337 -58.10 11.20 42.52
N PHE C 338 -57.87 10.98 43.81
CA PHE C 338 -56.53 11.03 44.37
C PHE C 338 -56.14 9.67 44.94
N ASP C 339 -54.84 9.41 44.97
CA ASP C 339 -54.29 8.24 45.63
C ASP C 339 -54.32 8.43 47.15
N GLN C 340 -53.69 7.51 47.87
CA GLN C 340 -53.62 7.58 49.32
C GLN C 340 -52.85 8.81 49.80
N ASN C 341 -52.07 9.44 48.93
CA ASN C 341 -51.30 10.62 49.29
C ASN C 341 -52.00 11.91 48.90
N GLY C 342 -53.20 11.84 48.35
CA GLY C 342 -53.89 13.02 47.87
C GLY C 342 -53.38 13.55 46.55
N LYS C 343 -52.73 12.72 45.75
CA LYS C 343 -52.21 13.10 44.45
C LYS C 343 -53.04 12.42 43.36
N ARG C 344 -53.38 13.18 42.33
CA ARG C 344 -54.37 12.73 41.35
C ARG C 344 -53.90 11.51 40.60
N ILE C 345 -54.87 10.69 40.19
CA ILE C 345 -54.64 9.54 39.32
C ILE C 345 -55.76 9.51 38.29
N ASN C 346 -55.54 8.73 37.24
CA ASN C 346 -56.50 8.56 36.14
C ASN C 346 -56.84 9.89 35.47
N TYR C 347 -55.95 10.88 35.57
CA TYR C 347 -56.19 12.15 34.89
C TYR C 347 -55.94 12.00 33.40
N THR C 348 -56.76 12.66 32.60
CA THR C 348 -56.75 12.52 31.15
C THR C 348 -56.16 13.79 30.55
N ILE C 349 -54.83 13.83 30.48
CA ILE C 349 -54.15 14.91 29.77
C ILE C 349 -54.29 14.65 28.28
N ASN C 350 -54.52 15.72 27.51
CA ASN C 350 -54.53 15.63 26.06
C ASN C 350 -53.27 16.25 25.48
N ILE C 351 -52.59 15.50 24.63
CA ILE C 351 -51.42 16.00 23.92
C ILE C 351 -51.91 16.85 22.75
N MET C 352 -51.39 18.07 22.64
CA MET C 352 -51.89 19.03 21.67
C MET C 352 -50.74 19.57 20.84
N GLU C 353 -51.06 19.95 19.60
CA GLU C 353 -50.09 20.49 18.67
C GLU C 353 -50.71 21.64 17.91
N LEU C 354 -49.94 22.70 17.70
CA LEU C 354 -50.43 23.84 16.94
C LEU C 354 -50.34 23.58 15.45
N LYS C 355 -51.42 23.89 14.73
CA LYS C 355 -51.47 23.99 13.28
C LYS C 355 -51.86 25.41 12.88
N THR C 356 -51.50 25.79 11.65
CA THR C 356 -51.68 27.17 11.21
C THR C 356 -53.16 27.58 11.25
N ASN C 357 -54.07 26.65 10.99
CA ASN C 357 -55.49 26.94 11.11
C ASN C 357 -55.97 26.95 12.56
N GLY C 358 -55.20 26.39 13.48
CA GLY C 358 -55.57 26.37 14.88
C GLY C 358 -54.91 25.24 15.65
N PRO C 359 -54.97 25.31 16.97
CA PRO C 359 -54.48 24.21 17.80
C PRO C 359 -55.35 22.98 17.65
N ARG C 360 -54.72 21.81 17.63
CA ARG C 360 -55.46 20.56 17.50
C ARG C 360 -54.83 19.48 18.36
N LYS C 361 -55.68 18.58 18.84
CA LYS C 361 -55.24 17.40 19.54
C LYS C 361 -54.49 16.44 18.61
N ILE C 362 -53.51 15.73 19.17
CA ILE C 362 -52.92 14.58 18.53
C ILE C 362 -53.03 13.31 19.36
N GLY C 363 -53.41 13.42 20.63
CA GLY C 363 -53.74 12.25 21.42
C GLY C 363 -54.15 12.68 22.81
N TYR C 364 -54.42 11.69 23.65
CA TYR C 364 -54.66 11.90 25.07
C TYR C 364 -53.76 10.98 25.88
N TRP C 365 -53.43 11.43 27.10
CA TRP C 365 -52.42 10.80 27.92
C TRP C 365 -52.95 10.53 29.32
N SER C 366 -52.62 9.36 29.86
CA SER C 366 -52.81 9.05 31.27
C SER C 366 -51.62 8.23 31.73
N GLU C 367 -51.54 8.01 33.05
CA GLU C 367 -50.47 7.18 33.59
C GLU C 367 -50.48 5.78 33.00
N VAL C 368 -51.64 5.28 32.57
CA VAL C 368 -51.75 3.98 31.93
C VAL C 368 -52.01 4.11 30.43
N ASP C 369 -52.79 5.12 30.02
CA ASP C 369 -53.07 5.37 28.61
C ASP C 369 -51.92 6.19 28.04
N LYS C 370 -50.82 5.50 27.74
CA LYS C 370 -49.58 6.16 27.36
C LYS C 370 -49.69 6.73 25.95
N MET C 371 -50.23 7.95 25.85
CA MET C 371 -50.38 8.68 24.60
C MET C 371 -51.18 7.86 23.57
N VAL C 372 -52.45 7.65 23.92
CA VAL C 372 -53.41 7.07 22.98
C VAL C 372 -53.65 8.08 21.87
N LEU C 373 -53.15 7.79 20.67
CA LEU C 373 -53.19 8.77 19.59
C LEU C 373 -54.61 8.95 19.05
N THR C 374 -54.87 10.16 18.54
CA THR C 374 -56.14 10.56 17.95
C THR C 374 -55.87 11.35 16.68
N GLU C 375 -54.97 10.84 15.85
CA GLU C 375 -54.41 11.58 14.72
C GLU C 375 -55.31 11.48 13.48
N ASP C 376 -56.62 11.32 13.69
CA ASP C 376 -57.55 11.29 12.56
C ASP C 376 -57.60 12.63 11.84
N ASP C 377 -57.26 13.71 12.53
CA ASP C 377 -57.21 15.04 11.92
C ASP C 377 -56.24 15.04 10.74
N THR C 378 -56.56 15.85 9.73
CA THR C 378 -55.84 15.79 8.47
C THR C 378 -54.56 16.62 8.52
N SER C 379 -54.67 17.92 8.80
CA SER C 379 -53.68 18.94 8.47
C SER C 379 -52.25 18.43 8.62
N GLY C 380 -51.47 18.52 7.53
CA GLY C 380 -50.18 17.88 7.44
C GLY C 380 -50.23 16.81 6.37
N LEU C 381 -51.28 16.01 6.40
CA LEU C 381 -51.74 15.21 5.27
C LEU C 381 -53.09 15.75 4.84
N GLU C 382 -53.39 15.65 3.54
CA GLU C 382 -53.79 16.79 2.73
C GLU C 382 -52.51 17.58 2.47
N GLN C 383 -51.67 16.99 1.63
CA GLN C 383 -50.24 17.22 1.46
C GLN C 383 -49.79 18.66 1.65
N LYS C 384 -48.76 18.83 2.47
CA LYS C 384 -48.10 20.12 2.70
C LYS C 384 -46.86 20.21 1.82
N THR C 385 -46.72 21.33 1.12
CA THR C 385 -45.61 21.59 0.22
C THR C 385 -44.27 21.19 0.81
N VAL C 386 -43.60 20.26 0.15
CA VAL C 386 -42.32 19.72 0.60
C VAL C 386 -41.20 20.51 -0.07
N VAL C 387 -40.41 21.22 0.73
CA VAL C 387 -39.34 22.07 0.23
C VAL C 387 -38.14 21.21 -0.14
N VAL C 388 -37.70 21.30 -1.40
CA VAL C 388 -36.65 20.46 -1.95
C VAL C 388 -35.40 21.31 -2.09
N THR C 389 -34.28 20.82 -1.55
CA THR C 389 -33.01 21.51 -1.65
C THR C 389 -32.12 20.89 -2.73
N THR C 390 -31.50 21.77 -3.52
CA THR C 390 -30.63 21.35 -4.62
C THR C 390 -29.63 22.47 -4.89
N ILE C 391 -28.60 22.16 -5.69
CA ILE C 391 -27.49 23.08 -5.92
C ILE C 391 -27.42 23.42 -7.40
N LEU C 392 -27.16 24.69 -7.69
CA LEU C 392 -27.03 25.18 -9.07
C LEU C 392 -25.67 24.85 -9.66
N GLU C 393 -25.50 23.61 -10.10
CA GLU C 393 -24.34 23.20 -10.89
C GLU C 393 -24.80 22.39 -12.08
N SER C 394 -24.35 22.78 -13.27
CA SER C 394 -24.77 22.19 -14.52
C SER C 394 -24.12 20.82 -14.71
N PRO C 395 -24.82 19.86 -15.31
CA PRO C 395 -26.18 19.93 -15.84
C PRO C 395 -27.24 19.40 -14.87
N TYR C 396 -27.01 19.46 -13.56
CA TYR C 396 -27.97 18.87 -12.63
C TYR C 396 -29.13 19.83 -12.37
N VAL C 397 -28.83 21.07 -11.98
CA VAL C 397 -29.83 22.13 -11.89
C VAL C 397 -29.22 23.39 -12.47
N MET C 398 -29.96 24.08 -13.33
CA MET C 398 -29.49 25.27 -14.01
C MET C 398 -30.64 26.27 -14.10
N MET C 399 -30.29 27.55 -14.14
CA MET C 399 -31.31 28.57 -14.33
C MET C 399 -31.81 28.56 -15.77
N LYS C 400 -33.12 28.44 -15.94
CA LYS C 400 -33.70 28.58 -17.27
C LYS C 400 -33.40 29.96 -17.83
N LYS C 401 -33.20 30.01 -19.15
CA LYS C 401 -32.90 31.28 -19.82
C LYS C 401 -34.10 32.21 -19.89
N ASN C 402 -35.18 31.91 -19.18
CA ASN C 402 -36.32 32.81 -19.05
C ASN C 402 -36.86 32.77 -17.62
N HIS C 403 -36.01 32.43 -16.66
CA HIS C 403 -36.41 32.26 -15.27
C HIS C 403 -36.89 33.55 -14.60
N GLU C 404 -36.52 34.72 -15.14
CA GLU C 404 -36.92 35.98 -14.53
C GLU C 404 -38.42 36.22 -14.53
N MET C 405 -39.19 35.46 -15.33
CA MET C 405 -40.65 35.56 -15.34
C MET C 405 -41.32 34.50 -14.48
N LEU C 406 -40.57 33.67 -13.76
CA LEU C 406 -41.11 32.48 -13.13
C LEU C 406 -40.54 32.36 -11.73
N GLU C 407 -41.25 31.62 -10.87
CA GLU C 407 -40.80 31.41 -9.50
C GLU C 407 -40.62 29.95 -9.12
N GLY C 408 -41.65 29.13 -9.27
CA GLY C 408 -41.73 27.87 -8.54
C GLY C 408 -40.75 26.77 -8.90
N ASN C 409 -40.97 26.11 -10.04
CA ASN C 409 -40.08 25.06 -10.50
C ASN C 409 -39.65 25.19 -11.94
N GLU C 410 -40.36 25.97 -12.76
CA GLU C 410 -39.97 26.17 -14.15
C GLU C 410 -38.67 26.95 -14.26
N ARG C 411 -38.30 27.69 -13.22
CA ARG C 411 -37.05 28.46 -13.25
C ARG C 411 -35.83 27.58 -13.46
N TYR C 412 -35.94 26.28 -13.17
CA TYR C 412 -34.79 25.40 -13.16
C TYR C 412 -34.97 24.30 -14.19
N GLU C 413 -33.84 23.79 -14.70
CA GLU C 413 -33.82 22.66 -15.60
C GLU C 413 -32.56 21.87 -15.35
N GLY C 414 -32.63 20.57 -15.61
CA GLY C 414 -31.47 19.72 -15.38
C GLY C 414 -31.89 18.35 -14.91
N TYR C 415 -30.88 17.49 -14.76
CA TYR C 415 -31.11 16.09 -14.42
C TYR C 415 -31.83 15.97 -13.08
N CYS C 416 -31.39 16.73 -12.07
CA CYS C 416 -32.03 16.61 -10.78
C CYS C 416 -33.43 17.20 -10.78
N VAL C 417 -33.71 18.16 -11.65
CA VAL C 417 -35.07 18.71 -11.71
C VAL C 417 -36.03 17.72 -12.36
N ASP C 418 -35.58 17.07 -13.44
CA ASP C 418 -36.34 15.95 -14.00
C ASP C 418 -36.57 14.88 -12.94
N LEU C 419 -35.50 14.44 -12.28
CA LEU C 419 -35.61 13.31 -11.37
C LEU C 419 -36.48 13.65 -10.17
N ALA C 420 -36.41 14.89 -9.69
CA ALA C 420 -37.31 15.35 -8.64
C ALA C 420 -38.75 15.30 -9.10
N ALA C 421 -39.03 15.81 -10.30
CA ALA C 421 -40.41 15.77 -10.81
C ALA C 421 -40.91 14.34 -10.94
N GLU C 422 -40.04 13.41 -11.33
CA GLU C 422 -40.44 12.01 -11.45
C GLU C 422 -40.71 11.38 -10.09
N ILE C 423 -39.80 11.57 -9.14
CA ILE C 423 -40.01 11.03 -7.79
C ILE C 423 -41.27 11.62 -7.17
N ALA C 424 -41.49 12.92 -7.35
CA ALA C 424 -42.71 13.56 -6.85
C ALA C 424 -43.96 12.99 -7.49
N LYS C 425 -43.94 12.77 -8.81
CA LYS C 425 -45.11 12.19 -9.47
C LYS C 425 -45.36 10.76 -9.05
N HIS C 426 -44.30 10.03 -8.68
CA HIS C 426 -44.49 8.64 -8.27
C HIS C 426 -44.90 8.48 -6.81
N CYS C 427 -44.33 9.29 -5.91
CA CYS C 427 -44.80 9.30 -4.52
C CYS C 427 -46.10 10.07 -4.31
N GLY C 428 -46.47 10.95 -5.23
CA GLY C 428 -47.75 11.62 -5.16
C GLY C 428 -47.82 12.81 -4.22
N PHE C 429 -46.79 13.65 -4.19
CA PHE C 429 -46.76 14.78 -3.26
C PHE C 429 -46.26 16.04 -3.96
N LYS C 430 -46.74 17.18 -3.49
CA LYS C 430 -46.32 18.48 -4.00
C LYS C 430 -44.94 18.84 -3.48
N TYR C 431 -44.16 19.55 -4.30
CA TYR C 431 -42.81 19.92 -3.94
C TYR C 431 -42.49 21.32 -4.45
N LYS C 432 -41.51 21.95 -3.80
CA LYS C 432 -41.07 23.30 -4.10
C LYS C 432 -39.55 23.32 -4.07
N LEU C 433 -38.92 23.59 -5.21
CA LEU C 433 -37.47 23.62 -5.30
C LEU C 433 -36.87 24.86 -4.65
N THR C 434 -35.72 24.67 -4.00
CA THR C 434 -34.92 25.75 -3.44
C THR C 434 -33.46 25.46 -3.73
N ILE C 435 -32.68 26.52 -3.88
CA ILE C 435 -31.25 26.43 -4.16
C ILE C 435 -30.48 26.65 -2.86
N VAL C 436 -29.55 25.75 -2.56
CA VAL C 436 -28.73 25.81 -1.36
C VAL C 436 -28.13 27.20 -1.21
N GLY C 437 -28.38 27.83 -0.06
CA GLY C 437 -28.16 29.27 0.05
C GLY C 437 -26.70 29.69 0.02
N ASP C 438 -25.80 28.81 0.45
CA ASP C 438 -24.39 29.16 0.55
C ASP C 438 -23.54 28.56 -0.56
N GLY C 439 -24.14 27.88 -1.53
CA GLY C 439 -23.42 27.44 -2.70
C GLY C 439 -22.53 26.23 -2.53
N LYS C 440 -22.59 25.54 -1.39
CA LYS C 440 -21.67 24.45 -1.11
C LYS C 440 -22.43 23.16 -0.83
N TYR C 441 -21.81 22.04 -1.20
CA TYR C 441 -22.44 20.73 -1.02
C TYR C 441 -22.52 20.30 0.44
N GLY C 442 -21.74 20.91 1.32
CA GLY C 442 -21.87 20.62 2.73
C GLY C 442 -20.92 19.58 3.28
N ALA C 443 -19.96 20.04 4.07
CA ALA C 443 -19.16 19.20 4.94
C ALA C 443 -19.16 19.82 6.33
N ARG C 444 -18.98 19.00 7.35
CA ARG C 444 -19.03 19.54 8.70
C ARG C 444 -17.74 20.28 9.05
N ASP C 445 -17.81 21.03 10.14
CA ASP C 445 -16.69 21.82 10.63
C ASP C 445 -15.68 20.92 11.33
N ALA C 446 -14.77 21.49 12.11
CA ALA C 446 -13.69 20.72 12.74
C ALA C 446 -14.25 19.77 13.81
N ASP C 447 -15.01 18.77 13.35
CA ASP C 447 -15.72 17.82 14.22
C ASP C 447 -16.54 18.51 15.31
N THR C 448 -16.98 19.74 15.03
CA THR C 448 -17.95 20.41 15.88
C THR C 448 -19.39 20.02 15.53
N LYS C 449 -19.57 19.20 14.49
CA LYS C 449 -20.87 18.80 13.96
C LYS C 449 -21.69 19.96 13.43
N ILE C 450 -21.09 21.14 13.27
CA ILE C 450 -21.73 22.20 12.51
C ILE C 450 -21.64 21.88 11.03
N TRP C 451 -22.77 21.97 10.32
CA TRP C 451 -22.83 21.64 8.91
C TRP C 451 -23.11 22.90 8.10
N ASN C 452 -22.61 22.93 6.88
CA ASN C 452 -22.90 23.98 5.92
C ASN C 452 -23.75 23.44 4.77
N GLY C 453 -24.37 24.37 4.04
CA GLY C 453 -25.01 24.07 2.77
C GLY C 453 -26.07 22.99 2.85
N MET C 454 -26.02 22.09 1.85
CA MET C 454 -27.11 21.13 1.63
C MET C 454 -27.39 20.31 2.88
N VAL C 455 -26.34 19.84 3.56
CA VAL C 455 -26.55 19.10 4.79
C VAL C 455 -26.97 20.05 5.91
N GLY C 456 -26.46 21.28 5.91
CA GLY C 456 -26.96 22.31 6.79
C GLY C 456 -28.38 22.76 6.51
N GLU C 457 -28.97 22.34 5.40
CA GLU C 457 -30.40 22.47 5.24
C GLU C 457 -31.16 21.20 5.65
N LEU C 458 -30.68 20.03 5.26
CA LEU C 458 -31.40 18.80 5.60
C LEU C 458 -31.45 18.56 7.11
N VAL C 459 -30.31 18.65 7.79
CA VAL C 459 -30.25 18.25 9.19
C VAL C 459 -30.98 19.25 10.08
N TYR C 460 -31.00 20.53 9.69
CA TYR C 460 -31.60 21.58 10.49
C TYR C 460 -33.01 21.92 10.03
N GLY C 461 -33.67 20.98 9.36
CA GLY C 461 -35.09 21.10 9.04
C GLY C 461 -35.46 22.28 8.19
N LYS C 462 -34.51 22.92 7.53
CA LYS C 462 -34.83 24.03 6.64
C LYS C 462 -35.27 23.55 5.26
N ALA C 463 -35.02 22.29 4.94
CA ALA C 463 -35.50 21.70 3.70
C ALA C 463 -35.80 20.23 3.98
N ASP C 464 -36.82 19.71 3.29
CA ASP C 464 -37.39 18.42 3.66
C ASP C 464 -36.83 17.25 2.87
N ILE C 465 -36.19 17.49 1.72
CA ILE C 465 -35.58 16.43 0.94
C ILE C 465 -34.52 17.05 0.04
N ALA C 466 -33.45 16.31 -0.20
CA ALA C 466 -32.40 16.71 -1.11
C ALA C 466 -32.42 15.82 -2.34
N ILE C 467 -32.63 16.43 -3.51
CA ILE C 467 -32.51 15.75 -4.79
C ILE C 467 -31.49 16.55 -5.58
N ALA C 468 -30.24 16.11 -5.56
CA ALA C 468 -29.12 16.91 -6.04
C ALA C 468 -27.93 15.98 -6.22
N PRO C 469 -26.84 16.47 -6.83
CA PRO C 469 -25.60 15.68 -6.83
C PRO C 469 -24.96 15.59 -5.45
N LEU C 470 -25.67 14.94 -4.52
CA LEU C 470 -25.20 14.79 -3.15
C LEU C 470 -24.58 13.42 -2.99
N THR C 471 -23.28 13.39 -2.67
CA THR C 471 -22.52 12.14 -2.63
C THR C 471 -22.81 11.39 -1.35
N ILE C 472 -23.07 10.08 -1.48
CA ILE C 472 -23.27 9.24 -0.31
C ILE C 472 -21.92 9.01 0.37
N THR C 473 -21.85 9.34 1.66
CA THR C 473 -20.65 9.14 2.46
C THR C 473 -21.05 8.71 3.86
N LEU C 474 -20.11 8.08 4.56
CA LEU C 474 -20.31 7.73 5.96
C LEU C 474 -20.64 8.96 6.80
N VAL C 475 -19.85 10.03 6.65
CA VAL C 475 -20.01 11.22 7.48
C VAL C 475 -21.33 11.93 7.24
N ARG C 476 -22.00 11.66 6.12
CA ARG C 476 -23.34 12.15 5.87
C ARG C 476 -24.43 11.16 6.25
N GLU C 477 -24.20 9.86 6.04
CA GLU C 477 -25.13 8.85 6.55
C GLU C 477 -25.30 8.92 8.06
N GLU C 478 -24.34 9.50 8.77
CA GLU C 478 -24.50 9.76 10.20
C GLU C 478 -25.76 10.54 10.51
N VAL C 479 -26.15 11.46 9.63
CA VAL C 479 -27.14 12.48 10.01
C VAL C 479 -28.32 12.50 9.04
N ILE C 480 -28.19 11.87 7.88
CA ILE C 480 -29.27 11.78 6.91
C ILE C 480 -29.29 10.39 6.30
N ASP C 481 -30.43 10.03 5.73
CA ASP C 481 -30.63 8.72 5.11
C ASP C 481 -30.62 8.86 3.60
N PHE C 482 -29.72 8.14 2.94
CA PHE C 482 -29.63 8.12 1.49
C PHE C 482 -30.38 6.94 0.92
N SER C 483 -31.07 7.18 -0.19
CA SER C 483 -31.62 6.09 -0.99
C SER C 483 -30.50 5.29 -1.63
N LYS C 484 -30.87 4.22 -2.33
CA LYS C 484 -29.92 3.55 -3.19
C LYS C 484 -29.46 4.51 -4.28
N PRO C 485 -28.20 4.47 -4.69
CA PRO C 485 -27.71 5.45 -5.67
C PRO C 485 -28.46 5.37 -6.98
N PHE C 486 -28.60 6.51 -7.64
CA PHE C 486 -29.23 6.56 -8.95
C PHE C 486 -28.25 6.73 -10.10
N MET C 487 -27.00 7.12 -9.82
CA MET C 487 -26.02 7.29 -10.88
C MET C 487 -24.62 7.15 -10.32
N SER C 488 -23.82 6.29 -10.93
CA SER C 488 -22.46 6.03 -10.49
C SER C 488 -21.56 7.23 -10.80
N LEU C 489 -20.46 7.33 -10.04
CA LEU C 489 -19.42 8.30 -10.36
C LEU C 489 -18.10 7.82 -9.80
N GLY C 490 -17.03 8.48 -10.25
CA GLY C 490 -15.75 8.42 -9.57
C GLY C 490 -15.04 9.76 -9.69
N ILE C 491 -13.97 9.92 -8.93
CA ILE C 491 -13.11 11.09 -9.09
C ILE C 491 -12.24 10.89 -10.32
N SER C 492 -11.97 11.98 -11.03
CA SER C 492 -11.05 11.94 -12.16
C SER C 492 -10.35 13.29 -12.26
N ILE C 493 -9.23 13.30 -12.97
CA ILE C 493 -8.43 14.49 -13.15
C ILE C 493 -8.90 15.21 -14.40
N MET C 494 -9.05 16.53 -14.32
CA MET C 494 -9.28 17.36 -15.50
C MET C 494 -8.07 18.22 -15.78
N ILE C 495 -7.65 18.24 -17.04
CA ILE C 495 -6.56 19.09 -17.51
C ILE C 495 -7.00 19.76 -18.81
N LYS C 496 -6.23 20.76 -19.23
CA LYS C 496 -6.39 21.31 -20.57
C LYS C 496 -6.03 20.27 -21.62
N LYS C 497 -6.81 20.24 -22.70
CA LYS C 497 -6.57 19.36 -23.84
C LYS C 497 -5.18 19.62 -24.41
N PRO C 498 -4.30 18.61 -24.46
CA PRO C 498 -2.86 18.86 -24.71
C PRO C 498 -2.53 19.16 -26.17
N GLN C 499 -2.92 20.36 -26.62
CA GLN C 499 -2.52 20.93 -27.91
C GLN C 499 -2.73 19.95 -29.07
N LYS C 500 -3.89 19.27 -29.08
CA LYS C 500 -4.25 18.41 -30.20
C LYS C 500 -4.26 19.21 -31.50
N SER C 501 -3.33 18.89 -32.41
CA SER C 501 -3.08 19.70 -33.59
C SER C 501 -3.19 18.84 -34.85
N LYS C 502 -3.49 19.50 -35.97
CA LYS C 502 -3.83 18.83 -37.22
C LYS C 502 -2.64 18.81 -38.16
N PRO C 503 -2.29 17.65 -38.71
CA PRO C 503 -1.33 17.61 -39.83
C PRO C 503 -1.85 18.38 -41.03
N GLY C 504 -0.92 18.95 -41.80
CA GLY C 504 -1.26 19.76 -42.95
C GLY C 504 -1.11 19.02 -44.27
N VAL C 505 -1.58 19.70 -45.32
CA VAL C 505 -1.66 19.08 -46.66
C VAL C 505 -0.29 18.71 -47.19
N PHE C 506 0.76 19.41 -46.76
CA PHE C 506 2.12 19.12 -47.21
C PHE C 506 2.95 18.44 -46.11
N SER C 507 2.31 17.61 -45.29
CA SER C 507 2.99 16.93 -44.20
C SER C 507 4.06 15.95 -44.68
N PHE C 508 4.00 15.52 -45.94
CA PHE C 508 5.06 14.67 -46.47
C PHE C 508 6.42 15.35 -46.52
N LEU C 509 6.49 16.67 -46.31
CA LEU C 509 7.77 17.34 -46.12
C LEU C 509 8.22 17.39 -44.66
N ASP C 510 7.34 17.05 -43.71
CA ASP C 510 7.71 17.14 -42.31
C ASP C 510 8.93 16.31 -41.89
N PRO C 511 9.24 15.14 -42.48
CA PRO C 511 10.43 14.41 -42.03
C PRO C 511 11.76 14.99 -42.49
N LEU C 512 11.74 16.18 -43.10
CA LEU C 512 13.00 16.79 -43.52
C LEU C 512 12.85 18.30 -43.49
N ALA C 513 13.84 19.00 -42.94
CA ALA C 513 13.70 20.40 -42.59
C ALA C 513 13.83 21.33 -43.79
N TYR C 514 13.34 22.55 -43.59
CA TYR C 514 13.29 23.54 -44.66
C TYR C 514 14.67 23.87 -45.20
N GLU C 515 15.67 23.99 -44.32
CA GLU C 515 17.01 24.28 -44.81
C GLU C 515 17.64 23.11 -45.55
N ILE C 516 17.22 21.88 -45.26
CA ILE C 516 17.63 20.75 -46.08
C ILE C 516 17.00 20.83 -47.46
N TRP C 517 15.70 21.14 -47.53
CA TRP C 517 15.10 21.26 -48.85
C TRP C 517 15.65 22.44 -49.64
N MET C 518 16.09 23.51 -48.97
CA MET C 518 16.83 24.57 -49.64
C MET C 518 18.19 24.09 -50.16
N CYS C 519 19.00 23.51 -49.28
CA CYS C 519 20.34 23.12 -49.68
C CYS C 519 20.34 21.99 -50.70
N ILE C 520 19.31 21.14 -50.69
CA ILE C 520 19.24 20.07 -51.68
C ILE C 520 18.96 20.63 -53.08
N VAL C 521 18.22 21.73 -53.18
CA VAL C 521 18.02 22.39 -54.47
C VAL C 521 19.28 23.12 -54.89
N PHE C 522 19.99 23.73 -53.94
CA PHE C 522 21.29 24.31 -54.27
C PHE C 522 22.30 23.24 -54.69
N ALA C 523 22.20 22.04 -54.12
CA ALA C 523 23.05 20.93 -54.53
C ALA C 523 22.69 20.42 -55.92
N TYR C 524 21.40 20.29 -56.21
CA TYR C 524 20.97 19.91 -57.56
C TYR C 524 21.47 20.90 -58.60
N ILE C 525 21.35 22.20 -58.31
CA ILE C 525 21.90 23.22 -59.22
C ILE C 525 23.41 23.06 -59.37
N GLY C 526 24.12 23.01 -58.24
CA GLY C 526 25.57 22.94 -58.29
C GLY C 526 26.10 21.73 -59.01
N VAL C 527 25.54 20.55 -58.72
CA VAL C 527 25.91 19.34 -59.45
C VAL C 527 25.63 19.49 -60.93
N SER C 528 24.46 19.99 -61.30
CA SER C 528 24.14 20.11 -62.72
C SER C 528 25.12 21.03 -63.44
N VAL C 529 25.40 22.20 -62.87
CA VAL C 529 26.30 23.15 -63.52
C VAL C 529 27.73 22.64 -63.54
N VAL C 530 28.17 21.93 -62.49
CA VAL C 530 29.52 21.41 -62.51
C VAL C 530 29.67 20.30 -63.53
N LEU C 531 28.67 19.41 -63.63
CA LEU C 531 28.71 18.37 -64.66
C LEU C 531 28.72 18.97 -66.06
N PHE C 532 28.02 20.09 -66.25
CA PHE C 532 28.09 20.76 -67.54
C PHE C 532 29.48 21.36 -67.79
N LEU C 533 30.02 22.09 -66.82
CA LEU C 533 31.33 22.69 -67.01
C LEU C 533 32.39 21.63 -67.25
N VAL C 534 32.37 20.54 -66.47
CA VAL C 534 33.20 19.36 -66.67
C VAL C 534 32.87 18.67 -67.98
N SER C 535 31.84 19.14 -68.68
CA SER C 535 31.43 18.50 -69.92
C SER C 535 31.59 19.40 -71.14
N ARG C 536 32.07 20.62 -70.98
CA ARG C 536 32.39 21.50 -72.12
C ARG C 536 33.83 21.98 -72.03
N PHE C 537 34.74 21.22 -72.64
CA PHE C 537 36.18 21.46 -72.60
C PHE C 537 36.89 21.34 -73.94
N SER C 538 36.24 20.79 -74.97
CA SER C 538 36.82 20.25 -76.19
C SER C 538 37.66 19.01 -75.87
N PRO C 539 37.64 17.99 -76.73
CA PRO C 539 38.25 16.70 -76.35
C PRO C 539 39.73 16.75 -76.11
N TYR C 540 40.43 17.77 -76.58
CA TYR C 540 41.86 17.91 -76.29
C TYR C 540 42.09 18.55 -74.93
N SER C 556 35.76 17.88 -81.97
CA SER C 556 34.65 16.99 -81.64
C SER C 556 34.07 17.32 -80.27
N GLU C 557 33.94 18.62 -79.99
CA GLU C 557 33.27 19.06 -78.77
C GLU C 557 31.83 18.54 -78.71
N SER C 558 31.16 18.48 -79.86
CA SER C 558 29.81 17.92 -79.97
C SER C 558 29.70 16.45 -79.57
N THR C 559 30.81 15.82 -79.22
CA THR C 559 30.76 14.42 -78.78
C THR C 559 30.05 14.25 -77.45
N ASN C 560 29.98 15.30 -76.63
CA ASN C 560 29.51 15.19 -75.26
C ASN C 560 28.05 15.61 -75.19
N GLU C 561 27.19 14.69 -74.72
CA GLU C 561 25.75 14.87 -74.76
C GLU C 561 25.23 15.79 -73.65
N PHE C 562 26.00 15.99 -72.58
CA PHE C 562 25.52 16.67 -71.38
C PHE C 562 25.61 18.19 -71.54
N GLY C 563 24.78 18.70 -72.43
CA GLY C 563 24.41 20.10 -72.40
C GLY C 563 23.59 20.39 -71.16
N ILE C 564 23.42 21.68 -70.87
CA ILE C 564 22.91 22.08 -69.55
C ILE C 564 21.59 21.38 -69.26
N PHE C 565 20.68 21.39 -70.23
CA PHE C 565 19.36 20.81 -70.05
C PHE C 565 19.36 19.29 -70.04
N ASN C 566 20.45 18.63 -70.42
CA ASN C 566 20.59 17.21 -70.14
C ASN C 566 21.22 16.92 -68.78
N SER C 567 22.25 17.69 -68.39
CA SER C 567 22.82 17.55 -67.06
C SER C 567 21.76 17.76 -65.99
N LEU C 568 20.94 18.80 -66.17
CA LEU C 568 19.91 19.18 -65.23
C LEU C 568 18.78 18.15 -65.18
N TRP C 569 18.68 17.29 -66.19
CA TRP C 569 17.71 16.21 -66.21
C TRP C 569 18.26 14.92 -65.58
N PHE C 570 19.48 14.54 -65.97
CA PHE C 570 20.13 13.41 -65.32
C PHE C 570 20.24 13.62 -63.82
N SER C 571 20.69 14.80 -63.39
CA SER C 571 20.82 15.10 -61.96
C SER C 571 19.48 15.12 -61.22
N LEU C 572 18.34 15.15 -61.93
CA LEU C 572 17.06 14.86 -61.31
C LEU C 572 16.73 13.37 -61.32
N GLY C 573 16.81 12.73 -62.48
CA GLY C 573 16.38 11.35 -62.62
C GLY C 573 17.28 10.39 -61.89
N ALA C 574 18.48 10.83 -61.50
CA ALA C 574 19.34 10.10 -60.59
C ALA C 574 19.09 10.45 -59.15
N PHE C 575 18.23 11.43 -58.89
CA PHE C 575 17.86 11.83 -57.54
C PHE C 575 16.56 11.18 -57.10
N MET C 576 15.58 11.10 -57.99
CA MET C 576 14.31 10.45 -57.67
C MET C 576 14.36 8.94 -57.75
N GLN C 577 15.56 8.33 -57.73
CA GLN C 577 15.71 6.87 -57.68
C GLN C 577 15.02 6.18 -58.85
N GLN C 578 15.11 6.78 -60.04
CA GLN C 578 14.37 6.31 -61.20
C GLN C 578 15.34 6.01 -62.33
N GLY C 579 14.78 5.79 -63.52
CA GLY C 579 15.55 5.31 -64.64
C GLY C 579 16.50 6.38 -65.17
N CYS C 580 17.13 6.04 -66.29
CA CYS C 580 18.17 6.87 -66.86
C CYS C 580 18.27 6.62 -68.35
N ASP C 581 18.45 7.69 -69.12
CA ASP C 581 18.72 7.58 -70.55
C ASP C 581 20.21 7.77 -70.86
N ILE C 582 20.77 8.91 -70.50
CA ILE C 582 22.17 9.22 -70.73
C ILE C 582 22.94 9.06 -69.43
N SER C 583 24.14 8.50 -69.53
CA SER C 583 25.03 8.40 -68.38
C SER C 583 26.35 9.08 -68.70
N PRO C 584 27.00 9.69 -67.71
CA PRO C 584 28.24 10.42 -68.00
C PRO C 584 29.34 9.45 -68.41
N ARG C 585 30.12 9.87 -69.40
CA ARG C 585 31.25 9.09 -69.87
C ARG C 585 32.57 9.83 -69.74
N SER C 586 32.55 11.12 -69.46
CA SER C 586 33.77 11.83 -69.12
C SER C 586 34.37 11.25 -67.84
N LEU C 587 35.70 11.24 -67.79
CA LEU C 587 36.41 10.77 -66.61
C LEU C 587 35.87 11.44 -65.35
N SER C 588 35.85 12.78 -65.34
CA SER C 588 35.33 13.54 -64.21
C SER C 588 33.80 13.54 -64.14
N GLY C 589 33.15 13.40 -65.29
CA GLY C 589 31.71 13.22 -65.27
C GLY C 589 31.27 12.02 -64.46
N ARG C 590 32.12 10.99 -64.39
CA ARG C 590 31.77 9.87 -63.51
C ARG C 590 32.08 10.15 -62.04
N ILE C 591 33.00 11.06 -61.74
CA ILE C 591 33.16 11.50 -60.36
C ILE C 591 31.91 12.25 -59.89
N VAL C 592 31.45 13.22 -60.69
CA VAL C 592 30.25 13.94 -60.28
C VAL C 592 29.03 13.04 -60.29
N GLY C 593 29.01 12.01 -61.15
CA GLY C 593 27.95 11.02 -61.08
C GLY C 593 27.95 10.21 -59.79
N GLY C 594 29.10 9.69 -59.39
CA GLY C 594 29.15 8.94 -58.14
C GLY C 594 28.95 9.78 -56.90
N VAL C 595 29.31 11.05 -56.96
CA VAL C 595 29.06 11.95 -55.82
C VAL C 595 27.57 12.24 -55.69
N TRP C 596 26.88 12.48 -56.81
CA TRP C 596 25.44 12.69 -56.73
C TRP C 596 24.70 11.42 -56.36
N TRP C 597 25.11 10.26 -56.90
CA TRP C 597 24.49 9.02 -56.49
C TRP C 597 24.68 8.72 -55.01
N PHE C 598 25.81 9.10 -54.42
CA PHE C 598 25.96 8.88 -52.99
C PHE C 598 25.11 9.85 -52.17
N PHE C 599 25.15 11.13 -52.55
CA PHE C 599 24.31 12.11 -51.86
C PHE C 599 22.84 11.68 -51.89
N THR C 600 22.35 11.26 -53.05
CA THR C 600 20.96 10.81 -53.13
C THR C 600 20.74 9.56 -52.30
N LEU C 601 21.67 8.60 -52.33
CA LEU C 601 21.49 7.39 -51.53
C LEU C 601 21.35 7.71 -50.05
N ILE C 602 22.03 8.75 -49.58
CA ILE C 602 21.81 9.20 -48.20
C ILE C 602 20.44 9.84 -48.04
N ILE C 603 20.14 10.85 -48.85
CA ILE C 603 18.95 11.68 -48.59
C ILE C 603 17.65 10.92 -48.84
N ILE C 604 17.52 10.24 -49.98
CA ILE C 604 16.32 9.47 -50.30
C ILE C 604 16.22 8.16 -49.51
N SER C 605 17.02 7.99 -48.48
CA SER C 605 16.74 6.95 -47.51
C SER C 605 16.71 7.45 -46.07
N SER C 606 17.30 8.60 -45.78
CA SER C 606 17.05 9.29 -44.51
C SER C 606 15.64 9.86 -44.46
N TYR C 607 15.22 10.54 -45.54
CA TYR C 607 13.85 11.00 -45.64
C TYR C 607 12.87 9.85 -45.51
N THR C 608 13.13 8.73 -46.18
CA THR C 608 12.15 7.66 -46.16
C THR C 608 12.13 6.90 -44.83
N ALA C 609 13.27 6.76 -44.15
CA ALA C 609 13.24 6.20 -42.81
C ALA C 609 12.52 7.12 -41.82
N ASN C 610 12.71 8.42 -41.94
CA ASN C 610 12.04 9.31 -41.00
C ASN C 610 10.55 9.42 -41.29
N LEU C 611 10.17 9.50 -42.56
CA LEU C 611 8.76 9.41 -42.93
C LEU C 611 8.13 8.12 -42.43
N ALA C 612 8.83 6.98 -42.57
CA ALA C 612 8.33 5.72 -42.06
C ALA C 612 8.28 5.68 -40.54
N ALA C 613 9.01 6.58 -39.87
CA ALA C 613 8.82 6.73 -38.43
C ALA C 613 7.57 7.55 -38.11
N PHE C 614 7.34 8.64 -38.84
CA PHE C 614 6.15 9.45 -38.61
C PHE C 614 4.87 8.67 -38.89
N LEU C 615 4.82 7.96 -40.01
CA LEU C 615 3.66 7.18 -40.43
C LEU C 615 3.50 5.88 -39.65
N THR C 616 4.13 5.72 -38.49
CA THR C 616 3.78 4.60 -37.62
C THR C 616 2.41 4.79 -36.99
N VAL C 617 2.00 6.02 -36.71
CA VAL C 617 0.63 6.29 -36.31
C VAL C 617 0.37 7.79 -36.45
N GLU C 618 -0.81 8.14 -36.94
CA GLU C 618 -1.22 9.54 -37.10
C GLU C 618 -2.11 9.98 -35.94
N ARG C 619 -1.54 9.98 -34.73
CA ARG C 619 -2.29 10.31 -33.53
C ARG C 619 -1.41 11.13 -32.59
N MET C 620 -2.06 11.83 -31.66
CA MET C 620 -1.37 12.65 -30.69
C MET C 620 -0.64 11.79 -29.66
N VAL C 621 0.30 12.43 -28.96
CA VAL C 621 1.12 11.72 -27.98
C VAL C 621 0.30 11.33 -26.76
N SER C 622 -0.66 12.18 -26.36
CA SER C 622 -1.47 12.10 -25.15
C SER C 622 -0.64 12.48 -23.92
N PRO C 623 -1.29 12.97 -22.85
CA PRO C 623 -0.53 13.58 -21.75
C PRO C 623 -0.22 12.63 -20.60
N ILE C 624 0.53 13.14 -19.62
CA ILE C 624 0.78 12.38 -18.39
C ILE C 624 -0.55 12.16 -17.67
N GLU C 625 -0.64 11.03 -16.96
CA GLU C 625 -1.89 10.62 -16.31
C GLU C 625 -1.57 10.12 -14.90
N SER C 626 -2.60 9.59 -14.25
CA SER C 626 -2.53 8.88 -12.97
C SER C 626 -2.13 9.78 -11.81
N ALA C 627 -1.81 11.05 -12.11
CA ALA C 627 -1.35 12.04 -11.13
C ALA C 627 -0.08 11.61 -10.39
N GLU C 628 0.58 10.54 -10.82
CA GLU C 628 1.82 10.09 -10.22
C GLU C 628 2.88 11.18 -10.30
N ASP C 629 3.30 11.51 -11.52
CA ASP C 629 4.26 12.60 -11.70
C ASP C 629 3.66 13.92 -11.24
N LEU C 630 2.34 14.09 -11.39
CA LEU C 630 1.69 15.30 -10.89
C LEU C 630 1.76 15.38 -9.37
N SER C 631 1.61 14.25 -8.68
CA SER C 631 1.84 14.24 -7.25
C SER C 631 3.32 14.13 -6.89
N LYS C 632 4.21 14.21 -7.89
CA LYS C 632 5.64 14.15 -7.64
C LYS C 632 6.38 15.22 -8.43
N GLN C 633 5.72 16.34 -8.69
CA GLN C 633 6.36 17.51 -9.26
C GLN C 633 5.72 18.76 -8.67
N THR C 634 6.52 19.82 -8.55
CA THR C 634 5.99 21.15 -8.29
C THR C 634 5.56 21.87 -9.57
N GLU C 635 5.81 21.27 -10.73
CA GLU C 635 5.64 22.00 -11.99
C GLU C 635 4.17 22.17 -12.35
N ILE C 636 3.33 21.18 -12.00
CA ILE C 636 1.89 21.26 -12.23
C ILE C 636 1.20 21.04 -10.89
N ALA C 637 0.39 22.02 -10.49
CA ALA C 637 -0.40 21.91 -9.28
C ALA C 637 -1.68 21.14 -9.54
N TYR C 638 -2.24 20.56 -8.47
CA TYR C 638 -3.55 19.94 -8.52
C TYR C 638 -4.30 20.25 -7.24
N GLY C 639 -5.61 20.09 -7.29
CA GLY C 639 -6.44 20.39 -6.14
C GLY C 639 -7.84 19.86 -6.33
N THR C 640 -8.71 20.22 -5.39
CA THR C 640 -10.01 19.58 -5.23
C THR C 640 -11.03 20.62 -4.81
N LEU C 641 -12.30 20.22 -4.86
CA LEU C 641 -13.39 21.11 -4.50
C LEU C 641 -13.44 21.28 -2.98
N ASP C 642 -13.52 22.53 -2.53
CA ASP C 642 -13.62 22.82 -1.11
C ASP C 642 -15.04 22.53 -0.63
N SER C 643 -15.14 22.04 0.60
CA SER C 643 -16.37 21.48 1.18
C SER C 643 -16.91 20.28 0.40
N GLY C 644 -16.14 19.75 -0.55
CA GLY C 644 -16.59 18.64 -1.35
C GLY C 644 -16.34 17.28 -0.73
N SER C 645 -17.17 16.32 -1.14
CA SER C 645 -16.93 14.93 -0.76
C SER C 645 -15.58 14.42 -1.26
N THR C 646 -15.04 15.02 -2.32
CA THR C 646 -13.73 14.62 -2.82
C THR C 646 -12.63 15.06 -1.86
N LYS C 647 -12.69 16.32 -1.41
CA LYS C 647 -11.79 16.79 -0.38
C LYS C 647 -11.93 15.98 0.91
N GLU C 648 -13.16 15.64 1.30
CA GLU C 648 -13.36 14.78 2.45
C GLU C 648 -12.77 13.38 2.23
N PHE C 649 -12.84 12.87 1.01
CA PHE C 649 -12.24 11.58 0.69
C PHE C 649 -10.72 11.62 0.83
N PHE C 650 -10.08 12.67 0.33
CA PHE C 650 -8.64 12.80 0.57
C PHE C 650 -8.32 13.02 2.04
N ARG C 651 -9.20 13.72 2.77
CA ARG C 651 -9.10 13.86 4.22
C ARG C 651 -9.02 12.52 4.94
N ARG C 652 -10.03 11.66 4.75
CA ARG C 652 -10.18 10.48 5.61
C ARG C 652 -9.74 9.17 4.98
N SER C 653 -9.70 9.06 3.66
CA SER C 653 -9.20 7.85 3.02
C SER C 653 -7.67 7.81 3.11
N LYS C 654 -7.14 6.65 3.51
CA LYS C 654 -5.73 6.52 3.86
C LYS C 654 -4.95 5.67 2.87
N ILE C 655 -5.43 5.52 1.63
CA ILE C 655 -4.62 4.93 0.59
C ILE C 655 -3.38 5.80 0.41
N ALA C 656 -2.20 5.16 0.33
CA ALA C 656 -0.94 5.88 0.52
C ALA C 656 -0.75 7.00 -0.49
N VAL C 657 -1.02 6.75 -1.77
CA VAL C 657 -0.94 7.79 -2.79
C VAL C 657 -1.94 8.92 -2.52
N PHE C 658 -3.12 8.58 -2.01
CA PHE C 658 -4.12 9.61 -1.72
C PHE C 658 -3.77 10.43 -0.49
N ASP C 659 -3.18 9.81 0.53
CA ASP C 659 -2.69 10.60 1.65
C ASP C 659 -1.47 11.43 1.30
N LYS C 660 -0.62 10.96 0.39
CA LYS C 660 0.45 11.81 -0.14
C LYS C 660 -0.10 13.03 -0.87
N MET C 661 -1.11 12.81 -1.73
CA MET C 661 -1.77 13.91 -2.42
C MET C 661 -2.47 14.85 -1.44
N TRP C 662 -3.13 14.31 -0.42
CA TRP C 662 -3.73 15.14 0.62
C TRP C 662 -2.66 15.95 1.36
N THR C 663 -1.51 15.33 1.60
CA THR C 663 -0.43 15.99 2.32
C THR C 663 0.05 17.21 1.55
N TYR C 664 0.30 17.04 0.25
CA TYR C 664 0.58 18.17 -0.62
C TYR C 664 -0.55 19.19 -0.62
N MET C 665 -1.80 18.76 -0.79
CA MET C 665 -2.89 19.71 -0.90
C MET C 665 -3.06 20.55 0.37
N ARG C 666 -2.76 19.99 1.54
CA ARG C 666 -2.88 20.71 2.80
C ARG C 666 -1.58 21.36 3.26
N SER C 667 -0.46 21.11 2.59
CA SER C 667 0.78 21.79 2.93
C SER C 667 1.24 22.78 1.88
N ALA C 668 0.57 22.84 0.72
CA ALA C 668 0.94 23.75 -0.36
C ALA C 668 0.11 25.02 -0.26
N GLU C 669 0.80 26.16 -0.21
CA GLU C 669 0.15 27.46 -0.24
C GLU C 669 0.73 28.30 -1.38
N PRO C 670 -0.10 29.06 -2.10
CA PRO C 670 -1.53 29.35 -1.90
C PRO C 670 -2.44 28.16 -2.14
N SER C 671 -3.69 28.26 -1.68
CA SER C 671 -4.58 27.10 -1.59
C SER C 671 -4.78 26.44 -2.94
N VAL C 672 -4.65 25.11 -2.97
CA VAL C 672 -4.98 24.33 -4.16
C VAL C 672 -6.49 24.27 -4.38
N PHE C 673 -7.28 24.47 -3.34
CA PHE C 673 -8.70 24.15 -3.41
C PHE C 673 -9.47 25.22 -4.18
N VAL C 674 -10.68 24.84 -4.60
CA VAL C 674 -11.57 25.73 -5.33
C VAL C 674 -12.97 25.60 -4.73
N ARG C 675 -13.77 26.66 -4.88
CA ARG C 675 -15.03 26.76 -4.16
C ARG C 675 -16.22 26.23 -4.94
N THR C 676 -16.15 26.22 -6.28
CA THR C 676 -17.19 25.62 -7.10
C THR C 676 -16.54 24.90 -8.27
N THR C 677 -17.31 23.98 -8.87
CA THR C 677 -16.84 23.29 -10.06
C THR C 677 -16.62 24.26 -11.21
N ALA C 678 -17.50 25.25 -11.35
CA ALA C 678 -17.27 26.32 -12.32
C ALA C 678 -15.94 27.02 -12.09
N GLU C 679 -15.60 27.29 -10.82
CA GLU C 679 -14.31 27.89 -10.50
C GLU C 679 -13.15 26.96 -10.87
N GLY C 680 -13.26 25.68 -10.54
CA GLY C 680 -12.19 24.76 -10.87
C GLY C 680 -11.97 24.60 -12.37
N VAL C 681 -13.06 24.50 -13.13
CA VAL C 681 -12.98 24.47 -14.59
C VAL C 681 -12.35 25.74 -15.14
N ALA C 682 -12.76 26.91 -14.64
CA ALA C 682 -12.14 28.15 -15.08
C ALA C 682 -10.66 28.22 -14.71
N ARG C 683 -10.30 27.67 -13.56
CA ARG C 683 -8.89 27.64 -13.15
C ARG C 683 -8.07 26.77 -14.09
N VAL C 684 -8.56 25.57 -14.40
CA VAL C 684 -7.85 24.71 -15.35
C VAL C 684 -7.74 25.39 -16.71
N ARG C 685 -8.85 25.92 -17.23
CA ARG C 685 -8.85 26.53 -18.55
C ARG C 685 -7.90 27.72 -18.62
N LYS C 686 -7.86 28.55 -17.57
CA LYS C 686 -7.00 29.73 -17.59
C LYS C 686 -5.53 29.43 -17.30
N SER C 687 -5.24 28.44 -16.45
CA SER C 687 -3.87 28.27 -15.95
C SER C 687 -2.95 27.56 -16.94
N LYS C 688 -3.38 27.36 -18.19
CA LYS C 688 -2.51 26.88 -19.26
C LYS C 688 -1.85 25.55 -18.91
N GLY C 689 -2.58 24.70 -18.17
CA GLY C 689 -2.06 23.40 -17.78
C GLY C 689 -1.27 23.40 -16.49
N LYS C 690 -1.01 24.55 -15.89
CA LYS C 690 -0.31 24.60 -14.62
C LYS C 690 -1.16 24.16 -13.45
N TYR C 691 -2.47 24.01 -13.62
CA TYR C 691 -3.36 23.56 -12.55
C TYR C 691 -4.30 22.49 -13.08
N ALA C 692 -4.50 21.44 -12.29
CA ALA C 692 -5.45 20.39 -12.59
C ALA C 692 -6.49 20.30 -11.47
N TYR C 693 -7.70 19.91 -11.85
CA TYR C 693 -8.83 19.83 -10.92
C TYR C 693 -9.27 18.37 -10.81
N LEU C 694 -9.31 17.88 -9.58
CA LEU C 694 -9.90 16.58 -9.27
C LEU C 694 -11.40 16.76 -9.02
N LEU C 695 -12.22 16.11 -9.84
CA LEU C 695 -13.66 16.28 -9.76
C LEU C 695 -14.36 14.99 -10.13
N GLU C 696 -15.65 14.92 -9.80
CA GLU C 696 -16.45 13.73 -10.07
C GLU C 696 -16.62 13.49 -11.55
N SER C 697 -16.53 12.20 -11.94
CA SER C 697 -16.37 11.84 -13.35
C SER C 697 -17.52 12.32 -14.21
N THR C 698 -18.74 12.33 -13.67
CA THR C 698 -19.88 12.84 -14.44
C THR C 698 -19.82 14.35 -14.67
N MET C 699 -19.04 15.08 -13.88
CA MET C 699 -18.71 16.46 -14.25
C MET C 699 -17.66 16.50 -15.35
N ASN C 700 -16.67 15.60 -15.29
CA ASN C 700 -15.63 15.55 -16.32
C ASN C 700 -16.22 15.24 -17.69
N GLU C 701 -16.90 14.11 -17.81
CA GLU C 701 -17.53 13.70 -19.05
C GLU C 701 -18.75 14.53 -19.41
N TYR C 702 -19.05 15.63 -18.73
CA TYR C 702 -19.94 16.65 -19.28
C TYR C 702 -19.18 17.89 -19.73
N ILE C 703 -18.25 18.39 -18.93
CA ILE C 703 -17.55 19.61 -19.31
C ILE C 703 -16.61 19.34 -20.48
N GLU C 704 -16.11 18.11 -20.60
CA GLU C 704 -15.30 17.72 -21.74
C GLU C 704 -16.13 17.65 -23.02
N GLN C 705 -17.39 17.23 -22.93
CA GLN C 705 -18.23 16.99 -24.08
C GLN C 705 -18.97 18.24 -24.55
N ARG C 706 -18.75 19.39 -23.91
CA ARG C 706 -19.44 20.62 -24.24
C ARG C 706 -18.41 21.68 -24.65
N LYS C 707 -18.87 22.63 -25.48
CA LYS C 707 -18.01 23.68 -25.97
C LYS C 707 -17.34 24.41 -24.82
N PRO C 708 -16.05 24.80 -24.95
CA PRO C 708 -15.18 24.68 -26.12
C PRO C 708 -14.52 23.31 -26.28
N CYS C 709 -14.77 22.37 -25.38
CA CYS C 709 -14.13 21.05 -25.41
C CYS C 709 -12.60 21.15 -25.38
N ASP C 710 -12.09 22.13 -24.65
CA ASP C 710 -10.65 22.33 -24.53
C ASP C 710 -10.05 21.64 -23.31
N THR C 711 -10.77 20.70 -22.71
CA THR C 711 -10.36 20.02 -21.49
C THR C 711 -10.61 18.52 -21.67
N MET C 712 -9.73 17.70 -21.10
CA MET C 712 -9.75 16.27 -21.40
C MET C 712 -9.56 15.45 -20.13
N LYS C 713 -10.30 14.34 -20.06
CA LYS C 713 -10.13 13.37 -18.99
C LYS C 713 -8.84 12.57 -19.16
N VAL C 714 -8.15 12.33 -18.05
CA VAL C 714 -7.03 11.41 -18.01
C VAL C 714 -7.22 10.42 -16.86
N GLY C 715 -6.78 9.19 -17.07
CA GLY C 715 -6.98 8.14 -16.11
C GLY C 715 -8.43 7.66 -16.07
N GLY C 716 -8.65 6.62 -15.26
CA GLY C 716 -9.97 6.08 -15.06
C GLY C 716 -10.71 6.75 -13.91
N ASN C 717 -11.05 5.96 -12.89
CA ASN C 717 -11.62 6.48 -11.65
C ASN C 717 -10.67 6.18 -10.51
N LEU C 718 -10.49 7.17 -9.62
CA LEU C 718 -9.67 6.96 -8.44
C LEU C 718 -10.37 6.04 -7.45
N ASP C 719 -11.69 6.12 -7.36
CA ASP C 719 -12.48 5.39 -6.38
C ASP C 719 -13.85 5.14 -6.99
N SER C 720 -14.83 4.83 -6.15
CA SER C 720 -16.22 4.82 -6.58
C SER C 720 -17.09 5.39 -5.47
N LYS C 721 -18.10 6.16 -5.88
CA LYS C 721 -19.09 6.74 -4.99
C LYS C 721 -20.41 6.77 -5.75
N GLY C 722 -21.31 7.66 -5.34
CA GLY C 722 -22.51 7.87 -6.13
C GLY C 722 -23.39 8.93 -5.50
N TYR C 723 -24.44 9.28 -6.23
CA TYR C 723 -25.48 10.16 -5.73
C TYR C 723 -26.69 9.34 -5.30
N GLY C 724 -27.17 9.59 -4.08
CA GLY C 724 -28.41 9.03 -3.61
C GLY C 724 -29.39 10.13 -3.24
N ILE C 725 -30.68 9.82 -3.33
CA ILE C 725 -31.68 10.72 -2.80
C ILE C 725 -31.61 10.68 -1.28
N ALA C 726 -31.53 11.86 -0.66
CA ALA C 726 -31.30 11.96 0.78
C ALA C 726 -32.48 12.63 1.45
N THR C 727 -33.02 11.97 2.47
CA THR C 727 -34.06 12.47 3.35
C THR C 727 -33.50 12.68 4.75
N PRO C 728 -33.95 13.71 5.46
CA PRO C 728 -33.61 13.84 6.88
C PRO C 728 -33.97 12.56 7.64
N LYS C 729 -33.14 12.22 8.62
CA LYS C 729 -33.18 10.90 9.24
C LYS C 729 -34.54 10.62 9.86
N GLY C 730 -35.09 9.45 9.56
CA GLY C 730 -36.38 9.02 10.07
C GLY C 730 -37.59 9.57 9.34
N SER C 731 -37.40 10.33 8.25
CA SER C 731 -38.54 10.87 7.52
C SER C 731 -39.39 9.75 6.94
N SER C 732 -40.69 10.01 6.87
CA SER C 732 -41.60 9.10 6.17
C SER C 732 -41.42 9.13 4.66
N LEU C 733 -40.62 10.07 4.14
CA LEU C 733 -40.25 10.06 2.73
C LEU C 733 -39.33 8.89 2.39
N GLY C 734 -38.57 8.40 3.37
CA GLY C 734 -37.42 7.57 3.07
C GLY C 734 -37.75 6.25 2.39
N THR C 735 -38.89 5.66 2.70
CA THR C 735 -39.24 4.41 2.04
C THR C 735 -39.92 4.62 0.68
N PRO C 736 -40.89 5.52 0.53
CA PRO C 736 -41.46 5.72 -0.81
C PRO C 736 -40.49 6.32 -1.80
N VAL C 737 -39.55 7.16 -1.36
CA VAL C 737 -38.48 7.63 -2.26
C VAL C 737 -37.70 6.45 -2.84
N ASN C 738 -37.34 5.48 -2.00
CA ASN C 738 -36.63 4.30 -2.49
C ASN C 738 -37.49 3.43 -3.39
N LEU C 739 -38.77 3.23 -3.03
CA LEU C 739 -39.67 2.50 -3.91
C LEU C 739 -40.01 3.26 -5.19
N ALA C 740 -39.67 4.54 -5.27
CA ALA C 740 -39.72 5.28 -6.53
C ALA C 740 -38.44 5.08 -7.33
N VAL C 741 -37.30 5.40 -6.72
CA VAL C 741 -36.01 5.31 -7.40
C VAL C 741 -35.78 3.91 -7.97
N LEU C 742 -36.10 2.88 -7.20
CA LEU C 742 -35.85 1.53 -7.70
C LEU C 742 -36.79 1.14 -8.83
N LYS C 743 -37.97 1.75 -8.93
CA LYS C 743 -38.78 1.59 -10.13
C LYS C 743 -38.19 2.36 -11.31
N LEU C 744 -37.71 3.58 -11.05
CA LEU C 744 -37.09 4.37 -12.11
C LEU C 744 -35.83 3.71 -12.66
N SER C 745 -35.18 2.86 -11.88
CA SER C 745 -34.08 2.07 -12.41
C SER C 745 -34.56 0.78 -13.08
N GLU C 746 -35.43 0.02 -12.42
CA GLU C 746 -35.91 -1.23 -12.98
C GLU C 746 -36.70 -1.02 -14.27
N GLN C 747 -37.12 0.21 -14.57
CA GLN C 747 -37.82 0.50 -15.82
C GLN C 747 -37.11 1.58 -16.63
N GLY C 748 -35.80 1.74 -16.46
CA GLY C 748 -34.98 2.46 -17.40
C GLY C 748 -35.21 3.95 -17.50
N VAL C 749 -35.94 4.55 -16.57
CA VAL C 749 -36.17 5.99 -16.63
C VAL C 749 -34.89 6.77 -16.32
N LEU C 750 -34.14 6.31 -15.30
CA LEU C 750 -32.91 6.97 -14.91
C LEU C 750 -31.92 7.04 -16.07
N ASP C 751 -31.84 5.99 -16.89
CA ASP C 751 -30.82 5.94 -17.91
C ASP C 751 -31.10 6.92 -19.03
N LYS C 752 -32.35 7.03 -19.46
CA LYS C 752 -32.71 8.09 -20.40
C LYS C 752 -32.62 9.48 -19.80
N LEU C 753 -32.89 9.64 -18.50
CA LEU C 753 -32.63 10.94 -17.87
C LEU C 753 -31.15 11.29 -17.75
N LYS C 754 -30.26 10.30 -17.78
CA LYS C 754 -28.85 10.60 -18.04
C LYS C 754 -28.59 10.93 -19.50
N ASN C 755 -29.04 10.06 -20.40
CA ASN C 755 -28.75 10.17 -21.83
C ASN C 755 -29.16 11.53 -22.39
N LYS C 756 -30.38 11.96 -22.08
CA LYS C 756 -30.95 13.23 -22.51
C LYS C 756 -30.09 14.44 -22.13
N TRP C 757 -29.13 14.24 -21.24
CA TRP C 757 -28.35 15.35 -20.71
C TRP C 757 -26.85 15.23 -20.94
N TRP C 758 -26.30 14.02 -20.98
CA TRP C 758 -24.90 13.83 -21.33
C TRP C 758 -24.65 13.56 -22.81
N TYR C 759 -25.53 12.82 -23.48
CA TYR C 759 -25.20 12.31 -24.81
C TYR C 759 -26.06 12.89 -25.93
N ASP C 760 -27.37 13.02 -25.73
CA ASP C 760 -28.18 13.77 -26.68
C ASP C 760 -27.73 15.22 -26.76
N LYS C 761 -27.37 15.82 -25.62
CA LYS C 761 -26.79 17.15 -25.60
C LYS C 761 -25.26 17.12 -25.64
N GLY C 762 -24.67 16.05 -26.17
CA GLY C 762 -23.24 15.98 -26.38
C GLY C 762 -22.81 16.69 -27.64
N GLU C 763 -23.19 17.97 -27.76
CA GLU C 763 -23.17 18.68 -29.04
C GLU C 763 -21.81 19.26 -29.39
N CYS C 764 -20.75 18.90 -28.68
CA CYS C 764 -19.43 19.39 -29.05
C CYS C 764 -18.40 18.28 -29.22
N GLY C 765 -18.42 17.26 -28.36
CA GLY C 765 -17.38 16.27 -28.29
C GLY C 765 -17.11 15.51 -29.56
N ALA C 766 -15.84 15.46 -29.97
CA ALA C 766 -15.44 14.68 -31.13
C ALA C 766 -15.32 13.20 -30.84
N LYS C 767 -15.34 12.80 -29.57
CA LYS C 767 -15.17 11.43 -29.11
C LYS C 767 -13.81 10.85 -29.48
N ASP C 768 -12.86 11.67 -29.90
CA ASP C 768 -11.50 11.22 -30.14
C ASP C 768 -10.79 11.02 -28.81
N SER C 769 -10.46 9.76 -28.48
CA SER C 769 -9.68 9.48 -27.29
C SER C 769 -8.20 9.82 -27.46
N GLY C 770 -7.68 9.71 -28.69
CA GLY C 770 -6.25 9.75 -28.91
C GLY C 770 -5.61 8.39 -28.76
N SER C 771 -6.15 7.42 -29.50
CA SER C 771 -5.67 6.04 -29.45
C SER C 771 -4.34 5.92 -30.19
N LYS C 772 -3.84 4.69 -30.30
CA LYS C 772 -2.47 4.45 -30.76
C LYS C 772 -2.34 3.30 -31.75
N GLU C 773 -3.45 2.79 -32.30
CA GLU C 773 -3.40 1.56 -33.09
C GLU C 773 -2.65 1.81 -34.40
N LYS C 774 -1.60 1.03 -34.64
CA LYS C 774 -0.70 1.23 -35.76
C LYS C 774 -1.13 0.47 -37.00
N THR C 775 -2.43 0.26 -37.19
CA THR C 775 -2.99 -0.30 -38.41
C THR C 775 -4.00 0.64 -39.05
N SER C 776 -3.91 1.93 -38.75
CA SER C 776 -4.81 2.93 -39.31
C SER C 776 -4.44 3.21 -40.76
N ALA C 777 -5.39 3.03 -41.67
CA ALA C 777 -5.15 3.26 -43.09
C ALA C 777 -4.80 4.72 -43.33
N LEU C 778 -3.99 4.95 -44.36
CA LEU C 778 -3.50 6.30 -44.66
C LEU C 778 -4.63 7.18 -45.17
N SER C 779 -4.69 8.41 -44.65
CA SER C 779 -5.72 9.36 -45.03
C SER C 779 -5.39 9.98 -46.38
N LEU C 780 -6.36 9.96 -47.30
CA LEU C 780 -6.17 10.58 -48.60
C LEU C 780 -6.00 12.09 -48.49
N SER C 781 -6.58 12.71 -47.48
CA SER C 781 -6.44 14.15 -47.29
C SER C 781 -5.00 14.55 -47.02
N ASN C 782 -4.29 13.77 -46.19
CA ASN C 782 -2.91 14.10 -45.86
C ASN C 782 -1.95 13.79 -47.00
N VAL C 783 -2.27 12.80 -47.84
CA VAL C 783 -1.51 12.56 -49.07
C VAL C 783 -1.77 13.66 -50.10
N ALA C 784 -2.95 14.30 -50.04
CA ALA C 784 -3.52 14.95 -51.21
C ALA C 784 -2.56 15.94 -51.89
N GLY C 785 -1.72 16.61 -51.10
CA GLY C 785 -0.88 17.63 -51.69
C GLY C 785 0.09 17.10 -52.72
N VAL C 786 0.42 15.82 -52.66
CA VAL C 786 1.18 15.19 -53.74
C VAL C 786 0.39 15.23 -55.05
N PHE C 787 -0.92 14.98 -54.97
CA PHE C 787 -1.77 15.10 -56.16
C PHE C 787 -1.91 16.55 -56.60
N TYR C 788 -1.99 17.49 -55.66
CA TYR C 788 -2.06 18.89 -56.04
C TYR C 788 -0.81 19.33 -56.77
N ILE C 789 0.36 18.84 -56.32
CA ILE C 789 1.60 19.11 -57.03
C ILE C 789 1.60 18.44 -58.41
N LEU C 790 1.15 17.19 -58.48
CA LEU C 790 1.09 16.50 -59.77
C LEU C 790 0.24 17.25 -60.77
N VAL C 791 -0.96 17.66 -60.37
CA VAL C 791 -1.86 18.38 -61.28
C VAL C 791 -1.29 19.75 -61.67
N GLY C 792 -0.69 20.48 -60.72
CA GLY C 792 -0.01 21.70 -61.09
C GLY C 792 1.16 21.49 -62.04
N GLY C 793 1.85 20.36 -61.92
CA GLY C 793 2.90 20.03 -62.87
C GLY C 793 2.36 19.72 -64.26
N LEU C 794 1.32 18.89 -64.33
CA LEU C 794 0.72 18.58 -65.62
C LEU C 794 0.20 19.84 -66.30
N GLY C 795 -0.48 20.72 -65.56
CA GLY C 795 -0.95 21.97 -66.14
C GLY C 795 0.17 22.85 -66.65
N LEU C 796 1.20 23.07 -65.83
CA LEU C 796 2.35 23.86 -66.28
C LEU C 796 3.03 23.22 -67.48
N ALA C 797 3.04 21.88 -67.55
CA ALA C 797 3.59 21.19 -68.71
C ALA C 797 2.76 21.44 -69.96
N MET C 798 1.45 21.36 -69.87
CA MET C 798 0.62 21.69 -71.02
C MET C 798 0.86 23.12 -71.48
N LEU C 799 0.98 24.05 -70.54
CA LEU C 799 1.32 25.43 -70.88
C LEU C 799 2.65 25.52 -71.62
N VAL C 800 3.70 24.89 -71.10
CA VAL C 800 5.01 24.96 -71.75
C VAL C 800 5.01 24.27 -73.10
N ALA C 801 4.22 23.20 -73.26
CA ALA C 801 4.14 22.54 -74.55
C ALA C 801 3.45 23.42 -75.58
N LEU C 802 2.39 24.13 -75.18
CA LEU C 802 1.70 24.98 -76.13
C LEU C 802 2.54 26.20 -76.50
N ILE C 803 3.24 26.80 -75.54
CA ILE C 803 4.06 27.96 -75.88
C ILE C 803 5.28 27.56 -76.70
N GLU C 804 5.87 26.40 -76.43
CA GLU C 804 6.95 25.91 -77.29
C GLU C 804 6.47 25.56 -78.69
N PHE C 805 5.27 24.99 -78.83
CA PHE C 805 4.71 24.79 -80.16
C PHE C 805 4.45 26.10 -80.88
N CYS C 806 3.96 27.12 -80.16
CA CYS C 806 3.73 28.42 -80.77
C CYS C 806 5.03 29.10 -81.19
N TYR C 807 6.11 28.89 -80.45
CA TYR C 807 7.42 29.35 -80.91
C TYR C 807 7.89 28.58 -82.14
N LYS C 808 7.89 27.24 -82.06
CA LYS C 808 8.31 26.41 -83.20
C LYS C 808 7.52 26.71 -84.47
N SER C 809 6.26 27.11 -84.33
CA SER C 809 5.47 27.54 -85.49
C SER C 809 5.99 28.81 -86.15
N ARG C 810 6.96 29.51 -85.54
CA ARG C 810 7.71 30.51 -86.29
C ARG C 810 8.64 29.89 -87.32
N ALA C 811 8.96 28.62 -87.19
CA ALA C 811 9.90 27.95 -88.10
C ALA C 811 9.42 26.56 -88.44
N ASN D 1 -22.27 42.67 81.62
CA ASN D 1 -23.28 42.56 80.58
C ASN D 1 -23.19 41.21 79.86
N SER D 2 -24.34 40.65 79.52
CA SER D 2 -24.39 39.45 78.69
C SER D 2 -25.54 39.59 77.70
N ILE D 3 -25.32 39.09 76.48
CA ILE D 3 -26.18 39.38 75.35
C ILE D 3 -26.98 38.12 75.02
N GLN D 4 -28.31 38.25 75.05
CA GLN D 4 -29.18 37.13 74.76
C GLN D 4 -29.18 36.84 73.26
N ILE D 5 -28.85 35.59 72.91
CA ILE D 5 -28.77 35.18 71.51
C ILE D 5 -29.57 33.90 71.33
N GLY D 6 -30.16 33.75 70.15
CA GLY D 6 -30.88 32.54 69.82
C GLY D 6 -30.00 31.46 69.20
N GLY D 7 -30.44 30.21 69.37
CA GLY D 7 -29.77 29.08 68.76
C GLY D 7 -30.72 27.99 68.31
N LEU D 8 -30.73 27.69 67.01
CA LEU D 8 -31.31 26.47 66.47
C LEU D 8 -30.21 25.56 65.97
N PHE D 9 -30.19 24.33 66.43
CA PHE D 9 -29.18 23.36 65.99
C PHE D 9 -29.88 22.10 65.50
N PRO D 10 -29.50 21.58 64.33
CA PRO D 10 -30.07 20.31 63.86
C PRO D 10 -29.77 19.19 64.84
N ARG D 11 -30.67 18.21 64.87
CA ARG D 11 -30.44 17.01 65.68
C ARG D 11 -29.24 16.23 65.13
N GLY D 12 -28.22 16.08 65.95
CA GLY D 12 -26.99 15.45 65.54
C GLY D 12 -25.87 16.39 65.16
N ALA D 13 -26.04 17.70 65.35
CA ALA D 13 -24.98 18.66 65.09
C ALA D 13 -24.02 18.74 66.27
N ASP D 14 -23.53 17.59 66.74
CA ASP D 14 -22.78 17.53 67.98
C ASP D 14 -21.46 18.31 67.89
N GLN D 15 -20.73 18.15 66.78
CA GLN D 15 -19.48 18.86 66.63
C GLN D 15 -19.69 20.35 66.39
N GLU D 16 -20.77 20.74 65.71
CA GLU D 16 -21.08 22.15 65.57
C GLU D 16 -21.43 22.78 66.92
N TYR D 17 -22.29 22.12 67.70
CA TYR D 17 -22.62 22.65 69.01
C TYR D 17 -21.41 22.68 69.94
N SER D 18 -20.55 21.66 69.85
CA SER D 18 -19.28 21.70 70.56
C SER D 18 -18.44 22.91 70.14
N ALA D 19 -18.34 23.15 68.83
CA ALA D 19 -17.58 24.30 68.35
C ALA D 19 -18.20 25.62 68.79
N PHE D 20 -19.54 25.66 68.85
CA PHE D 20 -20.22 26.84 69.37
C PHE D 20 -19.83 27.10 70.82
N ARG D 21 -19.86 26.06 71.65
CA ARG D 21 -19.46 26.21 73.05
C ARG D 21 -18.00 26.61 73.18
N VAL D 22 -17.11 26.00 72.38
CA VAL D 22 -15.71 26.38 72.38
C VAL D 22 -15.53 27.84 71.94
N GLY D 23 -16.28 28.27 70.93
CA GLY D 23 -16.25 29.67 70.55
C GLY D 23 -16.67 30.60 71.67
N MET D 24 -17.71 30.23 72.41
CA MET D 24 -18.10 30.99 73.59
C MET D 24 -16.98 31.01 74.63
N VAL D 25 -16.33 29.88 74.85
CA VAL D 25 -15.20 29.82 75.78
C VAL D 25 -14.03 30.67 75.30
N GLN D 26 -13.76 30.64 73.99
CA GLN D 26 -12.63 31.38 73.45
C GLN D 26 -12.91 32.88 73.32
N PHE D 27 -14.08 33.27 72.80
CA PHE D 27 -14.32 34.66 72.43
C PHE D 27 -15.24 35.40 73.40
N SER D 28 -15.56 34.81 74.55
CA SER D 28 -16.11 35.61 75.63
C SER D 28 -15.05 36.55 76.19
N THR D 29 -15.51 37.65 76.78
CA THR D 29 -14.63 38.62 77.40
C THR D 29 -15.28 39.14 78.67
N SER D 30 -14.45 39.79 79.50
CA SER D 30 -14.96 40.30 80.79
C SER D 30 -15.93 41.46 80.59
N GLU D 31 -15.81 42.19 79.49
CA GLU D 31 -16.67 43.34 79.27
C GLU D 31 -18.09 42.93 78.94
N PHE D 32 -18.26 41.94 78.06
CA PHE D 32 -19.58 41.45 77.70
C PHE D 32 -19.48 40.00 77.27
N ARG D 33 -20.60 39.29 77.39
CA ARG D 33 -20.64 37.86 77.10
C ARG D 33 -21.89 37.54 76.30
N LEU D 34 -21.95 36.30 75.82
CA LEU D 34 -23.08 35.77 75.07
C LEU D 34 -23.82 34.77 75.93
N THR D 35 -25.15 34.87 75.96
CA THR D 35 -26.01 33.96 76.71
C THR D 35 -26.89 33.22 75.71
N PRO D 36 -26.47 32.03 75.27
CA PRO D 36 -27.29 31.28 74.32
C PRO D 36 -28.53 30.71 74.97
N HIS D 37 -29.63 30.72 74.21
CA HIS D 37 -30.73 29.78 74.39
C HIS D 37 -30.73 28.83 73.20
N ILE D 38 -30.66 27.53 73.47
CA ILE D 38 -30.44 26.52 72.44
C ILE D 38 -31.70 25.68 72.30
N ASP D 39 -32.22 25.57 71.08
CA ASP D 39 -33.27 24.63 70.73
C ASP D 39 -32.71 23.60 69.75
N ASN D 40 -33.01 22.33 70.01
CA ASN D 40 -32.48 21.23 69.21
C ASN D 40 -33.60 20.46 68.51
N LEU D 41 -34.56 21.19 67.94
CA LEU D 41 -35.55 20.56 67.10
C LEU D 41 -34.97 20.25 65.72
N GLU D 42 -35.72 19.47 64.95
CA GLU D 42 -35.34 19.16 63.57
C GLU D 42 -35.20 20.45 62.76
N VAL D 43 -34.38 20.39 61.72
CA VAL D 43 -34.16 21.55 60.85
C VAL D 43 -34.88 21.42 59.50
N ALA D 44 -35.21 20.20 59.07
CA ALA D 44 -35.92 20.02 57.82
C ALA D 44 -37.43 20.15 57.97
N ASN D 45 -37.95 20.17 59.19
CA ASN D 45 -39.37 20.38 59.45
C ASN D 45 -39.59 21.86 59.68
N SER D 46 -40.14 22.54 58.68
CA SER D 46 -40.23 24.01 58.72
C SER D 46 -41.12 24.48 59.86
N PHE D 47 -42.14 23.70 60.24
CA PHE D 47 -42.92 24.04 61.43
C PHE D 47 -42.03 24.10 62.66
N ALA D 48 -41.20 23.08 62.87
CA ALA D 48 -40.30 23.07 64.02
C ALA D 48 -39.35 24.27 63.97
N VAL D 49 -38.80 24.56 62.79
CA VAL D 49 -37.97 25.74 62.62
C VAL D 49 -38.79 27.01 62.90
N THR D 50 -40.03 27.05 62.42
CA THR D 50 -40.88 28.21 62.66
C THR D 50 -41.19 28.37 64.14
N ASN D 51 -41.56 27.28 64.80
CA ASN D 51 -41.94 27.34 66.22
C ASN D 51 -40.74 27.72 67.10
N ALA D 52 -39.60 27.07 66.88
CA ALA D 52 -38.39 27.41 67.62
C ALA D 52 -37.96 28.85 67.37
N PHE D 53 -38.05 29.30 66.12
CA PHE D 53 -37.76 30.70 65.81
C PHE D 53 -38.67 31.63 66.60
N CYS D 54 -39.99 31.43 66.50
CA CYS D 54 -40.93 32.30 67.19
C CYS D 54 -40.80 32.21 68.70
N SER D 55 -40.46 31.04 69.25
CA SER D 55 -40.16 30.94 70.66
C SER D 55 -38.99 31.84 71.04
N GLN D 56 -37.86 31.67 70.34
CA GLN D 56 -36.69 32.49 70.64
C GLN D 56 -36.88 33.94 70.25
N PHE D 57 -37.72 34.21 69.23
CA PHE D 57 -38.15 35.57 68.95
C PHE D 57 -38.93 36.15 70.12
N SER D 58 -39.81 35.36 70.73
CA SER D 58 -40.56 35.82 71.89
C SER D 58 -39.68 36.01 73.12
N ARG D 59 -38.54 35.34 73.19
CA ARG D 59 -37.54 35.66 74.20
C ARG D 59 -36.90 37.02 73.97
N GLY D 60 -36.98 37.56 72.76
CA GLY D 60 -36.41 38.86 72.49
C GLY D 60 -34.93 38.86 72.19
N VAL D 61 -34.39 37.75 71.68
CA VAL D 61 -32.98 37.67 71.38
C VAL D 61 -32.60 38.72 70.33
N TYR D 62 -31.43 39.32 70.51
CA TYR D 62 -31.00 40.40 69.62
C TYR D 62 -30.46 39.87 68.30
N ALA D 63 -30.07 38.60 68.25
CA ALA D 63 -29.72 37.93 67.02
C ALA D 63 -29.85 36.43 67.25
N ILE D 64 -29.91 35.68 66.15
CA ILE D 64 -30.03 34.22 66.20
C ILE D 64 -28.85 33.62 65.47
N PHE D 65 -28.37 32.49 65.98
CA PHE D 65 -27.46 31.61 65.26
C PHE D 65 -28.16 30.31 64.96
N GLY D 66 -27.86 29.72 63.80
CA GLY D 66 -28.35 28.38 63.53
C GLY D 66 -28.05 27.95 62.11
N PHE D 67 -28.87 27.01 61.65
CA PHE D 67 -28.71 26.37 60.34
C PHE D 67 -30.07 26.28 59.68
N TYR D 68 -30.05 26.06 58.37
CA TYR D 68 -31.29 25.79 57.66
C TYR D 68 -31.02 24.89 56.47
N ASP D 69 -32.11 24.30 55.96
CA ASP D 69 -32.08 23.35 54.86
C ASP D 69 -33.02 23.86 53.78
N LYS D 70 -32.88 23.32 52.57
CA LYS D 70 -33.65 23.79 51.42
C LYS D 70 -35.15 23.87 51.71
N LYS D 71 -35.66 23.11 52.68
CA LYS D 71 -37.06 23.21 53.07
C LYS D 71 -37.30 24.43 53.97
N SER D 72 -36.50 24.59 55.01
CA SER D 72 -36.76 25.63 55.99
C SER D 72 -36.15 26.97 55.62
N VAL D 73 -35.27 27.01 54.62
CA VAL D 73 -34.56 28.24 54.29
C VAL D 73 -35.53 29.36 53.93
N ASN D 74 -36.65 29.02 53.30
CA ASN D 74 -37.66 30.04 53.00
C ASN D 74 -38.19 30.71 54.26
N THR D 75 -38.47 29.92 55.30
CA THR D 75 -38.97 30.49 56.55
C THR D 75 -37.96 31.45 57.17
N ILE D 76 -36.72 31.00 57.34
CA ILE D 76 -35.70 31.83 57.98
C ILE D 76 -35.41 33.08 57.16
N THR D 77 -35.19 32.92 55.86
CA THR D 77 -34.92 34.08 55.01
C THR D 77 -36.08 35.06 54.96
N SER D 78 -37.31 34.55 54.95
CA SER D 78 -38.46 35.45 54.86
C SER D 78 -38.81 36.11 56.19
N PHE D 79 -38.85 35.32 57.27
CA PHE D 79 -39.06 35.91 58.59
C PHE D 79 -37.99 36.93 58.94
N CYS D 80 -36.71 36.54 58.85
CA CYS D 80 -35.65 37.48 59.16
C CYS D 80 -35.62 38.64 58.19
N GLY D 81 -35.82 38.36 56.90
CA GLY D 81 -35.95 39.45 55.93
C GLY D 81 -37.04 40.44 56.28
N THR D 82 -38.05 40.00 57.02
CA THR D 82 -39.13 40.87 57.46
C THR D 82 -38.92 41.42 58.87
N LEU D 83 -38.55 40.56 59.82
CA LEU D 83 -38.53 40.93 61.22
C LEU D 83 -37.23 41.62 61.63
N HIS D 84 -36.27 41.78 60.72
CA HIS D 84 -35.01 42.48 60.93
C HIS D 84 -34.11 41.78 61.95
N VAL D 85 -34.52 40.64 62.49
CA VAL D 85 -33.66 39.85 63.38
C VAL D 85 -32.59 39.18 62.53
N SER D 86 -31.34 39.57 62.73
CA SER D 86 -30.24 39.04 61.93
C SER D 86 -30.05 37.55 62.23
N PHE D 87 -29.89 36.76 61.17
CA PHE D 87 -29.65 35.33 61.30
C PHE D 87 -28.27 34.98 60.73
N ILE D 88 -27.45 34.35 61.55
CA ILE D 88 -26.08 33.98 61.18
C ILE D 88 -26.04 32.46 61.01
N THR D 89 -25.37 32.00 59.95
CA THR D 89 -25.37 30.58 59.65
C THR D 89 -24.11 30.19 58.92
N PRO D 90 -23.65 28.94 59.09
CA PRO D 90 -22.66 28.37 58.17
C PRO D 90 -23.27 27.67 56.95
N SER D 91 -24.59 27.62 56.85
CA SER D 91 -25.26 26.91 55.77
C SER D 91 -24.93 27.53 54.41
N PHE D 92 -25.36 26.84 53.36
CA PHE D 92 -25.04 27.24 52.00
C PHE D 92 -25.55 28.65 51.70
N PRO D 93 -24.88 29.38 50.83
CA PRO D 93 -25.34 30.73 50.47
C PRO D 93 -26.76 30.70 49.91
N THR D 94 -27.57 31.65 50.35
CA THR D 94 -28.87 31.88 49.73
C THR D 94 -28.69 32.32 48.28
N ASP D 95 -29.66 31.94 47.43
CA ASP D 95 -29.66 32.43 46.06
C ASP D 95 -29.82 33.95 46.03
N GLY D 96 -30.72 34.48 46.86
CA GLY D 96 -31.00 35.90 46.86
C GLY D 96 -30.06 36.70 47.73
N THR D 97 -30.17 38.02 47.61
CA THR D 97 -29.39 38.99 48.38
C THR D 97 -30.09 39.40 49.66
N HIS D 98 -30.80 38.45 50.29
CA HIS D 98 -31.71 38.76 51.39
C HIS D 98 -31.00 39.53 52.49
N PRO D 99 -31.51 40.67 52.91
CA PRO D 99 -31.00 41.33 54.12
C PRO D 99 -31.23 40.47 55.36
N PHE D 100 -30.41 40.72 56.37
CA PHE D 100 -30.51 40.09 57.69
C PHE D 100 -30.21 38.59 57.66
N VAL D 101 -29.51 38.12 56.64
CA VAL D 101 -28.98 36.75 56.63
C VAL D 101 -27.46 36.84 56.50
N ILE D 102 -26.77 36.31 57.50
CA ILE D 102 -25.31 36.38 57.59
C ILE D 102 -24.78 34.96 57.36
N GLN D 103 -24.35 34.69 56.14
CA GLN D 103 -24.10 33.32 55.70
C GLN D 103 -22.61 33.13 55.45
N MET D 104 -22.01 32.20 56.18
CA MET D 104 -20.55 32.09 56.25
C MET D 104 -19.96 31.26 55.12
N ARG D 105 -20.68 30.26 54.64
CA ARG D 105 -20.10 29.30 53.70
C ARG D 105 -19.80 29.99 52.37
N PRO D 106 -18.55 30.15 51.98
CA PRO D 106 -18.24 30.98 50.81
C PRO D 106 -18.76 30.39 49.51
N ASP D 107 -18.79 31.23 48.49
CA ASP D 107 -19.16 30.84 47.13
C ASP D 107 -18.26 29.74 46.63
N LEU D 108 -18.81 28.53 46.45
CA LEU D 108 -18.07 27.44 45.85
C LEU D 108 -18.21 27.38 44.33
N LYS D 109 -19.33 27.89 43.80
CA LYS D 109 -19.63 27.69 42.39
C LYS D 109 -18.57 28.32 41.48
N GLY D 110 -18.09 29.52 41.83
CA GLY D 110 -17.04 30.14 41.05
C GLY D 110 -15.76 29.33 41.04
N ALA D 111 -15.33 28.87 42.22
CA ALA D 111 -14.14 28.03 42.31
C ALA D 111 -14.33 26.72 41.56
N LEU D 112 -15.53 26.14 41.65
CA LEU D 112 -15.80 24.87 40.97
C LEU D 112 -15.69 25.01 39.46
N LEU D 113 -16.31 26.05 38.88
CA LEU D 113 -16.20 26.28 37.45
C LEU D 113 -14.75 26.49 37.02
N SER D 114 -13.97 27.23 37.82
CA SER D 114 -12.58 27.47 37.46
C SER D 114 -11.76 26.19 37.49
N LEU D 115 -12.00 25.32 38.46
CA LEU D 115 -11.29 24.05 38.50
C LEU D 115 -11.66 23.15 37.33
N ILE D 116 -12.96 23.07 36.98
CA ILE D 116 -13.37 22.25 35.84
C ILE D 116 -12.74 22.76 34.55
N GLU D 117 -12.63 24.10 34.42
CA GLU D 117 -11.82 24.66 33.34
C GLU D 117 -10.37 24.23 33.45
N TYR D 118 -9.80 24.29 34.66
CA TYR D 118 -8.38 23.99 34.83
C TYR D 118 -8.07 22.57 34.40
N TYR D 119 -8.97 21.62 34.64
CA TYR D 119 -8.78 20.25 34.20
C TYR D 119 -9.15 20.05 32.73
N GLN D 120 -9.62 21.07 32.03
CA GLN D 120 -9.93 21.00 30.61
C GLN D 120 -11.05 19.99 30.33
N TRP D 121 -11.98 19.83 31.26
CA TRP D 121 -13.07 18.88 31.06
C TRP D 121 -14.05 19.38 30.02
N ASP D 122 -14.65 18.45 29.30
CA ASP D 122 -15.74 18.76 28.37
C ASP D 122 -16.94 17.84 28.55
N LYS D 123 -16.71 16.55 28.80
CA LYS D 123 -17.77 15.59 29.05
C LYS D 123 -17.53 14.92 30.41
N PHE D 124 -18.51 15.02 31.29
CA PHE D 124 -18.36 14.48 32.65
C PHE D 124 -19.75 14.29 33.25
N ALA D 125 -19.79 13.49 34.31
CA ALA D 125 -21.00 13.34 35.11
C ALA D 125 -21.03 14.33 36.25
N TYR D 126 -22.24 14.68 36.68
CA TYR D 126 -22.45 15.57 37.82
C TYR D 126 -23.48 14.93 38.76
N LEU D 127 -22.98 14.19 39.75
CA LEU D 127 -23.88 13.56 40.71
C LEU D 127 -24.22 14.56 41.80
N TYR D 128 -25.50 14.91 41.93
CA TYR D 128 -25.92 15.94 42.88
C TYR D 128 -26.91 15.36 43.88
N ASP D 129 -26.84 15.87 45.11
CA ASP D 129 -27.83 15.60 46.14
C ASP D 129 -28.79 16.79 46.18
N SER D 130 -30.07 16.51 45.98
CA SER D 130 -31.05 17.59 45.78
C SER D 130 -31.18 18.46 47.03
N ASP D 131 -31.03 17.89 48.22
CA ASP D 131 -31.50 18.55 49.42
C ASP D 131 -30.56 19.64 49.92
N ARG D 132 -29.39 19.81 49.30
CA ARG D 132 -28.57 20.99 49.54
C ARG D 132 -28.98 22.18 48.67
N GLY D 133 -29.97 22.02 47.81
CA GLY D 133 -30.34 23.07 46.87
C GLY D 133 -29.55 22.99 45.59
N LEU D 134 -30.22 23.20 44.46
CA LEU D 134 -29.64 23.01 43.14
C LEU D 134 -28.87 24.23 42.63
N SER D 135 -28.57 25.19 43.50
CA SER D 135 -27.87 26.41 43.08
C SER D 135 -26.53 26.10 42.41
N THR D 136 -25.87 25.02 42.81
CA THR D 136 -24.62 24.63 42.16
C THR D 136 -24.85 23.96 40.81
N LEU D 137 -25.92 23.18 40.67
CA LEU D 137 -26.25 22.60 39.37
C LEU D 137 -26.65 23.66 38.36
N GLN D 138 -27.30 24.73 38.80
CA GLN D 138 -27.60 25.85 37.90
C GLN D 138 -26.33 26.47 37.34
N ALA D 139 -25.39 26.83 38.21
CA ALA D 139 -24.22 27.59 37.80
C ALA D 139 -23.31 26.82 36.85
N VAL D 140 -23.24 25.50 36.97
CA VAL D 140 -22.50 24.71 35.99
C VAL D 140 -23.27 24.58 34.68
N LEU D 141 -24.59 24.38 34.75
CA LEU D 141 -25.38 24.25 33.53
C LEU D 141 -25.46 25.57 32.75
N ASP D 142 -25.55 26.70 33.46
CA ASP D 142 -25.46 27.98 32.77
C ASP D 142 -24.15 28.11 31.99
N SER D 143 -23.05 27.64 32.57
CA SER D 143 -21.77 27.74 31.87
C SER D 143 -21.63 26.69 30.78
N ALA D 144 -22.22 25.50 30.99
CA ALA D 144 -22.02 24.40 30.04
C ALA D 144 -22.51 24.74 28.64
N ALA D 145 -23.44 25.68 28.51
CA ALA D 145 -23.78 26.22 27.20
C ALA D 145 -22.60 27.01 26.62
N GLU D 146 -22.22 28.09 27.30
CA GLU D 146 -21.13 28.94 26.81
C GLU D 146 -19.84 28.16 26.64
N LYS D 147 -19.54 27.26 27.58
CA LYS D 147 -18.31 26.47 27.53
C LYS D 147 -18.48 25.17 26.75
N LYS D 148 -19.65 24.93 26.16
CA LYS D 148 -19.94 23.76 25.32
C LYS D 148 -19.52 22.45 25.98
N TRP D 149 -19.80 22.33 27.28
CA TRP D 149 -19.61 21.08 27.99
C TRP D 149 -20.76 20.12 27.70
N GLN D 150 -20.67 18.90 28.25
CA GLN D 150 -21.70 17.87 28.09
C GLN D 150 -22.05 17.28 29.46
N VAL D 151 -22.48 18.15 30.37
CA VAL D 151 -22.76 17.72 31.74
C VAL D 151 -23.86 16.67 31.75
N THR D 152 -23.52 15.46 32.22
CA THR D 152 -24.50 14.40 32.45
C THR D 152 -24.93 14.44 33.91
N ALA D 153 -25.80 15.42 34.24
CA ALA D 153 -26.24 15.58 35.61
C ALA D 153 -27.21 14.47 35.99
N ILE D 154 -27.04 13.93 37.20
CA ILE D 154 -27.89 12.85 37.71
C ILE D 154 -28.23 13.11 39.16
N ASN D 155 -29.50 12.97 39.51
CA ASN D 155 -29.92 13.06 40.90
C ASN D 155 -29.53 11.79 41.64
N VAL D 156 -28.90 11.96 42.81
CA VAL D 156 -28.51 10.85 43.67
C VAL D 156 -29.04 11.00 45.09
N GLY D 157 -29.80 12.06 45.36
CA GLY D 157 -30.21 12.34 46.73
C GLY D 157 -31.30 11.43 47.26
N ASN D 158 -32.31 11.14 46.43
CA ASN D 158 -33.50 10.44 46.90
C ASN D 158 -33.34 8.92 46.93
N ILE D 159 -32.13 8.41 46.73
CA ILE D 159 -31.88 6.98 46.91
C ILE D 159 -31.92 6.68 48.40
N ASN D 160 -32.96 5.97 48.84
CA ASN D 160 -33.19 5.77 50.26
C ASN D 160 -32.20 4.77 50.86
N ASN D 161 -31.91 4.95 52.15
CA ASN D 161 -30.94 4.12 52.85
C ASN D 161 -31.32 2.64 52.81
N ASP D 162 -32.61 2.32 52.73
CA ASP D 162 -33.05 0.93 52.71
C ASP D 162 -32.62 0.21 51.44
N LYS D 163 -32.31 0.92 50.37
CA LYS D 163 -31.92 0.27 49.12
C LYS D 163 -30.73 0.97 48.47
N LYS D 164 -29.84 1.53 49.28
CA LYS D 164 -28.68 2.26 48.76
C LYS D 164 -27.52 1.33 48.42
N ASP D 165 -27.82 0.17 47.82
CA ASP D 165 -26.80 -0.83 47.53
C ASP D 165 -26.67 -1.08 46.03
N GLU D 166 -27.75 -1.49 45.37
CA GLU D 166 -27.77 -1.74 43.93
C GLU D 166 -28.08 -0.50 43.13
N THR D 167 -28.75 0.49 43.73
CA THR D 167 -29.01 1.75 43.06
C THR D 167 -27.74 2.50 42.71
N TYR D 168 -26.74 2.48 43.60
CA TYR D 168 -25.46 3.11 43.24
C TYR D 168 -24.72 2.32 42.18
N ARG D 169 -24.77 0.99 42.24
CA ARG D 169 -24.19 0.18 41.18
C ARG D 169 -24.91 0.41 39.85
N SER D 170 -26.24 0.40 39.88
CA SER D 170 -27.02 0.75 38.70
C SER D 170 -26.69 2.15 38.19
N LEU D 171 -26.56 3.11 39.10
CA LEU D 171 -26.22 4.48 38.71
C LEU D 171 -24.92 4.54 37.91
N PHE D 172 -23.87 3.88 38.40
CA PHE D 172 -22.61 3.87 37.67
C PHE D 172 -22.64 2.98 36.44
N GLN D 173 -23.44 1.91 36.46
CA GLN D 173 -23.60 1.10 35.27
C GLN D 173 -24.26 1.88 34.14
N ASP D 174 -25.23 2.75 34.47
CA ASP D 174 -25.79 3.63 33.45
C ASP D 174 -24.77 4.61 32.91
N LEU D 175 -23.90 5.15 33.78
CA LEU D 175 -22.81 5.99 33.32
C LEU D 175 -21.82 5.20 32.45
N GLU D 176 -21.63 3.92 32.74
CA GLU D 176 -20.78 3.08 31.90
C GLU D 176 -21.37 2.78 30.53
N LEU D 177 -22.65 3.09 30.30
CA LEU D 177 -23.17 3.07 28.94
C LEU D 177 -22.52 4.16 28.10
N LYS D 178 -22.44 5.38 28.64
CA LYS D 178 -21.65 6.43 28.02
C LYS D 178 -20.16 6.26 28.22
N LYS D 179 -19.74 5.33 29.10
CA LYS D 179 -18.35 5.14 29.46
C LYS D 179 -17.75 6.40 30.06
N GLU D 180 -18.54 7.07 30.90
CA GLU D 180 -18.05 8.27 31.58
C GLU D 180 -16.96 7.91 32.56
N ARG D 181 -16.02 8.83 32.74
CA ARG D 181 -14.89 8.65 33.65
C ARG D 181 -14.76 9.79 34.63
N ARG D 182 -14.92 11.03 34.16
CA ARG D 182 -14.84 12.20 35.03
C ARG D 182 -16.16 12.39 35.74
N VAL D 183 -16.11 12.55 37.06
CA VAL D 183 -17.30 12.61 37.90
C VAL D 183 -17.12 13.71 38.94
N ILE D 184 -18.15 14.51 39.13
CA ILE D 184 -18.22 15.44 40.25
C ILE D 184 -19.19 14.87 41.28
N LEU D 185 -18.73 14.73 42.51
CA LEU D 185 -19.60 14.33 43.61
C LEU D 185 -19.96 15.60 44.38
N ASP D 186 -21.13 16.16 44.07
CA ASP D 186 -21.62 17.36 44.74
C ASP D 186 -22.62 16.95 45.81
N CYS D 187 -22.09 16.34 46.86
CA CYS D 187 -22.92 15.74 47.90
C CYS D 187 -22.42 16.16 49.27
N GLU D 188 -23.29 16.03 50.25
CA GLU D 188 -22.91 16.23 51.63
C GLU D 188 -21.92 15.14 52.07
N ARG D 189 -21.14 15.47 53.10
CA ARG D 189 -20.07 14.60 53.57
C ARG D 189 -20.58 13.17 53.80
N ASP D 190 -21.69 13.03 54.52
CA ASP D 190 -22.21 11.71 54.84
C ASP D 190 -22.79 10.99 53.64
N LYS D 191 -22.93 11.66 52.50
CA LYS D 191 -23.22 10.99 51.23
C LYS D 191 -22.01 10.82 50.33
N VAL D 192 -20.99 11.68 50.47
CA VAL D 192 -19.74 11.41 49.77
C VAL D 192 -19.13 10.10 50.24
N ASN D 193 -19.10 9.88 51.56
CA ASN D 193 -18.61 8.62 52.10
C ASN D 193 -19.31 7.42 51.46
N ASP D 194 -20.64 7.43 51.47
CA ASP D 194 -21.39 6.27 50.98
C ASP D 194 -21.15 6.01 49.50
N ILE D 195 -21.09 7.07 48.68
CA ILE D 195 -20.85 6.85 47.26
C ILE D 195 -19.40 6.49 46.97
N VAL D 196 -18.44 7.05 47.71
CA VAL D 196 -17.05 6.63 47.57
C VAL D 196 -16.89 5.18 47.98
N ASP D 197 -17.59 4.77 49.05
CA ASP D 197 -17.54 3.37 49.48
C ASP D 197 -18.11 2.45 48.41
N GLN D 198 -19.22 2.82 47.79
CA GLN D 198 -19.72 2.06 46.65
C GLN D 198 -18.82 2.18 45.42
N VAL D 199 -18.15 3.31 45.22
CA VAL D 199 -17.22 3.45 44.10
C VAL D 199 -16.07 2.45 44.16
N ILE D 200 -15.52 2.18 45.36
CA ILE D 200 -14.54 1.10 45.46
C ILE D 200 -15.20 -0.25 45.17
N THR D 201 -16.38 -0.49 45.74
CA THR D 201 -16.95 -1.83 45.71
C THR D 201 -17.30 -2.26 44.29
N ILE D 202 -17.74 -1.31 43.45
CA ILE D 202 -17.94 -1.61 42.03
C ILE D 202 -16.64 -1.57 41.24
N GLY D 203 -15.51 -1.30 41.89
CA GLY D 203 -14.22 -1.33 41.24
C GLY D 203 -13.83 -0.10 40.46
N LYS D 204 -14.63 0.96 40.50
CA LYS D 204 -14.41 2.11 39.63
C LYS D 204 -13.57 3.20 40.29
N HIS D 205 -12.43 2.81 40.87
CA HIS D 205 -11.46 3.78 41.37
C HIS D 205 -10.05 3.50 40.89
N VAL D 206 -9.88 2.62 39.90
CA VAL D 206 -8.60 2.50 39.21
C VAL D 206 -8.31 3.78 38.44
N LYS D 207 -7.05 3.95 38.07
CA LYS D 207 -6.65 5.09 37.25
C LYS D 207 -7.45 5.12 35.95
N GLY D 208 -7.94 6.30 35.60
CA GLY D 208 -8.83 6.48 34.48
C GLY D 208 -10.05 7.28 34.89
N TYR D 209 -10.57 7.00 36.07
CA TYR D 209 -11.60 7.82 36.69
C TYR D 209 -10.97 9.02 37.38
N HIS D 210 -11.79 10.05 37.60
CA HIS D 210 -11.33 11.23 38.33
C HIS D 210 -12.53 11.90 38.98
N TYR D 211 -12.54 11.93 40.31
CA TYR D 211 -13.66 12.43 41.08
C TYR D 211 -13.30 13.79 41.67
N ILE D 212 -14.19 14.77 41.50
CA ILE D 212 -14.06 16.06 42.17
C ILE D 212 -15.07 16.09 43.32
N ILE D 213 -14.59 16.27 44.55
CA ILE D 213 -15.45 16.36 45.71
C ILE D 213 -15.83 17.84 45.86
N ALA D 214 -17.00 18.20 45.34
CA ALA D 214 -17.43 19.59 45.25
C ALA D 214 -18.00 20.09 46.59
N ASN D 215 -17.20 19.98 47.64
CA ASN D 215 -17.57 20.55 48.91
C ASN D 215 -16.33 21.06 49.63
N LEU D 216 -16.55 21.89 50.64
CA LEU D 216 -15.47 22.53 51.38
C LEU D 216 -14.83 21.61 52.41
N GLY D 217 -15.05 20.31 52.31
CA GLY D 217 -14.58 19.37 53.31
C GLY D 217 -13.82 18.20 52.73
N PHE D 218 -12.96 18.48 51.75
CA PHE D 218 -12.23 17.44 51.03
C PHE D 218 -11.53 16.48 51.98
N THR D 219 -10.92 17.01 53.05
CA THR D 219 -10.22 16.16 54.01
C THR D 219 -11.14 15.57 55.07
N ASP D 220 -12.38 16.05 55.18
CA ASP D 220 -13.22 15.69 56.32
C ASP D 220 -13.88 14.33 56.16
N GLY D 221 -14.07 13.86 54.94
CA GLY D 221 -14.60 12.53 54.72
C GLY D 221 -13.57 11.44 54.93
N ASP D 222 -14.04 10.20 54.85
CA ASP D 222 -13.16 9.03 54.95
C ASP D 222 -12.45 8.85 53.61
N LEU D 223 -11.51 9.76 53.36
CA LEU D 223 -10.86 9.84 52.05
C LEU D 223 -9.92 8.67 51.80
N LEU D 224 -9.33 8.11 52.86
CA LEU D 224 -8.14 7.26 52.73
C LEU D 224 -8.32 6.12 51.73
N LYS D 225 -9.50 5.49 51.74
CA LYS D 225 -9.68 4.23 51.01
C LYS D 225 -9.63 4.37 49.49
N ILE D 226 -9.71 5.58 48.94
CA ILE D 226 -9.48 5.79 47.52
C ILE D 226 -8.14 6.45 47.24
N GLN D 227 -7.30 6.63 48.26
CA GLN D 227 -6.00 7.27 48.05
C GLN D 227 -5.09 6.45 47.14
N PHE D 228 -5.30 5.13 47.10
CA PHE D 228 -4.33 4.23 46.47
C PHE D 228 -4.78 3.62 45.16
N GLY D 229 -6.08 3.64 44.85
CA GLY D 229 -6.56 3.00 43.64
C GLY D 229 -5.99 3.56 42.36
N GLY D 230 -5.51 4.80 42.38
CA GLY D 230 -4.88 5.42 41.26
C GLY D 230 -5.76 6.39 40.49
N ALA D 231 -7.08 6.32 40.66
CA ALA D 231 -7.94 7.39 40.20
C ALA D 231 -7.66 8.65 41.00
N GLU D 232 -7.26 9.71 40.31
CA GLU D 232 -6.98 10.96 41.00
C GLU D 232 -8.26 11.53 41.61
N VAL D 233 -8.11 12.20 42.74
CA VAL D 233 -9.22 12.81 43.46
C VAL D 233 -8.82 14.22 43.83
N SER D 234 -9.74 15.17 43.69
CA SER D 234 -9.41 16.56 43.97
C SER D 234 -10.68 17.31 44.37
N GLY D 235 -10.47 18.49 44.94
CA GLY D 235 -11.57 19.21 45.56
C GLY D 235 -11.07 20.44 46.27
N PHE D 236 -11.76 20.80 47.34
CA PHE D 236 -11.59 22.12 47.95
C PHE D 236 -11.65 21.97 49.46
N GLN D 237 -10.92 22.82 50.15
CA GLN D 237 -11.05 22.95 51.60
C GLN D 237 -10.94 24.43 51.98
N ILE D 238 -11.83 24.86 52.87
CA ILE D 238 -11.82 26.25 53.30
C ILE D 238 -10.86 26.45 54.47
N VAL D 239 -10.80 25.50 55.39
CA VAL D 239 -9.81 25.56 56.47
C VAL D 239 -8.47 25.10 55.92
N ASP D 240 -7.41 25.79 56.33
CA ASP D 240 -6.03 25.41 55.98
C ASP D 240 -5.26 25.19 57.28
N TYR D 241 -4.82 23.95 57.49
CA TYR D 241 -4.11 23.60 58.71
C TYR D 241 -2.70 24.16 58.78
N ASP D 242 -2.21 24.78 57.70
CA ASP D 242 -0.90 25.40 57.74
C ASP D 242 -0.86 26.63 58.64
N ASP D 243 -2.01 27.24 58.92
CA ASP D 243 -2.02 28.46 59.73
C ASP D 243 -1.69 28.13 61.18
N SER D 244 -0.88 29.00 61.79
CA SER D 244 -0.51 28.82 63.19
C SER D 244 -1.73 28.91 64.11
N LEU D 245 -2.61 29.88 63.85
CA LEU D 245 -3.84 29.99 64.63
C LEU D 245 -4.69 28.74 64.53
N VAL D 246 -4.79 28.17 63.32
CA VAL D 246 -5.54 26.93 63.15
C VAL D 246 -4.86 25.77 63.88
N SER D 247 -3.53 25.67 63.75
CA SER D 247 -2.80 24.61 64.44
C SER D 247 -2.95 24.72 65.95
N LYS D 248 -2.77 25.94 66.48
CA LYS D 248 -2.96 26.15 67.92
C LYS D 248 -4.39 25.86 68.33
N PHE D 249 -5.36 26.24 67.51
CA PHE D 249 -6.75 25.84 67.74
C PHE D 249 -6.89 24.32 67.74
N ILE D 250 -6.37 23.65 66.71
CA ILE D 250 -6.55 22.21 66.58
C ILE D 250 -5.97 21.48 67.79
N GLU D 251 -4.83 21.95 68.30
CA GLU D 251 -4.33 21.41 69.56
C GLU D 251 -5.31 21.65 70.69
N ARG D 252 -5.73 22.91 70.87
CA ARG D 252 -6.70 23.24 71.91
C ARG D 252 -8.03 22.52 71.68
N TRP D 253 -8.39 22.31 70.42
CA TRP D 253 -9.64 21.62 70.09
C TRP D 253 -9.55 20.13 70.39
N SER D 254 -8.55 19.45 69.82
CA SER D 254 -8.44 18.00 69.94
C SER D 254 -8.19 17.55 71.38
N THR D 255 -7.59 18.39 72.22
CA THR D 255 -7.29 18.02 73.59
C THR D 255 -8.51 18.03 74.50
N LEU D 256 -9.67 18.46 74.02
CA LEU D 256 -10.86 18.49 74.84
C LEU D 256 -11.35 17.07 75.13
N GLU D 257 -12.10 16.94 76.22
CA GLU D 257 -12.70 15.67 76.59
C GLU D 257 -13.90 15.38 75.71
N GLU D 258 -13.94 14.17 75.14
CA GLU D 258 -15.02 13.81 74.23
C GLU D 258 -16.36 13.70 74.95
N LYS D 259 -16.36 13.50 76.26
CA LYS D 259 -17.62 13.51 77.01
C LYS D 259 -18.27 14.89 77.00
N GLU D 260 -17.47 15.95 77.12
CA GLU D 260 -18.00 17.30 77.21
C GLU D 260 -18.20 17.94 75.83
N TYR D 261 -17.32 17.64 74.88
CA TYR D 261 -17.40 18.17 73.53
C TYR D 261 -17.32 16.99 72.56
N PRO D 262 -18.42 16.27 72.35
CA PRO D 262 -18.37 15.07 71.51
C PRO D 262 -17.93 15.39 70.10
N GLY D 263 -17.02 14.55 69.58
CA GLY D 263 -16.46 14.73 68.27
C GLY D 263 -15.36 15.76 68.17
N ALA D 264 -14.98 16.39 69.28
CA ALA D 264 -13.92 17.39 69.26
C ALA D 264 -12.53 16.79 69.45
N HIS D 265 -12.45 15.55 69.92
CA HIS D 265 -11.16 14.96 70.29
C HIS D 265 -10.41 14.44 69.07
N THR D 266 -10.28 15.27 68.03
CA THR D 266 -9.67 14.84 66.78
C THR D 266 -8.87 16.01 66.19
N ALA D 267 -7.83 15.65 65.44
CA ALA D 267 -6.99 16.65 64.79
C ALA D 267 -7.67 17.32 63.60
N THR D 268 -8.83 16.81 63.16
CA THR D 268 -9.57 17.40 62.06
C THR D 268 -10.92 17.88 62.55
N ILE D 269 -11.40 18.97 61.94
CA ILE D 269 -12.66 19.58 62.30
C ILE D 269 -13.47 19.85 61.04
N LYS D 270 -14.77 19.55 61.09
CA LYS D 270 -15.65 19.83 59.97
C LYS D 270 -15.68 21.32 59.65
N TYR D 271 -15.70 21.64 58.37
CA TYR D 271 -15.79 23.05 57.96
C TYR D 271 -17.02 23.72 58.54
N THR D 272 -18.14 22.98 58.63
CA THR D 272 -19.33 23.51 59.28
C THR D 272 -19.06 23.88 60.73
N SER D 273 -18.33 23.03 61.46
CA SER D 273 -17.95 23.38 62.82
C SER D 273 -16.94 24.52 62.86
N ALA D 274 -16.00 24.55 61.92
CA ALA D 274 -15.05 25.65 61.85
C ALA D 274 -15.76 26.98 61.59
N LEU D 275 -16.67 27.01 60.62
CA LEU D 275 -17.48 28.20 60.41
C LEU D 275 -18.34 28.54 61.61
N THR D 276 -18.78 27.53 62.37
CA THR D 276 -19.49 27.79 63.62
C THR D 276 -18.60 28.48 64.63
N TYR D 277 -17.40 27.94 64.83
CA TYR D 277 -16.44 28.58 65.74
C TYR D 277 -16.10 29.99 65.27
N ASP D 278 -15.85 30.16 63.98
CA ASP D 278 -15.65 31.50 63.42
C ASP D 278 -16.87 32.38 63.64
N ALA D 279 -18.07 31.82 63.52
CA ALA D 279 -19.29 32.60 63.69
C ALA D 279 -19.41 33.21 65.08
N VAL D 280 -19.01 32.47 66.12
CA VAL D 280 -19.09 33.02 67.47
C VAL D 280 -18.12 34.18 67.64
N GLN D 281 -16.93 34.08 67.03
CA GLN D 281 -16.02 35.22 66.98
C GLN D 281 -16.68 36.42 66.30
N VAL D 282 -17.30 36.18 65.15
CA VAL D 282 -17.90 37.27 64.38
C VAL D 282 -19.05 37.93 65.16
N MET D 283 -19.90 37.13 65.78
CA MET D 283 -20.98 37.68 66.59
C MET D 283 -20.46 38.54 67.74
N THR D 284 -19.44 38.05 68.45
CA THR D 284 -18.78 38.89 69.45
C THR D 284 -18.22 40.17 68.83
N GLU D 285 -17.52 40.04 67.71
CA GLU D 285 -16.84 41.20 67.12
C GLU D 285 -17.82 42.28 66.69
N ALA D 286 -19.01 41.89 66.22
CA ALA D 286 -20.04 42.88 65.90
C ALA D 286 -20.51 43.64 67.14
N PHE D 287 -20.89 42.89 68.19
CA PHE D 287 -21.31 43.54 69.42
C PHE D 287 -20.17 44.30 70.08
N ARG D 288 -18.94 43.82 69.92
CA ARG D 288 -17.77 44.60 70.31
C ARG D 288 -17.73 45.93 69.55
N ASN D 289 -18.00 45.90 68.25
CA ASN D 289 -18.05 47.16 67.48
C ASN D 289 -19.19 48.06 67.95
N LEU D 290 -20.33 47.49 68.33
CA LEU D 290 -21.38 48.31 68.94
C LEU D 290 -20.90 48.96 70.23
N ARG D 291 -20.20 48.20 71.08
CA ARG D 291 -19.66 48.79 72.30
C ARG D 291 -18.59 49.83 71.97
N LYS D 292 -17.73 49.53 70.99
CA LYS D 292 -16.78 50.53 70.49
C LYS D 292 -17.50 51.78 70.00
N GLN D 293 -18.59 51.61 69.26
CA GLN D 293 -19.37 52.72 68.73
C GLN D 293 -20.46 53.20 69.69
N ARG D 294 -20.56 52.61 70.87
CA ARG D 294 -21.53 53.01 71.89
C ARG D 294 -22.97 52.92 71.38
N ILE D 295 -23.25 51.97 70.50
CA ILE D 295 -24.61 51.74 70.04
C ILE D 295 -25.36 50.93 71.10
N GLU D 296 -26.65 51.19 71.23
CA GLU D 296 -27.49 50.52 72.22
C GLU D 296 -28.25 49.38 71.56
N ILE D 297 -28.09 48.17 72.12
CA ILE D 297 -28.89 47.01 71.71
C ILE D 297 -30.25 46.98 72.38
N SER D 298 -30.61 48.01 73.14
CA SER D 298 -31.62 47.87 74.19
C SER D 298 -33.03 47.66 73.64
N ARG D 299 -33.27 46.53 72.99
CA ARG D 299 -34.64 46.08 72.79
C ARG D 299 -35.26 45.71 74.12
N ARG D 300 -36.52 46.13 74.32
CA ARG D 300 -37.21 45.82 75.55
C ARG D 300 -37.43 44.31 75.70
N GLY D 301 -37.59 43.88 76.94
CA GLY D 301 -37.91 42.49 77.19
C GLY D 301 -39.27 42.08 76.65
N ASN D 302 -40.23 43.00 76.68
CA ASN D 302 -41.55 42.78 76.07
C ASN D 302 -41.46 42.97 74.55
N ALA D 303 -40.67 42.11 73.92
CA ALA D 303 -40.34 42.29 72.52
C ALA D 303 -41.53 42.10 71.59
N GLY D 304 -42.59 41.45 72.06
CA GLY D 304 -43.77 41.22 71.27
C GLY D 304 -43.89 39.79 70.78
N ASP D 305 -44.62 39.63 69.67
CA ASP D 305 -44.93 38.33 69.11
C ASP D 305 -44.52 38.32 67.64
N CYS D 306 -43.98 37.18 67.20
CA CYS D 306 -43.60 37.04 65.79
C CYS D 306 -44.82 37.16 64.87
N LEU D 307 -46.00 36.74 65.35
CA LEU D 307 -47.22 36.80 64.57
C LEU D 307 -47.96 38.13 64.74
N ALA D 308 -47.24 39.20 65.02
CA ALA D 308 -47.86 40.52 65.13
C ALA D 308 -48.52 40.90 63.81
N ASN D 309 -49.66 41.58 63.92
CA ASN D 309 -50.44 41.97 62.75
C ASN D 309 -51.05 43.34 63.01
N PRO D 310 -50.56 44.41 62.35
CA PRO D 310 -49.44 44.46 61.38
C PRO D 310 -48.08 44.10 61.98
N ALA D 311 -47.10 43.79 61.13
CA ALA D 311 -45.79 43.41 61.60
C ALA D 311 -45.10 44.57 62.31
N VAL D 312 -44.19 44.25 63.21
CA VAL D 312 -43.49 45.25 64.02
C VAL D 312 -41.99 44.98 63.96
N PRO D 313 -41.28 45.54 62.98
CA PRO D 313 -39.81 45.49 63.00
C PRO D 313 -39.21 46.18 64.21
N TRP D 314 -37.88 46.11 64.35
CA TRP D 314 -37.18 46.78 65.41
C TRP D 314 -35.92 47.45 64.86
N GLY D 315 -35.65 48.65 65.35
CA GLY D 315 -34.60 49.47 64.76
C GLY D 315 -33.20 48.94 64.97
N GLN D 316 -32.93 48.42 66.17
CA GLN D 316 -31.55 48.06 66.54
C GLN D 316 -30.99 46.95 65.65
N GLY D 317 -31.86 46.10 65.10
CA GLY D 317 -31.40 45.07 64.19
C GLY D 317 -30.71 45.61 62.95
N VAL D 318 -31.09 46.80 62.49
CA VAL D 318 -30.43 47.41 61.34
C VAL D 318 -28.98 47.73 61.65
N GLU D 319 -28.73 48.32 62.82
CA GLU D 319 -27.34 48.58 63.24
C GLU D 319 -26.59 47.27 63.46
N ILE D 320 -27.27 46.24 63.97
CA ILE D 320 -26.65 44.93 64.13
C ILE D 320 -26.25 44.36 62.78
N GLU D 321 -27.14 44.44 61.78
CA GLU D 321 -26.80 43.98 60.44
C GLU D 321 -25.65 44.78 59.83
N ARG D 322 -25.70 46.11 59.98
CA ARG D 322 -24.59 46.95 59.53
C ARG D 322 -23.26 46.52 60.13
N ALA D 323 -23.21 46.37 61.45
CA ALA D 323 -21.96 45.96 62.10
C ALA D 323 -21.53 44.56 61.67
N LEU D 324 -22.46 43.61 61.69
CA LEU D 324 -22.14 42.24 61.27
C LEU D 324 -21.51 42.18 59.88
N LYS D 325 -22.09 42.89 58.92
CA LYS D 325 -21.56 42.89 57.57
C LYS D 325 -20.33 43.78 57.40
N GLN D 326 -19.91 44.50 58.43
CA GLN D 326 -18.71 45.31 58.35
C GLN D 326 -17.55 44.75 59.16
N VAL D 327 -17.77 43.67 59.90
CA VAL D 327 -16.69 43.03 60.66
C VAL D 327 -15.67 42.45 59.69
N GLN D 328 -14.39 42.58 60.03
CA GLN D 328 -13.33 41.83 59.37
C GLN D 328 -12.40 41.26 60.43
N VAL D 329 -12.18 39.95 60.37
CA VAL D 329 -11.28 39.25 61.28
C VAL D 329 -10.63 38.11 60.53
N GLU D 330 -9.52 37.61 61.07
CA GLU D 330 -9.07 36.28 60.74
C GLU D 330 -9.83 35.22 61.54
N GLY D 331 -9.87 34.02 60.99
CA GLY D 331 -10.41 32.88 61.69
C GLY D 331 -9.89 31.60 61.09
N LEU D 332 -10.57 30.50 61.40
CA LEU D 332 -10.19 29.21 60.81
C LEU D 332 -10.34 29.23 59.30
N SER D 333 -11.36 29.90 58.79
CA SER D 333 -11.59 30.03 57.37
C SER D 333 -10.81 31.18 56.73
N GLY D 334 -9.71 31.58 57.35
CA GLY D 334 -8.90 32.65 56.79
C GLY D 334 -9.55 34.01 56.96
N ASN D 335 -9.14 34.95 56.10
CA ASN D 335 -9.69 36.28 56.13
C ASN D 335 -11.17 36.26 55.76
N ILE D 336 -11.95 37.10 56.43
CA ILE D 336 -13.37 37.24 56.15
C ILE D 336 -13.66 38.71 55.84
N LYS D 337 -14.53 38.93 54.85
CA LYS D 337 -15.22 40.18 54.64
C LYS D 337 -16.63 39.87 54.15
N PHE D 338 -17.54 40.81 54.34
CA PHE D 338 -18.90 40.65 53.88
C PHE D 338 -19.28 41.77 52.93
N ASP D 339 -20.13 41.44 51.95
CA ASP D 339 -20.82 42.44 51.16
C ASP D 339 -22.10 42.88 51.87
N GLN D 340 -22.80 43.84 51.27
CA GLN D 340 -24.09 44.27 51.81
C GLN D 340 -25.12 43.14 51.79
N ASN D 341 -24.91 42.12 50.97
CA ASN D 341 -25.79 40.96 50.95
C ASN D 341 -25.48 39.94 52.02
N GLY D 342 -24.42 40.15 52.79
CA GLY D 342 -24.01 39.18 53.79
C GLY D 342 -23.25 37.99 53.26
N LYS D 343 -22.93 37.97 51.96
CA LYS D 343 -22.06 36.96 51.39
C LYS D 343 -20.61 37.37 51.54
N ARG D 344 -19.72 36.39 51.62
CA ARG D 344 -18.32 36.68 51.87
C ARG D 344 -17.61 37.14 50.60
N ILE D 345 -16.67 38.07 50.77
CA ILE D 345 -15.82 38.55 49.70
C ILE D 345 -14.39 38.67 50.23
N ASN D 346 -13.44 38.74 49.31
CA ASN D 346 -12.01 38.82 49.62
C ASN D 346 -11.51 37.61 50.39
N TYR D 347 -12.27 36.51 50.37
CA TYR D 347 -11.87 35.27 51.02
C TYR D 347 -10.91 34.51 50.12
N THR D 348 -10.60 33.26 50.50
CA THR D 348 -9.85 32.37 49.65
C THR D 348 -10.25 30.93 49.96
N ILE D 349 -10.31 30.09 48.94
CA ILE D 349 -10.53 28.66 49.09
C ILE D 349 -9.21 27.96 48.77
N ASN D 350 -8.82 27.02 49.62
CA ASN D 350 -7.68 26.16 49.31
C ASN D 350 -8.13 25.02 48.40
N ILE D 351 -7.38 24.78 47.33
CA ILE D 351 -7.65 23.68 46.42
C ILE D 351 -6.74 22.52 46.77
N MET D 352 -7.34 21.35 46.96
CA MET D 352 -6.65 20.19 47.48
C MET D 352 -6.71 19.08 46.45
N GLU D 353 -5.73 18.18 46.50
CA GLU D 353 -5.69 17.07 45.57
C GLU D 353 -5.05 15.89 46.26
N LEU D 354 -5.45 14.69 45.86
CA LEU D 354 -5.07 13.47 46.57
C LEU D 354 -4.02 12.70 45.79
N LYS D 355 -2.75 12.95 46.13
CA LYS D 355 -1.65 12.12 45.68
C LYS D 355 -1.43 10.99 46.68
N THR D 356 -0.59 10.03 46.29
CA THR D 356 -0.43 8.83 47.10
C THR D 356 0.07 9.16 48.50
N ASN D 357 0.82 10.24 48.65
CA ASN D 357 1.31 10.65 49.96
C ASN D 357 0.26 11.33 50.83
N GLY D 358 -0.92 11.62 50.28
CA GLY D 358 -2.00 12.19 51.07
C GLY D 358 -2.52 13.50 50.50
N PRO D 359 -3.61 14.00 51.09
CA PRO D 359 -4.23 15.23 50.58
C PRO D 359 -3.32 16.44 50.75
N ARG D 360 -3.07 17.14 49.64
CA ARG D 360 -2.14 18.25 49.61
C ARG D 360 -2.79 19.44 48.91
N LYS D 361 -2.29 20.64 49.21
CA LYS D 361 -2.62 21.80 48.40
C LYS D 361 -1.96 21.71 47.03
N ILE D 362 -2.67 22.21 46.01
CA ILE D 362 -2.07 22.50 44.72
C ILE D 362 -2.38 23.90 44.22
N GLY D 363 -3.22 24.66 44.93
CA GLY D 363 -3.48 26.02 44.51
C GLY D 363 -4.36 26.74 45.51
N TYR D 364 -4.77 27.95 45.14
CA TYR D 364 -5.75 28.70 45.89
C TYR D 364 -6.62 29.47 44.90
N TRP D 365 -7.79 29.90 45.38
CA TRP D 365 -8.76 30.59 44.54
C TRP D 365 -9.41 31.73 45.31
N SER D 366 -9.65 32.83 44.60
CA SER D 366 -10.43 33.94 45.15
C SER D 366 -11.21 34.57 44.00
N GLU D 367 -12.19 35.40 44.37
CA GLU D 367 -13.01 36.06 43.36
C GLU D 367 -12.19 36.92 42.42
N VAL D 368 -11.12 37.54 42.93
CA VAL D 368 -10.20 38.29 42.09
C VAL D 368 -9.05 37.42 41.59
N ASP D 369 -8.50 36.58 42.46
CA ASP D 369 -7.41 35.68 42.10
C ASP D 369 -7.98 34.37 41.55
N LYS D 370 -8.40 34.42 40.29
CA LYS D 370 -8.75 33.20 39.58
C LYS D 370 -7.61 32.19 39.68
N MET D 371 -7.97 30.91 39.67
CA MET D 371 -7.16 29.82 40.21
C MET D 371 -5.67 29.95 39.92
N VAL D 372 -4.89 30.07 40.99
CA VAL D 372 -3.44 30.19 40.91
C VAL D 372 -2.87 28.94 41.59
N LEU D 373 -2.03 28.21 40.87
CA LEU D 373 -1.38 27.04 41.45
C LEU D 373 -0.12 27.44 42.22
N THR D 374 0.30 26.57 43.13
CA THR D 374 1.39 26.87 44.04
C THR D 374 2.77 26.51 43.46
N GLU D 375 2.84 26.18 42.18
CA GLU D 375 4.11 25.89 41.50
C GLU D 375 4.86 24.76 42.20
N ASP D 376 4.11 23.74 42.63
CA ASP D 376 4.69 22.56 43.28
C ASP D 376 4.06 21.30 42.73
N ASP D 377 3.79 21.27 41.43
CA ASP D 377 3.13 20.13 40.81
C ASP D 377 4.20 19.15 40.34
N THR D 378 4.15 17.94 40.90
CA THR D 378 5.13 16.91 40.53
C THR D 378 5.03 16.54 39.06
N SER D 379 3.81 16.43 38.52
CA SER D 379 3.60 16.10 37.11
C SER D 379 4.48 16.93 36.19
N GLY D 380 4.59 18.23 36.47
CA GLY D 380 5.43 19.17 35.74
C GLY D 380 6.78 18.68 35.25
N LEU D 381 7.57 18.11 36.16
CA LEU D 381 8.90 17.61 35.81
C LEU D 381 8.87 16.33 34.96
N GLU D 382 8.27 15.25 35.45
CA GLU D 382 8.62 13.89 35.00
C GLU D 382 8.86 13.78 33.49
N GLN D 383 7.82 14.03 32.69
CA GLN D 383 7.96 13.93 31.24
C GLN D 383 8.99 14.93 30.69
N LYS D 384 10.10 14.41 30.19
CA LYS D 384 11.20 15.16 29.61
C LYS D 384 11.37 14.78 28.14
N THR D 385 12.45 15.29 27.55
CA THR D 385 12.69 15.09 26.12
C THR D 385 14.18 15.01 25.86
N VAL D 386 14.59 14.01 25.08
CA VAL D 386 15.98 13.88 24.70
C VAL D 386 16.39 15.07 23.86
N VAL D 387 17.61 15.56 24.07
CA VAL D 387 18.19 16.53 23.16
C VAL D 387 18.75 15.78 21.96
N VAL D 388 18.37 16.21 20.75
CA VAL D 388 18.86 15.60 19.52
C VAL D 388 19.76 16.59 18.81
N THR D 389 21.00 16.19 18.58
CA THR D 389 21.95 16.96 17.80
C THR D 389 21.96 16.48 16.36
N THR D 390 22.03 17.43 15.43
CA THR D 390 22.04 17.12 14.00
C THR D 390 22.74 18.25 13.27
N ILE D 391 22.77 18.15 11.94
CA ILE D 391 23.38 19.18 11.10
C ILE D 391 22.48 19.41 9.90
N LEU D 392 22.37 20.67 9.48
CA LEU D 392 21.50 21.06 8.38
C LEU D 392 22.17 20.70 7.05
N GLU D 393 21.70 19.61 6.44
CA GLU D 393 22.09 19.29 5.07
C GLU D 393 20.94 18.55 4.39
N SER D 394 20.79 18.79 3.10
CA SER D 394 19.69 18.24 2.33
C SER D 394 19.97 16.78 1.97
N PRO D 395 18.93 15.96 1.85
CA PRO D 395 17.52 16.20 2.18
C PRO D 395 17.19 15.75 3.60
N TYR D 396 18.19 15.64 4.48
CA TYR D 396 17.99 15.03 5.78
C TYR D 396 17.35 15.98 6.77
N VAL D 397 17.86 17.20 6.87
CA VAL D 397 17.28 18.23 7.74
C VAL D 397 17.37 19.56 7.02
N MET D 398 16.23 20.19 6.76
CA MET D 398 16.17 21.47 6.08
C MET D 398 15.13 22.35 6.76
N MET D 399 15.31 23.66 6.64
CA MET D 399 14.36 24.62 7.19
C MET D 399 13.15 24.75 6.27
N LYS D 400 11.96 24.60 6.83
CA LYS D 400 10.74 24.83 6.06
C LYS D 400 10.56 26.31 5.79
N LYS D 401 9.89 26.62 4.68
CA LYS D 401 9.58 28.02 4.35
C LYS D 401 8.92 28.74 5.52
N ASN D 402 8.00 28.06 6.22
CA ASN D 402 7.25 28.65 7.32
C ASN D 402 7.88 28.34 8.69
N HIS D 403 9.20 28.10 8.71
CA HIS D 403 9.86 27.73 9.95
C HIS D 403 9.81 28.83 11.00
N GLU D 404 9.85 30.10 10.57
CA GLU D 404 9.72 31.21 11.51
C GLU D 404 8.35 31.30 12.16
N MET D 405 7.36 30.53 11.69
CA MET D 405 6.08 30.38 12.36
C MET D 405 5.98 29.10 13.17
N LEU D 406 7.09 28.40 13.38
CA LEU D 406 7.07 27.10 14.03
C LEU D 406 8.21 27.03 15.04
N GLU D 407 8.15 26.02 15.90
CA GLU D 407 9.16 25.80 16.92
C GLU D 407 9.30 24.28 17.12
N GLY D 408 9.94 23.88 18.20
CA GLY D 408 10.08 22.48 18.53
C GLY D 408 10.82 21.66 17.50
N ASN D 409 10.09 20.83 16.76
CA ASN D 409 10.67 20.04 15.67
C ASN D 409 10.11 20.37 14.30
N GLU D 410 8.93 20.99 14.22
CA GLU D 410 8.29 21.22 12.93
C GLU D 410 9.03 22.25 12.09
N ARG D 411 9.95 23.03 12.67
CA ARG D 411 10.80 23.90 11.87
C ARG D 411 11.59 23.11 10.83
N TYR D 412 11.95 21.87 11.15
CA TYR D 412 12.83 21.06 10.32
C TYR D 412 12.03 20.00 9.60
N GLU D 413 12.32 19.83 8.31
CA GLU D 413 11.74 18.77 7.51
C GLU D 413 12.85 18.03 6.79
N GLY D 414 12.70 16.72 6.69
CA GLY D 414 13.72 15.91 6.05
C GLY D 414 13.67 14.47 6.50
N TYR D 415 14.49 13.66 5.82
CA TYR D 415 14.54 12.24 6.09
C TYR D 415 14.91 11.98 7.56
N CYS D 416 15.89 12.72 8.08
CA CYS D 416 16.27 12.49 9.47
C CYS D 416 15.21 13.00 10.44
N VAL D 417 14.36 13.94 10.03
CA VAL D 417 13.28 14.38 10.89
C VAL D 417 12.19 13.31 10.96
N ASP D 418 11.85 12.74 9.81
CA ASP D 418 10.94 11.59 9.78
C ASP D 418 11.48 10.44 10.61
N LEU D 419 12.75 10.08 10.41
CA LEU D 419 13.32 8.96 11.15
C LEU D 419 13.43 9.26 12.65
N ALA D 420 13.68 10.52 13.02
CA ALA D 420 13.63 10.91 14.42
C ALA D 420 12.23 10.73 15.01
N ALA D 421 11.20 11.08 14.24
CA ALA D 421 9.83 10.86 14.68
C ALA D 421 9.51 9.37 14.83
N GLU D 422 10.01 8.54 13.92
CA GLU D 422 9.85 7.10 14.07
C GLU D 422 10.60 6.54 15.28
N ILE D 423 11.83 6.99 15.49
CA ILE D 423 12.62 6.57 16.64
C ILE D 423 11.91 6.94 17.95
N ALA D 424 11.42 8.18 18.03
CA ALA D 424 10.62 8.59 19.19
C ALA D 424 9.36 7.77 19.35
N LYS D 425 8.62 7.55 18.26
CA LYS D 425 7.39 6.74 18.34
C LYS D 425 7.65 5.31 18.81
N HIS D 426 8.80 4.73 18.46
CA HIS D 426 9.11 3.41 18.99
C HIS D 426 9.58 3.44 20.45
N CYS D 427 10.54 4.29 20.76
CA CYS D 427 11.13 4.28 22.10
C CYS D 427 10.29 5.00 23.16
N GLY D 428 9.22 5.69 22.76
CA GLY D 428 8.36 6.38 23.70
C GLY D 428 8.85 7.73 24.19
N PHE D 429 10.11 8.11 23.96
CA PHE D 429 10.52 9.42 24.43
C PHE D 429 10.08 10.52 23.47
N LYS D 430 9.97 11.73 24.00
CA LYS D 430 9.93 12.94 23.18
C LYS D 430 11.34 13.31 22.72
N TYR D 431 11.41 14.16 21.70
CA TYR D 431 12.70 14.54 21.14
C TYR D 431 12.68 16.02 20.76
N LYS D 432 13.87 16.63 20.76
CA LYS D 432 14.05 18.03 20.43
C LYS D 432 15.23 18.16 19.48
N LEU D 433 14.93 18.45 18.21
CA LEU D 433 15.99 18.61 17.21
C LEU D 433 16.75 19.91 17.45
N THR D 434 18.08 19.80 17.50
CA THR D 434 18.97 20.92 17.74
C THR D 434 20.11 20.87 16.74
N ILE D 435 20.69 22.04 16.45
CA ILE D 435 21.69 22.18 15.40
C ILE D 435 23.07 22.26 16.03
N VAL D 436 24.01 21.48 15.51
CA VAL D 436 25.39 21.51 15.97
C VAL D 436 25.94 22.92 15.87
N GLY D 437 26.60 23.37 16.95
CA GLY D 437 26.99 24.77 17.04
C GLY D 437 28.08 25.18 16.07
N ASP D 438 28.97 24.26 15.71
CA ASP D 438 30.07 24.58 14.80
C ASP D 438 29.80 24.20 13.36
N GLY D 439 28.66 23.56 13.07
CA GLY D 439 28.30 23.23 11.70
C GLY D 439 29.22 22.24 11.03
N LYS D 440 29.68 21.22 11.76
CA LYS D 440 30.56 20.21 11.21
C LYS D 440 30.09 18.83 11.63
N TYR D 441 30.47 17.82 10.84
CA TYR D 441 30.15 16.44 11.19
C TYR D 441 30.99 15.97 12.37
N GLY D 442 32.31 16.18 12.32
CA GLY D 442 33.14 15.97 13.47
C GLY D 442 34.40 15.16 13.27
N ALA D 443 35.53 15.73 13.70
CA ALA D 443 36.81 15.03 13.75
C ALA D 443 37.56 15.50 14.99
N ARG D 444 38.64 14.80 15.32
CA ARG D 444 39.44 15.14 16.49
C ARG D 444 40.68 15.92 16.05
N ASP D 445 40.99 16.97 16.80
CA ASP D 445 42.06 17.88 16.42
C ASP D 445 43.41 17.17 16.40
N ALA D 446 44.32 17.67 15.57
CA ALA D 446 45.68 17.13 15.51
C ALA D 446 46.40 17.33 16.83
N ASP D 447 46.31 18.53 17.41
CA ASP D 447 47.13 18.91 18.56
C ASP D 447 46.36 18.88 19.86
N THR D 448 45.24 19.61 19.94
CA THR D 448 44.43 19.61 21.16
C THR D 448 43.64 18.33 21.32
N LYS D 449 43.50 17.52 20.27
CA LYS D 449 42.74 16.27 20.26
C LYS D 449 41.26 16.49 20.53
N ILE D 450 40.81 17.74 20.63
CA ILE D 450 39.40 18.04 20.80
C ILE D 450 38.61 17.50 19.63
N TRP D 451 37.59 16.71 19.93
CA TRP D 451 36.60 16.36 18.91
C TRP D 451 35.73 17.58 18.62
N ASN D 452 35.66 17.96 17.34
CA ASN D 452 34.74 18.99 16.90
C ASN D 452 33.48 18.35 16.34
N GLY D 453 32.59 19.19 15.83
CA GLY D 453 31.37 18.70 15.22
C GLY D 453 30.42 18.01 16.19
N MET D 454 29.46 17.30 15.59
CA MET D 454 28.48 16.55 16.38
C MET D 454 29.12 15.49 17.26
N VAL D 455 30.27 14.94 16.84
CA VAL D 455 30.99 14.02 17.71
C VAL D 455 31.49 14.74 18.95
N GLY D 456 31.96 15.98 18.78
CA GLY D 456 32.22 16.84 19.93
C GLY D 456 30.99 17.01 20.81
N GLU D 457 29.86 17.38 20.21
CA GLU D 457 28.64 17.60 20.97
C GLU D 457 28.26 16.36 21.77
N LEU D 458 28.42 15.18 21.19
CA LEU D 458 28.11 13.93 21.89
C LEU D 458 29.11 13.62 23.00
N VAL D 459 30.41 13.85 22.76
CA VAL D 459 31.41 13.60 23.79
C VAL D 459 31.22 14.54 24.98
N TYR D 460 30.84 15.78 24.72
CA TYR D 460 30.63 16.75 25.79
C TYR D 460 29.20 16.76 26.32
N GLY D 461 28.44 15.69 26.05
CA GLY D 461 27.14 15.52 26.66
C GLY D 461 26.09 16.52 26.24
N LYS D 462 26.28 17.17 25.09
CA LYS D 462 25.31 18.15 24.62
C LYS D 462 23.97 17.52 24.26
N ALA D 463 23.97 16.24 23.89
CA ALA D 463 22.76 15.59 23.40
C ALA D 463 22.85 14.10 23.64
N ASP D 464 21.72 13.50 24.02
CA ASP D 464 21.65 12.06 24.27
C ASP D 464 21.74 11.23 23.01
N ILE D 465 21.48 11.82 21.83
CA ILE D 465 21.38 11.06 20.60
C ILE D 465 21.70 11.99 19.43
N ALA D 466 22.13 11.40 18.32
CA ALA D 466 22.46 12.14 17.11
C ALA D 466 21.78 11.48 15.93
N ILE D 467 21.07 12.29 15.13
CA ILE D 467 20.30 11.80 13.98
C ILE D 467 20.66 12.71 12.80
N ALA D 468 21.64 12.29 12.01
CA ALA D 468 22.18 13.12 10.95
C ALA D 468 22.90 12.20 9.97
N PRO D 469 23.27 12.71 8.78
CA PRO D 469 24.14 11.91 7.90
C PRO D 469 25.56 11.76 8.44
N LEU D 470 25.69 11.08 9.57
CA LEU D 470 26.99 10.84 10.19
C LEU D 470 27.41 9.40 9.90
N THR D 471 28.54 9.25 9.21
CA THR D 471 28.96 7.95 8.70
C THR D 471 29.63 7.11 9.79
N ILE D 472 29.20 5.87 9.92
CA ILE D 472 29.83 4.92 10.82
C ILE D 472 31.30 4.75 10.43
N THR D 473 32.20 5.14 11.34
CA THR D 473 33.63 5.09 11.08
C THR D 473 34.36 4.67 12.34
N LEU D 474 35.49 3.98 12.13
CA LEU D 474 36.19 3.31 13.22
C LEU D 474 36.69 4.31 14.27
N VAL D 475 37.31 5.40 13.83
CA VAL D 475 37.80 6.39 14.78
C VAL D 475 36.69 7.09 15.54
N ARG D 476 35.45 7.01 15.07
CA ARG D 476 34.32 7.47 15.87
C ARG D 476 33.81 6.39 16.81
N GLU D 477 33.83 5.13 16.37
CA GLU D 477 33.48 4.02 17.25
C GLU D 477 34.43 3.91 18.45
N GLU D 478 35.60 4.52 18.37
CA GLU D 478 36.49 4.59 19.54
C GLU D 478 35.85 5.36 20.68
N VAL D 479 35.07 6.40 20.37
CA VAL D 479 34.60 7.33 21.38
C VAL D 479 33.08 7.37 21.51
N ILE D 480 32.33 6.93 20.50
CA ILE D 480 30.87 6.91 20.56
C ILE D 480 30.38 5.62 19.94
N ASP D 481 29.10 5.31 20.19
CA ASP D 481 28.45 4.13 19.64
C ASP D 481 27.51 4.53 18.51
N PHE D 482 27.48 3.72 17.45
CA PHE D 482 26.57 3.92 16.34
C PHE D 482 25.58 2.77 16.24
N SER D 483 24.37 3.09 15.80
CA SER D 483 23.39 2.06 15.51
C SER D 483 23.78 1.30 14.24
N LYS D 484 23.01 0.26 13.94
CA LYS D 484 23.04 -0.37 12.62
C LYS D 484 22.77 0.69 11.57
N PRO D 485 23.27 0.52 10.33
CA PRO D 485 23.05 1.54 9.31
C PRO D 485 21.57 1.65 8.96
N PHE D 486 21.07 2.88 8.93
CA PHE D 486 19.72 3.10 8.44
C PHE D 486 19.68 3.45 6.96
N MET D 487 20.80 3.88 6.38
CA MET D 487 20.90 4.03 4.94
C MET D 487 22.36 3.83 4.52
N SER D 488 22.55 3.15 3.40
CA SER D 488 23.89 2.78 2.92
C SER D 488 24.34 3.75 1.84
N LEU D 489 25.60 3.62 1.45
CA LEU D 489 26.23 4.58 0.53
C LEU D 489 27.65 4.21 0.15
N GLY D 490 28.26 5.03 -0.70
CA GLY D 490 29.69 5.02 -0.89
C GLY D 490 30.17 6.38 -1.35
N ILE D 491 31.46 6.64 -1.14
CA ILE D 491 32.08 7.85 -1.69
C ILE D 491 32.02 7.78 -3.21
N SER D 492 31.72 8.91 -3.84
CA SER D 492 31.50 8.94 -5.28
C SER D 492 31.97 10.28 -5.83
N ILE D 493 31.72 10.51 -7.12
CA ILE D 493 32.29 11.62 -7.87
C ILE D 493 31.16 12.47 -8.43
N MET D 494 31.21 13.78 -8.18
CA MET D 494 30.28 14.73 -8.80
C MET D 494 31.03 15.69 -9.71
N ILE D 495 30.55 15.81 -10.94
CA ILE D 495 31.08 16.76 -11.90
C ILE D 495 29.90 17.49 -12.54
N LYS D 496 30.19 18.64 -13.15
CA LYS D 496 29.24 19.27 -14.04
C LYS D 496 29.16 18.46 -15.33
N LYS D 497 27.94 18.08 -15.73
CA LYS D 497 27.81 17.28 -16.93
C LYS D 497 28.12 18.09 -18.17
N PRO D 498 28.71 17.47 -19.19
CA PRO D 498 28.83 18.13 -20.49
C PRO D 498 27.49 18.16 -21.21
N GLN D 499 27.44 18.95 -22.27
CA GLN D 499 26.27 18.98 -23.12
C GLN D 499 26.07 17.62 -23.79
N LYS D 500 24.81 17.31 -24.10
CA LYS D 500 24.55 16.18 -24.97
C LYS D 500 25.14 16.47 -26.34
N SER D 501 26.08 15.62 -26.77
CA SER D 501 26.87 15.91 -27.95
C SER D 501 26.00 15.89 -29.20
N LYS D 502 26.18 16.89 -30.05
CA LYS D 502 25.64 16.82 -31.39
C LYS D 502 26.25 15.64 -32.14
N PRO D 503 25.46 14.94 -32.95
CA PRO D 503 26.00 13.78 -33.67
C PRO D 503 27.10 14.19 -34.63
N GLY D 504 28.05 13.27 -34.84
CA GLY D 504 29.22 13.59 -35.62
C GLY D 504 28.88 13.96 -37.06
N VAL D 505 29.77 14.74 -37.66
CA VAL D 505 29.61 15.16 -39.06
C VAL D 505 29.45 13.97 -39.98
N PHE D 506 30.14 12.87 -39.67
CA PHE D 506 30.05 11.64 -40.46
C PHE D 506 29.09 10.63 -39.85
N SER D 507 28.05 11.10 -39.16
CA SER D 507 27.07 10.19 -38.59
C SER D 507 26.32 9.38 -39.64
N PHE D 508 26.20 9.92 -40.86
CA PHE D 508 25.46 9.25 -41.93
C PHE D 508 26.01 7.86 -42.26
N LEU D 509 27.20 7.51 -41.80
CA LEU D 509 27.75 6.18 -41.98
C LEU D 509 27.81 5.39 -40.69
N ASP D 510 27.27 5.93 -39.60
CA ASP D 510 27.27 5.21 -38.33
C ASP D 510 26.56 3.86 -38.36
N PRO D 511 25.42 3.67 -39.05
CA PRO D 511 24.69 2.40 -38.91
C PRO D 511 25.48 1.17 -39.31
N LEU D 512 26.51 1.30 -40.13
CA LEU D 512 27.31 0.17 -40.58
C LEU D 512 28.69 0.24 -39.95
N ALA D 513 29.11 -0.86 -39.33
CA ALA D 513 30.43 -0.97 -38.74
C ALA D 513 31.53 -0.69 -39.76
N TYR D 514 32.61 -0.08 -39.28
CA TYR D 514 33.67 0.34 -40.19
C TYR D 514 34.29 -0.85 -40.90
N GLU D 515 34.26 -2.04 -40.27
CA GLU D 515 34.63 -3.26 -40.95
C GLU D 515 33.66 -3.56 -42.10
N ILE D 516 32.40 -3.17 -41.94
CA ILE D 516 31.42 -3.39 -43.01
C ILE D 516 31.73 -2.48 -44.18
N TRP D 517 31.92 -1.19 -43.91
CA TRP D 517 32.24 -0.27 -45.00
C TRP D 517 33.53 -0.67 -45.73
N MET D 518 34.53 -1.13 -44.98
CA MET D 518 35.74 -1.68 -45.60
C MET D 518 35.43 -2.87 -46.51
N CYS D 519 34.72 -3.88 -45.99
CA CYS D 519 34.43 -5.05 -46.81
C CYS D 519 33.54 -4.71 -48.00
N ILE D 520 32.69 -3.70 -47.88
CA ILE D 520 31.90 -3.24 -49.01
C ILE D 520 32.78 -2.62 -50.08
N VAL D 521 33.76 -1.81 -49.69
CA VAL D 521 34.68 -1.25 -50.68
C VAL D 521 35.48 -2.35 -51.38
N PHE D 522 35.92 -3.36 -50.63
CA PHE D 522 36.67 -4.43 -51.26
C PHE D 522 35.78 -5.34 -52.11
N ALA D 523 34.53 -5.55 -51.73
CA ALA D 523 33.65 -6.37 -52.55
C ALA D 523 33.25 -5.65 -53.83
N TYR D 524 33.04 -4.33 -53.75
CA TYR D 524 32.90 -3.51 -54.94
C TYR D 524 34.09 -3.64 -55.88
N ILE D 525 35.31 -3.50 -55.33
CA ILE D 525 36.51 -3.67 -56.16
C ILE D 525 36.58 -5.06 -56.79
N GLY D 526 36.32 -6.10 -56.00
CA GLY D 526 36.36 -7.44 -56.54
C GLY D 526 35.31 -7.77 -57.58
N VAL D 527 34.11 -7.19 -57.45
CA VAL D 527 33.11 -7.37 -58.50
C VAL D 527 33.51 -6.60 -59.75
N SER D 528 33.95 -5.36 -59.58
CA SER D 528 34.40 -4.56 -60.72
C SER D 528 35.42 -5.34 -61.54
N VAL D 529 36.49 -5.78 -60.89
CA VAL D 529 37.55 -6.50 -61.61
C VAL D 529 37.08 -7.86 -62.15
N VAL D 530 36.18 -8.56 -61.45
CA VAL D 530 35.72 -9.83 -62.02
C VAL D 530 34.86 -9.60 -63.25
N LEU D 531 34.07 -8.53 -63.29
CA LEU D 531 33.31 -8.22 -64.49
C LEU D 531 34.21 -7.77 -65.62
N PHE D 532 35.26 -7.01 -65.31
CA PHE D 532 36.21 -6.64 -66.34
C PHE D 532 36.89 -7.86 -66.94
N LEU D 533 37.45 -8.72 -66.09
CA LEU D 533 38.04 -9.97 -66.55
C LEU D 533 37.08 -10.82 -67.38
N VAL D 534 35.82 -10.95 -66.93
CA VAL D 534 34.85 -11.72 -67.71
C VAL D 534 34.46 -11.02 -69.01
N SER D 535 34.61 -9.69 -69.09
CA SER D 535 34.30 -8.98 -70.33
C SER D 535 35.61 -8.51 -70.97
N ARG D 536 35.50 -7.69 -72.01
CA ARG D 536 36.67 -7.14 -72.70
C ARG D 536 37.58 -8.27 -73.17
N PHE D 537 37.00 -9.45 -73.31
CA PHE D 537 37.75 -10.67 -73.47
C PHE D 537 37.96 -11.05 -74.93
N SER D 538 37.34 -10.30 -75.85
CA SER D 538 37.48 -10.48 -77.28
C SER D 538 37.35 -11.93 -77.78
N PRO D 539 36.20 -12.57 -77.55
CA PRO D 539 36.09 -14.01 -77.87
C PRO D 539 35.90 -14.25 -79.36
N TYR D 540 36.69 -13.56 -80.19
CA TYR D 540 36.86 -13.82 -81.62
C TYR D 540 35.59 -14.30 -82.32
N SER D 556 39.35 -4.60 -83.61
CA SER D 556 39.22 -5.37 -82.38
C SER D 556 37.76 -5.54 -81.99
N GLU D 557 37.49 -6.56 -81.17
CA GLU D 557 36.14 -6.75 -80.64
C GLU D 557 35.74 -5.59 -79.74
N SER D 558 34.52 -5.09 -79.92
CA SER D 558 34.00 -4.01 -79.09
C SER D 558 32.54 -4.24 -78.73
N THR D 559 32.13 -5.51 -78.63
CA THR D 559 30.76 -5.83 -78.27
C THR D 559 30.53 -5.77 -76.76
N ASN D 560 31.47 -6.31 -75.99
CA ASN D 560 31.34 -6.35 -74.52
C ASN D 560 32.03 -5.12 -73.94
N GLU D 561 31.28 -4.01 -73.89
CA GLU D 561 31.81 -2.70 -73.57
C GLU D 561 32.35 -2.58 -72.15
N PHE D 562 32.28 -3.64 -71.34
CA PHE D 562 32.72 -3.61 -69.95
C PHE D 562 34.25 -3.66 -69.84
N GLY D 563 34.89 -2.59 -70.32
CA GLY D 563 36.25 -2.30 -69.89
C GLY D 563 36.29 -2.07 -68.40
N ILE D 564 37.50 -1.97 -67.85
CA ILE D 564 37.60 -1.81 -66.41
C ILE D 564 36.99 -0.51 -65.94
N PHE D 565 37.26 0.60 -66.64
CA PHE D 565 36.67 1.89 -66.27
C PHE D 565 35.16 1.95 -66.52
N ASN D 566 34.60 1.03 -67.29
CA ASN D 566 33.15 0.92 -67.39
C ASN D 566 32.53 0.03 -66.32
N SER D 567 33.14 -1.15 -66.07
CA SER D 567 32.64 -2.04 -65.03
C SER D 567 32.77 -1.45 -63.63
N LEU D 568 33.84 -0.69 -63.39
CA LEU D 568 34.00 -0.01 -62.11
C LEU D 568 32.92 1.02 -61.87
N TRP D 569 32.26 1.48 -62.93
CA TRP D 569 31.17 2.44 -62.88
C TRP D 569 29.81 1.74 -62.80
N PHE D 570 29.60 0.73 -63.63
CA PHE D 570 28.43 -0.13 -63.52
C PHE D 570 28.24 -0.67 -62.09
N SER D 571 29.30 -1.24 -61.50
CA SER D 571 29.11 -1.86 -60.19
C SER D 571 28.84 -0.83 -59.11
N LEU D 572 29.35 0.38 -59.28
CA LEU D 572 28.97 1.49 -58.42
C LEU D 572 27.49 1.79 -58.57
N GLY D 573 27.04 1.92 -59.82
CA GLY D 573 25.63 2.20 -60.06
C GLY D 573 24.72 1.16 -59.44
N ALA D 574 25.04 -0.12 -59.65
CA ALA D 574 24.26 -1.18 -59.01
C ALA D 574 24.26 -1.06 -57.50
N PHE D 575 25.43 -0.80 -56.88
CA PHE D 575 25.44 -0.53 -55.45
C PHE D 575 24.50 0.62 -55.07
N MET D 576 24.33 1.59 -55.96
CA MET D 576 23.59 2.82 -55.75
C MET D 576 22.18 2.76 -56.34
N GLN D 577 21.72 1.55 -56.78
CA GLN D 577 20.43 1.27 -57.51
C GLN D 577 20.09 2.40 -58.52
N GLN D 578 21.05 2.85 -59.37
CA GLN D 578 20.79 3.78 -60.46
C GLN D 578 21.22 3.01 -61.69
N GLY D 579 20.26 2.33 -62.32
CA GLY D 579 20.53 1.52 -63.49
C GLY D 579 21.39 2.23 -64.51
N CYS D 580 22.13 1.46 -65.30
CA CYS D 580 23.24 2.00 -66.06
C CYS D 580 23.08 1.64 -67.54
N ASP D 581 23.76 2.42 -68.37
CA ASP D 581 23.67 2.34 -69.82
C ASP D 581 24.21 1.04 -70.40
N ILE D 582 24.63 0.09 -69.55
CA ILE D 582 25.27 -1.13 -70.02
C ILE D 582 24.79 -2.31 -69.18
N SER D 583 24.84 -3.49 -69.77
CA SER D 583 24.39 -4.73 -69.14
C SER D 583 25.20 -5.88 -69.70
N PRO D 584 25.44 -6.94 -68.91
CA PRO D 584 26.42 -7.96 -69.32
C PRO D 584 26.17 -8.58 -70.69
N ARG D 585 24.92 -8.70 -71.12
CA ARG D 585 24.57 -9.16 -72.46
C ARG D 585 25.10 -10.56 -72.77
N SER D 586 25.64 -11.26 -71.79
CA SER D 586 26.35 -12.51 -72.03
C SER D 586 26.31 -13.34 -70.76
N LEU D 587 26.64 -14.62 -70.89
CA LEU D 587 26.78 -15.49 -69.75
C LEU D 587 27.89 -14.99 -68.82
N SER D 588 27.98 -15.65 -67.65
CA SER D 588 29.02 -15.38 -66.66
C SER D 588 28.93 -13.97 -66.11
N GLY D 589 29.18 -12.96 -66.94
CA GLY D 589 29.05 -11.59 -66.48
C GLY D 589 27.66 -11.28 -65.99
N ARG D 590 26.65 -11.94 -66.55
CA ARG D 590 25.27 -11.78 -66.11
C ARG D 590 24.97 -12.47 -64.79
N ILE D 591 25.75 -13.48 -64.39
CA ILE D 591 25.61 -14.04 -63.04
C ILE D 591 26.58 -13.37 -62.06
N VAL D 592 27.56 -12.62 -62.54
CA VAL D 592 28.20 -11.62 -61.69
C VAL D 592 27.22 -10.50 -61.36
N GLY D 593 26.53 -10.00 -62.38
CA GLY D 593 25.51 -8.99 -62.14
C GLY D 593 24.43 -9.45 -61.17
N GLY D 594 23.82 -10.61 -61.44
CA GLY D 594 22.69 -11.03 -60.63
C GLY D 594 23.00 -11.12 -59.15
N VAL D 595 24.22 -11.54 -58.79
CA VAL D 595 24.58 -11.67 -57.39
C VAL D 595 25.20 -10.40 -56.80
N TRP D 596 25.74 -9.51 -57.63
CA TRP D 596 26.01 -8.17 -57.13
C TRP D 596 24.71 -7.42 -56.81
N TRP D 597 23.68 -7.63 -57.61
CA TRP D 597 22.38 -7.04 -57.32
C TRP D 597 21.75 -7.62 -56.05
N PHE D 598 21.75 -8.95 -55.91
CA PHE D 598 21.26 -9.53 -54.66
C PHE D 598 22.04 -9.03 -53.45
N PHE D 599 23.38 -9.01 -53.54
CA PHE D 599 24.19 -8.48 -52.45
C PHE D 599 23.73 -7.08 -52.09
N THR D 600 23.72 -6.19 -53.08
CA THR D 600 23.53 -4.80 -52.75
C THR D 600 22.11 -4.54 -52.28
N LEU D 601 21.13 -5.29 -52.80
CA LEU D 601 19.77 -5.20 -52.29
C LEU D 601 19.73 -5.44 -50.79
N ILE D 602 20.36 -6.52 -50.32
CA ILE D 602 20.30 -6.80 -48.89
C ILE D 602 21.11 -5.78 -48.09
N ILE D 603 22.23 -5.31 -48.64
CA ILE D 603 23.07 -4.37 -47.91
C ILE D 603 22.35 -3.03 -47.73
N ILE D 604 21.87 -2.41 -48.80
CA ILE D 604 21.14 -1.15 -48.64
C ILE D 604 19.77 -1.30 -47.99
N SER D 605 19.18 -2.49 -48.07
CA SER D 605 17.88 -2.71 -47.36
C SER D 605 18.15 -2.76 -45.85
N SER D 606 19.42 -2.77 -45.46
CA SER D 606 19.79 -2.87 -44.02
C SER D 606 20.36 -1.53 -43.54
N TYR D 607 21.30 -0.97 -44.28
CA TYR D 607 21.97 0.30 -43.87
C TYR D 607 20.94 1.42 -43.83
N THR D 608 20.31 1.69 -44.99
CA THR D 608 19.35 2.80 -45.08
C THR D 608 18.25 2.61 -44.06
N ALA D 609 17.89 1.36 -43.77
CA ALA D 609 16.80 1.07 -42.80
C ALA D 609 17.06 1.80 -41.48
N ASN D 610 18.33 1.88 -41.04
CA ASN D 610 18.64 2.50 -39.73
C ASN D 610 19.42 3.81 -39.93
N LEU D 611 19.41 4.36 -41.14
CA LEU D 611 20.12 5.64 -41.41
C LEU D 611 19.65 6.71 -40.42
N ALA D 612 18.40 7.17 -40.56
CA ALA D 612 17.87 8.24 -39.68
C ALA D 612 18.02 7.86 -38.21
N ALA D 613 17.83 6.57 -37.89
CA ALA D 613 17.91 6.12 -36.48
C ALA D 613 19.25 6.52 -35.86
N PHE D 614 20.35 6.39 -36.60
CA PHE D 614 21.69 6.68 -36.03
C PHE D 614 22.04 8.15 -36.25
N LEU D 615 21.10 8.93 -36.80
CA LEU D 615 21.40 10.35 -37.12
C LEU D 615 20.95 11.26 -35.96
N THR D 616 19.91 10.86 -35.21
CA THR D 616 19.40 11.73 -34.16
C THR D 616 19.61 11.14 -32.78
N VAL D 617 20.73 10.45 -32.58
CA VAL D 617 20.94 9.71 -31.33
C VAL D 617 21.04 10.67 -30.15
N GLU D 618 21.65 11.84 -30.35
CA GLU D 618 21.88 12.81 -29.27
C GLU D 618 22.53 12.17 -28.06
N ARG D 619 23.60 11.41 -28.32
CA ARG D 619 24.30 10.73 -27.24
C ARG D 619 25.08 11.72 -26.36
N MET D 620 25.49 11.23 -25.21
CA MET D 620 26.38 11.96 -24.31
C MET D 620 27.21 10.95 -23.53
N VAL D 621 28.41 11.35 -23.15
CA VAL D 621 29.33 10.47 -22.42
C VAL D 621 30.05 11.26 -21.33
N SER D 622 30.48 10.53 -20.31
CA SER D 622 31.27 11.13 -19.25
C SER D 622 32.69 11.41 -19.73
N PRO D 623 33.25 12.59 -19.43
CA PRO D 623 34.65 12.82 -19.82
C PRO D 623 35.63 11.88 -19.14
N ILE D 624 35.45 11.63 -17.85
CA ILE D 624 36.26 10.66 -17.11
C ILE D 624 35.38 9.96 -16.08
N GLU D 625 35.59 8.66 -15.91
CA GLU D 625 34.64 7.81 -15.20
C GLU D 625 35.26 6.81 -14.24
N SER D 626 36.53 6.43 -14.41
CA SER D 626 37.09 5.29 -13.69
C SER D 626 37.30 5.55 -12.20
N ALA D 627 37.25 6.81 -11.77
CA ALA D 627 37.57 7.26 -10.41
C ALA D 627 39.04 7.04 -10.07
N GLU D 628 39.81 6.43 -10.97
CA GLU D 628 41.25 6.27 -10.83
C GLU D 628 42.01 7.23 -11.72
N ASP D 629 41.41 7.63 -12.84
CA ASP D 629 42.04 8.54 -13.79
C ASP D 629 42.27 9.91 -13.16
N LEU D 630 41.39 10.35 -12.26
CA LEU D 630 41.58 11.61 -11.55
C LEU D 630 42.94 11.67 -10.86
N SER D 631 43.46 10.52 -10.42
CA SER D 631 44.78 10.49 -9.83
C SER D 631 45.87 10.86 -10.81
N LYS D 632 45.63 10.70 -12.12
CA LYS D 632 46.68 10.87 -13.10
C LYS D 632 46.89 12.32 -13.50
N GLN D 633 45.83 13.12 -13.55
CA GLN D 633 45.88 14.42 -14.19
C GLN D 633 45.15 15.45 -13.33
N THR D 634 45.44 16.72 -13.60
CA THR D 634 44.90 17.83 -12.82
C THR D 634 44.13 18.82 -13.69
N GLU D 635 43.70 18.40 -14.88
CA GLU D 635 42.83 19.23 -15.68
C GLU D 635 41.47 19.42 -15.01
N ILE D 636 41.01 18.42 -14.27
CA ILE D 636 39.87 18.55 -13.38
C ILE D 636 40.37 18.41 -11.95
N ALA D 637 40.19 19.46 -11.15
CA ALA D 637 40.55 19.41 -9.75
C ALA D 637 39.55 18.58 -8.96
N TYR D 638 39.96 18.14 -7.78
CA TYR D 638 39.08 17.38 -6.92
C TYR D 638 39.47 17.59 -5.47
N GLY D 639 38.51 17.35 -4.58
CA GLY D 639 38.68 17.65 -3.18
C GLY D 639 37.58 17.04 -2.35
N THR D 640 37.56 17.41 -1.08
CA THR D 640 36.69 16.76 -0.10
C THR D 640 36.21 17.80 0.90
N LEU D 641 35.11 17.47 1.58
CA LEU D 641 34.65 18.28 2.70
C LEU D 641 35.67 18.22 3.84
N ASP D 642 35.83 19.33 4.54
CA ASP D 642 36.65 19.33 5.74
C ASP D 642 35.85 18.86 6.95
N SER D 643 36.56 18.26 7.90
CA SER D 643 35.95 17.72 9.12
C SER D 643 34.85 16.71 8.78
N GLY D 644 35.16 15.81 7.85
CA GLY D 644 34.16 14.87 7.38
C GLY D 644 34.73 13.47 7.18
N SER D 645 33.80 12.52 7.11
CA SER D 645 34.17 11.12 6.96
C SER D 645 34.87 10.83 5.65
N THR D 646 34.55 11.60 4.61
CA THR D 646 35.24 11.44 3.33
C THR D 646 36.71 11.81 3.45
N LYS D 647 36.99 12.95 4.08
CA LYS D 647 38.38 13.34 4.32
C LYS D 647 39.09 12.37 5.25
N GLU D 648 38.41 11.88 6.29
CA GLU D 648 39.04 10.91 7.17
C GLU D 648 39.34 9.59 6.46
N PHE D 649 38.48 9.17 5.54
CA PHE D 649 38.76 7.96 4.75
C PHE D 649 39.91 8.17 3.78
N PHE D 650 39.98 9.33 3.13
CA PHE D 650 41.13 9.62 2.28
C PHE D 650 42.43 9.75 3.07
N ARG D 651 42.35 10.23 4.32
CA ARG D 651 43.48 10.15 5.23
C ARG D 651 43.93 8.70 5.47
N ARG D 652 43.01 7.86 5.96
CA ARG D 652 43.41 6.54 6.46
C ARG D 652 43.67 5.52 5.36
N SER D 653 43.00 5.63 4.21
CA SER D 653 43.13 4.64 3.14
C SER D 653 44.43 4.85 2.37
N LYS D 654 45.28 3.82 2.36
CA LYS D 654 46.61 3.88 1.78
C LYS D 654 46.72 3.11 0.47
N ILE D 655 45.58 2.77 -0.15
CA ILE D 655 45.62 2.26 -1.51
C ILE D 655 46.27 3.31 -2.39
N ALA D 656 47.29 2.90 -3.15
CA ALA D 656 48.23 3.89 -3.70
C ALA D 656 47.53 4.93 -4.56
N VAL D 657 46.52 4.52 -5.33
CA VAL D 657 45.73 5.49 -6.09
C VAL D 657 45.07 6.51 -5.16
N PHE D 658 44.55 6.05 -4.02
CA PHE D 658 43.90 6.95 -3.07
C PHE D 658 44.90 7.84 -2.34
N ASP D 659 46.07 7.31 -1.99
CA ASP D 659 47.07 8.16 -1.36
C ASP D 659 47.68 9.16 -2.33
N LYS D 660 47.76 8.82 -3.62
CA LYS D 660 48.12 9.81 -4.64
C LYS D 660 47.06 10.89 -4.78
N MET D 661 45.78 10.50 -4.73
CA MET D 661 44.72 11.51 -4.70
C MET D 661 44.79 12.37 -3.45
N TRP D 662 45.06 11.78 -2.29
CA TRP D 662 45.21 12.58 -1.08
C TRP D 662 46.45 13.48 -1.15
N THR D 663 47.49 13.04 -1.84
CA THR D 663 48.64 13.91 -2.11
C THR D 663 48.22 15.14 -2.90
N TYR D 664 47.42 14.93 -3.94
CA TYR D 664 46.86 16.06 -4.67
C TYR D 664 46.02 16.94 -3.75
N MET D 665 45.07 16.34 -3.04
CA MET D 665 44.14 17.09 -2.20
C MET D 665 44.83 17.79 -1.03
N ARG D 666 46.07 17.43 -0.71
CA ARG D 666 46.79 18.11 0.36
C ARG D 666 47.90 19.00 -0.17
N SER D 667 48.18 18.98 -1.48
CA SER D 667 49.21 19.85 -2.04
C SER D 667 48.68 20.93 -2.96
N ALA D 668 47.51 20.73 -3.58
CA ALA D 668 46.99 21.62 -4.60
C ALA D 668 46.32 22.82 -3.93
N GLU D 669 47.08 23.90 -3.76
CA GLU D 669 46.49 25.17 -3.41
C GLU D 669 45.94 25.87 -4.66
N PRO D 670 44.87 26.67 -4.52
CA PRO D 670 44.11 27.00 -3.31
C PRO D 670 43.32 25.82 -2.76
N SER D 671 43.15 25.75 -1.44
CA SER D 671 42.73 24.54 -0.76
C SER D 671 41.48 23.93 -1.40
N VAL D 672 41.56 22.64 -1.72
CA VAL D 672 40.50 21.98 -2.45
C VAL D 672 39.22 21.84 -1.62
N PHE D 673 39.31 21.96 -0.29
CA PHE D 673 38.19 21.67 0.56
C PHE D 673 37.15 22.79 0.53
N VAL D 674 36.01 22.52 1.18
CA VAL D 674 34.91 23.47 1.26
C VAL D 674 34.25 23.30 2.63
N ARG D 675 33.50 24.32 3.04
CA ARG D 675 32.91 24.31 4.38
C ARG D 675 31.62 23.50 4.44
N THR D 676 30.90 23.36 3.32
CA THR D 676 29.66 22.60 3.29
C THR D 676 29.57 21.82 1.99
N THR D 677 28.74 20.77 2.02
CA THR D 677 28.44 20.02 0.81
C THR D 677 27.73 20.91 -0.21
N ALA D 678 26.85 21.79 0.26
CA ALA D 678 26.28 22.83 -0.59
C ALA D 678 27.36 23.73 -1.17
N GLU D 679 28.43 23.99 -0.42
CA GLU D 679 29.54 24.76 -1.00
C GLU D 679 30.32 23.97 -2.05
N GLY D 680 30.46 22.66 -1.88
CA GLY D 680 31.06 21.86 -2.95
C GLY D 680 30.20 21.78 -4.20
N VAL D 681 28.90 21.56 -4.03
CA VAL D 681 27.91 21.67 -5.10
C VAL D 681 27.86 23.05 -5.74
N ALA D 682 28.32 24.08 -5.04
CA ALA D 682 28.56 25.35 -5.70
C ALA D 682 29.91 25.39 -6.42
N ARG D 683 30.96 24.85 -5.79
CA ARG D 683 32.31 24.93 -6.35
C ARG D 683 32.42 24.21 -7.68
N VAL D 684 31.63 23.14 -7.86
CA VAL D 684 31.54 22.51 -9.19
C VAL D 684 31.12 23.53 -10.24
N ARG D 685 30.14 24.37 -9.93
CA ARG D 685 29.69 25.37 -10.89
C ARG D 685 30.69 26.52 -10.99
N LYS D 686 31.24 26.95 -9.87
CA LYS D 686 32.33 27.93 -9.84
C LYS D 686 33.47 27.54 -10.78
N SER D 687 33.78 26.25 -10.84
CA SER D 687 34.85 25.77 -11.72
C SER D 687 34.33 25.32 -13.08
N LYS D 688 33.01 25.34 -13.29
CA LYS D 688 32.42 25.04 -14.59
C LYS D 688 32.84 23.66 -15.11
N GLY D 689 32.91 22.69 -14.19
CA GLY D 689 33.33 21.35 -14.53
C GLY D 689 34.81 21.09 -14.45
N LYS D 690 35.63 22.12 -14.27
CA LYS D 690 37.05 21.93 -14.00
C LYS D 690 37.33 21.42 -12.59
N TYR D 691 36.30 21.14 -11.80
CA TYR D 691 36.46 20.59 -10.47
C TYR D 691 35.46 19.45 -10.29
N ALA D 692 35.94 18.32 -9.77
CA ALA D 692 35.08 17.26 -9.28
C ALA D 692 34.97 17.37 -7.77
N TYR D 693 33.75 17.49 -7.28
CA TYR D 693 33.52 17.34 -5.84
C TYR D 693 33.36 15.86 -5.50
N LEU D 694 34.03 15.42 -4.44
CA LEU D 694 33.91 14.06 -3.95
C LEU D 694 32.93 14.06 -2.79
N LEU D 695 31.89 13.26 -2.89
CA LEU D 695 30.85 13.25 -1.88
C LEU D 695 30.20 11.87 -1.83
N GLU D 696 29.57 11.59 -0.70
CA GLU D 696 28.88 10.32 -0.51
C GLU D 696 27.74 10.16 -1.52
N SER D 697 27.53 8.92 -1.95
CA SER D 697 26.68 8.63 -3.10
C SER D 697 25.26 9.13 -2.90
N THR D 698 24.70 8.98 -1.70
CA THR D 698 23.32 9.40 -1.49
C THR D 698 23.15 10.91 -1.53
N MET D 699 24.20 11.68 -1.28
CA MET D 699 24.14 13.11 -1.60
C MET D 699 24.11 13.35 -3.10
N ASN D 700 25.00 12.67 -3.83
CA ASN D 700 25.13 12.86 -5.28
C ASN D 700 23.85 12.51 -6.02
N GLU D 701 23.35 11.29 -5.85
CA GLU D 701 22.16 10.85 -6.58
C GLU D 701 20.90 11.59 -6.15
N TYR D 702 20.93 12.33 -5.05
CA TYR D 702 19.89 13.31 -4.78
C TYR D 702 20.13 14.59 -5.57
N ILE D 703 21.29 15.21 -5.38
CA ILE D 703 21.56 16.54 -5.92
C ILE D 703 21.44 16.55 -7.44
N GLU D 704 21.86 15.45 -8.08
CA GLU D 704 21.77 15.33 -9.53
C GLU D 704 20.33 15.48 -10.05
N GLN D 705 19.33 15.23 -9.22
CA GLN D 705 17.94 15.33 -9.64
C GLN D 705 17.31 16.66 -9.27
N ARG D 706 18.10 17.59 -8.73
CA ARG D 706 17.60 18.88 -8.29
C ARG D 706 17.99 19.94 -9.31
N LYS D 707 17.01 20.74 -9.73
CA LYS D 707 17.24 21.79 -10.72
C LYS D 707 18.42 22.67 -10.32
N PRO D 708 19.33 23.01 -11.24
CA PRO D 708 19.26 22.80 -12.70
C PRO D 708 19.86 21.47 -13.18
N CYS D 709 20.34 20.62 -12.26
CA CYS D 709 20.92 19.31 -12.61
C CYS D 709 22.12 19.42 -13.54
N ASP D 710 22.88 20.51 -13.44
CA ASP D 710 24.14 20.58 -14.18
C ASP D 710 25.16 19.56 -13.65
N THR D 711 25.05 19.16 -12.38
CA THR D 711 25.90 18.14 -11.80
C THR D 711 25.48 16.74 -12.26
N MET D 712 26.42 15.81 -12.26
CA MET D 712 26.14 14.45 -12.65
C MET D 712 27.13 13.50 -11.98
N LYS D 713 26.65 12.28 -11.70
CA LYS D 713 27.50 11.20 -11.21
C LYS D 713 28.29 10.57 -12.34
N VAL D 714 29.51 10.12 -12.02
CA VAL D 714 30.24 9.17 -12.87
C VAL D 714 30.71 8.00 -12.03
N GLY D 715 30.97 6.90 -12.72
CA GLY D 715 31.64 5.74 -12.13
C GLY D 715 30.86 5.05 -11.03
N GLY D 716 31.54 4.09 -10.41
CA GLY D 716 31.04 3.42 -9.23
C GLY D 716 31.26 4.22 -7.96
N ASN D 717 31.50 3.49 -6.87
CA ASN D 717 31.80 4.09 -5.58
C ASN D 717 33.14 3.56 -5.08
N LEU D 718 33.90 4.43 -4.40
CA LEU D 718 35.24 4.06 -3.97
C LEU D 718 35.22 3.08 -2.79
N ASP D 719 34.16 3.07 -1.99
CA ASP D 719 33.97 2.08 -0.95
C ASP D 719 32.46 1.97 -0.68
N SER D 720 32.11 1.35 0.45
CA SER D 720 30.73 1.38 0.90
C SER D 720 30.69 1.59 2.41
N LYS D 721 29.80 2.46 2.85
CA LYS D 721 29.64 2.80 4.26
C LYS D 721 28.17 3.08 4.51
N GLY D 722 27.85 3.60 5.69
CA GLY D 722 26.49 4.02 5.95
C GLY D 722 26.41 4.99 7.11
N TYR D 723 25.24 5.60 7.26
CA TYR D 723 24.93 6.43 8.41
C TYR D 723 24.40 5.60 9.57
N GLY D 724 24.85 5.91 10.76
CA GLY D 724 24.33 5.29 11.97
C GLY D 724 23.90 6.32 12.97
N ILE D 725 22.78 6.04 13.64
CA ILE D 725 22.34 6.87 14.76
C ILE D 725 23.35 6.72 15.89
N ALA D 726 23.87 7.85 16.37
CA ALA D 726 24.97 7.85 17.32
C ALA D 726 24.53 8.42 18.66
N THR D 727 25.18 7.93 19.71
CA THR D 727 24.93 8.33 21.08
C THR D 727 26.26 8.53 21.77
N PRO D 728 26.30 9.29 22.86
CA PRO D 728 27.42 9.17 23.80
C PRO D 728 27.59 7.73 24.26
N LYS D 729 28.83 7.31 24.46
CA LYS D 729 29.13 5.92 24.77
C LYS D 729 28.44 5.51 26.07
N GLY D 730 27.71 4.40 26.02
CA GLY D 730 26.97 3.90 27.15
C GLY D 730 25.63 4.57 27.40
N SER D 731 25.19 5.44 26.50
CA SER D 731 23.85 5.99 26.60
C SER D 731 22.81 4.87 26.54
N SER D 732 21.79 4.98 27.39
CA SER D 732 20.78 3.93 27.49
C SER D 732 19.98 3.77 26.21
N LEU D 733 20.03 4.74 25.29
CA LEU D 733 19.26 4.66 24.06
C LEU D 733 19.84 3.67 23.05
N GLY D 734 21.09 3.25 23.22
CA GLY D 734 21.77 2.55 22.14
C GLY D 734 21.05 1.28 21.69
N THR D 735 20.61 0.47 22.64
CA THR D 735 19.95 -0.78 22.28
C THR D 735 18.51 -0.60 21.80
N PRO D 736 17.66 0.22 22.44
CA PRO D 736 16.32 0.40 21.88
C PRO D 736 16.36 1.14 20.55
N VAL D 737 17.37 1.98 20.30
CA VAL D 737 17.54 2.60 18.99
C VAL D 737 17.93 1.57 17.94
N ASN D 738 18.86 0.67 18.26
CA ASN D 738 19.17 -0.41 17.33
C ASN D 738 17.96 -1.28 17.03
N LEU D 739 17.21 -1.67 18.06
CA LEU D 739 16.00 -2.46 17.84
C LEU D 739 14.94 -1.69 17.08
N ALA D 740 14.92 -0.36 17.20
CA ALA D 740 14.03 0.47 16.40
C ALA D 740 14.44 0.45 14.93
N VAL D 741 15.73 0.65 14.65
CA VAL D 741 16.21 0.66 13.28
C VAL D 741 15.93 -0.69 12.60
N LEU D 742 16.08 -1.79 13.32
CA LEU D 742 15.67 -3.08 12.76
C LEU D 742 14.16 -3.18 12.57
N LYS D 743 13.37 -2.84 13.59
CA LYS D 743 11.92 -2.94 13.45
C LYS D 743 11.38 -2.07 12.33
N LEU D 744 12.07 -0.97 12.01
CA LEU D 744 11.74 -0.14 10.87
C LEU D 744 12.15 -0.76 9.54
N SER D 745 13.40 -1.21 9.42
CA SER D 745 13.85 -1.76 8.14
C SER D 745 13.14 -3.07 7.80
N GLU D 746 12.80 -3.87 8.80
CA GLU D 746 12.02 -5.09 8.57
C GLU D 746 10.58 -4.80 8.16
N GLN D 747 10.14 -3.55 8.18
CA GLN D 747 8.84 -3.18 7.61
C GLN D 747 8.97 -2.25 6.41
N GLY D 748 10.17 -2.09 5.86
CA GLY D 748 10.35 -1.23 4.70
C GLY D 748 10.21 0.25 4.97
N VAL D 749 10.20 0.66 6.23
CA VAL D 749 9.96 2.06 6.54
C VAL D 749 11.12 2.92 6.10
N LEU D 750 12.35 2.40 6.21
CA LEU D 750 13.52 3.19 5.83
C LEU D 750 13.56 3.44 4.33
N ASP D 751 13.17 2.46 3.53
CA ASP D 751 13.13 2.66 2.09
C ASP D 751 11.95 3.56 1.70
N LYS D 752 10.77 3.34 2.29
CA LYS D 752 9.64 4.24 2.05
C LYS D 752 10.00 5.70 2.36
N LEU D 753 10.70 5.93 3.47
CA LEU D 753 11.15 7.29 3.76
C LEU D 753 12.22 7.76 2.79
N LYS D 754 13.08 6.85 2.30
CA LYS D 754 14.09 7.30 1.35
C LYS D 754 13.42 7.72 0.05
N ASN D 755 12.44 6.93 -0.40
CA ASN D 755 11.67 7.29 -1.59
C ASN D 755 11.04 8.66 -1.43
N LYS D 756 10.42 8.90 -0.27
CA LYS D 756 9.67 10.14 -0.04
C LYS D 756 10.56 11.39 -0.14
N TRP D 757 11.87 11.25 0.04
CA TRP D 757 12.77 12.40 0.10
C TRP D 757 13.77 12.45 -1.03
N TRP D 758 14.04 11.34 -1.71
CA TRP D 758 14.86 11.34 -2.91
C TRP D 758 14.01 11.28 -4.18
N TYR D 759 13.21 10.23 -4.32
CA TYR D 759 12.64 9.89 -5.62
C TYR D 759 11.28 10.54 -5.87
N ASP D 760 10.46 10.67 -4.83
CA ASP D 760 9.24 11.47 -4.92
C ASP D 760 9.51 12.97 -4.94
N LYS D 761 10.76 13.40 -4.91
CA LYS D 761 11.13 14.79 -5.14
C LYS D 761 12.07 14.94 -6.32
N GLY D 762 11.99 14.03 -7.28
CA GLY D 762 12.61 14.26 -8.57
C GLY D 762 11.78 15.23 -9.39
N GLU D 763 12.42 16.30 -9.87
CA GLU D 763 11.79 17.32 -10.70
C GLU D 763 12.65 17.66 -11.90
N CYS D 764 13.69 16.89 -12.14
CA CYS D 764 14.78 17.18 -13.07
C CYS D 764 15.77 16.03 -13.03
N GLY D 765 16.69 16.02 -14.00
CA GLY D 765 17.67 14.96 -14.05
C GLY D 765 17.10 13.64 -14.52
N ALA D 766 17.71 12.56 -14.03
CA ALA D 766 17.56 11.24 -14.65
C ALA D 766 16.10 10.78 -14.68
N LYS D 767 15.34 11.11 -13.63
CA LYS D 767 13.92 10.78 -13.60
C LYS D 767 13.17 11.38 -14.78
N ASP D 768 13.42 12.64 -15.09
CA ASP D 768 12.61 13.37 -16.06
C ASP D 768 13.17 13.25 -17.47
N SER D 769 14.49 13.13 -17.61
CA SER D 769 15.06 12.68 -18.87
C SER D 769 14.65 11.25 -19.20
N GLY D 770 14.30 10.45 -18.19
CA GLY D 770 13.69 9.15 -18.41
C GLY D 770 12.24 9.18 -18.87
N SER D 771 11.66 10.37 -19.01
CA SER D 771 10.30 10.51 -19.49
C SER D 771 10.12 11.64 -20.51
N LYS D 772 11.18 12.39 -20.81
CA LYS D 772 11.18 13.43 -21.83
C LYS D 772 12.53 13.37 -22.52
N GLU D 773 12.53 13.10 -23.82
CA GLU D 773 13.76 12.67 -24.47
C GLU D 773 13.75 13.23 -25.89
N LYS D 774 14.57 12.67 -26.77
CA LYS D 774 14.93 13.26 -28.07
C LYS D 774 13.73 13.83 -28.82
N THR D 775 14.02 14.85 -29.64
CA THR D 775 13.05 15.56 -30.46
C THR D 775 12.80 14.74 -31.74
N SER D 776 12.19 15.38 -32.74
CA SER D 776 11.88 14.73 -34.01
C SER D 776 12.22 15.69 -35.14
N ALA D 777 11.68 15.41 -36.33
CA ALA D 777 12.11 16.03 -37.59
C ALA D 777 13.58 15.73 -37.86
N LEU D 778 14.24 16.58 -38.64
CA LEU D 778 15.65 16.31 -38.98
C LEU D 778 16.32 17.61 -39.40
N SER D 779 17.21 18.12 -38.56
CA SER D 779 17.87 19.39 -38.78
C SER D 779 19.09 19.23 -39.69
N LEU D 780 19.63 20.36 -40.15
CA LEU D 780 20.68 20.34 -41.16
C LEU D 780 21.96 19.70 -40.61
N SER D 781 22.30 20.01 -39.36
CA SER D 781 23.61 19.61 -38.82
C SER D 781 23.78 18.11 -38.86
N ASN D 782 22.67 17.35 -38.76
CA ASN D 782 22.75 15.91 -38.87
C ASN D 782 23.19 15.45 -40.25
N VAL D 783 22.95 16.25 -41.28
CA VAL D 783 23.21 15.86 -42.66
C VAL D 783 24.37 16.64 -43.29
N ALA D 784 24.92 17.64 -42.60
CA ALA D 784 25.87 18.56 -43.22
C ALA D 784 27.11 17.86 -43.78
N GLY D 785 27.50 16.72 -43.22
CA GLY D 785 28.64 16.00 -43.77
C GLY D 785 28.44 15.55 -45.21
N VAL D 786 27.19 15.26 -45.60
CA VAL D 786 26.91 14.88 -46.97
C VAL D 786 27.14 16.06 -47.91
N PHE D 787 26.65 17.24 -47.53
CA PHE D 787 26.86 18.40 -48.38
C PHE D 787 28.34 18.82 -48.41
N TYR D 788 29.05 18.61 -47.30
CA TYR D 788 30.48 18.91 -47.30
C TYR D 788 31.22 18.03 -48.29
N ILE D 789 31.02 16.71 -48.21
CA ILE D 789 31.74 15.84 -49.14
C ILE D 789 31.23 16.00 -50.55
N LEU D 790 30.00 16.45 -50.75
CA LEU D 790 29.51 16.80 -52.08
C LEU D 790 30.29 17.98 -52.68
N VAL D 791 30.37 19.09 -51.95
CA VAL D 791 31.12 20.24 -52.44
C VAL D 791 32.59 19.85 -52.69
N GLY D 792 33.15 19.06 -51.78
CA GLY D 792 34.48 18.52 -52.01
C GLY D 792 34.60 17.74 -53.30
N GLY D 793 33.68 16.81 -53.51
CA GLY D 793 33.66 16.03 -54.74
C GLY D 793 33.56 16.87 -56.00
N LEU D 794 32.81 17.97 -55.94
CA LEU D 794 32.72 18.82 -57.14
C LEU D 794 33.97 19.66 -57.35
N GLY D 795 34.59 20.14 -56.27
CA GLY D 795 35.91 20.76 -56.43
C GLY D 795 36.94 19.80 -56.99
N LEU D 796 36.92 18.56 -56.52
CA LEU D 796 37.82 17.53 -57.01
C LEU D 796 37.58 17.24 -58.48
N ALA D 797 36.31 17.02 -58.85
CA ALA D 797 35.98 16.76 -60.25
C ALA D 797 36.42 17.90 -61.15
N MET D 798 36.19 19.15 -60.75
CA MET D 798 36.61 20.27 -61.58
C MET D 798 38.13 20.31 -61.72
N LEU D 799 38.85 20.14 -60.62
CA LEU D 799 40.31 20.18 -60.68
C LEU D 799 40.90 19.04 -61.52
N VAL D 800 40.40 17.82 -61.31
CA VAL D 800 40.86 16.66 -62.09
C VAL D 800 40.41 16.69 -63.54
N ALA D 801 39.39 17.49 -63.88
CA ALA D 801 39.14 17.76 -65.30
C ALA D 801 40.07 18.83 -65.86
N LEU D 802 40.26 19.92 -65.13
CA LEU D 802 41.07 21.03 -65.65
C LEU D 802 42.54 20.66 -65.82
N ILE D 803 43.12 19.94 -64.85
CA ILE D 803 44.51 19.52 -65.00
C ILE D 803 44.68 18.61 -66.21
N GLU D 804 43.72 17.71 -66.45
CA GLU D 804 43.87 16.76 -67.53
C GLU D 804 43.60 17.40 -68.89
N PHE D 805 42.68 18.36 -68.93
CA PHE D 805 42.53 19.24 -70.08
C PHE D 805 43.83 19.95 -70.42
N CYS D 806 44.43 20.62 -69.43
CA CYS D 806 45.62 21.40 -69.75
C CYS D 806 46.81 20.50 -70.05
N TYR D 807 46.83 19.30 -69.48
CA TYR D 807 47.76 18.27 -69.95
C TYR D 807 47.61 18.03 -71.45
N LYS D 808 46.37 17.77 -71.91
CA LYS D 808 46.21 17.65 -73.37
C LYS D 808 46.29 18.99 -74.09
N SER D 809 46.18 20.11 -73.38
CA SER D 809 46.43 21.40 -74.01
C SER D 809 47.91 21.62 -74.30
N ARG D 810 48.80 20.89 -73.65
CA ARG D 810 50.23 21.01 -73.89
C ARG D 810 50.59 20.55 -75.30
N LEU E 1 18.64 -25.18 -79.21
CA LEU E 1 19.37 -26.43 -79.03
C LEU E 1 19.68 -27.08 -80.38
N PHE E 2 20.70 -27.93 -80.39
CA PHE E 2 21.01 -28.73 -81.56
C PHE E 2 20.20 -30.03 -81.48
N ASP E 3 20.54 -31.02 -82.32
CA ASP E 3 19.89 -32.32 -82.33
C ASP E 3 18.40 -32.19 -82.67
N ARG E 4 18.14 -31.66 -83.87
CA ARG E 4 16.80 -31.24 -84.25
C ARG E 4 15.77 -32.36 -84.11
N GLY E 5 16.14 -33.59 -84.44
CA GLY E 5 15.19 -34.67 -84.44
C GLY E 5 14.86 -35.27 -83.09
N VAL E 6 15.89 -35.58 -82.30
CA VAL E 6 15.69 -36.22 -81.01
C VAL E 6 15.13 -35.27 -79.95
N GLN E 7 15.12 -33.96 -80.22
CA GLN E 7 14.33 -33.04 -79.42
C GLN E 7 12.89 -33.48 -79.28
N MET E 8 12.33 -34.12 -80.31
CA MET E 8 10.99 -34.69 -80.20
C MET E 8 10.94 -35.80 -79.15
N LEU E 9 11.92 -36.71 -79.18
CA LEU E 9 12.00 -37.75 -78.17
C LEU E 9 12.26 -37.16 -76.79
N LEU E 10 13.18 -36.19 -76.70
CA LEU E 10 13.53 -35.57 -75.44
C LEU E 10 12.32 -34.89 -74.79
N THR E 11 11.55 -34.14 -75.58
CA THR E 11 10.38 -33.45 -75.01
C THR E 11 9.27 -34.43 -74.66
N THR E 12 9.09 -35.49 -75.45
CA THR E 12 8.03 -36.45 -75.15
C THR E 12 8.39 -37.34 -73.97
N VAL E 13 9.66 -37.75 -73.86
CA VAL E 13 10.08 -38.45 -72.65
C VAL E 13 10.05 -37.53 -71.44
N GLY E 14 10.40 -36.25 -71.63
CA GLY E 14 10.19 -35.28 -70.58
C GLY E 14 8.74 -35.16 -70.15
N ALA E 15 7.82 -35.11 -71.12
CA ALA E 15 6.40 -35.03 -70.81
C ALA E 15 5.95 -36.25 -70.01
N PHE E 16 6.36 -37.45 -70.43
CA PHE E 16 5.98 -38.66 -69.71
C PHE E 16 6.63 -38.72 -68.34
N ALA E 17 7.88 -38.26 -68.23
CA ALA E 17 8.54 -38.22 -66.92
C ALA E 17 7.82 -37.25 -65.99
N ALA E 18 7.49 -36.06 -66.48
CA ALA E 18 6.69 -35.12 -65.70
C ALA E 18 5.34 -35.73 -65.34
N PHE E 19 4.66 -36.31 -66.33
CA PHE E 19 3.38 -36.95 -66.08
C PHE E 19 3.49 -38.08 -65.06
N SER E 20 4.59 -38.83 -65.10
CA SER E 20 4.80 -39.88 -64.10
C SER E 20 4.98 -39.29 -62.71
N LEU E 21 5.89 -38.32 -62.56
CA LEU E 21 6.07 -37.65 -61.28
C LEU E 21 4.79 -36.98 -60.81
N MET E 22 4.06 -36.34 -61.73
CA MET E 22 2.81 -35.68 -61.36
C MET E 22 1.78 -36.67 -60.86
N THR E 23 1.56 -37.77 -61.59
CA THR E 23 0.57 -38.75 -61.18
C THR E 23 0.98 -39.49 -59.90
N ILE E 24 2.28 -39.73 -59.73
CA ILE E 24 2.77 -40.25 -58.45
C ILE E 24 2.53 -39.25 -57.32
N ALA E 25 2.85 -37.97 -57.57
CA ALA E 25 2.58 -36.94 -56.59
C ALA E 25 1.11 -36.87 -56.22
N VAL E 26 0.23 -36.93 -57.22
CA VAL E 26 -1.21 -36.89 -56.95
C VAL E 26 -1.68 -38.21 -56.36
N GLY E 27 -0.99 -39.30 -56.66
CA GLY E 27 -1.39 -40.61 -56.19
C GLY E 27 -0.79 -40.99 -54.85
N THR E 28 0.31 -40.33 -54.47
CA THR E 28 1.01 -40.70 -53.25
C THR E 28 0.14 -40.48 -52.03
N ASP E 29 0.24 -41.41 -51.07
CA ASP E 29 -0.55 -41.32 -49.85
C ASP E 29 -0.08 -40.17 -48.95
N TYR E 30 1.20 -39.86 -48.95
CA TYR E 30 1.77 -38.82 -48.12
C TYR E 30 2.18 -37.59 -48.94
N TRP E 31 2.16 -36.43 -48.29
CA TRP E 31 2.67 -35.20 -48.88
C TRP E 31 3.52 -34.36 -47.95
N LEU E 32 3.30 -34.40 -46.63
CA LEU E 32 4.09 -33.64 -45.68
C LEU E 32 4.02 -34.31 -44.31
N TYR E 33 5.08 -34.15 -43.53
CA TYR E 33 5.07 -34.57 -42.13
C TYR E 33 4.29 -33.57 -41.27
N SER E 34 3.48 -34.08 -40.36
CA SER E 34 2.62 -33.22 -39.55
C SER E 34 2.16 -33.95 -38.31
N ARG E 35 1.64 -33.19 -37.36
CA ARG E 35 0.86 -33.75 -36.25
C ARG E 35 -0.58 -33.98 -36.69
N GLY E 36 -1.13 -35.13 -36.30
CA GLY E 36 -2.49 -35.46 -36.69
C GLY E 36 -2.98 -36.81 -36.23
N VAL E 37 -3.77 -37.47 -37.08
CA VAL E 37 -4.36 -38.77 -36.78
C VAL E 37 -4.46 -39.56 -38.08
N CYS E 38 -4.39 -40.90 -37.95
CA CYS E 38 -4.51 -41.75 -39.13
C CYS E 38 -5.92 -41.69 -39.71
N LYS E 39 -6.92 -41.71 -38.85
CA LYS E 39 -8.31 -41.54 -39.23
C LYS E 39 -8.89 -40.36 -38.47
N THR E 40 -9.83 -39.66 -39.11
CA THR E 40 -10.32 -38.41 -38.55
C THR E 40 -11.15 -38.65 -37.30
N LYS E 41 -10.51 -39.14 -36.24
CA LYS E 41 -11.11 -39.34 -34.92
C LYS E 41 -12.50 -39.95 -34.97
N LYS E 50 -5.00 -43.54 -31.43
CA LYS E 50 -4.46 -42.28 -31.93
C LYS E 50 -5.48 -41.16 -31.78
N LYS E 51 -6.76 -41.54 -31.69
CA LYS E 51 -7.85 -40.58 -31.67
C LYS E 51 -7.91 -39.78 -30.38
N ASN E 52 -7.17 -40.17 -29.35
CA ASN E 52 -7.21 -39.42 -28.09
C ASN E 52 -6.52 -38.07 -28.21
N GLU E 53 -5.22 -38.06 -28.46
CA GLU E 53 -4.51 -36.79 -28.64
C GLU E 53 -3.90 -36.66 -30.03
N GLU E 54 -2.98 -37.52 -30.42
CA GLU E 54 -2.36 -37.43 -31.74
C GLU E 54 -1.69 -38.75 -32.08
N VAL E 55 -1.32 -38.87 -33.35
CA VAL E 55 -0.28 -39.79 -33.81
C VAL E 55 0.57 -39.05 -34.83
N MET E 56 1.88 -39.31 -34.82
CA MET E 56 2.75 -38.70 -35.82
C MET E 56 2.25 -39.00 -37.22
N THR E 57 2.03 -37.96 -38.01
CA THR E 57 1.18 -38.04 -39.19
C THR E 57 1.94 -37.59 -40.43
N HIS E 58 1.66 -38.25 -41.55
CA HIS E 58 2.26 -37.92 -42.84
C HIS E 58 1.09 -37.60 -43.79
N SER E 59 0.52 -36.42 -43.62
CA SER E 59 -0.69 -36.03 -44.35
C SER E 59 -0.45 -35.80 -45.84
N GLY E 60 -1.36 -36.32 -46.66
CA GLY E 60 -1.26 -36.23 -48.10
C GLY E 60 -2.17 -35.15 -48.69
N LEU E 61 -2.25 -35.15 -50.03
CA LEU E 61 -3.13 -34.28 -50.79
C LEU E 61 -4.60 -34.56 -50.49
N TRP E 62 -5.08 -35.74 -50.88
CA TRP E 62 -6.44 -36.18 -50.64
C TRP E 62 -6.51 -37.15 -49.49
N ARG E 63 -5.45 -37.25 -48.71
CA ARG E 63 -5.39 -38.25 -47.65
C ARG E 63 -4.61 -37.69 -46.48
N THR E 64 -4.61 -38.45 -45.40
CA THR E 64 -3.66 -38.27 -44.32
C THR E 64 -3.24 -39.67 -43.93
N CYS E 65 -1.98 -39.83 -43.55
CA CYS E 65 -1.54 -41.12 -43.08
C CYS E 65 -0.59 -40.90 -41.90
N CYS E 66 0.00 -41.97 -41.39
CA CYS E 66 0.65 -41.90 -40.08
C CYS E 66 1.73 -42.95 -39.98
N LEU E 67 2.62 -42.74 -39.01
CA LEU E 67 3.79 -43.59 -38.81
C LEU E 67 4.09 -43.72 -37.32
N GLU E 68 4.74 -44.83 -36.95
CA GLU E 68 5.30 -45.05 -35.62
C GLU E 68 4.26 -44.92 -34.50
N GLY E 69 2.99 -45.11 -34.81
CA GLY E 69 1.94 -45.08 -33.82
C GLY E 69 1.54 -46.48 -33.38
N ASN E 70 0.39 -46.57 -32.72
CA ASN E 70 -0.15 -47.86 -32.33
C ASN E 70 -0.68 -48.66 -33.53
N PHE E 71 -0.76 -48.06 -34.71
CA PHE E 71 -0.86 -48.79 -35.96
C PHE E 71 -0.29 -47.91 -37.07
N LYS E 72 0.14 -48.58 -38.15
CA LYS E 72 0.91 -47.93 -39.20
C LYS E 72 0.34 -48.33 -40.56
N GLY E 73 0.47 -47.41 -41.51
CA GLY E 73 -0.06 -47.61 -42.84
C GLY E 73 -1.55 -47.55 -42.92
N LEU E 74 -2.22 -47.08 -41.86
CA LEU E 74 -3.67 -47.00 -41.79
C LEU E 74 -4.16 -45.68 -42.40
N CYS E 75 -3.70 -45.42 -43.62
CA CYS E 75 -3.91 -44.11 -44.22
C CYS E 75 -5.41 -43.89 -44.43
N LYS E 76 -5.82 -42.63 -44.53
CA LYS E 76 -7.23 -42.32 -44.77
C LYS E 76 -7.38 -41.18 -45.76
N GLN E 77 -8.41 -41.25 -46.60
CA GLN E 77 -8.78 -40.12 -47.44
C GLN E 77 -9.26 -38.95 -46.60
N ILE E 78 -8.81 -37.74 -46.96
CA ILE E 78 -9.03 -36.54 -46.14
C ILE E 78 -10.30 -35.85 -46.60
N ASP E 79 -10.96 -35.17 -45.67
CA ASP E 79 -12.24 -34.51 -45.92
C ASP E 79 -12.23 -33.17 -45.21
N HIS E 80 -13.42 -32.59 -45.04
CA HIS E 80 -13.59 -31.27 -44.44
C HIS E 80 -14.39 -31.41 -43.16
N PHE E 81 -14.33 -30.39 -42.32
CA PHE E 81 -14.86 -30.45 -40.96
C PHE E 81 -15.71 -29.22 -40.69
N PRO E 82 -16.63 -29.31 -39.72
CA PRO E 82 -17.49 -28.15 -39.41
C PRO E 82 -16.70 -27.08 -38.65
N GLU E 83 -16.46 -25.95 -39.30
CA GLU E 83 -15.83 -24.81 -38.65
C GLU E 83 -16.67 -24.33 -37.47
N ASP E 84 -16.08 -23.43 -36.69
CA ASP E 84 -16.69 -23.01 -35.42
C ASP E 84 -16.53 -21.50 -35.28
N ALA E 85 -17.45 -20.89 -34.54
CA ALA E 85 -17.61 -19.44 -34.50
C ALA E 85 -17.70 -18.84 -35.89
N ASP E 86 -18.39 -19.55 -36.79
CA ASP E 86 -18.50 -19.21 -38.20
C ASP E 86 -17.16 -18.95 -38.90
N TYR E 87 -16.84 -17.67 -39.07
CA TYR E 87 -15.66 -17.13 -39.76
C TYR E 87 -15.54 -17.69 -41.17
N GLU E 88 -16.56 -18.42 -41.62
CA GLU E 88 -16.69 -18.82 -43.01
C GLU E 88 -17.45 -17.80 -43.86
N ALA E 89 -18.12 -16.84 -43.22
CA ALA E 89 -18.76 -15.76 -43.95
C ALA E 89 -17.75 -14.95 -44.77
N ASP E 90 -16.48 -15.00 -44.39
CA ASP E 90 -15.39 -14.50 -45.23
C ASP E 90 -15.19 -15.45 -46.39
N THR E 91 -16.17 -15.51 -47.30
CA THR E 91 -16.37 -16.64 -48.20
C THR E 91 -15.16 -16.92 -49.10
N ALA E 92 -14.13 -16.07 -49.10
CA ALA E 92 -12.88 -16.46 -49.69
C ALA E 92 -12.27 -17.67 -48.99
N GLU E 93 -12.51 -17.80 -47.68
CA GLU E 93 -12.16 -19.03 -46.98
C GLU E 93 -12.96 -20.21 -47.51
N TYR E 94 -14.26 -20.01 -47.74
CA TYR E 94 -15.07 -21.07 -48.35
C TYR E 94 -14.61 -21.36 -49.77
N PHE E 95 -14.27 -20.30 -50.53
CA PHE E 95 -13.60 -20.48 -51.80
C PHE E 95 -12.34 -21.32 -51.64
N LEU E 96 -11.54 -21.03 -50.62
CA LEU E 96 -10.37 -21.86 -50.32
C LEU E 96 -10.79 -23.27 -49.92
N ARG E 97 -11.86 -23.40 -49.13
CA ARG E 97 -12.37 -24.73 -48.78
C ARG E 97 -12.70 -25.54 -50.03
N ALA E 98 -13.45 -24.95 -50.95
CA ALA E 98 -13.79 -25.66 -52.18
C ALA E 98 -12.54 -26.01 -52.98
N VAL E 99 -11.62 -25.04 -53.11
CA VAL E 99 -10.39 -25.25 -53.86
C VAL E 99 -9.42 -26.18 -53.13
N ARG E 100 -9.68 -26.45 -51.85
CA ARG E 100 -8.90 -27.42 -51.08
C ARG E 100 -9.57 -28.77 -50.94
N ALA E 101 -10.88 -28.83 -50.70
CA ALA E 101 -11.50 -30.13 -50.55
C ALA E 101 -11.48 -30.90 -51.88
N SER E 102 -11.58 -30.19 -53.00
CA SER E 102 -11.26 -30.75 -54.31
C SER E 102 -9.91 -30.22 -54.80
N SER E 103 -9.00 -31.13 -55.15
CA SER E 103 -7.66 -30.77 -55.61
C SER E 103 -7.70 -30.34 -57.07
N ILE E 104 -8.53 -29.34 -57.35
CA ILE E 104 -8.94 -29.03 -58.72
C ILE E 104 -7.73 -28.67 -59.59
N PHE E 105 -6.95 -27.69 -59.17
CA PHE E 105 -5.83 -27.25 -60.00
C PHE E 105 -4.75 -28.34 -60.16
N PRO E 106 -4.38 -29.07 -59.11
CA PRO E 106 -3.44 -30.19 -59.31
C PRO E 106 -3.96 -31.29 -60.24
N ILE E 107 -5.23 -31.69 -60.09
CA ILE E 107 -5.76 -32.72 -60.98
C ILE E 107 -5.97 -32.18 -62.39
N LEU E 108 -6.36 -30.90 -62.52
CA LEU E 108 -6.41 -30.28 -63.84
C LEU E 108 -5.04 -30.25 -64.49
N SER E 109 -4.01 -30.01 -63.70
CA SER E 109 -2.63 -30.06 -64.21
C SER E 109 -2.31 -31.45 -64.76
N VAL E 110 -2.69 -32.50 -64.03
CA VAL E 110 -2.54 -33.86 -64.54
C VAL E 110 -3.22 -34.00 -65.90
N ILE E 111 -4.46 -33.54 -66.00
CA ILE E 111 -5.21 -33.69 -67.25
C ILE E 111 -4.63 -32.82 -68.34
N LEU E 112 -4.18 -31.61 -67.99
CA LEU E 112 -3.52 -30.75 -68.97
C LEU E 112 -2.18 -31.33 -69.43
N LEU E 113 -1.38 -31.84 -68.49
CA LEU E 113 -0.12 -32.47 -68.86
C LEU E 113 -0.34 -33.73 -69.69
N PHE E 114 -1.35 -34.52 -69.34
CA PHE E 114 -1.77 -35.63 -70.19
C PHE E 114 -2.27 -35.15 -71.55
N MET E 115 -3.07 -34.08 -71.55
CA MET E 115 -3.56 -33.54 -72.82
C MET E 115 -2.42 -33.05 -73.70
N GLY E 116 -1.42 -32.42 -73.10
CA GLY E 116 -0.19 -32.13 -73.83
C GLY E 116 0.49 -33.39 -74.35
N GLY E 117 0.58 -34.43 -73.53
CA GLY E 117 1.18 -35.67 -73.96
C GLY E 117 0.45 -36.35 -75.10
N LEU E 118 -0.85 -36.09 -75.24
CA LEU E 118 -1.56 -36.50 -76.45
C LEU E 118 -1.27 -35.56 -77.61
N CYS E 119 -1.43 -34.26 -77.40
CA CYS E 119 -1.32 -33.31 -78.50
C CYS E 119 0.07 -33.27 -79.11
N ILE E 120 1.11 -33.57 -78.31
CA ILE E 120 2.47 -33.58 -78.84
C ILE E 120 2.67 -34.64 -79.92
N ALA E 121 1.86 -35.71 -79.91
CA ALA E 121 1.94 -36.69 -81.00
C ALA E 121 1.64 -36.07 -82.36
N ALA E 122 0.83 -35.02 -82.40
CA ALA E 122 0.57 -34.27 -83.62
C ALA E 122 1.77 -33.51 -84.15
N SER E 123 2.92 -33.56 -83.47
CA SER E 123 4.17 -33.15 -84.11
C SER E 123 4.49 -34.02 -85.34
N GLU E 124 4.27 -35.32 -85.25
CA GLU E 124 4.69 -36.22 -86.30
C GLU E 124 3.54 -36.96 -86.97
N PHE E 125 2.64 -37.54 -86.18
CA PHE E 125 1.44 -38.13 -86.77
C PHE E 125 0.48 -37.05 -87.24
N TYR E 126 0.08 -37.13 -88.51
CA TYR E 126 -0.78 -36.13 -89.14
C TYR E 126 -0.16 -34.74 -88.97
N LYS E 127 1.15 -34.68 -89.21
CA LYS E 127 2.04 -33.61 -88.78
C LYS E 127 1.64 -32.21 -89.24
N THR E 128 1.57 -31.28 -88.28
CA THR E 128 1.36 -29.85 -88.54
C THR E 128 0.18 -29.57 -89.47
N ARG E 129 -0.93 -30.25 -89.22
CA ARG E 129 -2.22 -29.85 -89.80
C ARG E 129 -2.69 -28.59 -89.08
N HIS E 130 -2.15 -27.44 -89.51
CA HIS E 130 -2.16 -26.15 -88.83
C HIS E 130 -1.28 -26.22 -87.58
N ASN E 131 -1.22 -25.13 -86.82
CA ASN E 131 -0.23 -24.95 -85.76
C ASN E 131 -0.49 -25.80 -84.54
N ILE E 132 -1.31 -26.86 -84.69
CA ILE E 132 -1.77 -27.68 -83.56
C ILE E 132 -0.65 -28.06 -82.61
N ILE E 133 0.58 -28.17 -83.11
CA ILE E 133 1.73 -28.48 -82.25
C ILE E 133 1.93 -27.40 -81.19
N LEU E 134 1.59 -26.15 -81.51
CA LEU E 134 1.70 -25.07 -80.52
C LEU E 134 0.80 -25.34 -79.32
N SER E 135 -0.42 -25.84 -79.57
CA SER E 135 -1.38 -26.08 -78.49
C SER E 135 -0.81 -27.00 -77.42
N ALA E 136 -0.07 -28.04 -77.82
CA ALA E 136 0.57 -28.92 -76.86
C ALA E 136 1.51 -28.14 -75.93
N GLY E 137 2.29 -27.21 -76.49
CA GLY E 137 3.11 -26.35 -75.67
C GLY E 137 2.32 -25.55 -74.66
N ILE E 138 1.17 -25.02 -75.08
CA ILE E 138 0.29 -24.31 -74.15
C ILE E 138 -0.24 -25.24 -73.08
N PHE E 139 -0.56 -26.49 -73.43
CA PHE E 139 -1.03 -27.45 -72.44
C PHE E 139 0.06 -27.79 -71.42
N PHE E 140 1.30 -27.99 -71.88
CA PHE E 140 2.40 -28.20 -70.95
C PHE E 140 2.58 -27.02 -70.00
N VAL E 141 2.60 -25.81 -70.54
CA VAL E 141 2.74 -24.61 -69.71
C VAL E 141 1.51 -24.40 -68.83
N SER E 142 0.32 -24.69 -69.34
CA SER E 142 -0.89 -24.57 -68.53
C SER E 142 -0.89 -25.52 -67.35
N ALA E 143 -0.37 -26.74 -67.54
CA ALA E 143 -0.15 -27.62 -66.40
C ALA E 143 0.81 -27.00 -65.39
N GLY E 144 1.85 -26.33 -65.86
CA GLY E 144 2.74 -25.58 -65.00
C GLY E 144 2.08 -24.57 -64.08
N LEU E 145 1.34 -23.63 -64.65
CA LEU E 145 0.59 -22.66 -63.85
C LEU E 145 -0.37 -23.34 -62.89
N SER E 146 -0.98 -24.45 -63.31
CA SER E 146 -1.89 -25.16 -62.42
C SER E 146 -1.17 -25.70 -61.18
N ASN E 147 0.08 -26.13 -61.32
CA ASN E 147 0.83 -26.60 -60.15
C ASN E 147 1.14 -25.47 -59.17
N ILE E 148 1.63 -24.34 -59.65
CA ILE E 148 2.00 -23.25 -58.72
C ILE E 148 0.79 -22.80 -57.92
N ILE E 149 -0.35 -22.58 -58.58
CA ILE E 149 -1.54 -22.19 -57.85
C ILE E 149 -2.06 -23.35 -57.01
N GLY E 150 -2.01 -24.57 -57.54
CA GLY E 150 -2.41 -25.72 -56.75
C GLY E 150 -1.57 -25.92 -55.49
N ILE E 151 -0.27 -25.65 -55.59
CA ILE E 151 0.60 -25.63 -54.42
C ILE E 151 0.16 -24.55 -53.43
N ILE E 152 -0.05 -23.34 -53.93
CA ILE E 152 -0.23 -22.18 -53.07
C ILE E 152 -1.61 -22.19 -52.39
N VAL E 153 -2.63 -22.67 -53.08
CA VAL E 153 -3.91 -22.89 -52.41
C VAL E 153 -3.77 -23.96 -51.33
N TYR E 154 -3.02 -25.03 -51.62
CA TYR E 154 -2.81 -26.08 -50.64
C TYR E 154 -2.09 -25.55 -49.40
N ILE E 155 -0.99 -24.83 -49.58
CA ILE E 155 -0.25 -24.31 -48.44
C ILE E 155 -1.06 -23.25 -47.70
N SER E 156 -1.77 -22.40 -48.43
CA SER E 156 -2.57 -21.35 -47.79
C SER E 156 -3.77 -21.90 -47.03
N ALA E 157 -4.10 -23.19 -47.22
CA ALA E 157 -4.97 -23.90 -46.27
C ALA E 157 -4.16 -24.55 -45.16
N ASN E 158 -3.29 -25.49 -45.50
CA ASN E 158 -2.67 -26.36 -44.50
C ASN E 158 -1.67 -25.64 -43.61
N ALA E 159 -1.24 -24.42 -43.95
CA ALA E 159 -0.39 -23.66 -43.05
C ALA E 159 -1.16 -23.10 -41.84
N GLY E 160 -2.48 -23.08 -41.90
CA GLY E 160 -3.27 -22.57 -40.79
C GLY E 160 -3.18 -23.43 -39.54
N LYS E 169 1.67 -21.96 -35.27
CA LYS E 169 2.20 -21.85 -36.62
C LYS E 169 2.40 -23.24 -37.24
N ASN E 170 2.72 -23.26 -38.53
CA ASN E 170 2.64 -24.49 -39.31
C ASN E 170 3.50 -25.59 -38.69
N SER E 171 4.78 -25.30 -38.46
CA SER E 171 5.70 -26.21 -37.76
C SER E 171 5.90 -27.55 -38.48
N TYR E 172 5.29 -27.73 -39.65
CA TYR E 172 5.36 -29.00 -40.35
C TYR E 172 6.70 -29.13 -41.10
N SER E 173 6.83 -30.22 -41.83
CA SER E 173 7.94 -30.42 -42.76
C SER E 173 7.43 -31.14 -44.00
N TYR E 174 7.85 -30.66 -45.16
CA TYR E 174 7.33 -31.13 -46.43
C TYR E 174 8.02 -32.43 -46.86
N GLY E 175 7.28 -33.26 -47.60
CA GLY E 175 7.77 -34.54 -48.04
C GLY E 175 8.17 -34.57 -49.51
N TRP E 176 8.85 -35.66 -49.88
CA TRP E 176 9.39 -35.80 -51.23
C TRP E 176 8.31 -35.77 -52.29
N SER E 177 7.14 -36.35 -51.99
CA SER E 177 6.03 -36.32 -52.94
C SER E 177 5.56 -34.90 -53.23
N PHE E 178 5.71 -33.98 -52.29
CA PHE E 178 5.51 -32.57 -52.59
C PHE E 178 6.56 -32.05 -53.56
N TYR E 179 7.83 -32.41 -53.35
CA TYR E 179 8.87 -32.03 -54.29
C TYR E 179 8.70 -32.67 -55.67
N PHE E 180 8.03 -33.81 -55.76
CA PHE E 180 7.64 -34.33 -57.08
C PHE E 180 6.63 -33.42 -57.78
N GLY E 181 5.77 -32.74 -57.03
CA GLY E 181 4.94 -31.70 -57.62
C GLY E 181 5.75 -30.51 -58.13
N ALA E 182 6.69 -30.03 -57.31
CA ALA E 182 7.55 -28.94 -57.74
C ALA E 182 8.43 -29.31 -58.93
N LEU E 183 8.97 -30.54 -58.92
CA LEU E 183 9.84 -30.96 -60.02
C LEU E 183 9.05 -31.21 -61.31
N SER E 184 7.88 -31.85 -61.21
CA SER E 184 7.04 -32.01 -62.39
C SER E 184 6.52 -30.68 -62.91
N PHE E 185 6.33 -29.69 -62.03
CA PHE E 185 6.09 -28.33 -62.49
C PHE E 185 7.24 -27.81 -63.34
N ILE E 186 8.47 -27.91 -62.83
CA ILE E 186 9.65 -27.45 -63.56
C ILE E 186 9.78 -28.17 -64.91
N ILE E 187 9.68 -29.50 -64.88
CA ILE E 187 9.83 -30.27 -66.12
C ILE E 187 8.75 -29.94 -67.13
N ALA E 188 7.50 -29.78 -66.68
CA ALA E 188 6.42 -29.45 -67.60
C ALA E 188 6.67 -28.14 -68.33
N GLU E 189 7.17 -27.12 -67.63
CA GLU E 189 7.47 -25.86 -68.29
C GLU E 189 8.72 -25.93 -69.16
N MET E 190 9.73 -26.70 -68.76
CA MET E 190 10.89 -26.90 -69.62
C MET E 190 10.53 -27.73 -70.86
N VAL E 191 9.64 -28.71 -70.70
CA VAL E 191 9.03 -29.35 -71.88
C VAL E 191 8.27 -28.34 -72.71
N GLY E 192 7.61 -27.38 -72.07
CA GLY E 192 7.04 -26.26 -72.79
C GLY E 192 8.04 -25.49 -73.63
N VAL E 193 9.18 -25.13 -73.04
CA VAL E 193 10.21 -24.44 -73.80
C VAL E 193 10.70 -25.28 -74.97
N LEU E 194 10.99 -26.55 -74.72
CA LEU E 194 11.46 -27.43 -75.79
C LEU E 194 10.38 -27.71 -76.84
N ALA E 195 9.11 -27.71 -76.44
CA ALA E 195 8.03 -27.79 -77.42
C ALA E 195 7.92 -26.53 -78.27
N VAL E 196 8.30 -25.37 -77.74
CA VAL E 196 8.41 -24.17 -78.58
C VAL E 196 9.62 -24.28 -79.51
N HIS E 197 10.73 -24.83 -79.01
CA HIS E 197 11.85 -25.11 -79.89
C HIS E 197 11.48 -26.04 -81.03
N MET E 198 10.59 -27.00 -80.77
CA MET E 198 10.00 -27.77 -81.86
C MET E 198 9.11 -26.90 -82.73
N PHE E 199 8.20 -26.15 -82.12
CA PHE E 199 7.23 -25.36 -82.88
C PHE E 199 7.92 -24.37 -83.82
N ILE E 200 8.92 -23.65 -83.33
CA ILE E 200 9.53 -22.59 -84.11
C ILE E 200 10.16 -23.11 -85.40
N ASP E 201 10.59 -24.37 -85.42
CA ASP E 201 11.09 -24.97 -86.65
C ASP E 201 10.05 -25.77 -87.41
N ARG E 202 9.13 -26.45 -86.72
CA ARG E 202 8.01 -27.10 -87.40
C ARG E 202 7.12 -26.09 -88.11
N HIS E 203 7.07 -24.86 -87.59
CA HIS E 203 6.43 -23.77 -88.33
C HIS E 203 7.16 -23.45 -89.63
N LYS E 204 8.49 -23.34 -89.57
CA LYS E 204 9.24 -23.09 -90.80
C LYS E 204 9.21 -24.29 -91.75
N GLN E 205 8.99 -25.50 -91.24
CA GLN E 205 8.67 -26.61 -92.13
C GLN E 205 7.24 -26.53 -92.65
N LEU E 206 6.32 -25.97 -91.85
CA LEU E 206 4.94 -25.78 -92.32
C LEU E 206 4.79 -24.59 -93.26
N THR E 207 5.67 -23.60 -93.18
CA THR E 207 5.42 -22.31 -93.82
C THR E 207 6.64 -21.71 -94.51
N GLY E 208 7.81 -22.36 -94.43
CA GLY E 208 9.02 -21.78 -94.99
C GLY E 208 9.53 -20.57 -94.21
N LEU F 1 -6.26 1.92 -85.44
CA LEU F 1 -7.58 2.55 -85.29
C LEU F 1 -8.42 2.29 -86.53
N PHE F 2 -9.74 2.27 -86.36
CA PHE F 2 -10.66 2.04 -87.47
C PHE F 2 -10.82 3.34 -88.27
N ASP F 3 -11.67 3.30 -89.29
CA ASP F 3 -11.80 4.38 -90.27
C ASP F 3 -11.86 5.77 -89.65
N ARG F 4 -11.27 6.74 -90.35
CA ARG F 4 -11.24 8.14 -89.96
C ARG F 4 -12.63 8.75 -89.82
N GLY F 5 -13.64 8.19 -90.47
CA GLY F 5 -14.98 8.74 -90.31
C GLY F 5 -15.63 8.44 -88.98
N VAL F 6 -15.74 7.17 -88.60
CA VAL F 6 -16.39 6.80 -87.35
C VAL F 6 -15.65 7.35 -86.15
N GLN F 7 -14.36 7.64 -86.30
CA GLN F 7 -13.62 8.36 -85.27
C GLN F 7 -14.30 9.67 -84.89
N MET F 8 -14.87 10.37 -85.89
CA MET F 8 -15.60 11.59 -85.58
C MET F 8 -16.90 11.30 -84.84
N LEU F 9 -17.64 10.29 -85.28
CA LEU F 9 -18.83 9.86 -84.56
C LEU F 9 -18.48 9.42 -83.14
N LEU F 10 -17.42 8.63 -83.00
CA LEU F 10 -17.00 8.16 -81.68
C LEU F 10 -16.53 9.30 -80.80
N THR F 11 -15.79 10.25 -81.37
CA THR F 11 -15.33 11.42 -80.61
C THR F 11 -16.50 12.26 -80.12
N THR F 12 -17.48 12.52 -81.00
CA THR F 12 -18.61 13.35 -80.62
C THR F 12 -19.55 12.65 -79.65
N VAL F 13 -19.81 11.36 -79.86
CA VAL F 13 -20.61 10.62 -78.89
C VAL F 13 -19.87 10.44 -77.57
N GLY F 14 -18.55 10.28 -77.60
CA GLY F 14 -17.80 10.27 -76.36
C GLY F 14 -17.89 11.58 -75.61
N ALA F 15 -17.70 12.69 -76.33
CA ALA F 15 -17.85 14.00 -75.71
C ALA F 15 -19.26 14.21 -75.15
N PHE F 16 -20.28 13.81 -75.90
CA PHE F 16 -21.64 13.83 -75.39
C PHE F 16 -21.78 13.00 -74.11
N ALA F 17 -21.29 11.76 -74.14
CA ALA F 17 -21.45 10.87 -73.00
C ALA F 17 -20.76 11.42 -71.75
N ALA F 18 -19.50 11.81 -71.89
CA ALA F 18 -18.78 12.40 -70.75
C ALA F 18 -19.46 13.66 -70.25
N PHE F 19 -19.89 14.54 -71.16
CA PHE F 19 -20.55 15.78 -70.74
C PHE F 19 -21.87 15.51 -70.04
N SER F 20 -22.67 14.57 -70.56
CA SER F 20 -23.91 14.19 -69.89
C SER F 20 -23.64 13.63 -68.50
N LEU F 21 -22.66 12.74 -68.38
CA LEU F 21 -22.36 12.12 -67.08
C LEU F 21 -21.81 13.13 -66.08
N MET F 22 -20.96 14.05 -66.52
CA MET F 22 -20.39 15.04 -65.61
C MET F 22 -21.44 16.06 -65.16
N THR F 23 -22.24 16.58 -66.09
CA THR F 23 -23.32 17.49 -65.72
C THR F 23 -24.34 16.82 -64.81
N ILE F 24 -24.71 15.56 -65.10
CA ILE F 24 -25.55 14.81 -64.18
C ILE F 24 -24.87 14.67 -62.81
N ALA F 25 -23.58 14.33 -62.81
CA ALA F 25 -22.85 14.25 -61.55
C ALA F 25 -22.86 15.57 -60.81
N VAL F 26 -22.72 16.68 -61.53
CA VAL F 26 -22.79 17.99 -60.90
C VAL F 26 -24.21 18.27 -60.40
N GLY F 27 -25.22 17.89 -61.17
CA GLY F 27 -26.59 18.20 -60.84
C GLY F 27 -27.29 17.24 -59.90
N THR F 28 -26.75 16.03 -59.76
CA THR F 28 -27.45 14.98 -59.02
C THR F 28 -27.54 15.34 -57.54
N ASP F 29 -28.67 14.98 -56.92
CA ASP F 29 -28.90 15.29 -55.52
C ASP F 29 -27.88 14.60 -54.61
N TYR F 30 -27.33 13.47 -55.05
CA TYR F 30 -26.56 12.60 -54.19
C TYR F 30 -25.26 12.16 -54.86
N TRP F 31 -24.22 11.99 -54.05
CA TRP F 31 -22.99 11.35 -54.47
C TRP F 31 -22.61 10.14 -53.62
N LEU F 32 -23.00 10.12 -52.35
CA LEU F 32 -22.67 9.02 -51.45
C LEU F 32 -23.86 8.74 -50.55
N TYR F 33 -23.89 7.52 -50.00
CA TYR F 33 -24.95 7.06 -49.10
C TYR F 33 -24.37 6.87 -47.71
N SER F 34 -24.93 7.55 -46.73
CA SER F 34 -24.30 7.64 -45.41
C SER F 34 -25.38 7.80 -44.34
N ARG F 35 -24.98 8.31 -43.18
CA ARG F 35 -25.84 8.46 -42.02
C ARG F 35 -25.49 9.75 -41.30
N GLY F 36 -26.46 10.31 -40.61
CA GLY F 36 -26.30 11.62 -40.00
C GLY F 36 -27.63 12.36 -40.00
N VAL F 37 -27.55 13.68 -40.14
CA VAL F 37 -28.72 14.55 -40.07
C VAL F 37 -28.66 15.53 -41.24
N CYS F 38 -29.77 15.68 -41.95
CA CYS F 38 -29.85 16.59 -43.07
C CYS F 38 -30.21 18.02 -42.66
N LYS F 39 -30.84 18.21 -41.50
CA LYS F 39 -31.17 19.53 -41.01
C LYS F 39 -31.48 19.44 -39.52
N THR F 40 -30.84 20.29 -38.73
CA THR F 40 -31.15 20.43 -37.30
C THR F 40 -31.14 21.90 -36.94
N LYS F 41 -31.82 22.22 -35.84
CA LYS F 41 -31.83 23.56 -35.23
C LYS F 41 -32.02 24.67 -36.26
N LYS F 50 -33.84 18.25 -35.52
CA LYS F 50 -33.64 16.80 -35.62
C LYS F 50 -32.48 16.35 -34.75
N LYS F 51 -32.15 17.15 -33.74
CA LYS F 51 -31.00 16.90 -32.87
C LYS F 51 -31.19 15.68 -31.96
N ASN F 52 -32.29 14.94 -32.11
CA ASN F 52 -32.55 13.75 -31.30
C ASN F 52 -32.84 12.52 -32.16
N GLU F 53 -32.60 12.60 -33.47
CA GLU F 53 -32.81 11.48 -34.38
C GLU F 53 -31.66 11.43 -35.37
N GLU F 54 -31.48 10.28 -36.01
CA GLU F 54 -30.51 10.13 -37.08
C GLU F 54 -31.19 9.61 -38.35
N VAL F 55 -30.67 10.04 -39.50
CA VAL F 55 -31.29 9.83 -40.79
C VAL F 55 -30.22 9.43 -41.80
N MET F 56 -30.55 8.46 -42.65
CA MET F 56 -29.63 8.07 -43.73
C MET F 56 -29.43 9.24 -44.67
N THR F 57 -28.18 9.71 -44.79
CA THR F 57 -27.88 11.03 -45.33
C THR F 57 -27.28 10.88 -46.73
N HIS F 58 -27.78 11.69 -47.67
CA HIS F 58 -27.79 11.34 -49.09
C HIS F 58 -27.33 12.59 -49.87
N SER F 59 -26.02 12.85 -49.84
CA SER F 59 -25.47 14.18 -50.14
C SER F 59 -24.79 14.18 -51.50
N GLY F 60 -25.10 15.19 -52.30
CA GLY F 60 -24.50 15.41 -53.62
C GLY F 60 -23.43 16.47 -53.62
N LEU F 61 -23.21 17.07 -54.79
CA LEU F 61 -22.15 18.07 -54.96
C LEU F 61 -22.51 19.41 -54.33
N TRP F 62 -23.55 20.07 -54.86
CA TRP F 62 -23.98 21.36 -54.34
C TRP F 62 -25.29 21.27 -53.58
N ARG F 63 -25.90 20.10 -53.52
CA ARG F 63 -27.14 19.89 -52.81
C ARG F 63 -27.06 18.59 -52.03
N THR F 64 -27.94 18.47 -51.04
CA THR F 64 -27.94 17.31 -50.15
C THR F 64 -29.38 17.00 -49.80
N CYS F 65 -29.62 15.75 -49.42
CA CYS F 65 -30.95 15.32 -49.03
C CYS F 65 -30.79 14.21 -47.99
N CYS F 66 -31.93 13.65 -47.58
CA CYS F 66 -31.93 12.59 -46.59
C CYS F 66 -33.19 11.76 -46.77
N LEU F 67 -33.13 10.52 -46.30
CA LEU F 67 -34.21 9.56 -46.56
C LEU F 67 -34.14 8.44 -45.52
N GLU F 68 -35.23 7.66 -45.48
CA GLU F 68 -35.43 6.51 -44.58
C GLU F 68 -35.45 6.90 -43.11
N GLY F 69 -35.52 8.19 -42.79
CA GLY F 69 -35.80 8.62 -41.43
C GLY F 69 -37.29 8.80 -41.19
N ASN F 70 -37.61 9.63 -40.19
CA ASN F 70 -39.01 9.98 -39.97
C ASN F 70 -39.60 10.79 -41.13
N PHE F 71 -38.77 11.48 -41.93
CA PHE F 71 -39.28 12.17 -43.11
C PHE F 71 -38.35 11.85 -44.28
N LYS F 72 -38.81 12.12 -45.50
CA LYS F 72 -38.04 11.86 -46.70
C LYS F 72 -38.18 13.03 -47.66
N GLY F 73 -37.15 13.24 -48.47
CA GLY F 73 -37.15 14.24 -49.51
C GLY F 73 -36.92 15.66 -49.06
N LEU F 74 -36.46 15.87 -47.82
CA LEU F 74 -36.11 17.21 -47.33
C LEU F 74 -34.74 17.63 -47.87
N CYS F 75 -34.67 17.80 -49.19
CA CYS F 75 -33.41 18.10 -49.83
C CYS F 75 -33.04 19.57 -49.64
N LYS F 76 -31.74 19.83 -49.62
CA LYS F 76 -31.20 21.12 -49.21
C LYS F 76 -29.87 21.33 -49.91
N GLN F 77 -29.41 22.58 -49.92
CA GLN F 77 -28.07 22.88 -50.43
C GLN F 77 -27.02 22.17 -49.57
N ILE F 78 -25.86 21.90 -50.18
CA ILE F 78 -24.84 21.10 -49.52
C ILE F 78 -24.39 21.76 -48.22
N ASP F 79 -24.14 20.91 -47.22
CA ASP F 79 -23.60 21.35 -45.93
C ASP F 79 -22.08 21.49 -46.05
N HIS F 80 -21.66 22.63 -46.59
CA HIS F 80 -20.23 22.95 -46.63
C HIS F 80 -20.01 24.42 -46.26
N PHE F 81 -20.86 24.95 -45.38
CA PHE F 81 -20.71 26.27 -44.78
C PHE F 81 -19.35 26.47 -44.10
N PRO F 82 -18.97 27.71 -43.80
CA PRO F 82 -17.68 27.98 -43.13
C PRO F 82 -17.54 27.26 -41.80
N GLU F 83 -16.32 27.33 -41.27
CA GLU F 83 -15.90 26.62 -40.07
C GLU F 83 -15.85 27.58 -38.88
N ASP F 84 -15.27 27.10 -37.78
CA ASP F 84 -15.00 27.92 -36.60
C ASP F 84 -13.88 28.91 -36.88
N ALA F 85 -14.26 30.13 -37.28
CA ALA F 85 -13.36 31.25 -37.60
C ALA F 85 -12.50 30.98 -38.83
N ASP F 86 -12.78 29.89 -39.54
CA ASP F 86 -12.22 29.62 -40.87
C ASP F 86 -10.72 29.39 -40.87
N TYR F 87 -10.07 29.59 -39.73
CA TYR F 87 -8.64 29.29 -39.53
C TYR F 87 -7.80 29.72 -40.72
N GLU F 88 -7.85 31.03 -40.99
CA GLU F 88 -6.98 31.62 -42.01
C GLU F 88 -5.50 31.44 -41.70
N ALA F 89 -5.17 31.13 -40.44
CA ALA F 89 -3.79 30.73 -40.13
C ALA F 89 -3.44 29.43 -40.85
N ASP F 90 -4.31 28.43 -40.74
CA ASP F 90 -4.21 27.21 -41.55
C ASP F 90 -4.69 27.48 -42.99
N THR F 91 -4.01 28.45 -43.63
CA THR F 91 -4.48 28.98 -44.90
C THR F 91 -4.62 27.90 -45.96
N ALA F 92 -3.77 26.87 -45.93
CA ALA F 92 -3.90 25.77 -46.88
C ALA F 92 -5.16 24.96 -46.65
N GLU F 93 -5.64 24.87 -45.40
CA GLU F 93 -6.88 24.16 -45.14
C GLU F 93 -8.09 25.02 -45.46
N TYR F 94 -8.00 26.33 -45.18
CA TYR F 94 -9.03 27.26 -45.64
C TYR F 94 -9.10 27.30 -47.17
N PHE F 95 -7.93 27.33 -47.83
CA PHE F 95 -7.88 27.21 -49.29
C PHE F 95 -8.64 25.98 -49.77
N LEU F 96 -8.39 24.83 -49.15
CA LEU F 96 -9.16 23.63 -49.45
C LEU F 96 -10.66 23.86 -49.23
N ARG F 97 -11.01 24.38 -48.05
CA ARG F 97 -12.42 24.66 -47.74
C ARG F 97 -13.02 25.65 -48.73
N ALA F 98 -12.32 26.75 -49.00
CA ALA F 98 -12.85 27.76 -49.91
C ALA F 98 -12.99 27.21 -51.33
N VAL F 99 -11.99 26.48 -51.82
CA VAL F 99 -12.05 25.87 -53.14
C VAL F 99 -13.19 24.86 -53.23
N ARG F 100 -13.48 24.16 -52.14
CA ARG F 100 -14.60 23.23 -52.17
C ARG F 100 -15.93 23.92 -51.86
N ALA F 101 -15.89 25.12 -51.28
CA ALA F 101 -17.12 25.89 -51.12
C ALA F 101 -17.44 26.64 -52.40
N SER F 102 -16.47 27.40 -52.92
CA SER F 102 -16.57 27.94 -54.29
C SER F 102 -16.20 26.83 -55.27
N SER F 103 -17.14 25.91 -55.43
CA SER F 103 -16.85 24.61 -56.03
C SER F 103 -16.56 24.75 -57.53
N ILE F 104 -15.46 25.42 -57.85
CA ILE F 104 -15.15 25.77 -59.24
C ILE F 104 -14.89 24.51 -60.06
N PHE F 105 -14.11 23.59 -59.52
CA PHE F 105 -13.48 22.57 -60.37
C PHE F 105 -14.46 21.62 -61.05
N PRO F 106 -15.56 21.16 -60.43
CA PRO F 106 -16.48 20.32 -61.20
C PRO F 106 -17.29 21.08 -62.24
N ILE F 107 -17.75 22.29 -61.94
CA ILE F 107 -18.43 23.09 -62.96
C ILE F 107 -17.44 23.59 -64.01
N LEU F 108 -16.18 23.76 -63.64
CA LEU F 108 -15.15 24.02 -64.63
C LEU F 108 -14.88 22.80 -65.52
N SER F 109 -14.98 21.59 -64.97
CA SER F 109 -14.93 20.40 -65.82
C SER F 109 -16.11 20.36 -66.79
N VAL F 110 -17.32 20.69 -66.29
CA VAL F 110 -18.47 20.90 -67.17
C VAL F 110 -18.15 21.93 -68.26
N ILE F 111 -17.71 23.12 -67.83
CA ILE F 111 -17.49 24.21 -68.78
C ILE F 111 -16.44 23.86 -69.83
N LEU F 112 -15.33 23.28 -69.41
CA LEU F 112 -14.30 22.88 -70.36
C LEU F 112 -14.81 21.78 -71.28
N LEU F 113 -15.47 20.76 -70.72
CA LEU F 113 -15.97 19.66 -71.53
C LEU F 113 -17.12 20.10 -72.44
N PHE F 114 -17.95 21.04 -71.98
CA PHE F 114 -18.90 21.70 -72.86
C PHE F 114 -18.21 22.30 -74.08
N MET F 115 -17.22 23.17 -73.84
CA MET F 115 -16.61 23.90 -74.96
C MET F 115 -15.87 22.95 -75.90
N GLY F 116 -15.15 21.96 -75.34
CA GLY F 116 -14.53 20.95 -76.18
C GLY F 116 -15.52 20.06 -76.91
N GLY F 117 -16.60 19.65 -76.23
CA GLY F 117 -17.59 18.79 -76.86
C GLY F 117 -18.36 19.43 -77.99
N LEU F 118 -18.45 20.76 -78.01
CA LEU F 118 -18.97 21.47 -79.17
C LEU F 118 -17.88 21.83 -80.18
N CYS F 119 -16.70 22.22 -79.69
CA CYS F 119 -15.62 22.62 -80.59
C CYS F 119 -15.25 21.53 -81.58
N ILE F 120 -15.33 20.26 -81.17
CA ILE F 120 -15.04 19.15 -82.07
C ILE F 120 -15.99 19.10 -83.27
N ALA F 121 -17.19 19.69 -83.14
CA ALA F 121 -18.09 19.75 -84.29
C ALA F 121 -17.56 20.64 -85.41
N ALA F 122 -16.78 21.66 -85.07
CA ALA F 122 -16.03 22.44 -86.05
C ALA F 122 -14.79 21.74 -86.57
N SER F 123 -14.64 20.43 -86.35
CA SER F 123 -13.81 19.61 -87.22
C SER F 123 -14.43 19.40 -88.60
N GLU F 124 -15.75 19.53 -88.74
CA GLU F 124 -16.41 19.28 -90.01
C GLU F 124 -16.97 20.54 -90.66
N PHE F 125 -17.23 21.59 -89.90
CA PHE F 125 -17.31 22.93 -90.45
C PHE F 125 -15.94 23.60 -90.36
N TYR F 126 -15.60 24.37 -91.39
CA TYR F 126 -14.25 24.91 -91.56
C TYR F 126 -13.20 23.80 -91.43
N LYS F 127 -13.47 22.68 -92.11
CA LYS F 127 -12.83 21.41 -91.85
C LYS F 127 -11.35 21.42 -92.21
N THR F 128 -10.61 20.49 -91.61
CA THR F 128 -9.19 20.21 -91.78
C THR F 128 -8.30 21.34 -91.23
N ARG F 129 -8.87 22.37 -90.60
CA ARG F 129 -8.06 23.45 -90.06
C ARG F 129 -7.08 22.93 -89.01
N HIS F 130 -7.45 21.82 -88.35
CA HIS F 130 -6.64 20.97 -87.48
C HIS F 130 -6.11 21.69 -86.24
N ASN F 131 -6.38 23.00 -86.12
CA ASN F 131 -6.09 23.71 -84.88
C ASN F 131 -7.32 23.82 -84.00
N ILE F 132 -8.51 23.77 -84.60
CA ILE F 132 -9.75 23.72 -83.84
C ILE F 132 -9.87 22.40 -83.09
N ILE F 133 -9.41 21.30 -83.70
CA ILE F 133 -9.38 20.01 -83.01
C ILE F 133 -8.36 20.01 -81.88
N LEU F 134 -7.21 20.66 -82.08
CA LEU F 134 -6.21 20.76 -81.03
C LEU F 134 -6.76 21.47 -79.79
N SER F 135 -7.47 22.58 -80.00
CA SER F 135 -8.09 23.26 -78.85
C SER F 135 -9.14 22.39 -78.18
N ALA F 136 -9.88 21.60 -78.96
CA ALA F 136 -10.79 20.62 -78.38
C ALA F 136 -10.04 19.55 -77.60
N GLY F 137 -9.02 18.96 -78.22
CA GLY F 137 -8.20 17.97 -77.54
C GLY F 137 -7.63 18.46 -76.22
N ILE F 138 -7.05 19.66 -76.23
CA ILE F 138 -6.51 20.24 -75.00
C ILE F 138 -7.57 20.37 -73.93
N PHE F 139 -8.78 20.78 -74.32
CA PHE F 139 -9.86 20.87 -73.35
C PHE F 139 -10.38 19.50 -72.93
N PHE F 140 -10.39 18.53 -73.84
CA PHE F 140 -10.72 17.16 -73.45
C PHE F 140 -9.79 16.66 -72.36
N VAL F 141 -8.48 16.89 -72.51
CA VAL F 141 -7.52 16.52 -71.49
C VAL F 141 -7.71 17.35 -70.22
N SER F 142 -7.80 18.67 -70.37
CA SER F 142 -7.96 19.54 -69.21
C SER F 142 -9.26 19.31 -68.46
N ALA F 143 -10.29 18.78 -69.12
CA ALA F 143 -11.52 18.42 -68.42
C ALA F 143 -11.32 17.24 -67.48
N GLY F 144 -10.53 16.25 -67.88
CA GLY F 144 -10.20 15.16 -66.99
C GLY F 144 -9.27 15.54 -65.84
N LEU F 145 -8.25 16.34 -66.14
CA LEU F 145 -7.45 16.93 -65.07
C LEU F 145 -8.30 17.75 -64.11
N SER F 146 -9.24 18.54 -64.64
CA SER F 146 -10.14 19.29 -63.77
C SER F 146 -11.10 18.38 -63.00
N ASN F 147 -11.44 17.23 -63.57
CA ASN F 147 -12.24 16.25 -62.84
C ASN F 147 -11.45 15.62 -61.70
N ILE F 148 -10.18 15.30 -61.93
CA ILE F 148 -9.39 14.58 -60.93
C ILE F 148 -9.11 15.48 -59.71
N ILE F 149 -8.76 16.74 -59.93
CA ILE F 149 -8.63 17.67 -58.81
C ILE F 149 -9.97 17.86 -58.10
N GLY F 150 -11.06 17.91 -58.86
CA GLY F 150 -12.38 17.98 -58.25
C GLY F 150 -12.69 16.81 -57.34
N ILE F 151 -12.41 15.59 -57.80
CA ILE F 151 -12.62 14.40 -56.97
C ILE F 151 -11.83 14.51 -55.67
N ILE F 152 -10.55 14.88 -55.77
CA ILE F 152 -9.67 14.83 -54.60
C ILE F 152 -10.05 15.90 -53.58
N VAL F 153 -10.43 17.10 -54.04
CA VAL F 153 -10.86 18.13 -53.09
C VAL F 153 -12.18 17.75 -52.41
N TYR F 154 -13.04 17.02 -53.10
CA TYR F 154 -14.23 16.48 -52.43
C TYR F 154 -13.85 15.56 -51.29
N ILE F 155 -12.98 14.59 -51.55
CA ILE F 155 -12.65 13.59 -50.53
C ILE F 155 -11.76 14.20 -49.45
N SER F 156 -10.85 15.10 -49.85
CA SER F 156 -10.03 15.80 -48.86
C SER F 156 -10.89 16.67 -47.95
N ALA F 157 -11.91 17.33 -48.50
CA ALA F 157 -12.85 18.07 -47.66
C ALA F 157 -13.71 17.14 -46.81
N ASN F 158 -14.09 15.98 -47.37
CA ASN F 158 -14.75 14.95 -46.56
C ASN F 158 -13.85 14.54 -45.39
N ALA F 159 -12.56 14.37 -45.65
CA ALA F 159 -11.61 13.99 -44.61
C ALA F 159 -10.93 15.20 -43.95
N GLY F 160 -11.57 16.35 -43.98
CA GLY F 160 -10.99 17.58 -43.45
C GLY F 160 -10.63 17.50 -41.98
N LYS F 169 -14.20 3.90 -40.90
CA LYS F 169 -14.93 5.01 -41.51
C LYS F 169 -16.39 4.97 -41.11
N ASN F 170 -17.10 6.08 -41.30
CA ASN F 170 -18.47 6.18 -40.81
C ASN F 170 -19.48 5.51 -41.73
N SER F 171 -19.19 4.26 -42.12
CA SER F 171 -20.13 3.37 -42.81
C SER F 171 -20.87 4.08 -43.95
N TYR F 172 -20.10 4.43 -44.98
CA TYR F 172 -20.68 5.08 -46.14
C TYR F 172 -20.01 4.56 -47.41
N SER F 173 -20.74 4.65 -48.51
CA SER F 173 -20.26 4.20 -49.81
C SER F 173 -20.56 5.26 -50.87
N TYR F 174 -19.64 5.43 -51.81
CA TYR F 174 -19.88 6.25 -52.99
C TYR F 174 -20.94 5.63 -53.87
N GLY F 175 -21.60 6.48 -54.67
CA GLY F 175 -22.78 6.06 -55.41
C GLY F 175 -22.74 6.34 -56.90
N TRP F 176 -23.87 6.09 -57.56
CA TRP F 176 -23.93 6.08 -59.03
C TRP F 176 -23.41 7.36 -59.64
N SER F 177 -23.85 8.51 -59.13
CA SER F 177 -23.38 9.79 -59.65
C SER F 177 -21.88 9.96 -59.50
N PHE F 178 -21.29 9.37 -58.47
CA PHE F 178 -19.83 9.43 -58.33
C PHE F 178 -19.13 8.53 -59.33
N TYR F 179 -19.63 7.30 -59.54
CA TYR F 179 -19.10 6.46 -60.60
C TYR F 179 -19.34 7.02 -62.00
N PHE F 180 -20.41 7.81 -62.19
CA PHE F 180 -20.54 8.56 -63.43
C PHE F 180 -19.46 9.61 -63.59
N GLY F 181 -19.15 10.35 -62.52
CA GLY F 181 -18.04 11.29 -62.57
C GLY F 181 -16.74 10.65 -63.00
N ALA F 182 -16.34 9.58 -62.32
CA ALA F 182 -15.15 8.84 -62.72
C ALA F 182 -15.26 8.29 -64.14
N LEU F 183 -16.45 7.82 -64.53
CA LEU F 183 -16.64 7.36 -65.91
C LEU F 183 -16.57 8.51 -66.91
N SER F 184 -16.93 9.72 -66.49
CA SER F 184 -16.76 10.89 -67.36
C SER F 184 -15.29 11.20 -67.61
N PHE F 185 -14.45 11.07 -66.57
CA PHE F 185 -13.01 11.20 -66.73
C PHE F 185 -12.45 10.18 -67.71
N ILE F 186 -12.77 8.90 -67.52
CA ILE F 186 -12.29 7.83 -68.38
C ILE F 186 -12.61 8.12 -69.85
N ILE F 187 -13.85 8.51 -70.14
CA ILE F 187 -14.27 8.71 -71.53
C ILE F 187 -13.71 10.02 -72.10
N ALA F 188 -13.70 11.10 -71.32
CA ALA F 188 -13.26 12.39 -71.85
C ALA F 188 -11.84 12.33 -72.40
N GLU F 189 -10.97 11.57 -71.75
CA GLU F 189 -9.58 11.46 -72.20
C GLU F 189 -9.39 10.40 -73.28
N MET F 190 -10.24 9.38 -73.33
CA MET F 190 -10.31 8.55 -74.52
C MET F 190 -10.66 9.38 -75.75
N VAL F 191 -11.60 10.31 -75.60
CA VAL F 191 -11.85 11.28 -76.66
C VAL F 191 -10.59 12.11 -76.93
N GLY F 192 -9.89 12.52 -75.86
CA GLY F 192 -8.65 13.25 -76.04
C GLY F 192 -7.58 12.53 -76.85
N VAL F 193 -7.36 11.24 -76.56
CA VAL F 193 -6.42 10.48 -77.38
C VAL F 193 -6.94 10.29 -78.80
N LEU F 194 -8.25 10.03 -78.96
CA LEU F 194 -8.81 9.91 -80.30
C LEU F 194 -8.71 11.22 -81.09
N ALA F 195 -8.90 12.35 -80.42
CA ALA F 195 -8.67 13.66 -81.06
C ALA F 195 -7.23 13.84 -81.51
N VAL F 196 -6.26 13.41 -80.71
CA VAL F 196 -4.86 13.53 -81.10
C VAL F 196 -4.53 12.63 -82.29
N HIS F 197 -5.11 11.42 -82.33
CA HIS F 197 -4.95 10.58 -83.51
C HIS F 197 -5.48 11.25 -84.78
N MET F 198 -6.66 11.87 -84.69
CA MET F 198 -7.18 12.63 -85.82
C MET F 198 -6.31 13.83 -86.14
N PHE F 199 -5.68 14.44 -85.12
CA PHE F 199 -4.77 15.55 -85.37
C PHE F 199 -3.50 15.10 -86.09
N ILE F 200 -2.90 13.98 -85.66
CA ILE F 200 -1.63 13.56 -86.23
C ILE F 200 -1.76 12.96 -87.62
N ASP F 201 -2.98 12.71 -88.08
CA ASP F 201 -3.27 12.69 -89.51
C ASP F 201 -3.28 14.09 -90.11
N ARG F 202 -4.29 14.88 -89.75
CA ARG F 202 -4.61 16.09 -90.51
C ARG F 202 -3.49 17.12 -90.49
N HIS F 203 -2.64 17.11 -89.48
CA HIS F 203 -1.52 18.05 -89.46
C HIS F 203 -0.29 17.53 -90.18
N LYS F 204 -0.03 16.22 -90.14
CA LYS F 204 1.09 15.65 -90.88
C LYS F 204 0.91 15.77 -92.38
N GLN F 205 -0.34 15.89 -92.85
CA GLN F 205 -0.58 16.28 -94.23
C GLN F 205 0.07 17.61 -94.59
N LEU F 206 0.25 18.50 -93.61
CA LEU F 206 0.95 19.76 -93.86
C LEU F 206 2.45 19.65 -93.65
N THR F 207 2.90 18.84 -92.68
CA THR F 207 4.32 18.74 -92.38
C THR F 207 5.04 17.67 -93.19
N GLY F 208 4.31 16.71 -93.75
CA GLY F 208 4.92 15.59 -94.43
C GLY F 208 5.53 14.57 -93.46
N LEU G 1 22.07 30.47 -76.05
CA LEU G 1 21.26 31.67 -76.29
C LEU G 1 21.69 32.36 -77.57
N PHE G 2 20.75 33.08 -78.18
CA PHE G 2 21.02 33.86 -79.39
C PHE G 2 21.63 35.20 -78.97
N ASP G 3 21.76 36.12 -79.93
CA ASP G 3 22.23 37.48 -79.67
C ASP G 3 23.63 37.48 -79.05
N ARG G 4 24.46 36.54 -79.47
CA ARG G 4 25.72 36.17 -78.85
C ARG G 4 26.54 37.36 -78.32
N GLY G 5 26.57 38.46 -79.06
CA GLY G 5 27.33 39.62 -78.61
C GLY G 5 26.82 40.24 -77.32
N VAL G 6 25.50 40.25 -77.11
CA VAL G 6 24.98 40.84 -75.88
C VAL G 6 25.30 40.00 -74.66
N GLN G 7 25.63 38.72 -74.86
CA GLN G 7 25.91 37.84 -73.73
C GLN G 7 27.14 38.28 -72.96
N MET G 8 28.07 38.98 -73.61
CA MET G 8 29.19 39.59 -72.89
C MET G 8 28.70 40.65 -71.90
N LEU G 9 27.82 41.54 -72.36
CA LEU G 9 27.26 42.55 -71.46
C LEU G 9 26.36 41.91 -70.39
N LEU G 10 25.52 40.96 -70.78
CA LEU G 10 24.61 40.31 -69.85
C LEU G 10 25.36 39.55 -68.75
N THR G 11 26.43 38.84 -69.11
CA THR G 11 27.18 38.10 -68.10
C THR G 11 27.97 39.03 -67.18
N THR G 12 28.52 40.11 -67.72
CA THR G 12 29.26 41.05 -66.88
C THR G 12 28.35 41.85 -65.95
N VAL G 13 27.18 42.28 -66.43
CA VAL G 13 26.24 42.94 -65.54
C VAL G 13 25.70 41.97 -64.50
N GLY G 14 25.50 40.71 -64.88
CA GLY G 14 25.20 39.68 -63.90
C GLY G 14 26.29 39.53 -62.86
N ALA G 15 27.54 39.49 -63.30
CA ALA G 15 28.66 39.37 -62.37
C ALA G 15 28.73 40.55 -61.42
N PHE G 16 28.54 41.78 -61.93
CA PHE G 16 28.52 42.94 -61.05
C PHE G 16 27.33 42.92 -60.11
N ALA G 17 26.16 42.52 -60.61
CA ALA G 17 24.98 42.42 -59.73
C ALA G 17 25.18 41.37 -58.65
N ALA G 18 25.72 40.20 -59.01
CA ALA G 18 26.02 39.18 -58.02
C ALA G 18 27.10 39.67 -57.04
N PHE G 19 28.12 40.36 -57.55
CA PHE G 19 29.15 40.91 -56.68
C PHE G 19 28.58 41.92 -55.70
N SER G 20 27.67 42.79 -56.18
CA SER G 20 26.98 43.69 -55.28
C SER G 20 26.17 42.93 -54.24
N LEU G 21 25.29 42.03 -54.68
CA LEU G 21 24.49 41.25 -53.74
C LEU G 21 25.34 40.47 -52.74
N MET G 22 26.43 39.87 -53.20
CA MET G 22 27.27 39.10 -52.30
C MET G 22 28.02 39.99 -51.32
N THR G 23 28.58 41.10 -51.80
CA THR G 23 29.26 42.04 -50.90
C THR G 23 28.30 42.68 -49.92
N ILE G 24 27.07 42.99 -50.36
CA ILE G 24 26.04 43.41 -49.43
C ILE G 24 25.72 42.31 -48.43
N ALA G 25 25.52 41.09 -48.91
CA ALA G 25 25.25 39.98 -48.01
C ALA G 25 26.37 39.79 -47.00
N VAL G 26 27.63 39.93 -47.43
CA VAL G 26 28.75 39.90 -46.49
C VAL G 26 28.73 41.14 -45.59
N GLY G 27 28.43 42.31 -46.17
CA GLY G 27 28.50 43.53 -45.39
C GLY G 27 27.33 43.72 -44.45
N THR G 28 26.18 43.12 -44.76
CA THR G 28 24.96 43.39 -44.02
C THR G 28 25.07 42.88 -42.59
N ASP G 29 24.53 43.66 -41.65
CA ASP G 29 24.62 43.28 -40.24
C ASP G 29 23.66 42.15 -39.91
N TYR G 30 22.54 42.05 -40.61
CA TYR G 30 21.57 40.99 -40.44
C TYR G 30 21.56 40.02 -41.61
N TRP G 31 21.19 38.78 -41.32
CA TRP G 31 20.88 37.72 -42.27
C TRP G 31 19.57 37.02 -41.94
N LEU G 32 19.28 36.82 -40.66
CA LEU G 32 18.05 36.12 -40.25
C LEU G 32 17.51 36.72 -38.97
N TYR G 33 16.19 36.63 -38.81
CA TYR G 33 15.54 36.85 -37.52
C TYR G 33 15.78 35.68 -36.57
N SER G 34 15.90 35.98 -35.29
CA SER G 34 16.24 34.95 -34.31
C SER G 34 15.91 35.46 -32.91
N ARG G 35 16.33 34.70 -31.90
CA ARG G 35 16.29 35.11 -30.51
C ARG G 35 17.68 34.99 -29.88
N GLY G 36 17.95 35.77 -28.85
CA GLY G 36 19.31 36.05 -28.42
C GLY G 36 19.41 37.44 -27.79
N VAL G 37 20.48 38.16 -28.13
CA VAL G 37 20.79 39.44 -27.50
C VAL G 37 21.25 40.45 -28.53
N CYS G 38 21.05 41.73 -28.22
CA CYS G 38 21.59 42.80 -29.05
C CYS G 38 23.09 42.96 -28.86
N LYS G 39 23.49 43.32 -27.63
CA LYS G 39 24.89 43.48 -27.26
C LYS G 39 24.96 43.59 -25.75
N THR G 40 25.76 42.74 -25.11
CA THR G 40 25.85 42.71 -23.65
C THR G 40 27.30 42.65 -23.22
N LYS G 41 27.54 43.08 -21.99
CA LYS G 41 28.80 42.83 -21.28
C LYS G 41 30.01 43.31 -22.08
N LYS G 50 17.35 42.73 -23.59
CA LYS G 50 18.00 43.10 -24.85
C LYS G 50 19.41 43.62 -24.60
N LYS G 51 19.54 44.52 -23.62
CA LYS G 51 20.87 45.00 -23.25
C LYS G 51 21.61 44.01 -22.35
N ASN G 52 20.88 43.19 -21.61
CA ASN G 52 21.49 42.12 -20.82
C ASN G 52 20.69 40.81 -20.84
N GLU G 53 19.40 40.83 -21.10
CA GLU G 53 18.52 39.72 -20.79
C GLU G 53 18.17 38.89 -22.02
N GLU G 54 17.47 39.51 -22.99
CA GLU G 54 16.89 38.75 -24.09
C GLU G 54 16.27 39.70 -25.11
N VAL G 55 16.26 39.32 -26.39
CA VAL G 55 15.68 40.17 -27.43
C VAL G 55 15.30 39.29 -28.62
N MET G 56 14.36 39.78 -29.42
CA MET G 56 14.21 39.35 -30.81
C MET G 56 15.45 39.70 -31.61
N THR G 57 16.35 38.75 -31.79
CA THR G 57 17.63 39.04 -32.43
C THR G 57 17.48 38.96 -33.94
N HIS G 58 18.31 39.74 -34.65
CA HIS G 58 18.27 39.82 -36.10
C HIS G 58 19.74 39.68 -36.55
N SER G 59 20.20 38.44 -36.64
CA SER G 59 21.62 38.09 -36.67
C SER G 59 22.17 37.84 -38.08
N GLY G 60 23.29 38.49 -38.40
CA GLY G 60 23.94 38.33 -39.67
C GLY G 60 25.18 37.43 -39.59
N LEU G 61 25.99 37.49 -40.65
CA LEU G 61 27.27 36.76 -40.70
C LEU G 61 28.35 37.42 -39.87
N TRP G 62 28.75 38.64 -40.25
CA TRP G 62 29.88 39.32 -39.63
C TRP G 62 29.47 40.07 -38.38
N ARG G 63 28.18 40.12 -38.08
CA ARG G 63 27.66 40.83 -36.93
C ARG G 63 26.32 40.21 -36.56
N THR G 64 25.79 40.62 -35.43
CA THR G 64 24.42 40.30 -35.07
C THR G 64 23.79 41.59 -34.56
N CYS G 65 22.53 41.80 -34.92
CA CYS G 65 21.83 42.98 -34.42
C CYS G 65 20.48 42.56 -33.85
N CYS G 66 19.57 43.50 -33.61
CA CYS G 66 18.31 43.16 -32.96
C CYS G 66 17.26 44.21 -33.28
N LEU G 67 16.01 43.86 -32.99
CA LEU G 67 14.89 44.78 -33.08
C LEU G 67 13.94 44.53 -31.93
N GLU G 68 13.06 45.51 -31.68
CA GLU G 68 12.00 45.43 -30.67
C GLU G 68 12.54 45.16 -29.27
N GLY G 69 13.79 45.57 -29.00
CA GLY G 69 14.37 45.44 -27.68
C GLY G 69 14.12 46.67 -26.82
N ASN G 70 14.70 46.62 -25.61
CA ASN G 70 14.69 47.80 -24.74
C ASN G 70 15.49 48.95 -25.30
N PHE G 71 16.31 48.71 -26.32
CA PHE G 71 16.70 49.73 -27.27
C PHE G 71 16.90 49.07 -28.63
N LYS G 72 16.87 49.87 -29.68
CA LYS G 72 16.75 49.38 -31.04
C LYS G 72 17.81 50.02 -31.92
N GLY G 73 18.25 49.26 -32.92
CA GLY G 73 19.28 49.70 -33.82
C GLY G 73 20.69 49.63 -33.27
N LEU G 74 20.90 48.87 -32.20
CA LEU G 74 22.24 48.59 -31.70
C LEU G 74 22.58 47.16 -32.07
N CYS G 75 23.78 46.96 -32.59
CA CYS G 75 24.15 45.69 -33.19
C CYS G 75 25.49 45.24 -32.61
N LYS G 76 25.72 43.93 -32.56
CA LYS G 76 26.94 43.38 -31.99
C LYS G 76 27.84 42.75 -33.05
N GLN G 77 29.14 43.03 -32.94
CA GLN G 77 30.15 42.32 -33.73
C GLN G 77 30.17 40.83 -33.39
N ILE G 78 30.30 39.99 -34.42
CA ILE G 78 30.31 38.54 -34.24
C ILE G 78 31.68 38.10 -33.75
N ASP G 79 31.72 36.95 -33.07
CA ASP G 79 32.93 36.46 -32.45
C ASP G 79 32.78 34.95 -32.24
N HIS G 80 33.67 34.38 -31.44
CA HIS G 80 33.58 32.98 -31.03
C HIS G 80 34.08 32.86 -29.60
N PHE G 81 33.68 31.77 -28.95
CA PHE G 81 33.74 31.75 -27.49
C PHE G 81 33.70 30.33 -26.95
N PRO G 82 34.50 30.00 -25.95
CA PRO G 82 34.32 28.73 -25.24
C PRO G 82 33.10 28.78 -24.33
N GLU G 83 32.55 27.60 -24.06
CA GLU G 83 31.36 27.46 -23.22
C GLU G 83 31.68 26.62 -21.99
N ASP G 84 30.65 26.39 -21.19
CA ASP G 84 30.78 25.53 -20.01
C ASP G 84 31.14 24.10 -20.41
N ALA G 85 31.97 23.46 -19.59
CA ALA G 85 32.58 22.17 -19.90
C ALA G 85 33.38 22.21 -21.20
N ASP G 86 33.81 23.40 -21.60
CA ASP G 86 34.57 23.62 -22.84
C ASP G 86 33.77 23.17 -24.05
N TYR G 87 34.12 22.01 -24.60
CA TYR G 87 33.45 21.38 -25.74
C TYR G 87 33.40 22.27 -26.97
N GLU G 88 33.99 23.47 -26.86
CA GLU G 88 34.38 24.22 -28.05
C GLU G 88 35.58 23.57 -28.73
N ALA G 89 36.41 22.87 -27.97
CA ALA G 89 37.59 22.18 -28.51
C ALA G 89 37.26 20.84 -29.15
N ASP G 90 36.01 20.40 -29.09
CA ASP G 90 35.60 19.17 -29.77
C ASP G 90 35.87 19.32 -31.26
N THR G 91 36.69 18.40 -31.80
CA THR G 91 37.21 18.56 -33.15
C THR G 91 36.10 18.71 -34.19
N ALA G 92 35.00 17.97 -34.03
CA ALA G 92 33.88 18.12 -34.96
C ALA G 92 33.17 19.45 -34.80
N GLU G 93 33.12 19.99 -33.57
CA GLU G 93 32.77 21.39 -33.39
C GLU G 93 33.89 22.32 -33.85
N TYR G 94 35.09 22.14 -33.28
CA TYR G 94 36.19 23.07 -33.50
C TYR G 94 36.44 23.32 -34.99
N PHE G 95 36.37 22.27 -35.81
CA PHE G 95 36.38 22.46 -37.26
C PHE G 95 35.32 23.45 -37.69
N LEU G 96 34.06 23.18 -37.36
CA LEU G 96 32.98 24.11 -37.71
C LEU G 96 33.16 25.45 -37.00
N ARG G 97 33.53 25.42 -35.71
CA ARG G 97 33.67 26.65 -34.95
C ARG G 97 34.75 27.55 -35.53
N ALA G 98 35.93 27.00 -35.78
CA ALA G 98 37.02 27.79 -36.37
C ALA G 98 36.64 28.31 -37.75
N VAL G 99 35.73 27.62 -38.45
CA VAL G 99 35.24 28.15 -39.72
C VAL G 99 34.23 29.27 -39.48
N ARG G 100 33.26 29.05 -38.59
CA ARG G 100 32.30 30.10 -38.26
C ARG G 100 32.98 31.33 -37.67
N ALA G 101 34.09 31.15 -36.95
CA ALA G 101 34.82 32.29 -36.39
C ALA G 101 35.27 33.29 -37.44
N SER G 102 35.17 32.95 -38.73
CA SER G 102 35.59 33.86 -39.79
C SER G 102 34.58 33.84 -40.93
N SER G 103 34.63 34.90 -41.74
CA SER G 103 33.85 35.03 -42.97
C SER G 103 34.51 34.33 -44.16
N ILE G 104 35.36 33.34 -43.88
CA ILE G 104 36.34 32.85 -44.85
C ILE G 104 35.69 32.45 -46.17
N PHE G 105 34.77 31.49 -46.13
CA PHE G 105 34.13 31.02 -47.35
C PHE G 105 33.26 32.07 -48.04
N PRO G 106 32.43 32.83 -47.31
CA PRO G 106 31.70 33.92 -47.99
C PRO G 106 32.60 34.97 -48.61
N ILE G 107 33.67 35.38 -47.93
CA ILE G 107 34.57 36.37 -48.51
C ILE G 107 35.44 35.76 -49.61
N LEU G 108 35.77 34.47 -49.51
CA LEU G 108 36.40 33.78 -50.63
C LEU G 108 35.50 33.74 -51.86
N SER G 109 34.19 33.56 -51.64
CA SER G 109 33.24 33.70 -52.73
C SER G 109 33.27 35.10 -53.32
N VAL G 110 33.29 36.13 -52.47
CA VAL G 110 33.43 37.50 -52.92
C VAL G 110 34.68 37.67 -53.78
N ILE G 111 35.82 37.16 -53.31
CA ILE G 111 37.07 37.36 -54.03
C ILE G 111 37.11 36.53 -55.31
N LEU G 112 36.59 35.31 -55.28
CA LEU G 112 36.50 34.52 -56.51
C LEU G 112 35.53 35.15 -57.51
N LEU G 113 34.39 35.65 -57.03
CA LEU G 113 33.46 36.35 -57.92
C LEU G 113 34.09 37.63 -58.48
N PHE G 114 34.83 38.36 -57.63
CA PHE G 114 35.58 39.52 -58.11
C PHE G 114 36.67 39.11 -59.09
N MET G 115 37.38 38.01 -58.80
CA MET G 115 38.39 37.52 -59.74
C MET G 115 37.77 37.12 -61.07
N GLY G 116 36.57 36.54 -61.04
CA GLY G 116 35.81 36.36 -62.28
C GLY G 116 35.50 37.68 -62.96
N GLY G 117 35.02 38.66 -62.19
CA GLY G 117 34.71 39.96 -62.77
C GLY G 117 35.91 40.68 -63.35
N LEU G 118 37.10 40.40 -62.85
CA LEU G 118 38.32 40.89 -63.50
C LEU G 118 38.65 40.08 -64.74
N CYS G 119 38.66 38.75 -64.61
CA CYS G 119 39.11 37.90 -65.71
C CYS G 119 38.21 38.01 -66.93
N ILE G 120 36.90 38.15 -66.71
CA ILE G 120 35.96 38.28 -67.83
C ILE G 120 36.25 39.47 -68.73
N ALA G 121 36.94 40.50 -68.22
CA ALA G 121 37.38 41.60 -69.08
C ALA G 121 38.32 41.13 -70.20
N ALA G 122 38.93 39.96 -70.07
CA ALA G 122 39.74 39.39 -71.14
C ALA G 122 38.95 39.05 -72.39
N SER G 123 37.62 39.12 -72.35
CA SER G 123 36.85 39.09 -73.59
C SER G 123 37.09 40.31 -74.46
N GLU G 124 37.36 41.47 -73.88
CA GLU G 124 37.44 42.70 -74.64
C GLU G 124 38.85 43.29 -74.64
N PHE G 125 39.43 43.53 -73.47
CA PHE G 125 40.87 43.75 -73.38
C PHE G 125 41.61 42.43 -73.57
N TYR G 126 42.81 42.52 -74.16
CA TYR G 126 43.64 41.35 -74.45
C TYR G 126 42.88 40.35 -75.33
N LYS G 127 42.02 40.88 -76.18
CA LYS G 127 41.03 40.12 -76.94
C LYS G 127 41.69 39.12 -77.89
N THR G 128 41.03 37.96 -78.05
CA THR G 128 41.47 36.76 -78.78
C THR G 128 42.48 35.93 -77.99
N ARG G 129 42.60 36.17 -76.69
CA ARG G 129 43.38 35.26 -75.86
C ARG G 129 42.63 33.96 -75.57
N HIS G 130 41.43 33.79 -76.14
CA HIS G 130 40.69 32.53 -76.18
C HIS G 130 40.55 31.85 -74.81
N ASN G 131 41.33 30.79 -74.55
CA ASN G 131 41.13 29.95 -73.38
C ASN G 131 41.25 30.69 -72.05
N ILE G 132 41.77 31.93 -72.05
CA ILE G 132 41.73 32.75 -70.83
C ILE G 132 40.33 32.81 -70.26
N ILE G 133 39.33 32.97 -71.12
CA ILE G 133 37.96 33.23 -70.65
C ILE G 133 37.34 32.00 -70.00
N LEU G 134 37.90 30.81 -70.24
CA LEU G 134 37.49 29.64 -69.47
C LEU G 134 37.75 29.83 -67.98
N SER G 135 38.90 30.38 -67.63
CA SER G 135 39.26 30.54 -66.22
C SER G 135 38.28 31.44 -65.49
N ALA G 136 37.80 32.49 -66.16
CA ALA G 136 36.72 33.31 -65.60
C ALA G 136 35.50 32.46 -65.25
N GLY G 137 35.13 31.53 -66.14
CA GLY G 137 34.04 30.61 -65.83
C GLY G 137 34.30 29.79 -64.58
N ILE G 138 35.52 29.28 -64.43
CA ILE G 138 35.89 28.55 -63.22
C ILE G 138 35.80 29.44 -62.00
N PHE G 139 36.21 30.71 -62.12
CA PHE G 139 36.11 31.64 -61.00
C PHE G 139 34.67 31.89 -60.59
N PHE G 140 33.78 32.10 -61.58
CA PHE G 140 32.36 32.28 -61.27
C PHE G 140 31.77 31.03 -60.61
N VAL G 141 32.07 29.85 -61.15
CA VAL G 141 31.56 28.61 -60.56
C VAL G 141 32.21 28.35 -59.20
N SER G 142 33.51 28.60 -59.06
CA SER G 142 34.16 28.39 -57.77
C SER G 142 33.62 29.34 -56.71
N ALA G 143 33.31 30.58 -57.10
CA ALA G 143 32.62 31.48 -56.20
C ALA G 143 31.26 30.92 -55.77
N GLY G 144 30.54 30.28 -56.69
CA GLY G 144 29.28 29.65 -56.35
C GLY G 144 29.34 28.60 -55.26
N LEU G 145 30.15 27.56 -55.47
CA LEU G 145 30.32 26.52 -54.46
C LEU G 145 30.80 27.11 -53.14
N SER G 146 31.72 28.06 -53.19
CA SER G 146 32.23 28.67 -51.96
C SER G 146 31.15 29.35 -51.15
N ASN G 147 30.12 29.91 -51.81
CA ASN G 147 28.99 30.44 -51.06
C ASN G 147 28.17 29.35 -50.37
N ILE G 148 27.88 28.25 -51.06
CA ILE G 148 27.00 27.23 -50.49
C ILE G 148 27.66 26.54 -49.29
N ILE G 149 28.96 26.26 -49.37
CA ILE G 149 29.65 25.74 -48.21
C ILE G 149 29.66 26.76 -47.09
N GLY G 150 29.84 28.04 -47.42
CA GLY G 150 29.72 29.09 -46.42
C GLY G 150 28.34 29.13 -45.78
N ILE G 151 27.29 28.96 -46.59
CA ILE G 151 25.93 28.85 -46.07
C ILE G 151 25.80 27.65 -45.13
N ILE G 152 26.32 26.50 -45.54
CA ILE G 152 26.01 25.26 -44.84
C ILE G 152 26.77 25.14 -43.52
N VAL G 153 28.01 25.62 -43.48
CA VAL G 153 28.67 25.77 -42.19
C VAL G 153 27.93 26.79 -41.31
N TYR G 154 27.47 27.88 -41.91
CA TYR G 154 26.75 28.90 -41.15
C TYR G 154 25.52 28.33 -40.46
N ILE G 155 24.65 27.66 -41.22
CA ILE G 155 23.45 27.08 -40.64
C ILE G 155 23.81 26.01 -39.62
N SER G 156 24.83 25.19 -39.93
CA SER G 156 25.19 24.08 -39.05
C SER G 156 25.70 24.56 -37.69
N ALA G 157 26.18 25.81 -37.60
CA ALA G 157 26.38 26.46 -36.31
C ALA G 157 25.14 27.21 -35.84
N ASN G 158 24.68 28.20 -36.62
CA ASN G 158 23.78 29.21 -36.09
C ASN G 158 22.35 28.70 -35.94
N ALA G 159 22.00 27.59 -36.56
CA ALA G 159 20.71 26.96 -36.32
C ALA G 159 20.71 26.04 -35.11
N GLY G 160 21.86 25.79 -34.51
CA GLY G 160 21.96 24.91 -33.36
C GLY G 160 21.47 25.56 -32.08
N LYS G 169 14.10 26.25 -28.74
CA LYS G 169 15.28 26.52 -29.56
C LYS G 169 15.37 28.02 -29.83
N ASN G 170 16.24 28.43 -30.76
CA ASN G 170 16.41 29.84 -31.07
C ASN G 170 15.33 30.42 -31.99
N SER G 171 14.35 29.63 -32.40
CA SER G 171 13.14 30.09 -33.08
C SER G 171 13.43 31.13 -34.16
N TYR G 172 14.11 30.73 -35.23
CA TYR G 172 14.70 31.66 -36.17
C TYR G 172 13.79 31.83 -37.40
N SER G 173 14.09 32.85 -38.18
CA SER G 173 13.51 33.00 -39.51
C SER G 173 14.51 33.72 -40.41
N TYR G 174 14.77 33.12 -41.57
CA TYR G 174 15.79 33.62 -42.49
C TYR G 174 15.29 34.84 -43.25
N GLY G 175 16.21 35.79 -43.49
CA GLY G 175 15.84 37.08 -44.02
C GLY G 175 16.45 37.35 -45.39
N TRP G 176 16.16 38.56 -45.88
CA TRP G 176 16.44 38.91 -47.28
C TRP G 176 17.92 38.92 -47.58
N SER G 177 18.74 39.49 -46.70
CA SER G 177 20.19 39.51 -46.91
C SER G 177 20.80 38.13 -46.93
N PHE G 178 20.17 37.13 -46.32
CA PHE G 178 20.58 35.75 -46.56
C PHE G 178 20.19 35.29 -47.96
N TYR G 179 18.97 35.60 -48.39
CA TYR G 179 18.55 35.32 -49.76
C TYR G 179 19.36 36.08 -50.80
N PHE G 180 19.98 37.19 -50.42
CA PHE G 180 20.93 37.83 -51.34
C PHE G 180 22.14 36.96 -51.60
N GLY G 181 22.66 36.29 -50.58
CA GLY G 181 23.73 35.31 -50.80
C GLY G 181 23.29 34.16 -51.68
N ALA G 182 22.12 33.59 -51.39
CA ALA G 182 21.59 32.51 -52.21
C ALA G 182 21.36 32.94 -53.66
N LEU G 183 20.71 34.09 -53.86
CA LEU G 183 20.43 34.55 -55.22
C LEU G 183 21.70 34.92 -55.96
N SER G 184 22.65 35.57 -55.28
CA SER G 184 23.92 35.88 -55.94
C SER G 184 24.71 34.63 -56.29
N PHE G 185 24.50 33.54 -55.54
CA PHE G 185 25.06 32.26 -55.93
C PHE G 185 24.38 31.70 -57.17
N ILE G 186 23.06 31.81 -57.26
CA ILE G 186 22.34 31.39 -58.46
C ILE G 186 22.79 32.19 -59.68
N ILE G 187 22.94 33.51 -59.52
CA ILE G 187 23.47 34.36 -60.59
C ILE G 187 24.90 33.98 -60.96
N ALA G 188 25.75 33.73 -59.98
CA ALA G 188 27.16 33.43 -60.27
C ALA G 188 27.31 32.19 -61.14
N GLU G 189 26.56 31.13 -60.85
CA GLU G 189 26.62 29.94 -61.71
C GLU G 189 25.94 30.13 -63.06
N MET G 190 24.88 30.94 -63.13
CA MET G 190 24.30 31.24 -64.44
C MET G 190 25.21 32.15 -65.25
N VAL G 191 25.85 33.12 -64.61
CA VAL G 191 26.97 33.82 -65.23
C VAL G 191 28.06 32.85 -65.64
N GLY G 192 28.33 31.85 -64.80
CA GLY G 192 29.22 30.76 -65.18
C GLY G 192 28.78 30.01 -66.43
N VAL G 193 27.50 29.65 -66.49
CA VAL G 193 26.99 28.97 -67.69
C VAL G 193 27.14 29.83 -68.93
N LEU G 194 26.80 31.12 -68.83
CA LEU G 194 26.99 32.02 -69.96
C LEU G 194 28.46 32.26 -70.28
N ALA G 195 29.33 32.26 -69.26
CA ALA G 195 30.77 32.30 -69.49
C ALA G 195 31.28 31.06 -70.21
N VAL G 196 30.68 29.89 -69.95
CA VAL G 196 31.02 28.70 -70.74
C VAL G 196 30.53 28.83 -72.17
N HIS G 197 29.33 29.40 -72.36
CA HIS G 197 28.87 29.69 -73.71
C HIS G 197 29.83 30.62 -74.44
N MET G 198 30.25 31.69 -73.76
CA MET G 198 31.27 32.58 -74.31
C MET G 198 32.54 31.82 -74.67
N PHE G 199 33.05 31.01 -73.74
CA PHE G 199 34.28 30.26 -73.99
C PHE G 199 34.16 29.32 -75.18
N ILE G 200 33.09 28.52 -75.22
CA ILE G 200 33.02 27.50 -76.27
C ILE G 200 32.71 28.13 -77.62
N ASP G 201 32.05 29.29 -77.65
CA ASP G 201 31.96 30.06 -78.89
C ASP G 201 33.32 30.61 -79.30
N ARG G 202 34.06 31.22 -78.37
CA ARG G 202 35.40 31.70 -78.67
C ARG G 202 36.35 30.56 -79.04
N HIS G 203 36.13 29.36 -78.49
CA HIS G 203 36.91 28.21 -78.90
C HIS G 203 36.48 27.66 -80.25
N LYS G 204 35.17 27.63 -80.51
CA LYS G 204 34.69 27.35 -81.86
C LYS G 204 35.30 28.32 -82.87
N GLN G 205 35.47 29.58 -82.48
CA GLN G 205 36.17 30.53 -83.34
C GLN G 205 37.66 30.22 -83.42
N LEU G 206 38.26 29.81 -82.30
CA LEU G 206 39.63 29.32 -82.32
C LEU G 206 39.80 28.09 -83.20
N THR G 207 38.73 27.32 -83.42
CA THR G 207 38.76 26.19 -84.34
C THR G 207 38.04 26.50 -85.64
N GLY G 208 37.84 27.78 -85.95
CA GLY G 208 37.13 28.16 -87.16
C GLY G 208 35.63 27.88 -87.10
N LEU H 1 48.15 1.35 -72.50
CA LEU H 1 49.05 1.77 -71.44
C LEU H 1 50.28 2.46 -72.03
N PHE H 2 50.81 3.43 -71.29
CA PHE H 2 52.03 4.11 -71.71
C PHE H 2 53.21 3.15 -71.66
N ASP H 3 54.17 3.36 -72.57
CA ASP H 3 55.31 2.46 -72.76
C ASP H 3 54.84 1.03 -73.00
N ARG H 4 53.90 0.90 -73.94
CA ARG H 4 53.29 -0.38 -74.31
C ARG H 4 54.34 -1.47 -74.48
N GLY H 5 54.30 -2.48 -73.62
CA GLY H 5 55.26 -3.56 -73.65
C GLY H 5 55.98 -3.77 -72.32
N VAL H 6 56.37 -2.68 -71.67
CA VAL H 6 57.22 -2.77 -70.47
C VAL H 6 56.44 -3.20 -69.24
N GLN H 7 55.12 -3.33 -69.34
CA GLN H 7 54.27 -3.53 -68.17
C GLN H 7 54.58 -4.83 -67.44
N MET H 8 55.32 -5.75 -68.05
CA MET H 8 55.82 -6.93 -67.33
C MET H 8 56.59 -6.53 -66.08
N LEU H 9 57.42 -5.48 -66.18
CA LEU H 9 58.15 -4.99 -65.01
C LEU H 9 57.19 -4.55 -63.92
N LEU H 10 56.24 -3.68 -64.26
CA LEU H 10 55.25 -3.20 -63.30
C LEU H 10 54.42 -4.35 -62.74
N THR H 11 54.07 -5.31 -63.60
CA THR H 11 53.22 -6.42 -63.17
C THR H 11 53.96 -7.38 -62.24
N THR H 12 55.21 -7.71 -62.57
CA THR H 12 55.98 -8.62 -61.72
C THR H 12 56.38 -7.97 -60.40
N VAL H 13 56.73 -6.69 -60.41
CA VAL H 13 56.99 -6.00 -59.15
C VAL H 13 55.70 -5.85 -58.33
N GLY H 14 54.57 -5.66 -58.99
CA GLY H 14 53.30 -5.72 -58.26
C GLY H 14 53.04 -7.08 -57.64
N ALA H 15 53.24 -8.15 -58.41
CA ALA H 15 53.04 -9.50 -57.89
C ALA H 15 53.99 -9.81 -56.73
N PHE H 16 55.25 -9.40 -56.86
CA PHE H 16 56.18 -9.49 -55.74
C PHE H 16 55.66 -8.74 -54.51
N ALA H 17 55.22 -7.49 -54.71
CA ALA H 17 54.75 -6.69 -53.59
C ALA H 17 53.54 -7.33 -52.91
N ALA H 18 52.55 -7.76 -53.68
CA ALA H 18 51.40 -8.45 -53.11
C ALA H 18 51.80 -9.72 -52.38
N PHE H 19 52.64 -10.56 -53.00
CA PHE H 19 53.03 -11.81 -52.38
C PHE H 19 53.85 -11.60 -51.11
N SER H 20 54.73 -10.60 -51.10
CA SER H 20 55.44 -10.26 -49.89
C SER H 20 54.49 -9.81 -48.78
N LEU H 21 53.61 -8.85 -49.08
CA LEU H 21 52.67 -8.34 -48.09
C LEU H 21 51.71 -9.42 -47.61
N MET H 22 51.27 -10.31 -48.51
CA MET H 22 50.36 -11.38 -48.12
C MET H 22 51.04 -12.37 -47.17
N THR H 23 52.24 -12.83 -47.52
CA THR H 23 52.95 -13.77 -46.66
C THR H 23 53.39 -13.13 -45.34
N ILE H 24 53.84 -11.88 -45.38
CA ILE H 24 54.13 -11.15 -44.14
C ILE H 24 52.88 -11.05 -43.28
N ALA H 25 51.74 -10.69 -43.88
CA ALA H 25 50.49 -10.66 -43.13
C ALA H 25 50.14 -12.03 -42.56
N VAL H 26 50.37 -13.08 -43.34
CA VAL H 26 50.16 -14.44 -42.83
C VAL H 26 51.14 -14.74 -41.69
N GLY H 27 52.38 -14.30 -41.83
CA GLY H 27 53.43 -14.65 -40.89
C GLY H 27 53.62 -13.71 -39.72
N THR H 28 53.05 -12.51 -39.76
CA THR H 28 53.33 -11.51 -38.74
C THR H 28 52.73 -11.95 -37.41
N ASP H 29 53.44 -11.59 -36.33
CA ASP H 29 53.00 -11.96 -34.99
C ASP H 29 51.64 -11.35 -34.64
N TYR H 30 51.27 -10.25 -35.28
CA TYR H 30 50.08 -9.50 -34.89
C TYR H 30 49.27 -9.11 -36.11
N TRP H 31 47.96 -9.01 -35.91
CA TRP H 31 47.04 -8.42 -36.87
C TRP H 31 46.21 -7.29 -36.28
N LEU H 32 45.94 -7.33 -34.98
CA LEU H 32 45.19 -6.28 -34.31
C LEU H 32 45.77 -6.07 -32.92
N TYR H 33 45.55 -4.89 -32.37
CA TYR H 33 45.97 -4.55 -31.02
C TYR H 33 44.75 -4.50 -30.12
N SER H 34 44.78 -5.28 -29.05
CA SER H 34 43.60 -5.49 -28.22
C SER H 34 44.05 -5.72 -26.78
N ARG H 35 43.17 -6.31 -25.98
CA ARG H 35 43.40 -6.52 -24.56
C ARG H 35 42.82 -7.87 -24.15
N GLY H 36 43.38 -8.44 -23.10
CA GLY H 36 42.94 -9.74 -22.65
C GLY H 36 43.98 -10.43 -21.80
N VAL H 37 43.54 -11.52 -21.16
CA VAL H 37 44.41 -12.31 -20.27
C VAL H 37 45.13 -13.33 -21.15
N CYS H 38 46.25 -12.89 -21.74
CA CYS H 38 46.97 -13.71 -22.71
C CYS H 38 47.48 -15.02 -22.12
N LYS H 39 47.69 -15.07 -20.80
CA LYS H 39 48.10 -16.30 -20.12
C LYS H 39 47.43 -16.38 -18.76
N THR H 40 46.78 -17.51 -18.49
CA THR H 40 46.22 -17.77 -17.16
C THR H 40 46.50 -19.21 -16.79
N LYS H 41 46.51 -19.46 -15.47
CA LYS H 41 46.61 -20.81 -14.90
C LYS H 41 47.76 -21.61 -15.47
N LYS H 50 46.95 -14.49 -14.41
CA LYS H 50 46.40 -13.20 -14.77
C LYS H 50 44.99 -13.03 -14.23
N LYS H 51 44.69 -13.71 -13.12
CA LYS H 51 43.36 -13.62 -12.51
C LYS H 51 43.15 -12.30 -11.77
N ASN H 52 44.05 -11.35 -11.90
CA ASN H 52 43.98 -10.08 -11.20
C ASN H 52 44.12 -8.89 -12.13
N GLU H 53 44.98 -8.98 -13.15
CA GLU H 53 45.14 -7.92 -14.14
C GLU H 53 45.24 -8.56 -15.52
N GLU H 54 45.01 -7.74 -16.54
CA GLU H 54 45.03 -8.18 -17.92
C GLU H 54 46.21 -7.54 -18.66
N VAL H 55 46.34 -7.88 -19.94
CA VAL H 55 47.48 -7.48 -20.76
C VAL H 55 46.98 -7.05 -22.13
N MET H 56 47.55 -5.97 -22.66
CA MET H 56 47.24 -5.54 -24.02
C MET H 56 47.63 -6.63 -25.00
N THR H 57 46.63 -7.29 -25.59
CA THR H 57 46.84 -8.55 -26.27
C THR H 57 47.11 -8.32 -27.75
N HIS H 58 48.05 -9.10 -28.30
CA HIS H 58 48.83 -8.73 -29.48
C HIS H 58 48.83 -9.96 -30.40
N SER H 59 47.72 -10.16 -31.11
CA SER H 59 47.40 -11.45 -31.74
C SER H 59 47.44 -11.35 -33.25
N GLY H 60 48.11 -12.31 -33.88
CA GLY H 60 48.19 -12.43 -35.32
C GLY H 60 47.27 -13.50 -35.89
N LEU H 61 47.59 -13.94 -37.10
CA LEU H 61 46.79 -14.98 -37.76
C LEU H 61 46.93 -16.31 -37.04
N TRP H 62 48.16 -16.82 -36.92
CA TRP H 62 48.40 -18.11 -36.29
C TRP H 62 49.34 -18.04 -35.10
N ARG H 63 49.94 -16.90 -34.83
CA ARG H 63 50.76 -16.71 -33.64
C ARG H 63 50.27 -15.48 -32.89
N THR H 64 50.50 -15.47 -31.59
CA THR H 64 50.02 -14.41 -30.73
C THR H 64 51.00 -14.18 -29.60
N CYS H 65 50.96 -12.98 -29.05
CA CYS H 65 51.70 -12.66 -27.83
C CYS H 65 50.91 -11.61 -27.06
N CYS H 66 51.57 -10.98 -26.10
CA CYS H 66 50.95 -9.88 -25.37
C CYS H 66 52.03 -8.97 -24.80
N LEU H 67 51.67 -7.71 -24.62
CA LEU H 67 52.60 -6.67 -24.23
C LEU H 67 51.90 -5.65 -23.35
N GLU H 68 52.70 -4.86 -22.62
CA GLU H 68 52.21 -3.86 -21.68
C GLU H 68 51.17 -4.42 -20.70
N GLY H 69 51.66 -5.07 -19.66
CA GLY H 69 50.78 -5.61 -18.64
C GLY H 69 51.58 -6.23 -17.51
N ASN H 70 50.91 -7.07 -16.72
CA ASN H 70 51.58 -7.70 -15.59
C ASN H 70 52.71 -8.62 -16.00
N PHE H 71 52.75 -9.07 -17.26
CA PHE H 71 53.90 -9.77 -17.80
C PHE H 71 53.94 -9.55 -19.30
N LYS H 72 55.09 -9.84 -19.90
CA LYS H 72 55.31 -9.60 -21.32
C LYS H 72 56.11 -10.74 -21.93
N GLY H 73 55.94 -10.90 -23.24
CA GLY H 73 56.64 -11.89 -24.02
C GLY H 73 56.11 -13.30 -23.93
N LEU H 74 54.94 -13.50 -23.33
CA LEU H 74 54.29 -14.82 -23.29
C LEU H 74 53.63 -15.09 -24.64
N CYS H 75 54.47 -15.36 -25.63
CA CYS H 75 54.01 -15.57 -27.00
C CYS H 75 53.61 -17.03 -27.20
N LYS H 76 52.63 -17.24 -28.07
CA LYS H 76 52.03 -18.56 -28.24
C LYS H 76 51.44 -18.66 -29.65
N GLN H 77 51.26 -19.90 -30.11
CA GLN H 77 50.38 -20.16 -31.24
C GLN H 77 48.92 -20.01 -30.81
N ILE H 78 48.17 -19.21 -31.55
CA ILE H 78 46.75 -18.99 -31.25
C ILE H 78 45.93 -20.13 -31.83
N ASP H 79 44.89 -20.53 -31.10
CA ASP H 79 44.10 -21.71 -31.44
C ASP H 79 42.62 -21.37 -31.36
N HIS H 80 41.82 -22.13 -32.13
CA HIS H 80 40.39 -21.94 -32.20
C HIS H 80 39.69 -23.30 -32.13
N PHE H 81 38.47 -23.29 -31.63
CA PHE H 81 37.79 -24.52 -31.22
C PHE H 81 36.30 -24.25 -31.17
N PRO H 82 35.48 -25.30 -31.23
CA PRO H 82 34.04 -25.13 -31.04
C PRO H 82 33.70 -24.94 -29.57
N GLU H 83 32.43 -24.65 -29.32
CA GLU H 83 31.93 -24.56 -27.95
C GLU H 83 31.64 -25.97 -27.42
N ASP H 84 31.00 -26.03 -26.25
CA ASP H 84 30.72 -27.29 -25.59
C ASP H 84 29.89 -28.21 -26.48
N ALA H 85 30.28 -29.49 -26.50
CA ALA H 85 29.66 -30.53 -27.33
C ALA H 85 29.72 -30.22 -28.82
N ASP H 86 30.59 -29.28 -29.22
CA ASP H 86 30.93 -28.98 -30.61
C ASP H 86 29.75 -28.41 -31.41
N TYR H 87 28.56 -28.33 -30.81
CA TYR H 87 27.36 -27.65 -31.33
C TYR H 87 27.23 -27.75 -32.85
N GLU H 88 27.23 -28.98 -33.36
CA GLU H 88 26.93 -29.24 -34.76
C GLU H 88 25.52 -28.79 -35.16
N ALA H 89 24.69 -28.39 -34.20
CA ALA H 89 23.40 -27.80 -34.55
C ALA H 89 23.58 -26.47 -35.25
N ASP H 90 24.41 -25.58 -34.70
CA ASP H 90 24.85 -24.39 -35.42
C ASP H 90 25.94 -24.75 -36.43
N THR H 91 25.57 -25.67 -37.33
CA THR H 91 26.51 -26.20 -38.32
C THR H 91 27.19 -25.09 -39.11
N ALA H 92 26.46 -24.00 -39.39
CA ALA H 92 27.04 -22.88 -40.11
C ALA H 92 28.10 -22.13 -39.30
N GLU H 93 28.02 -22.17 -37.97
CA GLU H 93 29.11 -21.62 -37.17
C GLU H 93 30.24 -22.62 -36.92
N TYR H 94 29.92 -23.91 -36.75
CA TYR H 94 30.95 -24.94 -36.77
C TYR H 94 31.72 -24.89 -38.08
N PHE H 95 31.01 -24.75 -39.20
CA PHE H 95 31.62 -24.43 -40.49
C PHE H 95 32.54 -23.23 -40.39
N LEU H 96 32.07 -22.14 -39.77
CA LEU H 96 32.91 -20.97 -39.58
C LEU H 96 34.12 -21.27 -38.71
N ARG H 97 33.92 -21.99 -37.60
CA ARG H 97 35.04 -22.37 -36.74
C ARG H 97 36.05 -23.25 -37.48
N ALA H 98 35.56 -24.21 -38.27
CA ALA H 98 36.47 -25.06 -39.03
C ALA H 98 37.25 -24.24 -40.05
N VAL H 99 36.56 -23.39 -40.80
CA VAL H 99 37.24 -22.51 -41.75
C VAL H 99 38.18 -21.55 -41.02
N ARG H 100 37.88 -21.23 -39.76
CA ARG H 100 38.83 -20.44 -38.99
C ARG H 100 39.99 -21.30 -38.50
N ALA H 101 39.69 -22.45 -37.90
CA ALA H 101 40.75 -23.26 -37.32
C ALA H 101 41.62 -23.88 -38.40
N SER H 102 40.99 -24.46 -39.43
CA SER H 102 41.69 -24.83 -40.66
C SER H 102 41.74 -23.61 -41.58
N SER H 103 42.66 -22.70 -41.25
CA SER H 103 42.66 -21.37 -41.85
C SER H 103 43.07 -21.43 -43.32
N ILE H 104 42.24 -22.09 -44.13
CA ILE H 104 42.63 -22.43 -45.50
C ILE H 104 42.74 -21.19 -46.37
N PHE H 105 41.74 -20.31 -46.31
CA PHE H 105 41.67 -19.22 -47.29
C PHE H 105 42.86 -18.27 -47.30
N PRO H 106 43.41 -17.81 -46.17
CA PRO H 106 44.60 -16.96 -46.29
C PRO H 106 45.86 -17.67 -46.77
N ILE H 107 46.08 -18.93 -46.37
CA ILE H 107 47.21 -19.68 -46.91
C ILE H 107 46.95 -20.07 -48.37
N LEU H 108 45.70 -20.40 -48.70
CA LEU H 108 45.34 -20.63 -50.10
C LEU H 108 45.55 -19.38 -50.95
N SER H 109 45.27 -18.21 -50.38
CA SER H 109 45.56 -16.96 -51.08
C SER H 109 47.06 -16.80 -51.32
N VAL H 110 47.89 -17.16 -50.35
CA VAL H 110 49.33 -17.22 -50.58
C VAL H 110 49.67 -18.20 -51.69
N ILE H 111 49.11 -19.41 -51.62
CA ILE H 111 49.42 -20.44 -52.62
C ILE H 111 49.01 -19.98 -54.02
N LEU H 112 47.80 -19.43 -54.16
CA LEU H 112 47.37 -18.97 -55.47
C LEU H 112 48.18 -17.79 -55.96
N LEU H 113 48.46 -16.82 -55.09
CA LEU H 113 49.24 -15.66 -55.49
C LEU H 113 50.69 -16.04 -55.81
N PHE H 114 51.24 -17.01 -55.08
CA PHE H 114 52.54 -17.57 -55.42
C PHE H 114 52.59 -18.04 -56.87
N MET H 115 51.65 -18.89 -57.26
CA MET H 115 51.68 -19.44 -58.62
C MET H 115 51.46 -18.36 -59.67
N GLY H 116 50.51 -17.45 -59.43
CA GLY H 116 50.32 -16.33 -60.35
C GLY H 116 51.54 -15.42 -60.42
N GLY H 117 52.10 -15.08 -59.26
CA GLY H 117 53.25 -14.19 -59.21
C GLY H 117 54.51 -14.74 -59.86
N LEU H 118 54.58 -16.05 -60.08
CA LEU H 118 55.66 -16.62 -60.88
C LEU H 118 55.25 -16.78 -62.34
N CYS H 119 54.07 -17.35 -62.59
CA CYS H 119 53.65 -17.68 -63.96
C CYS H 119 53.45 -16.44 -64.82
N ILE H 120 53.38 -15.24 -64.21
CA ILE H 120 53.24 -14.00 -64.96
C ILE H 120 54.39 -13.77 -65.93
N ALA H 121 55.54 -14.40 -65.72
CA ALA H 121 56.71 -14.15 -66.54
C ALA H 121 56.56 -14.78 -67.91
N ALA H 122 55.52 -14.40 -68.66
CA ALA H 122 55.21 -14.98 -69.95
C ALA H 122 56.16 -14.54 -71.06
N SER H 123 57.18 -13.73 -70.76
CA SER H 123 58.17 -13.36 -71.75
C SER H 123 59.50 -14.07 -71.59
N GLU H 124 59.77 -14.66 -70.42
CA GLU H 124 61.11 -15.15 -70.10
C GLU H 124 61.27 -16.64 -70.35
N PHE H 125 60.20 -17.42 -70.26
CA PHE H 125 60.26 -18.85 -70.55
C PHE H 125 58.93 -19.28 -71.17
N TYR H 126 59.02 -20.21 -72.13
CA TYR H 126 57.86 -20.69 -72.87
C TYR H 126 57.01 -19.54 -73.39
N LYS H 127 57.69 -18.52 -73.91
CA LYS H 127 57.10 -17.21 -74.11
C LYS H 127 56.07 -17.21 -75.24
N THR H 128 55.24 -16.16 -75.24
CA THR H 128 54.23 -15.85 -76.25
C THR H 128 53.06 -16.85 -76.24
N ARG H 129 53.04 -17.79 -75.30
CA ARG H 129 51.96 -18.77 -75.29
C ARG H 129 50.70 -18.22 -74.63
N HIS H 130 50.30 -17.00 -75.03
CA HIS H 130 49.00 -16.38 -74.74
C HIS H 130 48.29 -16.88 -73.47
N ASN H 131 47.63 -18.03 -73.55
CA ASN H 131 46.89 -18.56 -72.40
C ASN H 131 47.73 -18.78 -71.16
N ILE H 132 49.06 -18.76 -71.27
CA ILE H 132 49.91 -18.79 -70.08
C ILE H 132 49.64 -17.60 -69.17
N ILE H 133 49.60 -16.38 -69.72
CA ILE H 133 49.37 -15.21 -68.89
C ILE H 133 47.90 -15.06 -68.50
N LEU H 134 46.98 -15.61 -69.30
CA LEU H 134 45.59 -15.74 -68.87
C LEU H 134 45.47 -16.58 -67.60
N SER H 135 46.22 -17.68 -67.51
CA SER H 135 46.17 -18.51 -66.31
C SER H 135 46.69 -17.76 -65.09
N ALA H 136 47.75 -16.96 -65.26
CA ALA H 136 48.20 -16.10 -64.17
C ALA H 136 47.15 -15.06 -63.80
N GLY H 137 46.56 -14.40 -64.80
CA GLY H 137 45.50 -13.44 -64.54
C GLY H 137 44.35 -14.00 -63.72
N ILE H 138 43.83 -15.15 -64.13
CA ILE H 138 42.77 -15.81 -63.35
C ILE H 138 43.23 -16.08 -61.92
N PHE H 139 44.48 -16.49 -61.75
CA PHE H 139 45.00 -16.75 -60.41
C PHE H 139 45.16 -15.47 -59.60
N PHE H 140 45.57 -14.38 -60.24
CA PHE H 140 45.63 -13.10 -59.54
C PHE H 140 44.27 -12.69 -59.00
N VAL H 141 43.21 -12.85 -59.80
CA VAL H 141 41.87 -12.50 -59.36
C VAL H 141 41.36 -13.47 -58.30
N SER H 142 41.58 -14.77 -58.52
CA SER H 142 41.17 -15.77 -57.53
C SER H 142 41.92 -15.61 -56.20
N ALA H 143 43.12 -15.03 -56.22
CA ALA H 143 43.80 -14.69 -54.98
C ALA H 143 43.08 -13.57 -54.23
N GLY H 144 42.69 -12.51 -54.95
CA GLY H 144 41.93 -11.45 -54.32
C GLY H 144 40.60 -11.90 -53.75
N LEU H 145 39.85 -12.70 -54.51
CA LEU H 145 38.66 -13.34 -53.94
C LEU H 145 38.98 -14.19 -52.72
N SER H 146 40.07 -14.95 -52.77
CA SER H 146 40.47 -15.75 -51.61
C SER H 146 40.93 -14.88 -50.45
N ASN H 147 41.48 -13.71 -50.73
CA ASN H 147 41.86 -12.79 -49.66
C ASN H 147 40.63 -12.21 -48.96
N ILE H 148 39.62 -11.79 -49.73
CA ILE H 148 38.47 -11.11 -49.14
C ILE H 148 37.62 -12.06 -48.30
N ILE H 149 37.41 -13.30 -48.78
CA ILE H 149 36.73 -14.29 -47.95
C ILE H 149 37.52 -14.58 -46.68
N GLY H 150 38.85 -14.60 -46.78
CA GLY H 150 39.68 -14.73 -45.59
C GLY H 150 39.45 -13.63 -44.57
N ILE H 151 39.42 -12.38 -45.04
CA ILE H 151 39.17 -11.25 -44.15
C ILE H 151 37.83 -11.40 -43.43
N ILE H 152 36.78 -11.74 -44.18
CA ILE H 152 35.44 -11.77 -43.62
C ILE H 152 35.28 -12.91 -42.61
N VAL H 153 35.87 -14.08 -42.90
CA VAL H 153 35.79 -15.17 -41.92
C VAL H 153 36.58 -14.86 -40.66
N TYR H 154 37.67 -14.09 -40.78
CA TYR H 154 38.37 -13.62 -39.59
C TYR H 154 37.47 -12.70 -38.76
N ILE H 155 36.90 -11.68 -39.39
CA ILE H 155 36.08 -10.71 -38.66
C ILE H 155 34.79 -11.34 -38.18
N SER H 156 34.24 -12.29 -38.95
CA SER H 156 33.09 -13.06 -38.48
C SER H 156 33.44 -13.88 -37.25
N ALA H 157 34.59 -14.57 -37.27
CA ALA H 157 35.06 -15.29 -36.10
C ALA H 157 35.40 -14.38 -34.93
N ASN H 158 35.55 -13.08 -35.15
CA ASN H 158 35.73 -12.15 -34.04
C ASN H 158 34.47 -11.99 -33.19
N ALA H 159 33.34 -12.51 -33.64
CA ALA H 159 32.11 -12.50 -32.84
C ALA H 159 31.44 -13.86 -32.85
N GLY H 160 31.66 -14.63 -33.92
CA GLY H 160 31.14 -15.98 -34.01
C GLY H 160 31.98 -16.99 -33.25
N LYS H 169 32.52 -1.60 -27.31
CA LYS H 169 33.40 -2.70 -27.69
C LYS H 169 34.66 -2.72 -26.83
N ASN H 170 35.45 -3.78 -26.98
CA ASN H 170 36.69 -3.96 -26.23
C ASN H 170 37.76 -2.93 -26.59
N SER H 171 37.45 -1.95 -27.45
CA SER H 171 38.41 -0.92 -27.87
C SER H 171 39.66 -1.50 -28.53
N TYR H 172 39.47 -2.58 -29.31
CA TYR H 172 40.61 -3.07 -30.07
C TYR H 172 40.81 -2.20 -31.32
N SER H 173 41.94 -2.41 -31.99
CA SER H 173 42.21 -1.72 -33.24
C SER H 173 43.00 -2.63 -34.17
N TYR H 174 42.77 -2.48 -35.47
CA TYR H 174 43.46 -3.26 -36.48
C TYR H 174 44.86 -2.73 -36.69
N GLY H 175 45.83 -3.65 -36.88
CA GLY H 175 47.22 -3.30 -36.97
C GLY H 175 47.74 -3.25 -38.40
N TRP H 176 49.00 -2.82 -38.51
CA TRP H 176 49.61 -2.55 -39.81
C TRP H 176 49.70 -3.80 -40.69
N SER H 177 49.91 -4.97 -40.09
CA SER H 177 49.87 -6.22 -40.86
C SER H 177 48.50 -6.46 -41.48
N PHE H 178 47.44 -5.99 -40.85
CA PHE H 178 46.11 -6.09 -41.46
C PHE H 178 45.94 -5.13 -42.63
N TYR H 179 46.44 -3.89 -42.50
CA TYR H 179 46.46 -2.97 -43.63
C TYR H 179 47.37 -3.48 -44.76
N PHE H 180 48.43 -4.21 -44.44
CA PHE H 180 49.19 -4.90 -45.48
C PHE H 180 48.33 -5.94 -46.20
N GLY H 181 47.56 -6.72 -45.46
CA GLY H 181 46.68 -7.69 -46.11
C GLY H 181 45.69 -7.06 -47.06
N ALA H 182 45.00 -6.01 -46.62
CA ALA H 182 44.12 -5.26 -47.52
C ALA H 182 44.89 -4.64 -48.68
N LEU H 183 46.08 -4.11 -48.42
CA LEU H 183 46.91 -3.58 -49.51
C LEU H 183 47.39 -4.68 -50.44
N SER H 184 47.54 -5.90 -49.95
CA SER H 184 47.90 -7.02 -50.81
C SER H 184 46.76 -7.40 -51.77
N PHE H 185 45.51 -7.33 -51.29
CA PHE H 185 44.36 -7.47 -52.18
C PHE H 185 44.34 -6.40 -53.27
N ILE H 186 44.43 -5.13 -52.88
CA ILE H 186 44.37 -4.02 -53.82
C ILE H 186 45.40 -4.18 -54.94
N ILE H 187 46.64 -4.46 -54.58
CA ILE H 187 47.70 -4.59 -55.58
C ILE H 187 47.52 -5.84 -56.44
N ALA H 188 47.17 -6.97 -55.81
CA ALA H 188 47.08 -8.23 -56.56
C ALA H 188 46.12 -8.15 -57.73
N GLU H 189 45.03 -7.40 -57.59
CA GLU H 189 44.07 -7.25 -58.67
C GLU H 189 44.40 -6.13 -59.64
N MET H 190 45.16 -5.11 -59.22
CA MET H 190 45.76 -4.21 -60.19
C MET H 190 46.70 -4.98 -61.11
N VAL H 191 47.50 -5.88 -60.55
CA VAL H 191 48.25 -6.82 -61.37
C VAL H 191 47.31 -7.65 -62.24
N GLY H 192 46.20 -8.11 -61.66
CA GLY H 192 45.20 -8.86 -62.42
C GLY H 192 44.64 -8.12 -63.62
N VAL H 193 44.26 -6.86 -63.45
CA VAL H 193 43.82 -6.08 -64.61
C VAL H 193 44.98 -5.85 -65.59
N LEU H 194 46.16 -5.49 -65.09
CA LEU H 194 47.31 -5.31 -65.96
C LEU H 194 47.68 -6.60 -66.70
N ALA H 195 47.52 -7.76 -66.05
CA ALA H 195 47.72 -9.04 -66.73
C ALA H 195 46.67 -9.32 -67.79
N VAL H 196 45.47 -8.77 -67.65
CA VAL H 196 44.45 -8.95 -68.70
C VAL H 196 44.79 -8.13 -69.94
N HIS H 197 45.16 -6.86 -69.76
CA HIS H 197 45.66 -6.07 -70.89
C HIS H 197 46.84 -6.76 -71.57
N MET H 198 47.89 -7.08 -70.80
CA MET H 198 49.05 -7.75 -71.37
C MET H 198 48.73 -9.11 -71.97
N PHE H 199 47.61 -9.73 -71.59
CA PHE H 199 47.13 -10.90 -72.31
C PHE H 199 46.41 -10.53 -73.61
N ILE H 200 45.22 -9.94 -73.49
CA ILE H 200 44.31 -9.87 -74.62
C ILE H 200 44.76 -8.86 -75.67
N ASP H 201 45.57 -7.87 -75.29
CA ASP H 201 46.09 -6.95 -76.29
C ASP H 201 47.31 -7.50 -77.02
N ARG H 202 48.15 -8.27 -76.35
CA ARG H 202 49.16 -9.06 -77.06
C ARG H 202 48.53 -10.14 -77.92
N HIS H 203 47.49 -10.81 -77.42
CA HIS H 203 46.75 -11.78 -78.21
C HIS H 203 46.22 -11.18 -79.50
N LYS H 204 45.46 -10.09 -79.39
CA LYS H 204 44.93 -9.43 -80.58
C LYS H 204 46.04 -8.88 -81.48
N GLN H 205 47.15 -8.42 -80.90
CA GLN H 205 48.28 -8.00 -81.72
C GLN H 205 48.98 -9.18 -82.37
N LEU H 206 49.01 -10.34 -81.70
CA LEU H 206 49.64 -11.52 -82.29
C LEU H 206 48.76 -12.16 -83.35
N THR H 207 47.43 -12.13 -83.16
CA THR H 207 46.51 -12.58 -84.19
C THR H 207 46.24 -11.52 -85.25
N GLY H 208 46.48 -10.25 -84.95
CA GLY H 208 46.18 -9.19 -85.89
C GLY H 208 44.70 -8.94 -86.06
#